data_7MBV
#
_entry.id   7MBV
#
_cell.length_a   1.00
_cell.length_b   1.00
_cell.length_c   1.00
_cell.angle_alpha   90.00
_cell.angle_beta   90.00
_cell.angle_gamma   90.00
#
_symmetry.space_group_name_H-M   'P 1'
#
loop_
_entity.id
_entity.type
_entity.pdbx_description
1 polymer 'Transient receptor potential melastatin 5'
2 non-polymer 2-acetamido-2-deoxy-beta-D-glucopyranose
3 non-polymer 'CALCIUM ION'
4 non-polymer "N'-[(E)-(3,4-dimethoxyphenyl)methylidene]-2-(naphthalen-1-yl)acetohydrazide"
5 non-polymer (25R)-14beta,17beta-spirost-5-en-3beta-ol
6 non-polymer '(2R)-2-(hydroxymethyl)-4-{[(25R)-10alpha,14beta,17beta-spirost-5-en-3beta-yl]oxy}butyl 4-O-alpha-D-glucopyranosyl-beta-D-glucopyranoside'
#
_entity_poly.entity_id   1
_entity_poly.type   'polypeptide(L)'
_entity_poly.pdbx_seq_one_letter_code
;MVEKSSERFDKQMAGRLGDIDFTGVSRTRGKFVRVTSSTDPAEIYQILTKQWGLAPPHLVVALMGGDEVAQLKPWLRDTL
RKGLVKAAQSTGAWILTSGLRFGITKNLGQAVRDHSLASTSPKVRVVAIGIAPWNMIQNRDLLLSAKPDHPATYPTEDLP
YGAVYSLDCNHSHFILVDEDPKRPGATGEMRVKMLKHISLQRTGYGGTGSIEIPVLCLLVHGEPRILQKMYKNIQNSIPW
LILAGSGGVADILVTLMDRGCWDADIVQELLINTFPDGLHSTEITSWTKLIQRILDHGHLLTVHDPEQDSELDTVILKAL
VKACKSQSQEAQDFLDELKLAVAWNRVDIAKSEIFSGDVQWSAQDLEEVMMEALVNDKPDFVRLFVDNGVNIKQFLTYGR
LQELYCSVSEKNLLHTLLLKKNQERQAQLARKRMSGNPNNELGDRKFRFTFHEVSKVLKDFLDDTCKGFYQKLPAERMGK
GRLFHSQKNLPDMDRRCEHPWRDLFLWAILQNRQEMANYFWAMGPEAVAAALVGCKIMKEMAHLATEAESARSMKNAKYE
QFAMDLFSECYSNSEDRAYSLLVRKTCCWSKATVLNIATLAEAKCFFAHDGVQALLTKVWWGAMRTDTSISRLVLTFFIP
PLVWTSLIKFNPEEQVSKDEGEPFAELDSLETEQALLLTDGDPVAGEGSAETAARSCSATFIRVVLRRWNRFWSAPVTVF
MGNVIMYFAFLILFSYVLLLDFRPPPPYGPSAAEIILYFWVFTLVLEEIRQSFFTDEDMSILKKMKLYVEDNWNKCDMVA
ISLFVVGLSCRMAMSTYEAGRTVLALDFMVFTLRLIHIFAIHKQLGPKIIIVERMIKDVFFFLFFLSVWLIAYGVTTQAL
LHPNDPRIDWVFRRALYRPYLHIFGQIPLEEIDAAKMPDDNCTTDVQEIILGTLPPCPNIYANWLVILLLVIYLLVTNVL
LLNLLIAMFSYTFQVVQENADIFWKFQRYNLIVEYHSRPALAPPFIIISHITQALLSFIKKTENTQDLLERELPSGLDQK
LMTWETVQKENYLAKLEHEHRESSGERLRYTSSKVQTLLRMVGGFKDQEKRMATVETEVRYCGEVLSWIAECFHKSTLKC
DRDAPKAPRSIAGSSRDQQPQGAKRQQPGGHPAYGTDKKLPFIDH
;
_entity_poly.pdbx_strand_id   A,B,C,D
#
loop_
_chem_comp.id
_chem_comp.type
_chem_comp.name
_chem_comp.formula
CA non-polymer 'CALCIUM ION' 'Ca 2'
NAG D-saccharide, beta linking 2-acetamido-2-deoxy-beta-D-glucopyranose 'C8 H15 N O6'
YUS non-polymer N'-[(E)-(3,4-dimethoxyphenyl)methylidene]-2-(naphthalen-1-yl)acetohydrazide 'C21 H20 N2 O3'
YUV non-polymer (25R)-14beta,17beta-spirost-5-en-3beta-ol 'C27 H42 O3'
YUY non-polymer '(2R)-2-(hydroxymethyl)-4-{[(25R)-10alpha,14beta,17beta-spirost-5-en-3beta-yl]oxy}butyl 4-O-alpha-D-glucopyranosyl-beta-D-glucopyranoside' 'C44 H72 O15'
#
# COMPACT_ATOMS: atom_id res chain seq x y z
N ARG A 16 -2.22 -66.39 28.47
CA ARG A 16 -2.18 -65.13 29.20
C ARG A 16 -2.53 -63.97 28.29
N LEU A 17 -2.25 -64.12 26.99
CA LEU A 17 -2.62 -63.11 26.02
C LEU A 17 -4.13 -63.05 25.87
N GLY A 18 -4.64 -61.86 25.53
CA GLY A 18 -6.07 -61.70 25.37
C GLY A 18 -6.39 -60.40 24.66
N ASP A 19 -7.68 -60.05 24.71
CA ASP A 19 -8.18 -58.83 24.09
C ASP A 19 -9.30 -58.25 24.95
N ILE A 20 -9.51 -56.95 24.83
CA ILE A 20 -10.53 -56.25 25.60
C ILE A 20 -11.46 -55.53 24.64
N ASP A 21 -12.76 -55.68 24.85
CA ASP A 21 -13.78 -54.90 24.17
C ASP A 21 -14.32 -53.90 25.18
N PHE A 22 -13.75 -52.69 25.18
CA PHE A 22 -14.11 -51.68 26.16
C PHE A 22 -15.52 -51.18 25.91
N THR A 23 -16.40 -51.35 26.89
CA THR A 23 -17.77 -50.86 26.80
C THR A 23 -17.91 -49.58 27.61
N GLY A 24 -18.51 -48.56 27.00
CA GLY A 24 -18.65 -47.28 27.66
C GLY A 24 -18.85 -46.13 26.69
N VAL A 25 -18.04 -45.08 26.83
CA VAL A 25 -18.17 -43.91 25.98
C VAL A 25 -17.90 -44.29 24.52
N SER A 26 -16.82 -45.03 24.28
CA SER A 26 -16.48 -45.45 22.93
C SER A 26 -16.06 -46.91 22.96
N ARG A 27 -16.45 -47.64 21.92
CA ARG A 27 -16.09 -49.04 21.78
C ARG A 27 -14.68 -49.15 21.23
N THR A 28 -13.75 -49.56 22.08
CA THR A 28 -12.34 -49.68 21.72
C THR A 28 -11.87 -51.10 21.95
N ARG A 29 -11.03 -51.60 21.05
CA ARG A 29 -10.46 -52.93 21.14
C ARG A 29 -9.02 -52.81 21.63
N GLY A 30 -8.74 -53.39 22.79
CA GLY A 30 -7.40 -53.38 23.34
C GLY A 30 -6.96 -54.78 23.69
N LYS A 31 -5.64 -54.96 23.75
CA LYS A 31 -5.03 -56.23 24.12
C LYS A 31 -4.27 -56.10 25.43
N PHE A 32 -3.87 -57.24 25.98
CA PHE A 32 -3.13 -57.23 27.24
C PHE A 32 -2.28 -58.47 27.33
N VAL A 33 -1.36 -58.47 28.29
CA VAL A 33 -0.61 -59.66 28.67
C VAL A 33 -0.45 -59.66 30.18
N ARG A 34 -0.65 -60.82 30.80
CA ARG A 34 -0.40 -61.00 32.22
C ARG A 34 1.02 -61.51 32.39
N VAL A 35 1.83 -60.77 33.15
CA VAL A 35 3.23 -61.12 33.38
C VAL A 35 3.52 -61.03 34.87
N THR A 36 4.61 -61.67 35.27
CA THR A 36 5.08 -61.69 36.65
C THR A 36 6.51 -61.16 36.69
N SER A 37 6.95 -60.77 37.88
CA SER A 37 8.30 -60.21 38.02
C SER A 37 9.38 -61.20 37.61
N SER A 38 9.06 -62.50 37.52
CA SER A 38 10.02 -63.52 37.15
C SER A 38 10.27 -63.61 35.64
N THR A 39 9.40 -63.05 34.81
CA THR A 39 9.57 -63.18 33.37
C THR A 39 10.66 -62.24 32.87
N ASP A 40 11.33 -62.66 31.80
CA ASP A 40 12.37 -61.84 31.20
C ASP A 40 11.73 -60.71 30.39
N PRO A 41 12.29 -59.50 30.42
CA PRO A 41 11.73 -58.42 29.59
C PRO A 41 11.85 -58.69 28.10
N ALA A 42 12.84 -59.47 27.68
CA ALA A 42 13.03 -59.75 26.26
C ALA A 42 11.84 -60.49 25.67
N GLU A 43 11.24 -61.39 26.46
CA GLU A 43 10.05 -62.10 25.99
C GLU A 43 8.89 -61.14 25.75
N ILE A 44 8.68 -60.19 26.66
CA ILE A 44 7.61 -59.22 26.49
C ILE A 44 7.88 -58.31 25.30
N TYR A 45 9.14 -57.92 25.10
CA TYR A 45 9.48 -57.12 23.92
C TYR A 45 9.23 -57.89 22.64
N GLN A 46 9.60 -59.18 22.61
CA GLN A 46 9.34 -60.00 21.43
C GLN A 46 7.85 -60.11 21.17
N ILE A 47 7.05 -60.27 22.23
CA ILE A 47 5.59 -60.33 22.07
C ILE A 47 5.07 -59.02 21.48
N LEU A 48 5.54 -57.89 22.03
CA LEU A 48 5.11 -56.59 21.54
C LEU A 48 5.48 -56.40 20.06
N THR A 49 6.68 -56.85 19.67
CA THR A 49 7.14 -56.64 18.31
C THR A 49 6.40 -57.54 17.32
N LYS A 50 6.24 -58.82 17.66
CA LYS A 50 5.75 -59.81 16.71
C LYS A 50 4.26 -60.11 16.89
N GLN A 51 3.87 -60.53 18.10
CA GLN A 51 2.52 -61.02 18.32
C GLN A 51 1.47 -59.92 18.19
N TRP A 52 1.85 -58.65 18.32
CA TRP A 52 0.91 -57.56 18.24
C TRP A 52 1.17 -56.59 17.09
N GLY A 53 2.21 -56.83 16.29
CA GLY A 53 2.46 -56.04 15.11
C GLY A 53 2.97 -54.63 15.36
N LEU A 54 3.57 -54.37 16.51
CA LEU A 54 4.08 -53.04 16.82
C LEU A 54 5.53 -52.93 16.34
N ALA A 55 5.77 -52.07 15.36
CA ALA A 55 7.09 -51.89 14.80
C ALA A 55 8.03 -51.30 15.85
N PRO A 56 9.33 -51.55 15.74
CA PRO A 56 10.27 -50.96 16.69
C PRO A 56 10.32 -49.46 16.52
N PRO A 57 10.18 -48.71 17.62
CA PRO A 57 9.97 -47.26 17.51
C PRO A 57 11.28 -46.51 17.32
N HIS A 58 11.12 -45.26 16.87
CA HIS A 58 12.23 -44.32 16.79
C HIS A 58 12.37 -43.48 18.05
N LEU A 59 11.45 -43.62 19.01
CA LEU A 59 11.50 -42.88 20.26
C LEU A 59 10.67 -43.60 21.30
N VAL A 60 11.17 -43.67 22.53
CA VAL A 60 10.44 -44.23 23.65
C VAL A 60 10.39 -43.20 24.76
N VAL A 61 9.19 -42.84 25.19
CA VAL A 61 8.98 -41.85 26.24
C VAL A 61 8.28 -42.55 27.40
N ALA A 62 8.96 -42.64 28.53
CA ALA A 62 8.42 -43.27 29.73
C ALA A 62 7.87 -42.20 30.66
N LEU A 63 6.69 -42.46 31.22
CA LEU A 63 6.01 -41.51 32.08
C LEU A 63 6.10 -41.97 33.53
N MET A 64 6.64 -41.12 34.38
CA MET A 64 6.81 -41.42 35.80
C MET A 64 6.15 -40.35 36.64
N GLY A 65 5.44 -40.79 37.69
CA GLY A 65 4.67 -39.87 38.50
C GLY A 65 3.31 -39.59 37.88
N GLY A 66 2.67 -38.54 38.38
CA GLY A 66 1.36 -38.15 37.89
C GLY A 66 0.20 -38.95 38.43
N ASP A 67 0.45 -39.89 39.34
CA ASP A 67 -0.60 -40.70 39.95
C ASP A 67 -0.95 -40.21 41.36
N GLU A 68 -0.44 -39.06 41.77
CA GLU A 68 -0.67 -38.56 43.12
C GLU A 68 -2.05 -37.93 43.23
N VAL A 69 -2.40 -37.53 44.46
CA VAL A 69 -3.71 -36.93 44.70
C VAL A 69 -3.85 -35.63 43.93
N ALA A 70 -2.81 -34.80 43.95
CA ALA A 70 -2.83 -33.50 43.28
C ALA A 70 -2.51 -33.70 41.81
N GLN A 71 -3.43 -33.31 40.94
CA GLN A 71 -3.23 -33.40 39.50
C GLN A 71 -2.78 -32.04 38.95
N LEU A 72 -2.25 -32.08 37.73
CA LEU A 72 -1.70 -30.88 37.11
C LEU A 72 -2.80 -29.87 36.81
N LYS A 73 -2.38 -28.62 36.61
CA LYS A 73 -3.30 -27.60 36.14
C LYS A 73 -3.76 -27.94 34.73
N PRO A 74 -5.00 -27.60 34.38
CA PRO A 74 -5.50 -27.97 33.04
C PRO A 74 -4.62 -27.45 31.90
N TRP A 75 -4.12 -26.21 32.00
CA TRP A 75 -3.27 -25.68 30.95
C TRP A 75 -1.96 -26.44 30.86
N LEU A 76 -1.37 -26.78 32.01
CA LEU A 76 -0.08 -27.47 32.02
C LEU A 76 -0.22 -28.87 31.43
N ARG A 77 -1.26 -29.60 31.82
CA ARG A 77 -1.42 -30.95 31.28
C ARG A 77 -1.82 -30.91 29.81
N ASP A 78 -2.61 -29.91 29.40
CA ASP A 78 -2.95 -29.78 27.99
C ASP A 78 -1.71 -29.51 27.14
N THR A 79 -0.89 -28.54 27.54
CA THR A 79 0.30 -28.25 26.77
C THR A 79 1.26 -29.43 26.78
N LEU A 80 1.35 -30.14 27.91
CA LEU A 80 2.20 -31.32 27.98
C LEU A 80 1.74 -32.39 27.00
N ARG A 81 0.44 -32.73 27.02
CA ARG A 81 -0.05 -33.79 26.15
C ARG A 81 0.06 -33.39 24.68
N LYS A 82 -0.24 -32.13 24.34
CA LYS A 82 -0.13 -31.71 22.96
C LYS A 82 1.31 -31.74 22.48
N GLY A 83 2.25 -31.26 23.29
CA GLY A 83 3.65 -31.31 22.90
C GLY A 83 4.16 -32.73 22.77
N LEU A 84 3.77 -33.61 23.70
CA LEU A 84 4.21 -35.00 23.63
C LEU A 84 3.68 -35.68 22.37
N VAL A 85 2.39 -35.47 22.05
CA VAL A 85 1.82 -36.12 20.89
C VAL A 85 2.41 -35.56 19.60
N LYS A 86 2.63 -34.24 19.54
CA LYS A 86 3.21 -33.65 18.34
C LYS A 86 4.66 -34.07 18.15
N ALA A 87 5.41 -34.27 19.24
CA ALA A 87 6.78 -34.75 19.11
C ALA A 87 6.82 -36.22 18.75
N ALA A 88 5.83 -36.99 19.18
CA ALA A 88 5.78 -38.42 18.87
C ALA A 88 5.23 -38.70 17.48
N GLN A 89 4.45 -37.80 16.90
CA GLN A 89 3.83 -38.08 15.60
C GLN A 89 4.82 -37.98 14.45
N SER A 90 5.90 -37.21 14.58
CA SER A 90 6.86 -37.11 13.50
C SER A 90 7.57 -38.43 13.25
N THR A 91 7.72 -39.24 14.28
CA THR A 91 8.31 -40.58 14.21
C THR A 91 7.27 -41.59 14.67
N GLY A 92 7.70 -42.84 14.83
CA GLY A 92 6.89 -43.83 15.50
C GLY A 92 7.39 -44.02 16.92
N ALA A 93 6.56 -43.74 17.91
CA ALA A 93 6.99 -43.73 19.30
C ALA A 93 6.01 -44.49 20.19
N TRP A 94 6.54 -45.13 21.22
CA TRP A 94 5.74 -45.68 22.31
C TRP A 94 5.75 -44.71 23.48
N ILE A 95 4.58 -44.45 24.05
CA ILE A 95 4.45 -43.64 25.25
C ILE A 95 4.06 -44.59 26.37
N LEU A 96 5.06 -45.02 27.16
CA LEU A 96 4.84 -45.96 28.24
C LEU A 96 4.19 -45.25 29.41
N THR A 97 3.01 -45.71 29.81
CA THR A 97 2.25 -45.12 30.91
C THR A 97 1.91 -46.20 31.93
N SER A 98 1.27 -45.77 33.00
CA SER A 98 0.62 -46.69 33.94
C SER A 98 -0.84 -46.79 33.53
N GLY A 99 -1.18 -47.84 32.80
CA GLY A 99 -2.43 -47.87 32.07
C GLY A 99 -3.67 -47.96 32.93
N LEU A 100 -3.82 -47.00 33.85
CA LEU A 100 -5.01 -46.87 34.69
C LEU A 100 -5.68 -45.55 34.37
N ARG A 101 -7.00 -45.58 34.24
CA ARG A 101 -7.78 -44.39 33.85
C ARG A 101 -7.87 -43.44 35.05
N PHE A 102 -6.83 -42.65 35.22
CA PHE A 102 -6.83 -41.63 36.27
C PHE A 102 -5.72 -40.63 35.99
N GLY A 103 -6.10 -39.35 35.94
CA GLY A 103 -5.12 -38.28 35.90
C GLY A 103 -4.38 -38.17 34.58
N ILE A 104 -3.08 -37.91 34.69
CA ILE A 104 -2.27 -37.59 33.51
C ILE A 104 -2.22 -38.76 32.54
N THR A 105 -2.25 -40.00 33.05
CA THR A 105 -2.32 -41.14 32.15
C THR A 105 -3.58 -41.10 31.31
N LYS A 106 -4.72 -40.81 31.93
CA LYS A 106 -5.98 -40.70 31.20
C LYS A 106 -5.92 -39.58 30.16
N ASN A 107 -5.38 -38.42 30.55
CA ASN A 107 -5.31 -37.30 29.61
C ASN A 107 -4.41 -37.63 28.42
N LEU A 108 -3.25 -38.23 28.68
CA LEU A 108 -2.34 -38.60 27.61
C LEU A 108 -2.94 -39.67 26.70
N GLY A 109 -3.65 -40.64 27.28
CA GLY A 109 -4.36 -41.61 26.45
C GLY A 109 -5.41 -40.96 25.58
N GLN A 110 -6.16 -40.01 26.13
CA GLN A 110 -7.17 -39.31 25.35
C GLN A 110 -6.52 -38.53 24.21
N ALA A 111 -5.39 -37.87 24.48
CA ALA A 111 -4.68 -37.14 23.43
C ALA A 111 -4.19 -38.08 22.33
N VAL A 112 -3.65 -39.23 22.72
CA VAL A 112 -3.17 -40.21 21.74
C VAL A 112 -4.33 -40.72 20.89
N ARG A 113 -5.47 -41.01 21.53
CA ARG A 113 -6.64 -41.46 20.78
C ARG A 113 -7.14 -40.38 19.82
N ASP A 114 -7.14 -39.12 20.26
CA ASP A 114 -7.54 -38.03 19.39
C ASP A 114 -6.63 -37.92 18.18
N HIS A 115 -5.32 -38.04 18.40
CA HIS A 115 -4.37 -37.99 17.29
C HIS A 115 -4.57 -39.16 16.34
N SER A 116 -4.84 -40.35 16.87
CA SER A 116 -5.08 -41.51 16.02
C SER A 116 -6.33 -41.32 15.18
N LEU A 117 -7.40 -40.81 15.78
CA LEU A 117 -8.63 -40.57 15.04
C LEU A 117 -8.44 -39.51 13.97
N ALA A 118 -7.72 -38.43 14.29
CA ALA A 118 -7.56 -37.32 13.36
C ALA A 118 -6.44 -37.54 12.35
N SER A 119 -5.71 -38.64 12.44
CA SER A 119 -4.59 -38.86 11.55
C SER A 119 -5.07 -39.39 10.19
N THR A 120 -4.58 -38.76 9.13
CA THR A 120 -4.85 -39.22 7.77
C THR A 120 -3.80 -40.18 7.26
N SER A 121 -2.68 -40.31 7.97
CA SER A 121 -1.61 -41.23 7.60
C SER A 121 -1.48 -42.33 8.64
N PRO A 122 -1.86 -43.56 8.32
CA PRO A 122 -1.81 -44.64 9.31
C PRO A 122 -0.45 -45.28 9.42
N LYS A 123 0.47 -44.94 8.50
CA LYS A 123 1.80 -45.54 8.54
C LYS A 123 2.55 -45.17 9.81
N VAL A 124 2.48 -43.90 10.21
CA VAL A 124 3.06 -43.45 11.48
C VAL A 124 2.02 -43.68 12.57
N ARG A 125 2.46 -44.16 13.72
CA ARG A 125 1.55 -44.50 14.81
C ARG A 125 2.17 -44.15 16.14
N VAL A 126 1.40 -43.48 16.99
CA VAL A 126 1.80 -43.19 18.37
C VAL A 126 1.05 -44.15 19.26
N VAL A 127 1.77 -45.05 19.91
CA VAL A 127 1.19 -46.15 20.68
C VAL A 127 1.32 -45.81 22.16
N ALA A 128 0.21 -45.87 22.88
CA ALA A 128 0.19 -45.68 24.32
C ALA A 128 0.10 -47.05 24.98
N ILE A 129 1.23 -47.52 25.52
CA ILE A 129 1.31 -48.81 26.18
C ILE A 129 1.22 -48.59 27.68
N GLY A 130 0.34 -49.33 28.34
CA GLY A 130 0.13 -49.20 29.77
C GLY A 130 0.78 -50.33 30.52
N ILE A 131 1.54 -49.98 31.56
CA ILE A 131 2.19 -50.94 32.45
C ILE A 131 1.54 -50.76 33.81
N ALA A 132 0.59 -51.63 34.14
CA ALA A 132 -0.21 -51.45 35.34
C ALA A 132 -0.16 -52.71 36.21
N PRO A 133 -0.24 -52.54 37.53
CA PRO A 133 -0.27 -53.71 38.40
C PRO A 133 -1.57 -54.50 38.26
N TRP A 134 -1.47 -55.80 38.50
CA TRP A 134 -2.66 -56.64 38.51
C TRP A 134 -3.58 -56.37 39.69
N ASN A 135 -3.02 -55.88 40.80
CA ASN A 135 -3.79 -55.69 42.03
C ASN A 135 -4.37 -54.29 42.18
N MET A 136 -4.31 -53.48 41.12
CA MET A 136 -4.91 -52.14 41.15
C MET A 136 -5.94 -51.92 40.05
N ILE A 137 -6.47 -52.99 39.44
CA ILE A 137 -7.39 -52.85 38.32
C ILE A 137 -8.80 -53.22 38.76
N GLN A 138 -9.76 -52.38 38.42
CA GLN A 138 -11.17 -52.75 38.58
C GLN A 138 -11.53 -53.94 37.71
N ASN A 139 -12.31 -54.86 38.29
CA ASN A 139 -12.95 -55.94 37.54
C ASN A 139 -11.95 -56.76 36.73
N ARG A 140 -10.81 -57.09 37.34
CA ARG A 140 -9.85 -57.96 36.66
C ARG A 140 -10.43 -59.35 36.42
N ASP A 141 -11.34 -59.80 37.29
CA ASP A 141 -12.02 -61.07 37.08
C ASP A 141 -12.82 -61.08 35.79
N LEU A 142 -13.33 -59.93 35.34
CA LEU A 142 -14.07 -59.87 34.10
C LEU A 142 -13.19 -60.25 32.90
N LEU A 143 -11.95 -59.76 32.89
CA LEU A 143 -11.02 -60.05 31.81
C LEU A 143 -10.13 -61.26 32.10
N LEU A 144 -10.33 -61.92 33.25
CA LEU A 144 -9.53 -63.10 33.57
C LEU A 144 -9.72 -64.22 32.55
N SER A 145 -10.89 -64.28 31.91
CA SER A 145 -11.15 -65.36 30.96
C SER A 145 -10.39 -65.15 29.66
N ALA A 146 -10.67 -64.05 28.96
CA ALA A 146 -9.97 -63.67 27.74
C ALA A 146 -10.00 -64.77 26.69
N LYS A 147 -11.21 -65.10 26.24
CA LYS A 147 -11.37 -66.12 25.21
C LYS A 147 -10.82 -65.60 23.88
N PRO A 148 -9.91 -66.33 23.23
CA PRO A 148 -9.36 -65.85 21.95
C PRO A 148 -10.41 -65.62 20.88
N ASP A 149 -11.45 -66.46 20.82
CA ASP A 149 -12.47 -66.31 19.79
C ASP A 149 -13.39 -65.13 20.10
N HIS A 150 -13.76 -64.95 21.37
CA HIS A 150 -14.64 -63.86 21.78
C HIS A 150 -13.94 -63.01 22.82
N PRO A 151 -13.53 -61.78 22.47
CA PRO A 151 -12.77 -60.96 23.42
C PRO A 151 -13.61 -60.58 24.63
N ALA A 152 -12.92 -60.42 25.76
CA ALA A 152 -13.59 -60.05 27.00
C ALA A 152 -14.12 -58.62 26.93
N THR A 153 -15.22 -58.38 27.62
CA THR A 153 -15.85 -57.07 27.68
C THR A 153 -15.53 -56.41 29.01
N TYR A 154 -15.13 -55.14 28.95
CA TYR A 154 -14.73 -54.38 30.13
C TYR A 154 -15.53 -53.11 30.22
N PRO A 155 -16.25 -52.86 31.32
CA PRO A 155 -16.89 -51.56 31.51
C PRO A 155 -15.92 -50.54 32.08
N THR A 156 -15.88 -49.34 31.50
CA THR A 156 -14.95 -48.30 31.91
C THR A 156 -15.65 -47.40 32.92
N GLU A 157 -15.12 -47.33 34.13
CA GLU A 157 -15.68 -46.54 35.21
C GLU A 157 -14.72 -45.45 35.63
N ASP A 158 -15.23 -44.23 35.76
CA ASP A 158 -14.45 -43.12 36.28
C ASP A 158 -14.47 -43.15 37.80
N LEU A 159 -13.30 -42.98 38.40
CA LEU A 159 -13.16 -43.10 39.85
C LEU A 159 -12.32 -41.97 40.41
N PRO A 160 -12.49 -41.64 41.70
CA PRO A 160 -11.61 -40.67 42.34
C PRO A 160 -10.22 -41.23 42.59
N TYR A 161 -9.38 -40.49 43.31
CA TYR A 161 -8.02 -40.94 43.58
C TYR A 161 -8.01 -42.35 44.14
N GLY A 162 -8.81 -42.62 45.18
CA GLY A 162 -9.03 -43.95 45.69
C GLY A 162 -7.80 -44.81 45.86
N ALA A 163 -7.94 -46.12 45.64
CA ALA A 163 -6.80 -47.02 45.67
C ALA A 163 -6.75 -48.03 44.53
N VAL A 164 -7.84 -48.25 43.80
CA VAL A 164 -7.89 -49.19 42.69
C VAL A 164 -8.62 -48.54 41.53
N TYR A 165 -8.02 -48.58 40.35
CA TYR A 165 -8.51 -47.87 39.18
C TYR A 165 -9.00 -48.85 38.12
N SER A 166 -9.51 -48.30 37.03
CA SER A 166 -9.96 -49.06 35.89
C SER A 166 -9.02 -48.81 34.70
N LEU A 167 -8.89 -49.82 33.84
CA LEU A 167 -8.02 -49.70 32.69
C LEU A 167 -8.49 -48.58 31.77
N ASP A 168 -7.53 -47.81 31.26
CA ASP A 168 -7.85 -46.73 30.34
C ASP A 168 -8.27 -47.30 28.98
N CYS A 169 -9.40 -46.84 28.47
CA CYS A 169 -9.89 -47.35 27.19
C CYS A 169 -9.01 -46.93 26.03
N ASN A 170 -8.52 -45.68 26.04
CA ASN A 170 -7.74 -45.15 24.94
C ASN A 170 -6.35 -45.76 24.83
N HIS A 171 -5.91 -46.53 25.83
CA HIS A 171 -4.64 -47.23 25.75
C HIS A 171 -4.82 -48.49 24.91
N SER A 172 -4.07 -48.58 23.82
CA SER A 172 -4.23 -49.68 22.88
C SER A 172 -3.76 -51.01 23.43
N HIS A 173 -2.64 -51.03 24.14
CA HIS A 173 -2.06 -52.28 24.62
C HIS A 173 -1.62 -52.13 26.06
N PHE A 174 -1.58 -53.25 26.78
CA PHE A 174 -1.27 -53.25 28.20
C PHE A 174 -0.27 -54.35 28.51
N ILE A 175 0.48 -54.15 29.60
CA ILE A 175 1.40 -55.16 30.14
C ILE A 175 1.07 -55.24 31.63
N LEU A 176 0.31 -56.26 32.03
CA LEU A 176 -0.17 -56.40 33.39
C LEU A 176 0.84 -57.19 34.21
N VAL A 177 1.43 -56.54 35.20
CA VAL A 177 2.46 -57.12 36.05
C VAL A 177 1.81 -57.71 37.29
N ASP A 178 2.20 -58.93 37.64
CA ASP A 178 1.67 -59.60 38.82
C ASP A 178 2.49 -59.25 40.06
N GLU A 179 1.79 -59.05 41.17
CA GLU A 179 2.45 -58.66 42.41
C GLU A 179 3.40 -59.76 42.89
N ASP A 180 4.59 -59.35 43.30
CA ASP A 180 5.58 -60.28 43.82
C ASP A 180 5.40 -60.43 45.32
N PRO A 181 5.24 -61.65 45.83
CA PRO A 181 5.06 -61.81 47.29
C PRO A 181 6.23 -61.30 48.11
N LYS A 182 7.46 -61.40 47.60
CA LYS A 182 8.61 -60.93 48.36
C LYS A 182 8.57 -59.42 48.58
N ARG A 183 8.30 -58.66 47.50
CA ARG A 183 8.26 -57.21 47.58
C ARG A 183 7.11 -56.70 46.74
N PRO A 184 6.24 -55.85 47.29
CA PRO A 184 5.12 -55.30 46.51
C PRO A 184 5.53 -54.08 45.68
N GLY A 185 6.63 -54.21 44.96
CA GLY A 185 7.12 -53.13 44.12
C GLY A 185 7.63 -53.62 42.78
N ALA A 186 7.06 -54.72 42.29
CA ALA A 186 7.52 -55.30 41.03
C ALA A 186 7.15 -54.45 39.84
N THR A 187 6.16 -53.56 39.97
CA THR A 187 5.76 -52.73 38.85
C THR A 187 6.89 -51.80 38.41
N GLY A 188 7.45 -51.04 39.36
CA GLY A 188 8.55 -50.15 39.04
C GLY A 188 9.80 -50.91 38.61
N GLU A 189 10.05 -52.05 39.24
CA GLU A 189 11.20 -52.85 38.85
C GLU A 189 11.10 -53.32 37.40
N MET A 190 9.91 -53.79 37.01
CA MET A 190 9.73 -54.22 35.62
C MET A 190 9.77 -53.03 34.66
N ARG A 191 9.25 -51.87 35.07
CA ARG A 191 9.37 -50.70 34.21
C ARG A 191 10.83 -50.33 33.98
N VAL A 192 11.65 -50.35 35.04
CA VAL A 192 13.07 -50.06 34.88
C VAL A 192 13.74 -51.10 34.00
N LYS A 193 13.42 -52.38 34.21
CA LYS A 193 14.05 -53.44 33.42
C LYS A 193 13.70 -53.31 31.94
N MET A 194 12.43 -53.02 31.63
CA MET A 194 12.04 -52.81 30.24
C MET A 194 12.72 -51.57 29.67
N LEU A 195 12.79 -50.48 30.45
CA LEU A 195 13.43 -49.29 29.93
C LEU A 195 14.87 -49.58 29.56
N LYS A 196 15.58 -50.32 30.41
CA LYS A 196 16.95 -50.72 30.10
C LYS A 196 17.00 -51.62 28.87
N HIS A 197 16.07 -52.57 28.77
CA HIS A 197 16.13 -53.55 27.69
C HIS A 197 15.90 -52.89 26.33
N ILE A 198 14.88 -52.05 26.21
CA ILE A 198 14.69 -51.29 24.97
C ILE A 198 15.82 -50.29 24.76
N SER A 199 16.41 -49.77 25.84
CA SER A 199 17.56 -48.89 25.67
C SER A 199 18.77 -49.65 25.13
N LEU A 200 18.79 -50.97 25.29
CA LEU A 200 19.89 -51.79 24.80
C LEU A 200 19.59 -52.45 23.47
N GLN A 201 18.45 -52.14 22.84
CA GLN A 201 18.15 -52.68 21.53
C GLN A 201 18.89 -51.88 20.45
N ARG A 202 19.11 -52.53 19.30
CA ARG A 202 19.78 -51.92 18.15
C ARG A 202 18.98 -52.26 16.89
N THR A 203 18.01 -51.41 16.58
CA THR A 203 17.16 -51.64 15.40
C THR A 203 17.94 -51.38 14.12
N GLY A 204 17.58 -52.11 13.07
CA GLY A 204 18.22 -51.90 11.78
C GLY A 204 17.98 -50.50 11.25
N TYR A 205 19.05 -49.84 10.83
CA TYR A 205 19.00 -48.47 10.32
C TYR A 205 19.25 -48.49 8.82
N GLY A 206 18.23 -48.11 8.05
CA GLY A 206 18.36 -48.12 6.61
C GLY A 206 18.75 -49.48 6.10
N GLY A 207 19.95 -49.57 5.54
CA GLY A 207 20.47 -50.85 5.08
C GLY A 207 21.74 -51.26 5.81
N THR A 208 21.67 -52.38 6.52
CA THR A 208 22.82 -52.94 7.24
C THR A 208 23.41 -51.94 8.23
N GLY A 209 22.54 -51.16 8.86
CA GLY A 209 22.97 -50.20 9.86
C GLY A 209 22.34 -50.48 11.20
N SER A 210 23.11 -50.27 12.25
CA SER A 210 22.67 -50.50 13.62
C SER A 210 22.39 -49.15 14.29
N ILE A 211 21.15 -48.94 14.70
CA ILE A 211 20.72 -47.70 15.34
C ILE A 211 20.15 -48.04 16.70
N GLU A 212 20.59 -47.31 17.73
CA GLU A 212 20.03 -47.45 19.06
C GLU A 212 18.62 -46.88 19.08
N ILE A 213 17.83 -47.30 20.05
CA ILE A 213 16.50 -46.75 20.30
C ILE A 213 16.63 -45.70 21.39
N PRO A 214 16.39 -44.42 21.11
CA PRO A 214 16.44 -43.41 22.17
C PRO A 214 15.29 -43.59 23.14
N VAL A 215 15.62 -43.63 24.42
CA VAL A 215 14.65 -43.87 25.48
C VAL A 215 14.76 -42.74 26.49
N LEU A 216 13.63 -42.07 26.74
CA LEU A 216 13.58 -40.92 27.63
C LEU A 216 12.54 -41.14 28.72
N CYS A 217 12.79 -40.58 29.89
CA CYS A 217 11.87 -40.63 31.01
C CYS A 217 11.44 -39.21 31.34
N LEU A 218 10.13 -39.00 31.47
CA LEU A 218 9.57 -37.70 31.82
C LEU A 218 8.88 -37.81 33.17
N LEU A 219 9.24 -36.93 34.09
CA LEU A 219 8.73 -36.96 35.46
C LEU A 219 7.73 -35.83 35.67
N VAL A 220 6.56 -36.17 36.21
CA VAL A 220 5.53 -35.19 36.54
C VAL A 220 5.07 -35.45 37.97
N HIS A 221 5.25 -34.45 38.84
CA HIS A 221 4.79 -34.49 40.22
C HIS A 221 5.21 -35.79 40.91
N GLY A 222 6.53 -35.98 41.00
CA GLY A 222 7.04 -37.18 41.59
C GLY A 222 6.81 -37.25 43.10
N GLU A 223 6.84 -38.47 43.61
CA GLU A 223 6.73 -38.77 45.03
C GLU A 223 8.06 -39.30 45.56
N PRO A 224 8.34 -39.12 46.84
CA PRO A 224 9.62 -39.66 47.39
C PRO A 224 9.71 -41.17 47.31
N ARG A 225 8.58 -41.87 47.18
CA ARG A 225 8.60 -43.33 47.09
C ARG A 225 9.22 -43.83 45.79
N ILE A 226 9.24 -43.02 44.74
CA ILE A 226 9.77 -43.44 43.44
C ILE A 226 11.23 -43.01 43.26
N LEU A 227 11.87 -42.51 44.33
CA LEU A 227 13.25 -42.05 44.20
C LEU A 227 14.20 -43.19 43.89
N GLN A 228 13.97 -44.37 44.48
CA GLN A 228 14.82 -45.52 44.19
C GLN A 228 14.71 -45.91 42.72
N LYS A 229 13.48 -45.96 42.19
CA LYS A 229 13.30 -46.30 40.79
C LYS A 229 13.92 -45.26 39.88
N MET A 230 13.78 -43.97 40.23
CA MET A 230 14.40 -42.92 39.42
C MET A 230 15.91 -43.06 39.41
N TYR A 231 16.49 -43.35 40.58
CA TYR A 231 17.94 -43.56 40.65
C TYR A 231 18.37 -44.76 39.83
N LYS A 232 17.57 -45.83 39.84
CA LYS A 232 17.93 -47.02 39.07
C LYS A 232 17.86 -46.72 37.57
N ASN A 233 16.91 -45.91 37.14
CA ASN A 233 16.88 -45.48 35.75
C ASN A 233 18.07 -44.57 35.42
N ILE A 234 18.50 -43.75 36.39
CA ILE A 234 19.71 -42.96 36.20
C ILE A 234 20.92 -43.86 36.00
N GLN A 235 21.02 -44.92 36.80
CA GLN A 235 22.12 -45.87 36.63
C GLN A 235 22.13 -46.50 35.25
N ASN A 236 20.96 -46.75 34.68
CA ASN A 236 20.84 -47.42 33.40
C ASN A 236 20.98 -46.46 32.21
N SER A 237 21.58 -45.29 32.43
CA SER A 237 21.86 -44.33 31.37
C SER A 237 20.59 -43.93 30.61
N ILE A 238 19.50 -43.70 31.36
CA ILE A 238 18.24 -43.24 30.79
C ILE A 238 18.12 -41.75 31.08
N PRO A 239 18.23 -40.88 30.07
CA PRO A 239 18.06 -39.45 30.31
C PRO A 239 16.67 -39.14 30.83
N TRP A 240 16.59 -38.16 31.73
CA TRP A 240 15.34 -37.79 32.38
C TRP A 240 14.96 -36.36 32.04
N LEU A 241 13.66 -36.11 31.96
CA LEU A 241 13.13 -34.79 31.66
C LEU A 241 12.17 -34.40 32.78
N ILE A 242 12.28 -33.14 33.23
CA ILE A 242 11.58 -32.67 34.42
C ILE A 242 10.68 -31.50 34.03
N LEU A 243 9.40 -31.59 34.39
CA LEU A 243 8.50 -30.45 34.24
C LEU A 243 8.75 -29.41 35.32
N ALA A 244 8.54 -28.15 34.95
CA ALA A 244 8.84 -27.05 35.87
C ALA A 244 7.82 -26.99 37.00
N GLY A 245 6.55 -26.79 36.66
CA GLY A 245 5.52 -26.61 37.66
C GLY A 245 4.73 -27.85 38.00
N SER A 246 5.38 -29.02 37.90
CA SER A 246 4.68 -30.28 38.16
C SER A 246 4.19 -30.35 39.60
N GLY A 247 5.02 -29.95 40.56
CA GLY A 247 4.54 -29.79 41.92
C GLY A 247 5.33 -30.46 43.02
N GLY A 248 5.84 -31.67 42.77
CA GLY A 248 6.46 -32.44 43.84
C GLY A 248 7.96 -32.54 43.75
N VAL A 249 8.45 -33.75 43.46
CA VAL A 249 9.90 -33.95 43.30
C VAL A 249 10.43 -33.12 42.15
N ALA A 250 9.59 -32.83 41.16
CA ALA A 250 10.02 -31.99 40.05
C ALA A 250 10.41 -30.59 40.52
N ASP A 251 9.59 -30.00 41.39
CA ASP A 251 9.92 -28.69 41.95
C ASP A 251 11.23 -28.74 42.72
N ILE A 252 11.42 -29.78 43.53
CA ILE A 252 12.65 -29.92 44.30
C ILE A 252 13.85 -29.98 43.36
N LEU A 253 13.75 -30.79 42.32
CA LEU A 253 14.87 -30.95 41.39
C LEU A 253 15.17 -29.66 40.64
N VAL A 254 14.14 -28.95 40.17
CA VAL A 254 14.39 -27.72 39.41
C VAL A 254 14.97 -26.64 40.33
N THR A 255 14.50 -26.56 41.58
CA THR A 255 15.07 -25.59 42.51
C THR A 255 16.52 -25.92 42.83
N LEU A 256 16.82 -27.20 43.03
CA LEU A 256 18.19 -27.61 43.36
C LEU A 256 19.12 -27.42 42.18
N MET A 257 18.59 -27.53 40.95
CA MET A 257 19.40 -27.25 39.77
C MET A 257 19.63 -25.75 39.61
N ASP A 258 18.61 -24.93 39.86
CA ASP A 258 18.78 -23.49 39.73
C ASP A 258 19.73 -22.94 40.78
N ARG A 259 19.67 -23.47 42.00
CA ARG A 259 20.59 -23.03 43.05
C ARG A 259 22.03 -23.36 42.68
N GLY A 260 22.25 -24.53 42.07
CA GLY A 260 23.56 -24.94 41.62
C GLY A 260 24.29 -25.85 42.59
N CYS A 261 24.19 -25.59 43.89
CA CYS A 261 24.83 -26.40 44.92
C CYS A 261 23.75 -27.01 45.79
N TRP A 262 23.78 -28.33 45.94
CA TRP A 262 22.83 -29.06 46.78
C TRP A 262 23.58 -29.71 47.92
N ASP A 263 23.11 -29.49 49.14
CA ASP A 263 23.70 -30.08 50.34
C ASP A 263 22.61 -30.83 51.11
N ALA A 264 23.02 -31.44 52.23
CA ALA A 264 22.05 -32.17 53.04
C ALA A 264 20.98 -31.24 53.61
N ASP A 265 21.38 -30.06 54.08
CA ASP A 265 20.43 -29.14 54.69
C ASP A 265 19.40 -28.67 53.69
N ILE A 266 19.84 -28.26 52.50
CA ILE A 266 18.91 -27.75 51.50
C ILE A 266 17.95 -28.83 51.03
N VAL A 267 18.47 -30.03 50.76
CA VAL A 267 17.64 -31.13 50.30
C VAL A 267 16.61 -31.50 51.37
N GLN A 268 17.05 -31.61 52.62
CA GLN A 268 16.16 -31.96 53.71
C GLN A 268 15.07 -30.89 53.90
N GLU A 269 15.46 -29.62 53.84
CA GLU A 269 14.49 -28.54 54.03
C GLU A 269 13.46 -28.53 52.91
N LEU A 270 13.90 -28.69 51.66
CA LEU A 270 12.96 -28.72 50.54
C LEU A 270 12.04 -29.94 50.63
N LEU A 271 12.59 -31.10 50.99
CA LEU A 271 11.76 -32.30 51.13
C LEU A 271 10.73 -32.12 52.23
N ILE A 272 11.11 -31.51 53.35
CA ILE A 272 10.16 -31.25 54.43
C ILE A 272 9.08 -30.28 53.98
N ASN A 273 9.49 -29.20 53.29
CA ASN A 273 8.52 -28.19 52.88
C ASN A 273 7.51 -28.74 51.89
N THR A 274 7.98 -29.55 50.92
CA THR A 274 7.07 -30.14 49.95
C THR A 274 6.34 -31.37 50.46
N PHE A 275 6.94 -32.12 51.37
CA PHE A 275 6.35 -33.37 51.87
C PHE A 275 6.32 -33.37 53.40
N PRO A 276 5.31 -32.75 53.99
CA PRO A 276 5.19 -32.80 55.46
C PRO A 276 5.11 -34.20 56.03
N ASP A 277 4.52 -35.15 55.29
CA ASP A 277 4.21 -36.46 55.87
C ASP A 277 5.47 -37.20 56.30
N GLY A 278 6.52 -37.15 55.49
CA GLY A 278 7.74 -37.87 55.80
C GLY A 278 8.49 -37.34 57.01
N LEU A 279 8.47 -38.10 58.11
CA LEU A 279 9.17 -37.75 59.34
C LEU A 279 9.80 -39.02 59.90
N HIS A 280 11.03 -39.30 59.48
CA HIS A 280 11.77 -40.47 59.94
C HIS A 280 13.22 -40.30 59.56
N SER A 281 14.13 -40.52 60.51
CA SER A 281 15.55 -40.27 60.28
C SER A 281 16.07 -41.12 59.12
N THR A 282 15.79 -42.42 59.14
CA THR A 282 16.33 -43.31 58.11
C THR A 282 15.72 -43.03 56.76
N GLU A 283 14.39 -42.90 56.69
CA GLU A 283 13.73 -42.68 55.41
C GLU A 283 14.14 -41.36 54.78
N ILE A 284 14.13 -40.29 55.57
CA ILE A 284 14.52 -38.98 55.04
C ILE A 284 15.99 -38.97 54.67
N THR A 285 16.84 -39.63 55.45
CA THR A 285 18.26 -39.70 55.09
C THR A 285 18.47 -40.42 53.78
N SER A 286 17.76 -41.54 53.58
CA SER A 286 17.87 -42.28 52.32
C SER A 286 17.37 -41.44 51.15
N TRP A 287 16.26 -40.72 51.35
CA TRP A 287 15.73 -39.87 50.28
C TRP A 287 16.69 -38.74 49.94
N THR A 288 17.30 -38.12 50.95
CA THR A 288 18.29 -37.07 50.68
C THR A 288 19.50 -37.64 49.95
N LYS A 289 19.96 -38.83 50.33
CA LYS A 289 21.07 -39.45 49.62
C LYS A 289 20.71 -39.69 48.16
N LEU A 290 19.50 -40.20 47.90
CA LEU A 290 19.07 -40.42 46.53
C LEU A 290 19.01 -39.12 45.74
N ILE A 291 18.46 -38.06 46.34
CA ILE A 291 18.39 -36.77 45.65
C ILE A 291 19.79 -36.26 45.33
N GLN A 292 20.69 -36.31 46.32
CA GLN A 292 22.04 -35.80 46.11
C GLN A 292 22.77 -36.57 45.02
N ARG A 293 22.63 -37.90 45.01
CA ARG A 293 23.33 -38.68 43.98
C ARG A 293 22.73 -38.47 42.60
N ILE A 294 21.38 -38.42 42.51
CA ILE A 294 20.74 -38.16 41.22
C ILE A 294 21.20 -36.82 40.66
N LEU A 295 21.29 -35.80 41.51
CA LEU A 295 21.79 -34.51 41.05
C LEU A 295 23.28 -34.59 40.72
N ASP A 296 24.01 -35.44 41.43
CA ASP A 296 25.44 -35.61 41.15
C ASP A 296 25.66 -36.23 39.78
N HIS A 297 24.67 -36.97 39.28
CA HIS A 297 24.73 -37.40 37.88
C HIS A 297 24.52 -36.22 36.94
N GLY A 298 23.36 -35.57 37.03
CA GLY A 298 23.16 -34.29 36.40
C GLY A 298 23.02 -34.28 34.90
N HIS A 299 24.00 -34.85 34.20
CA HIS A 299 24.01 -34.81 32.73
C HIS A 299 22.89 -35.63 32.11
N LEU A 300 22.24 -36.50 32.88
CA LEU A 300 21.08 -37.25 32.41
C LEU A 300 19.77 -36.59 32.82
N LEU A 301 19.82 -35.36 33.31
CA LEU A 301 18.66 -34.66 33.84
C LEU A 301 18.43 -33.38 33.05
N THR A 302 17.19 -33.13 32.67
CA THR A 302 16.82 -31.94 31.90
C THR A 302 15.52 -31.38 32.45
N VAL A 303 15.36 -30.06 32.33
CA VAL A 303 14.20 -29.34 32.85
C VAL A 303 13.41 -28.79 31.67
N HIS A 304 12.12 -29.11 31.62
CA HIS A 304 11.21 -28.60 30.61
C HIS A 304 10.24 -27.63 31.28
N ASP A 305 10.35 -26.35 30.94
CA ASP A 305 9.45 -25.33 31.46
C ASP A 305 8.54 -24.84 30.34
N PRO A 306 7.29 -25.30 30.27
CA PRO A 306 6.42 -24.87 29.17
C PRO A 306 6.15 -23.37 29.14
N GLU A 307 6.30 -22.69 30.27
CA GLU A 307 6.14 -21.23 30.27
C GLU A 307 7.26 -20.55 29.50
N GLN A 308 8.40 -21.23 29.33
CA GLN A 308 9.56 -20.66 28.64
C GLN A 308 10.04 -21.52 27.47
N ASP A 309 9.91 -22.85 27.57
CA ASP A 309 10.40 -23.71 26.50
C ASP A 309 9.45 -23.76 25.32
N SER A 310 8.21 -24.22 25.56
CA SER A 310 7.15 -24.28 24.56
C SER A 310 7.46 -25.22 23.41
N GLU A 311 8.51 -26.04 23.55
CA GLU A 311 8.88 -27.00 22.51
C GLU A 311 9.40 -28.25 23.19
N LEU A 312 8.58 -29.31 23.20
CA LEU A 312 8.99 -30.55 23.85
C LEU A 312 9.99 -31.33 23.01
N ASP A 313 9.83 -31.31 21.68
CA ASP A 313 10.77 -32.02 20.83
C ASP A 313 12.17 -31.43 20.94
N THR A 314 12.27 -30.11 21.06
CA THR A 314 13.57 -29.47 21.20
C THR A 314 14.27 -29.91 22.48
N VAL A 315 13.55 -29.92 23.60
CA VAL A 315 14.19 -30.30 24.86
C VAL A 315 14.50 -31.79 24.88
N ILE A 316 13.67 -32.61 24.23
CA ILE A 316 13.99 -34.04 24.13
C ILE A 316 15.27 -34.24 23.34
N LEU A 317 15.40 -33.54 22.21
CA LEU A 317 16.61 -33.63 21.39
C LEU A 317 17.82 -33.17 22.17
N LYS A 318 17.69 -32.06 22.90
CA LYS A 318 18.82 -31.54 23.68
C LYS A 318 19.23 -32.52 24.77
N ALA A 319 18.25 -33.13 25.45
CA ALA A 319 18.55 -34.10 26.49
C ALA A 319 19.28 -35.31 25.92
N LEU A 320 18.79 -35.83 24.78
CA LEU A 320 19.43 -37.00 24.17
C LEU A 320 20.84 -36.67 23.71
N VAL A 321 21.02 -35.49 23.09
CA VAL A 321 22.33 -35.10 22.60
C VAL A 321 23.30 -34.92 23.75
N LYS A 322 22.86 -34.29 24.84
CA LYS A 322 23.72 -34.12 26.00
C LYS A 322 24.10 -35.47 26.61
N ALA A 323 23.12 -36.38 26.74
CA ALA A 323 23.40 -37.70 27.31
C ALA A 323 24.43 -38.45 26.48
N CYS A 324 24.23 -38.49 25.15
CA CYS A 324 25.16 -39.25 24.33
C CYS A 324 26.51 -38.56 24.19
N LYS A 325 26.53 -37.22 24.26
CA LYS A 325 27.78 -36.49 24.22
C LYS A 325 28.62 -36.78 25.47
N SER A 326 27.97 -36.85 26.63
CA SER A 326 28.67 -37.29 27.83
C SER A 326 29.07 -38.75 27.75
N GLN A 327 28.26 -39.57 27.07
CA GLN A 327 28.55 -41.00 26.99
C GLN A 327 29.83 -41.27 26.19
N SER A 328 29.96 -40.70 25.00
CA SER A 328 31.10 -40.97 24.14
C SER A 328 31.27 -39.85 23.13
N GLN A 329 32.42 -39.84 22.47
CA GLN A 329 32.80 -38.79 21.53
C GLN A 329 32.73 -39.24 20.08
N GLU A 330 32.68 -40.54 19.81
CA GLU A 330 32.70 -41.02 18.43
C GLU A 330 31.46 -40.58 17.68
N ALA A 331 31.59 -40.45 16.36
CA ALA A 331 30.47 -39.96 15.56
C ALA A 331 29.38 -41.01 15.38
N GLN A 332 29.76 -42.29 15.41
CA GLN A 332 28.82 -43.34 15.05
C GLN A 332 27.72 -43.52 16.10
N ASP A 333 27.89 -42.92 17.28
CA ASP A 333 26.86 -43.04 18.31
C ASP A 333 25.84 -41.93 18.22
N PHE A 334 26.22 -40.78 17.68
CA PHE A 334 25.28 -39.67 17.47
C PHE A 334 24.37 -39.93 16.26
N LEU A 335 24.50 -41.11 15.66
CA LEU A 335 23.76 -41.40 14.43
C LEU A 335 22.25 -41.42 14.67
N ASP A 336 21.79 -42.03 15.75
CA ASP A 336 20.35 -42.09 15.99
C ASP A 336 19.81 -40.77 16.54
N GLU A 337 20.60 -40.02 17.32
CA GLU A 337 20.18 -38.67 17.68
C GLU A 337 20.10 -37.79 16.45
N LEU A 338 21.04 -37.95 15.51
CA LEU A 338 21.00 -37.19 14.27
C LEU A 338 19.77 -37.58 13.43
N LYS A 339 19.44 -38.86 13.40
CA LYS A 339 18.23 -39.29 12.68
C LYS A 339 16.98 -38.70 13.31
N LEU A 340 16.92 -38.67 14.64
CA LEU A 340 15.77 -38.09 15.31
C LEU A 340 15.68 -36.59 15.06
N ALA A 341 16.83 -35.90 15.02
CA ALA A 341 16.84 -34.48 14.68
C ALA A 341 16.39 -34.26 13.24
N VAL A 342 16.76 -35.16 12.33
CA VAL A 342 16.30 -35.09 10.96
C VAL A 342 14.78 -35.23 10.91
N ALA A 343 14.24 -36.19 11.64
CA ALA A 343 12.80 -36.42 11.63
C ALA A 343 12.03 -35.23 12.17
N TRP A 344 12.59 -34.50 13.14
CA TRP A 344 11.94 -33.33 13.69
C TRP A 344 12.29 -32.04 12.95
N ASN A 345 13.11 -32.12 11.90
CA ASN A 345 13.54 -30.95 11.14
C ASN A 345 14.18 -29.90 12.05
N ARG A 346 15.01 -30.36 12.98
CA ARG A 346 15.72 -29.48 13.90
C ARG A 346 17.15 -29.28 13.37
N VAL A 347 17.24 -28.47 12.31
CA VAL A 347 18.54 -28.23 11.69
C VAL A 347 19.41 -27.35 12.58
N ASP A 348 18.80 -26.39 13.28
CA ASP A 348 19.56 -25.50 14.15
C ASP A 348 20.25 -26.28 15.26
N ILE A 349 19.52 -27.18 15.93
CA ILE A 349 20.12 -27.98 16.99
C ILE A 349 21.17 -28.92 16.41
N ALA A 350 20.92 -29.45 15.21
CA ALA A 350 21.89 -30.36 14.60
C ALA A 350 23.21 -29.66 14.30
N LYS A 351 23.15 -28.43 13.78
CA LYS A 351 24.37 -27.70 13.48
C LYS A 351 25.00 -27.07 14.71
N SER A 352 24.24 -26.88 15.80
CA SER A 352 24.80 -26.26 16.99
C SER A 352 25.43 -27.29 17.93
N GLU A 353 24.81 -28.46 18.07
CA GLU A 353 25.22 -29.45 19.05
C GLU A 353 25.91 -30.65 18.41
N ILE A 354 25.36 -31.19 17.32
CA ILE A 354 25.96 -32.36 16.69
C ILE A 354 27.11 -31.96 15.79
N PHE A 355 26.88 -31.01 14.88
CA PHE A 355 27.92 -30.54 13.96
C PHE A 355 28.58 -29.28 14.55
N SER A 356 29.15 -29.45 15.74
CA SER A 356 29.77 -28.36 16.47
C SER A 356 31.29 -28.32 16.34
N GLY A 357 31.90 -29.33 15.72
CA GLY A 357 33.34 -29.39 15.55
C GLY A 357 34.04 -30.28 16.55
N ASP A 358 33.40 -30.59 17.68
CA ASP A 358 33.98 -31.52 18.64
C ASP A 358 33.96 -32.96 18.14
N VAL A 359 33.15 -33.26 17.13
CA VAL A 359 32.99 -34.61 16.59
C VAL A 359 33.42 -34.61 15.13
N GLN A 360 34.22 -35.59 14.76
CA GLN A 360 34.70 -35.72 13.38
C GLN A 360 33.69 -36.53 12.58
N TRP A 361 33.13 -35.91 11.53
CA TRP A 361 32.16 -36.56 10.66
C TRP A 361 32.83 -36.89 9.33
N SER A 362 32.75 -38.15 8.93
CA SER A 362 33.30 -38.64 7.67
C SER A 362 32.20 -38.66 6.60
N ALA A 363 32.53 -39.23 5.45
CA ALA A 363 31.55 -39.36 4.38
C ALA A 363 30.73 -40.63 4.53
N GLN A 364 31.38 -41.75 4.89
CA GLN A 364 30.67 -43.01 5.06
C GLN A 364 29.68 -42.92 6.22
N ASP A 365 30.06 -42.24 7.30
CA ASP A 365 29.13 -42.04 8.41
C ASP A 365 27.93 -41.20 8.01
N LEU A 366 28.15 -40.17 7.19
CA LEU A 366 27.07 -39.28 6.78
C LEU A 366 26.25 -39.84 5.62
N GLU A 367 26.70 -40.91 4.97
CA GLU A 367 25.99 -41.39 3.79
C GLU A 367 24.59 -41.90 4.13
N GLU A 368 24.47 -42.69 5.21
CA GLU A 368 23.15 -43.21 5.59
C GLU A 368 22.20 -42.09 5.96
N VAL A 369 22.62 -41.20 6.86
CA VAL A 369 21.75 -40.12 7.29
C VAL A 369 21.43 -39.21 6.12
N MET A 370 22.35 -39.09 5.16
CA MET A 370 22.05 -38.38 3.92
C MET A 370 20.92 -39.05 3.17
N MET A 371 20.96 -40.38 3.07
CA MET A 371 19.93 -41.10 2.34
C MET A 371 18.56 -40.91 3.00
N GLU A 372 18.47 -41.05 4.34
CA GLU A 372 17.17 -40.90 4.99
C GLU A 372 16.70 -39.45 5.00
N ALA A 373 17.64 -38.49 5.06
CA ALA A 373 17.21 -37.10 5.00
C ALA A 373 16.73 -36.72 3.60
N LEU A 374 17.34 -37.30 2.58
CA LEU A 374 16.95 -37.01 1.21
C LEU A 374 15.62 -37.67 0.86
N VAL A 375 15.39 -38.88 1.37
CA VAL A 375 14.13 -39.57 1.10
C VAL A 375 12.96 -38.89 1.80
N ASN A 376 13.17 -38.36 3.00
CA ASN A 376 12.09 -37.87 3.83
C ASN A 376 11.82 -36.38 3.67
N ASP A 377 12.20 -35.78 2.55
CA ASP A 377 11.86 -34.39 2.22
C ASP A 377 12.38 -33.42 3.28
N LYS A 378 13.70 -33.43 3.48
CA LYS A 378 14.37 -32.59 4.47
C LYS A 378 15.48 -31.82 3.79
N PRO A 379 15.15 -30.78 3.01
CA PRO A 379 16.20 -30.07 2.25
C PRO A 379 17.26 -29.42 3.12
N ASP A 380 16.89 -28.93 4.30
CA ASP A 380 17.87 -28.26 5.16
C ASP A 380 18.97 -29.22 5.57
N PHE A 381 18.62 -30.45 5.93
CA PHE A 381 19.62 -31.43 6.29
C PHE A 381 20.41 -31.90 5.07
N VAL A 382 19.80 -31.90 3.89
CA VAL A 382 20.54 -32.20 2.66
C VAL A 382 21.65 -31.17 2.47
N ARG A 383 21.30 -29.88 2.61
CA ARG A 383 22.29 -28.83 2.49
C ARG A 383 23.37 -28.95 3.58
N LEU A 384 22.96 -29.26 4.81
CA LEU A 384 23.92 -29.38 5.90
C LEU A 384 24.90 -30.52 5.66
N PHE A 385 24.40 -31.67 5.19
CA PHE A 385 25.27 -32.82 4.95
C PHE A 385 26.18 -32.58 3.75
N VAL A 386 25.70 -31.84 2.74
CA VAL A 386 26.57 -31.48 1.63
C VAL A 386 27.67 -30.53 2.10
N ASP A 387 27.33 -29.62 3.01
CA ASP A 387 28.32 -28.70 3.54
C ASP A 387 29.27 -29.36 4.52
N ASN A 388 28.92 -30.52 5.07
CA ASN A 388 29.74 -31.17 6.08
C ASN A 388 30.46 -32.41 5.57
N GLY A 389 30.67 -32.53 4.27
CA GLY A 389 31.55 -33.58 3.78
C GLY A 389 31.01 -34.47 2.67
N VAL A 390 29.69 -34.57 2.55
CA VAL A 390 29.11 -35.46 1.54
C VAL A 390 29.42 -34.92 0.15
N ASN A 391 29.92 -35.80 -0.72
CA ASN A 391 30.26 -35.45 -2.10
C ASN A 391 29.21 -36.07 -3.01
N ILE A 392 28.27 -35.24 -3.49
CA ILE A 392 27.15 -35.73 -4.26
C ILE A 392 27.61 -36.42 -5.54
N LYS A 393 28.67 -35.90 -6.17
CA LYS A 393 29.20 -36.55 -7.37
C LYS A 393 29.63 -37.98 -7.08
N GLN A 394 30.30 -38.20 -5.94
CA GLN A 394 30.69 -39.55 -5.54
C GLN A 394 29.60 -40.28 -4.77
N PHE A 395 28.72 -39.54 -4.08
CA PHE A 395 27.64 -40.19 -3.36
C PHE A 395 26.59 -40.76 -4.30
N LEU A 396 26.17 -39.98 -5.30
CA LEU A 396 25.04 -40.35 -6.15
C LEU A 396 25.53 -41.20 -7.31
N THR A 397 25.31 -42.51 -7.21
CA THR A 397 25.45 -43.42 -8.33
C THR A 397 24.08 -43.66 -8.94
N TYR A 398 24.05 -44.44 -10.02
CA TYR A 398 22.78 -44.79 -10.64
C TYR A 398 21.96 -45.70 -9.74
N GLY A 399 22.63 -46.51 -8.92
CA GLY A 399 21.91 -47.34 -7.97
C GLY A 399 21.16 -46.54 -6.92
N ARG A 400 21.82 -45.52 -6.37
CA ARG A 400 21.15 -44.69 -5.37
C ARG A 400 20.03 -43.87 -6.00
N LEU A 401 20.22 -43.43 -7.25
CA LEU A 401 19.13 -42.72 -7.94
C LEU A 401 17.93 -43.64 -8.15
N GLN A 402 18.19 -44.89 -8.55
CA GLN A 402 17.09 -45.85 -8.69
C GLN A 402 16.41 -46.10 -7.35
N GLU A 403 17.19 -46.20 -6.27
CA GLU A 403 16.60 -46.40 -4.95
C GLU A 403 15.76 -45.21 -4.53
N LEU A 404 16.21 -43.99 -4.84
CA LEU A 404 15.43 -42.80 -4.56
C LEU A 404 14.13 -42.80 -5.34
N TYR A 405 14.18 -43.23 -6.61
CA TYR A 405 12.96 -43.30 -7.40
C TYR A 405 12.03 -44.40 -6.91
N CYS A 406 12.57 -45.45 -6.30
CA CYS A 406 11.73 -46.51 -5.75
C CYS A 406 11.07 -46.08 -4.45
N SER A 407 11.74 -45.25 -3.66
CA SER A 407 11.23 -44.85 -2.35
C SER A 407 10.32 -43.62 -2.43
N VAL A 408 9.32 -43.70 -3.30
CA VAL A 408 8.30 -42.66 -3.39
C VAL A 408 7.20 -42.96 -2.38
N SER A 409 6.71 -41.91 -1.71
CA SER A 409 5.86 -42.06 -0.54
C SER A 409 4.50 -42.70 -0.84
N GLU A 410 4.24 -43.01 -2.11
CA GLU A 410 3.03 -43.66 -2.58
C GLU A 410 1.77 -42.83 -2.33
N LYS A 411 1.91 -41.54 -2.03
CA LYS A 411 0.77 -40.67 -1.77
C LYS A 411 0.73 -39.49 -2.74
N ASN A 412 1.70 -39.37 -3.64
CA ASN A 412 1.77 -38.27 -4.58
C ASN A 412 1.63 -38.77 -6.01
N LEU A 413 1.68 -37.82 -6.94
CA LEU A 413 1.42 -38.12 -8.35
C LEU A 413 2.47 -39.06 -8.94
N LEU A 414 3.74 -38.86 -8.58
CA LEU A 414 4.82 -39.61 -9.23
C LEU A 414 4.65 -41.11 -9.02
N HIS A 415 4.22 -41.52 -7.84
CA HIS A 415 4.01 -42.94 -7.60
C HIS A 415 2.91 -43.50 -8.48
N THR A 416 1.82 -42.76 -8.66
CA THR A 416 0.74 -43.23 -9.52
C THR A 416 1.18 -43.33 -10.97
N LEU A 417 1.93 -42.34 -11.45
CA LEU A 417 2.41 -42.38 -12.83
C LEU A 417 3.36 -43.56 -13.03
N LEU A 418 4.27 -43.78 -12.08
CA LEU A 418 5.19 -44.90 -12.18
C LEU A 418 4.44 -46.22 -12.08
N LEU A 419 3.36 -46.27 -11.28
CA LEU A 419 2.55 -47.46 -11.19
C LEU A 419 1.89 -47.78 -12.53
N LYS A 420 1.34 -46.77 -13.19
CA LYS A 420 0.73 -47.01 -14.50
C LYS A 420 1.77 -47.48 -15.51
N LYS A 421 2.94 -46.83 -15.52
CA LYS A 421 3.99 -47.23 -16.45
C LYS A 421 4.47 -48.65 -16.18
N ASN A 422 4.60 -49.02 -14.90
CA ASN A 422 5.07 -50.36 -14.55
C ASN A 422 4.03 -51.42 -14.89
N GLN A 423 2.75 -51.12 -14.67
CA GLN A 423 1.70 -52.04 -15.08
C GLN A 423 1.73 -52.25 -16.59
N GLU A 424 1.90 -51.17 -17.36
CA GLU A 424 1.99 -51.31 -18.80
C GLU A 424 3.19 -52.16 -19.21
N ARG A 425 4.35 -51.90 -18.58
CA ARG A 425 5.55 -52.67 -18.92
C ARG A 425 5.39 -54.14 -18.57
N GLN A 426 4.81 -54.44 -17.41
CA GLN A 426 4.61 -55.83 -17.01
C GLN A 426 3.63 -56.54 -17.94
N ALA A 427 2.55 -55.86 -18.33
CA ALA A 427 1.61 -56.44 -19.27
C ALA A 427 2.26 -56.69 -20.63
N GLN A 428 3.10 -55.77 -21.09
CA GLN A 428 3.71 -55.92 -22.41
C GLN A 428 4.73 -57.06 -22.42
N LEU A 429 5.11 -57.56 -21.25
CA LEU A 429 6.09 -58.64 -21.16
C LEU A 429 5.49 -59.97 -21.64
N LYS A 446 13.41 -57.17 -7.40
CA LYS A 446 14.57 -56.34 -7.12
C LYS A 446 14.15 -54.93 -6.71
N PHE A 447 13.91 -54.08 -7.70
CA PHE A 447 13.48 -52.71 -7.48
C PHE A 447 12.02 -52.58 -7.88
N ARG A 448 11.26 -51.81 -7.09
CA ARG A 448 9.83 -51.67 -7.36
C ARG A 448 9.60 -51.00 -8.70
N PHE A 449 10.38 -49.97 -9.01
CA PHE A 449 10.40 -49.32 -10.32
C PHE A 449 11.82 -49.29 -10.84
N THR A 450 11.98 -49.30 -12.15
CA THR A 450 13.28 -49.17 -12.78
C THR A 450 13.31 -47.91 -13.64
N PHE A 451 14.45 -47.69 -14.29
CA PHE A 451 14.67 -46.44 -15.02
C PHE A 451 13.82 -46.33 -16.29
N HIS A 452 13.27 -47.44 -16.78
CA HIS A 452 12.40 -47.34 -17.95
C HIS A 452 11.09 -46.62 -17.62
N GLU A 453 10.52 -46.88 -16.45
CA GLU A 453 9.29 -46.20 -16.07
C GLU A 453 9.52 -44.70 -15.90
N VAL A 454 10.60 -44.31 -15.24
CA VAL A 454 10.87 -42.88 -15.08
C VAL A 454 11.21 -42.25 -16.42
N SER A 455 11.86 -43.00 -17.31
CA SER A 455 12.12 -42.49 -18.66
C SER A 455 10.81 -42.24 -19.40
N LYS A 456 9.85 -43.15 -19.27
CA LYS A 456 8.56 -42.96 -19.91
C LYS A 456 7.80 -41.78 -19.31
N VAL A 457 7.88 -41.60 -18.00
CA VAL A 457 7.24 -40.45 -17.36
C VAL A 457 7.85 -39.15 -17.86
N LEU A 458 9.18 -39.10 -17.92
CA LEU A 458 9.85 -37.91 -18.45
C LEU A 458 9.47 -37.67 -19.91
N LYS A 459 9.37 -38.74 -20.69
CA LYS A 459 8.91 -38.62 -22.08
C LYS A 459 7.52 -38.01 -22.13
N ASP A 460 6.63 -38.44 -21.24
CA ASP A 460 5.29 -37.86 -21.20
C ASP A 460 5.33 -36.38 -20.84
N PHE A 461 6.23 -35.99 -19.95
CA PHE A 461 6.39 -34.58 -19.61
C PHE A 461 7.32 -33.86 -20.58
N LEU A 462 8.54 -34.37 -20.74
CA LEU A 462 9.51 -33.85 -21.69
C LEU A 462 9.69 -34.76 -22.90
N ASP A 463 8.99 -34.49 -24.00
CA ASP A 463 8.90 -35.38 -25.17
C ASP A 463 10.28 -35.92 -25.53
N ASP A 464 11.24 -35.08 -25.90
CA ASP A 464 12.57 -35.58 -26.27
C ASP A 464 13.71 -34.88 -25.54
N THR A 465 13.40 -34.01 -24.57
CA THR A 465 14.46 -33.36 -23.81
C THR A 465 15.23 -34.37 -22.97
N CYS A 466 14.54 -35.38 -22.44
CA CYS A 466 15.14 -36.37 -21.56
C CYS A 466 15.62 -37.61 -22.29
N LYS A 467 15.53 -37.63 -23.62
CA LYS A 467 15.95 -38.79 -24.40
C LYS A 467 17.41 -39.11 -24.17
N GLY A 468 17.68 -40.37 -23.80
CA GLY A 468 19.03 -40.84 -23.58
C GLY A 468 19.59 -40.56 -22.19
N PHE A 469 18.78 -40.02 -21.27
CA PHE A 469 19.27 -39.77 -19.93
C PHE A 469 19.63 -41.06 -19.21
N TYR A 470 18.78 -42.08 -19.34
CA TYR A 470 19.01 -43.37 -18.71
C TYR A 470 18.90 -44.55 -19.67
N GLN A 471 18.20 -44.41 -20.80
CA GLN A 471 18.16 -45.49 -21.78
C GLN A 471 19.54 -45.80 -22.32
N LYS A 472 20.33 -44.77 -22.62
CA LYS A 472 21.69 -44.97 -23.10
C LYS A 472 22.55 -45.59 -21.99
N LEU A 473 23.45 -46.47 -22.40
CA LEU A 473 24.34 -47.15 -21.46
C LEU A 473 25.76 -47.21 -21.99
N ASN A 489 18.94 -52.18 -20.95
CA ASN A 489 19.41 -50.92 -21.49
C ASN A 489 19.77 -49.94 -20.38
N LEU A 490 19.34 -50.26 -19.16
CA LEU A 490 19.63 -49.39 -18.03
C LEU A 490 21.13 -49.34 -17.79
N PRO A 491 21.67 -48.19 -17.35
CA PRO A 491 23.11 -48.07 -17.17
C PRO A 491 23.60 -48.91 -15.99
N ASP A 492 24.91 -48.84 -15.77
CA ASP A 492 25.51 -49.57 -14.66
C ASP A 492 25.09 -48.95 -13.32
N MET A 493 24.62 -49.80 -12.41
CA MET A 493 24.26 -49.32 -11.08
C MET A 493 25.47 -48.82 -10.30
N ASP A 494 26.67 -49.24 -10.68
CA ASP A 494 27.88 -48.90 -9.95
C ASP A 494 28.55 -47.62 -10.42
N ARG A 495 28.08 -47.00 -11.50
CA ARG A 495 28.72 -45.81 -12.03
C ARG A 495 28.12 -44.55 -11.43
N ARG A 496 28.99 -43.55 -11.25
CA ARG A 496 28.54 -42.24 -10.80
C ARG A 496 27.73 -41.57 -11.90
N CYS A 497 26.65 -40.89 -11.50
CA CYS A 497 25.82 -40.18 -12.46
C CYS A 497 26.62 -39.06 -13.12
N GLU A 498 26.52 -38.96 -14.45
CA GLU A 498 27.25 -37.93 -15.17
C GLU A 498 26.78 -36.54 -14.79
N HIS A 499 25.48 -36.37 -14.56
CA HIS A 499 24.88 -35.09 -14.16
C HIS A 499 24.08 -35.32 -12.89
N PRO A 500 24.76 -35.44 -11.74
CA PRO A 500 24.04 -35.79 -10.51
C PRO A 500 23.06 -34.73 -10.06
N TRP A 501 23.42 -33.45 -10.19
CA TRP A 501 22.51 -32.38 -9.79
C TRP A 501 21.30 -32.34 -10.71
N ARG A 502 21.50 -32.60 -12.01
CA ARG A 502 20.39 -32.69 -12.94
C ARG A 502 19.42 -33.80 -12.53
N ASP A 503 19.96 -34.97 -12.20
CA ASP A 503 19.12 -36.10 -11.82
C ASP A 503 18.37 -35.83 -10.52
N LEU A 504 19.06 -35.26 -9.52
CA LEU A 504 18.40 -34.94 -8.26
C LEU A 504 17.33 -33.87 -8.45
N PHE A 505 17.61 -32.88 -9.30
CA PHE A 505 16.61 -31.85 -9.59
C PHE A 505 15.38 -32.46 -10.25
N LEU A 506 15.58 -33.35 -11.23
CA LEU A 506 14.45 -34.01 -11.87
C LEU A 506 13.66 -34.85 -10.87
N TRP A 507 14.36 -35.59 -10.01
CA TRP A 507 13.70 -36.44 -9.03
C TRP A 507 12.89 -35.62 -8.04
N ALA A 508 13.42 -34.47 -7.60
CA ALA A 508 12.69 -33.64 -6.67
C ALA A 508 11.54 -32.89 -7.34
N ILE A 509 11.71 -32.49 -8.60
CA ILE A 509 10.64 -31.82 -9.32
C ILE A 509 9.47 -32.76 -9.58
N LEU A 510 9.78 -34.02 -9.94
CA LEU A 510 8.73 -34.96 -10.33
C LEU A 510 7.79 -35.33 -9.19
N GLN A 511 8.14 -34.98 -7.95
CA GLN A 511 7.31 -35.28 -6.79
C GLN A 511 6.97 -34.04 -5.97
N ASN A 512 6.97 -32.86 -6.62
CA ASN A 512 6.49 -31.61 -6.03
C ASN A 512 7.27 -31.25 -4.76
N ARG A 513 8.55 -31.57 -4.71
CA ARG A 513 9.41 -31.19 -3.59
C ARG A 513 10.20 -29.95 -4.01
N GLN A 514 9.55 -28.79 -3.85
CA GLN A 514 10.08 -27.57 -4.42
C GLN A 514 11.28 -27.01 -3.67
N GLU A 515 11.39 -27.28 -2.36
CA GLU A 515 12.55 -26.78 -1.62
C GLU A 515 13.83 -27.51 -2.05
N MET A 516 13.79 -28.84 -2.09
CA MET A 516 14.93 -29.59 -2.60
C MET A 516 15.16 -29.28 -4.07
N ALA A 517 14.09 -29.07 -4.84
CA ALA A 517 14.29 -28.72 -6.24
C ALA A 517 15.00 -27.38 -6.38
N ASN A 518 14.66 -26.41 -5.53
CA ASN A 518 15.37 -25.14 -5.52
C ASN A 518 16.83 -25.32 -5.14
N TYR A 519 17.10 -26.17 -4.15
CA TYR A 519 18.48 -26.40 -3.75
C TYR A 519 19.29 -27.05 -4.87
N PHE A 520 18.74 -28.10 -5.49
CA PHE A 520 19.45 -28.78 -6.56
C PHE A 520 19.60 -27.90 -7.79
N TRP A 521 18.66 -26.98 -8.00
CA TRP A 521 18.81 -26.00 -9.08
C TRP A 521 19.93 -25.02 -8.78
N ALA A 522 19.98 -24.51 -7.54
CA ALA A 522 21.04 -23.60 -7.15
C ALA A 522 22.40 -24.28 -7.13
N MET A 523 22.45 -25.60 -7.07
CA MET A 523 23.71 -26.34 -7.11
C MET A 523 24.02 -26.94 -8.47
N GLY A 524 23.30 -26.56 -9.52
CA GLY A 524 23.47 -27.17 -10.82
C GLY A 524 24.29 -26.34 -11.80
N PRO A 525 24.77 -26.98 -12.86
CA PRO A 525 25.63 -26.28 -13.82
C PRO A 525 24.88 -25.39 -14.81
N GLU A 526 23.69 -25.81 -15.23
CA GLU A 526 22.91 -25.10 -16.24
C GLU A 526 21.55 -24.79 -15.64
N ALA A 527 21.41 -23.59 -15.08
CA ALA A 527 20.26 -23.29 -14.24
C ALA A 527 19.09 -22.68 -14.98
N VAL A 528 19.31 -21.93 -16.06
CA VAL A 528 18.20 -21.35 -16.80
C VAL A 528 17.39 -22.45 -17.48
N ALA A 529 18.08 -23.37 -18.17
CA ALA A 529 17.40 -24.49 -18.80
C ALA A 529 16.73 -25.38 -17.77
N ALA A 530 17.39 -25.60 -16.63
CA ALA A 530 16.79 -26.40 -15.57
C ALA A 530 15.52 -25.76 -15.03
N ALA A 531 15.54 -24.43 -14.85
CA ALA A 531 14.35 -23.74 -14.36
C ALA A 531 13.22 -23.81 -15.36
N LEU A 532 13.53 -23.70 -16.66
CA LEU A 532 12.48 -23.83 -17.68
C LEU A 532 11.92 -25.25 -17.70
N VAL A 533 12.78 -26.26 -17.53
CA VAL A 533 12.31 -27.64 -17.43
C VAL A 533 11.40 -27.81 -16.22
N GLY A 534 11.79 -27.23 -15.08
CA GLY A 534 10.95 -27.31 -13.90
C GLY A 534 9.60 -26.65 -14.10
N CYS A 535 9.59 -25.49 -14.76
CA CYS A 535 8.34 -24.83 -15.09
C CYS A 535 7.44 -25.72 -15.95
N LYS A 536 8.04 -26.34 -16.98
CA LYS A 536 7.26 -27.23 -17.85
C LYS A 536 6.68 -28.40 -17.07
N ILE A 537 7.51 -29.05 -16.25
CA ILE A 537 7.05 -30.23 -15.55
C ILE A 537 5.98 -29.86 -14.52
N MET A 538 6.14 -28.71 -13.86
CA MET A 538 5.16 -28.28 -12.87
C MET A 538 3.81 -27.97 -13.53
N LYS A 539 3.83 -27.27 -14.65
CA LYS A 539 2.55 -26.99 -15.30
C LYS A 539 1.95 -28.23 -15.96
N GLU A 540 2.77 -29.24 -16.27
CA GLU A 540 2.23 -30.50 -16.76
C GLU A 540 1.58 -31.31 -15.64
N MET A 541 2.21 -31.33 -14.46
CA MET A 541 1.64 -32.06 -13.32
C MET A 541 0.46 -31.35 -12.68
N ALA A 542 0.35 -30.03 -12.85
CA ALA A 542 -0.79 -29.32 -12.26
C ALA A 542 -2.12 -29.83 -12.81
N HIS A 543 -2.12 -30.34 -14.05
CA HIS A 543 -3.33 -30.90 -14.63
C HIS A 543 -3.64 -32.29 -14.07
N LEU A 544 -2.61 -33.05 -13.69
CA LEU A 544 -2.79 -34.41 -13.19
C LEU A 544 -3.02 -34.48 -11.70
N ALA A 545 -2.86 -33.38 -10.97
CA ALA A 545 -2.97 -33.41 -9.52
C ALA A 545 -4.43 -33.60 -9.11
N THR A 546 -4.66 -34.55 -8.20
CA THR A 546 -6.00 -34.84 -7.71
C THR A 546 -6.43 -33.91 -6.59
N GLU A 547 -5.53 -33.62 -5.65
CA GLU A 547 -5.85 -32.72 -4.55
C GLU A 547 -5.70 -31.27 -5.00
N ALA A 548 -6.52 -30.39 -4.40
CA ALA A 548 -6.51 -28.99 -4.78
C ALA A 548 -5.29 -28.27 -4.22
N GLU A 549 -4.82 -28.65 -3.03
CA GLU A 549 -3.66 -27.99 -2.45
C GLU A 549 -2.40 -28.26 -3.26
N SER A 550 -2.18 -29.52 -3.64
CA SER A 550 -1.02 -29.86 -4.45
C SER A 550 -1.08 -29.19 -5.81
N ALA A 551 -2.27 -29.16 -6.43
CA ALA A 551 -2.42 -28.49 -7.71
C ALA A 551 -2.13 -27.00 -7.59
N ARG A 552 -2.58 -26.37 -6.51
CA ARG A 552 -2.28 -24.96 -6.28
C ARG A 552 -0.78 -24.73 -6.14
N SER A 553 -0.12 -25.59 -5.36
CA SER A 553 1.33 -25.46 -5.19
C SER A 553 2.06 -25.62 -6.51
N MET A 554 1.61 -26.56 -7.35
CA MET A 554 2.22 -26.72 -8.66
C MET A 554 1.95 -25.52 -9.54
N LYS A 555 0.77 -24.91 -9.44
CA LYS A 555 0.43 -23.73 -10.22
C LYS A 555 1.16 -22.48 -9.73
N ASN A 556 1.74 -22.52 -8.54
CA ASN A 556 2.55 -21.41 -8.01
C ASN A 556 4.01 -21.82 -7.85
N ALA A 557 4.56 -22.48 -8.89
CA ALA A 557 5.89 -23.07 -8.78
C ALA A 557 7.02 -22.05 -8.88
N LYS A 558 6.80 -20.94 -9.60
CA LYS A 558 7.75 -19.82 -9.72
C LYS A 558 9.16 -20.27 -10.09
N TYR A 559 9.25 -21.24 -11.00
CA TYR A 559 10.54 -21.60 -11.58
C TYR A 559 10.86 -20.73 -12.79
N GLU A 560 9.84 -20.36 -13.55
CA GLU A 560 10.02 -19.42 -14.64
C GLU A 560 10.52 -18.08 -14.13
N GLN A 561 10.09 -17.69 -12.93
CA GLN A 561 10.62 -16.49 -12.31
C GLN A 561 12.10 -16.64 -12.00
N PHE A 562 12.53 -17.82 -11.55
CA PHE A 562 13.95 -18.06 -11.33
C PHE A 562 14.74 -17.92 -12.62
N ALA A 563 14.23 -18.51 -13.71
CA ALA A 563 14.92 -18.39 -15.00
C ALA A 563 14.99 -16.93 -15.44
N MET A 564 13.88 -16.20 -15.28
CA MET A 564 13.85 -14.80 -15.68
C MET A 564 14.84 -13.96 -14.88
N ASP A 565 14.91 -14.18 -13.57
CA ASP A 565 15.79 -13.38 -12.74
C ASP A 565 17.26 -13.70 -13.00
N LEU A 566 17.58 -14.99 -13.15
CA LEU A 566 18.94 -15.37 -13.47
C LEU A 566 19.35 -14.81 -14.83
N PHE A 567 18.46 -14.85 -15.82
CA PHE A 567 18.79 -14.25 -17.11
C PHE A 567 18.87 -12.73 -17.02
N SER A 568 18.12 -12.11 -16.12
CA SER A 568 18.26 -10.68 -15.93
C SER A 568 19.64 -10.34 -15.40
N GLU A 569 20.13 -11.12 -14.42
CA GLU A 569 21.48 -10.93 -13.92
C GLU A 569 22.51 -11.14 -15.03
N CYS A 570 22.37 -12.22 -15.80
CA CYS A 570 23.31 -12.52 -16.87
C CYS A 570 23.31 -11.43 -17.94
N TYR A 571 22.13 -10.93 -18.30
CA TYR A 571 22.00 -9.93 -19.34
C TYR A 571 22.53 -8.58 -18.88
N SER A 572 22.36 -8.28 -17.59
CA SER A 572 22.95 -7.07 -17.04
C SER A 572 24.48 -7.17 -17.02
N ASN A 573 25.01 -8.36 -16.75
CA ASN A 573 26.46 -8.51 -16.64
C ASN A 573 27.14 -8.32 -18.00
N SER A 574 26.67 -9.01 -19.03
CA SER A 574 27.37 -9.03 -20.31
C SER A 574 26.53 -8.50 -21.46
N GLU A 575 25.30 -9.01 -21.63
CA GLU A 575 24.36 -8.62 -22.68
C GLU A 575 24.83 -9.15 -24.04
N ASP A 576 26.02 -9.73 -24.09
CA ASP A 576 26.52 -10.42 -25.27
C ASP A 576 26.73 -11.90 -25.02
N ARG A 577 27.29 -12.25 -23.85
CA ARG A 577 27.29 -13.65 -23.42
C ARG A 577 25.88 -14.13 -23.13
N ALA A 578 24.96 -13.21 -22.83
CA ALA A 578 23.57 -13.60 -22.59
C ALA A 578 22.92 -14.16 -23.84
N TYR A 579 23.18 -13.55 -25.01
CA TYR A 579 22.63 -14.09 -26.25
C TYR A 579 23.22 -15.44 -26.57
N SER A 580 24.53 -15.61 -26.35
CA SER A 580 25.15 -16.92 -26.56
C SER A 580 24.54 -17.96 -25.64
N LEU A 581 24.27 -17.58 -24.39
CA LEU A 581 23.59 -18.49 -23.46
C LEU A 581 22.19 -18.84 -23.97
N LEU A 582 21.50 -17.85 -24.55
CA LEU A 582 20.16 -18.10 -25.07
C LEU A 582 20.19 -19.07 -26.25
N VAL A 583 21.26 -19.03 -27.05
CA VAL A 583 21.29 -19.78 -28.30
C VAL A 583 22.17 -21.02 -28.24
N ARG A 584 22.98 -21.19 -27.20
CA ARG A 584 23.87 -22.35 -27.14
C ARG A 584 23.07 -23.61 -26.83
N LYS A 585 23.58 -24.74 -27.33
CA LYS A 585 22.94 -26.02 -27.12
C LYS A 585 23.44 -26.63 -25.82
N THR A 586 22.54 -26.80 -24.86
CA THR A 586 22.93 -27.22 -23.53
C THR A 586 23.43 -28.66 -23.53
N CYS A 587 24.43 -28.93 -22.69
CA CYS A 587 24.98 -30.28 -22.58
C CYS A 587 24.08 -31.20 -21.75
N CYS A 588 23.41 -30.66 -20.73
CA CYS A 588 22.65 -31.48 -19.80
C CYS A 588 21.23 -31.79 -20.26
N TRP A 589 20.78 -31.21 -21.38
CA TRP A 589 19.41 -31.39 -21.82
C TRP A 589 19.35 -31.81 -23.28
N SER A 590 20.24 -32.72 -23.68
CA SER A 590 20.20 -33.35 -25.00
C SER A 590 20.30 -32.30 -26.13
N LYS A 591 21.31 -31.44 -26.02
CA LYS A 591 21.62 -30.45 -27.05
C LYS A 591 20.41 -29.57 -27.37
N ALA A 592 19.63 -29.24 -26.34
CA ALA A 592 18.45 -28.40 -26.51
C ALA A 592 18.79 -26.96 -26.17
N THR A 593 18.43 -26.06 -27.06
CA THR A 593 18.65 -24.63 -26.85
C THR A 593 17.76 -24.15 -25.71
N VAL A 594 18.23 -23.13 -24.99
CA VAL A 594 17.45 -22.54 -23.91
C VAL A 594 16.13 -21.99 -24.46
N LEU A 595 16.17 -21.41 -25.66
CA LEU A 595 14.94 -20.96 -26.29
C LEU A 595 14.05 -22.14 -26.70
N ASN A 596 14.66 -23.25 -27.12
CA ASN A 596 13.87 -24.45 -27.39
C ASN A 596 13.18 -24.95 -26.14
N ILE A 597 13.89 -24.97 -25.02
CA ILE A 597 13.30 -25.44 -23.76
C ILE A 597 12.22 -24.47 -23.30
N ALA A 598 12.42 -23.17 -23.52
CA ALA A 598 11.38 -22.19 -23.18
C ALA A 598 10.15 -22.38 -24.04
N THR A 599 10.33 -22.66 -25.33
CA THR A 599 9.20 -22.92 -26.21
C THR A 599 8.44 -24.17 -25.79
N LEU A 600 9.15 -25.23 -25.46
CA LEU A 600 8.50 -26.45 -24.99
C LEU A 600 7.77 -26.20 -23.67
N ALA A 601 8.42 -25.50 -22.74
CA ALA A 601 7.81 -25.12 -21.47
C ALA A 601 6.70 -24.10 -21.63
N GLU A 602 6.59 -23.47 -22.81
CA GLU A 602 5.52 -22.52 -23.11
C GLU A 602 5.60 -21.34 -22.14
N ALA A 603 6.82 -20.90 -21.88
CA ALA A 603 7.13 -19.87 -20.88
C ALA A 603 6.87 -18.49 -21.50
N LYS A 604 5.66 -17.98 -21.28
CA LYS A 604 5.29 -16.68 -21.84
C LYS A 604 6.15 -15.56 -21.26
N CYS A 605 6.32 -15.55 -19.94
CA CYS A 605 7.00 -14.42 -19.30
C CYS A 605 8.50 -14.44 -19.53
N PHE A 606 9.07 -15.61 -19.78
CA PHE A 606 10.50 -15.67 -20.10
C PHE A 606 10.76 -15.07 -21.48
N PHE A 607 9.90 -15.35 -22.45
CA PHE A 607 10.03 -14.75 -23.77
C PHE A 607 9.73 -13.27 -23.76
N ALA A 608 9.04 -12.78 -22.73
CA ALA A 608 8.74 -11.36 -22.59
C ALA A 608 9.89 -10.58 -21.98
N HIS A 609 10.97 -11.24 -21.59
CA HIS A 609 12.13 -10.55 -21.02
C HIS A 609 12.76 -9.64 -22.07
N ASP A 610 13.37 -8.55 -21.60
CA ASP A 610 13.93 -7.57 -22.51
C ASP A 610 15.13 -8.11 -23.29
N GLY A 611 15.91 -9.02 -22.69
CA GLY A 611 17.03 -9.61 -23.41
C GLY A 611 16.58 -10.49 -24.56
N VAL A 612 15.57 -11.33 -24.34
CA VAL A 612 15.05 -12.18 -25.40
C VAL A 612 14.43 -11.34 -26.51
N GLN A 613 13.69 -10.29 -26.14
CA GLN A 613 13.09 -9.41 -27.13
C GLN A 613 14.16 -8.65 -27.91
N ALA A 614 15.25 -8.26 -27.26
CA ALA A 614 16.34 -7.58 -27.96
C ALA A 614 17.04 -8.53 -28.93
N LEU A 615 17.23 -9.78 -28.53
CA LEU A 615 17.79 -10.77 -29.45
C LEU A 615 16.86 -10.99 -30.64
N LEU A 616 15.55 -11.03 -30.38
CA LEU A 616 14.59 -11.17 -31.47
C LEU A 616 14.63 -9.98 -32.41
N THR A 617 14.79 -8.77 -31.86
CA THR A 617 14.92 -7.59 -32.71
C THR A 617 16.18 -7.65 -33.56
N LYS A 618 17.29 -8.10 -32.96
CA LYS A 618 18.53 -8.24 -33.72
C LYS A 618 18.37 -9.23 -34.85
N VAL A 619 17.69 -10.36 -34.59
CA VAL A 619 17.42 -11.32 -35.66
C VAL A 619 16.51 -10.70 -36.71
N TRP A 620 15.51 -9.94 -36.27
CA TRP A 620 14.53 -9.34 -37.18
C TRP A 620 15.18 -8.37 -38.15
N TRP A 621 16.08 -7.53 -37.66
CA TRP A 621 16.73 -6.56 -38.53
C TRP A 621 17.88 -7.15 -39.33
N GLY A 622 18.29 -8.38 -39.03
CA GLY A 622 19.32 -9.03 -39.84
C GLY A 622 20.64 -8.29 -39.76
N ALA A 623 21.29 -8.15 -40.91
CA ALA A 623 22.60 -7.51 -40.98
C ALA A 623 22.55 -6.00 -40.79
N MET A 624 21.36 -5.39 -40.84
CA MET A 624 21.27 -3.95 -40.68
C MET A 624 21.22 -3.57 -39.21
N ARG A 625 21.59 -2.32 -38.93
CA ARG A 625 21.52 -1.81 -37.57
C ARG A 625 20.08 -1.75 -37.10
N THR A 626 19.86 -2.08 -35.82
CA THR A 626 18.51 -2.14 -35.27
C THR A 626 17.85 -0.77 -35.14
N ASP A 627 18.61 0.32 -35.20
CA ASP A 627 18.06 1.66 -35.13
C ASP A 627 17.77 2.23 -36.52
N THR A 628 17.75 1.38 -37.54
CA THR A 628 17.45 1.83 -38.89
C THR A 628 16.04 2.41 -38.97
N SER A 629 15.92 3.58 -39.57
CA SER A 629 14.62 4.22 -39.74
C SER A 629 13.77 3.43 -40.73
N ILE A 630 12.46 3.38 -40.47
CA ILE A 630 11.56 2.65 -41.35
C ILE A 630 11.45 3.36 -42.70
N SER A 631 11.45 4.69 -42.70
CA SER A 631 11.30 5.44 -43.95
C SER A 631 12.44 5.16 -44.92
N ARG A 632 13.68 5.18 -44.42
CA ARG A 632 14.82 4.89 -45.27
C ARG A 632 14.80 3.44 -45.76
N LEU A 633 14.34 2.52 -44.90
CA LEU A 633 14.22 1.12 -45.32
C LEU A 633 13.21 0.96 -46.44
N VAL A 634 12.07 1.64 -46.34
CA VAL A 634 11.05 1.57 -47.38
C VAL A 634 11.57 2.20 -48.67
N LEU A 635 12.25 3.35 -48.56
CA LEU A 635 12.82 3.98 -49.75
C LEU A 635 13.86 3.10 -50.41
N THR A 636 14.63 2.36 -49.62
CA THR A 636 15.60 1.43 -50.18
C THR A 636 14.91 0.24 -50.83
N PHE A 637 13.78 -0.19 -50.26
CA PHE A 637 13.04 -1.31 -50.83
C PHE A 637 12.45 -0.94 -52.18
N PHE A 638 11.77 0.21 -52.27
CA PHE A 638 11.15 0.60 -53.52
C PHE A 638 12.17 0.98 -54.59
N ILE A 639 13.33 1.45 -54.18
CA ILE A 639 14.40 1.84 -55.09
C ILE A 639 15.63 0.99 -54.77
N PRO A 640 15.80 -0.14 -55.46
CA PRO A 640 16.87 -1.09 -55.11
C PRO A 640 18.27 -0.50 -55.12
N PRO A 641 18.62 0.41 -56.04
CA PRO A 641 20.01 0.90 -56.07
C PRO A 641 20.48 1.56 -54.78
N LEU A 642 19.57 2.03 -53.92
CA LEU A 642 19.98 2.64 -52.66
C LEU A 642 20.54 1.65 -51.65
N VAL A 643 20.56 0.35 -51.96
CA VAL A 643 21.15 -0.61 -51.03
C VAL A 643 22.65 -0.34 -50.88
N TRP A 644 23.31 0.08 -51.97
CA TRP A 644 24.74 0.28 -51.96
C TRP A 644 25.15 1.66 -51.45
N THR A 645 24.19 2.58 -51.32
CA THR A 645 24.46 3.88 -50.73
C THR A 645 24.59 3.75 -49.22
N SER A 646 25.17 4.77 -48.59
CA SER A 646 25.30 4.81 -47.14
C SER A 646 24.04 5.29 -46.44
N LEU A 647 22.90 5.23 -47.13
CA LEU A 647 21.64 5.61 -46.51
C LEU A 647 21.25 4.62 -45.41
N ILE A 648 21.65 3.36 -45.55
CA ILE A 648 21.33 2.31 -44.60
C ILE A 648 22.64 1.79 -44.02
N LYS A 649 22.76 1.86 -42.69
CA LYS A 649 23.96 1.37 -42.03
C LYS A 649 23.81 -0.11 -41.69
N PHE A 650 24.90 -0.86 -41.79
CA PHE A 650 24.91 -2.30 -41.58
C PHE A 650 25.78 -2.65 -40.38
N ASN A 651 25.44 -3.77 -39.75
CA ASN A 651 26.23 -4.28 -38.63
C ASN A 651 27.53 -4.88 -39.15
N PRO A 652 28.67 -4.53 -38.55
CA PRO A 652 29.94 -5.10 -39.01
C PRO A 652 29.95 -6.62 -38.94
N GLU A 653 30.52 -7.24 -39.96
CA GLU A 653 30.64 -8.70 -40.06
C GLU A 653 29.29 -9.38 -39.94
N SER A 698 37.81 -7.01 -60.42
CA SER A 698 36.41 -7.11 -60.80
C SER A 698 35.69 -8.17 -59.97
N ALA A 699 36.37 -9.30 -59.76
CA ALA A 699 35.80 -10.37 -58.97
C ALA A 699 35.53 -9.93 -57.53
N THR A 700 36.49 -9.21 -56.94
CA THR A 700 36.30 -8.70 -55.59
C THR A 700 35.12 -7.74 -55.51
N PHE A 701 35.01 -6.84 -56.50
CA PHE A 701 33.90 -5.90 -56.52
C PHE A 701 32.56 -6.62 -56.67
N ILE A 702 32.51 -7.63 -57.55
CA ILE A 702 31.29 -8.39 -57.73
C ILE A 702 30.91 -9.12 -56.44
N ARG A 703 31.89 -9.71 -55.77
CA ARG A 703 31.62 -10.39 -54.50
C ARG A 703 31.11 -9.40 -53.46
N VAL A 704 31.69 -8.21 -53.40
CA VAL A 704 31.28 -7.22 -52.40
C VAL A 704 29.86 -6.75 -52.66
N VAL A 705 29.53 -6.45 -53.91
CA VAL A 705 28.20 -5.95 -54.22
C VAL A 705 27.16 -7.06 -54.02
N LEU A 706 27.50 -8.30 -54.37
CA LEU A 706 26.60 -9.41 -54.13
C LEU A 706 26.37 -9.62 -52.64
N ARG A 707 27.43 -9.50 -51.84
CA ARG A 707 27.29 -9.66 -50.40
C ARG A 707 26.40 -8.58 -49.81
N ARG A 708 26.59 -7.32 -50.24
CA ARG A 708 25.73 -6.25 -49.74
C ARG A 708 24.27 -6.47 -50.14
N TRP A 709 24.04 -6.86 -51.40
CA TRP A 709 22.68 -7.11 -51.87
C TRP A 709 22.02 -8.22 -51.07
N ASN A 710 22.74 -9.33 -50.86
CA ASN A 710 22.16 -10.46 -50.14
C ASN A 710 22.00 -10.15 -48.66
N ARG A 711 22.83 -9.26 -48.12
CA ARG A 711 22.69 -8.87 -46.72
C ARG A 711 21.44 -8.02 -46.52
N PHE A 712 21.19 -7.08 -47.44
CA PHE A 712 19.98 -6.26 -47.30
C PHE A 712 18.73 -7.08 -47.59
N TRP A 713 18.72 -7.85 -48.67
CA TRP A 713 17.48 -8.41 -49.19
C TRP A 713 17.11 -9.74 -48.54
N SER A 714 17.91 -10.27 -47.62
CA SER A 714 17.57 -11.51 -46.94
C SER A 714 17.21 -11.30 -45.48
N ALA A 715 17.18 -10.07 -45.01
CA ALA A 715 16.79 -9.82 -43.63
C ALA A 715 15.30 -10.12 -43.46
N PRO A 716 14.87 -10.59 -42.29
CA PRO A 716 13.45 -10.88 -42.09
C PRO A 716 12.54 -9.69 -42.32
N VAL A 717 13.00 -8.48 -42.01
CA VAL A 717 12.13 -7.30 -42.14
C VAL A 717 11.86 -6.99 -43.60
N THR A 718 12.86 -7.12 -44.48
CA THR A 718 12.61 -6.88 -45.90
C THR A 718 11.78 -8.00 -46.51
N VAL A 719 11.97 -9.24 -46.05
CA VAL A 719 11.12 -10.32 -46.51
C VAL A 719 9.66 -10.06 -46.11
N PHE A 720 9.45 -9.58 -44.89
CA PHE A 720 8.11 -9.23 -44.44
C PHE A 720 7.51 -8.10 -45.27
N MET A 721 8.32 -7.07 -45.56
CA MET A 721 7.82 -5.96 -46.37
C MET A 721 7.45 -6.42 -47.77
N GLY A 722 8.29 -7.27 -48.37
CA GLY A 722 7.96 -7.81 -49.69
C GLY A 722 6.69 -8.64 -49.67
N ASN A 723 6.52 -9.45 -48.62
CA ASN A 723 5.31 -10.26 -48.51
C ASN A 723 4.07 -9.38 -48.35
N VAL A 724 4.17 -8.30 -47.57
CA VAL A 724 3.03 -7.40 -47.38
C VAL A 724 2.68 -6.70 -48.69
N ILE A 725 3.70 -6.19 -49.40
CA ILE A 725 3.45 -5.51 -50.66
C ILE A 725 2.83 -6.47 -51.67
N MET A 726 3.36 -7.69 -51.76
CA MET A 726 2.83 -8.64 -52.72
C MET A 726 1.45 -9.14 -52.34
N TYR A 727 1.12 -9.15 -51.04
CA TYR A 727 -0.23 -9.53 -50.66
C TYR A 727 -1.22 -8.42 -50.97
N PHE A 728 -0.81 -7.16 -50.81
CA PHE A 728 -1.64 -6.06 -51.27
C PHE A 728 -1.88 -6.16 -52.78
N ALA A 729 -0.83 -6.48 -53.53
CA ALA A 729 -0.96 -6.67 -54.97
C ALA A 729 -1.90 -7.84 -55.28
N PHE A 730 -1.79 -8.93 -54.51
CA PHE A 730 -2.68 -10.08 -54.70
C PHE A 730 -4.14 -9.70 -54.45
N LEU A 731 -4.40 -8.96 -53.39
CA LEU A 731 -5.78 -8.55 -53.11
C LEU A 731 -6.30 -7.64 -54.21
N ILE A 732 -5.46 -6.72 -54.68
CA ILE A 732 -5.88 -5.82 -55.76
C ILE A 732 -6.19 -6.62 -57.03
N LEU A 733 -5.33 -7.58 -57.38
CA LEU A 733 -5.56 -8.40 -58.56
C LEU A 733 -6.80 -9.26 -58.41
N PHE A 734 -7.00 -9.86 -57.23
CA PHE A 734 -8.17 -10.70 -56.99
C PHE A 734 -9.44 -9.89 -57.16
N SER A 735 -9.46 -8.67 -56.59
CA SER A 735 -10.64 -7.82 -56.70
C SER A 735 -10.84 -7.32 -58.12
N TYR A 736 -9.76 -7.06 -58.86
CA TYR A 736 -9.91 -6.66 -60.26
C TYR A 736 -10.52 -7.79 -61.08
N VAL A 737 -10.06 -9.02 -60.88
CA VAL A 737 -10.61 -10.17 -61.59
C VAL A 737 -12.07 -10.37 -61.21
N LEU A 738 -12.38 -10.27 -59.92
CA LEU A 738 -13.72 -10.54 -59.44
C LEU A 738 -14.71 -9.47 -59.89
N LEU A 739 -14.29 -8.21 -59.93
CA LEU A 739 -15.21 -7.10 -60.16
C LEU A 739 -15.29 -6.66 -61.61
N LEU A 740 -14.19 -6.72 -62.35
CA LEU A 740 -14.13 -6.13 -63.69
C LEU A 740 -13.69 -7.07 -64.79
N ASP A 741 -13.05 -8.20 -64.49
CA ASP A 741 -12.51 -9.09 -65.51
C ASP A 741 -12.90 -10.53 -65.23
N PHE A 742 -14.17 -10.75 -64.91
CA PHE A 742 -14.70 -12.10 -64.73
C PHE A 742 -15.51 -12.47 -65.96
N ARG A 743 -15.17 -13.59 -66.58
CA ARG A 743 -15.68 -13.93 -67.90
C ARG A 743 -16.51 -15.21 -67.89
N PRO A 744 -17.29 -15.48 -68.94
CA PRO A 744 -18.08 -16.71 -69.00
C PRO A 744 -17.21 -17.95 -68.94
N PRO A 745 -17.82 -19.14 -68.83
CA PRO A 745 -17.06 -20.38 -68.68
C PRO A 745 -16.08 -20.63 -69.83
N PRO A 746 -15.25 -21.67 -69.71
CA PRO A 746 -14.21 -21.95 -70.69
C PRO A 746 -14.67 -21.87 -72.14
N PRO A 747 -15.97 -22.16 -72.47
CA PRO A 747 -16.44 -21.86 -73.82
C PRO A 747 -15.97 -20.50 -74.35
N TYR A 748 -16.11 -19.47 -73.53
CA TYR A 748 -15.48 -18.18 -73.79
C TYR A 748 -14.12 -18.07 -73.12
N GLY A 749 -14.00 -18.51 -71.87
CA GLY A 749 -12.72 -18.70 -71.25
C GLY A 749 -12.45 -17.74 -70.11
N PRO A 750 -11.76 -18.23 -69.08
CA PRO A 750 -11.27 -17.33 -68.04
C PRO A 750 -10.25 -16.35 -68.62
N SER A 751 -10.26 -15.13 -68.09
CA SER A 751 -9.33 -14.12 -68.57
C SER A 751 -7.90 -14.48 -68.17
N ALA A 752 -6.95 -13.82 -68.82
CA ALA A 752 -5.54 -14.03 -68.49
C ALA A 752 -5.23 -13.64 -67.06
N ALA A 753 -5.86 -12.56 -66.58
CA ALA A 753 -5.67 -12.17 -65.18
C ALA A 753 -6.17 -13.25 -64.24
N GLU A 754 -7.24 -13.95 -64.61
CA GLU A 754 -7.72 -15.05 -63.79
C GLU A 754 -6.72 -16.21 -63.77
N ILE A 755 -6.07 -16.49 -64.89
CA ILE A 755 -5.05 -17.54 -64.92
C ILE A 755 -3.87 -17.14 -64.05
N ILE A 756 -3.45 -15.88 -64.13
CA ILE A 756 -2.38 -15.38 -63.27
C ILE A 756 -2.78 -15.50 -61.81
N LEU A 757 -4.05 -15.24 -61.51
CA LEU A 757 -4.55 -15.39 -60.14
C LEU A 757 -4.50 -16.83 -59.67
N TYR A 758 -4.87 -17.77 -60.55
CA TYR A 758 -4.77 -19.19 -60.22
C TYR A 758 -3.33 -19.57 -59.90
N PHE A 759 -2.39 -19.11 -60.73
CA PHE A 759 -0.98 -19.39 -60.46
C PHE A 759 -0.52 -18.75 -59.16
N TRP A 760 -1.01 -17.54 -58.87
CA TRP A 760 -0.64 -16.85 -57.64
C TRP A 760 -1.05 -17.69 -56.43
N VAL A 761 -2.32 -18.15 -56.45
CA VAL A 761 -2.84 -18.95 -55.34
C VAL A 761 -2.11 -20.29 -55.25
N PHE A 762 -1.72 -20.84 -56.40
CA PHE A 762 -0.91 -22.05 -56.39
C PHE A 762 0.41 -21.83 -55.66
N THR A 763 1.07 -20.69 -55.92
CA THR A 763 2.30 -20.37 -55.21
C THR A 763 2.05 -20.16 -53.72
N LEU A 764 0.93 -19.52 -53.38
CA LEU A 764 0.60 -19.32 -51.97
C LEU A 764 0.40 -20.65 -51.25
N VAL A 765 -0.30 -21.59 -51.90
CA VAL A 765 -0.51 -22.91 -51.33
C VAL A 765 0.82 -23.64 -51.17
N LEU A 766 1.70 -23.52 -52.17
CA LEU A 766 3.01 -24.15 -52.04
C LEU A 766 3.79 -23.59 -50.86
N GLU A 767 3.76 -22.27 -50.67
CA GLU A 767 4.46 -21.69 -49.53
C GLU A 767 3.87 -22.15 -48.21
N GLU A 768 2.54 -22.21 -48.11
CA GLU A 768 1.91 -22.70 -46.90
C GLU A 768 2.30 -24.15 -46.62
N ILE A 769 2.24 -25.00 -47.63
CA ILE A 769 2.54 -26.42 -47.46
C ILE A 769 4.01 -26.60 -47.06
N ARG A 770 4.91 -25.85 -47.71
CA ARG A 770 6.32 -25.93 -47.35
C ARG A 770 6.55 -25.51 -45.91
N GLN A 771 6.04 -24.33 -45.53
CA GLN A 771 6.25 -23.83 -44.18
C GLN A 771 5.67 -24.78 -43.14
N SER A 772 4.58 -25.47 -43.46
CA SER A 772 3.91 -26.31 -42.49
C SER A 772 4.47 -27.73 -42.39
N PHE A 773 4.89 -28.32 -43.51
CA PHE A 773 5.25 -29.73 -43.50
C PHE A 773 6.65 -30.05 -44.00
N PHE A 774 7.33 -29.13 -44.69
CA PHE A 774 8.64 -29.38 -45.26
C PHE A 774 9.73 -28.56 -44.60
N THR A 775 9.62 -28.34 -43.29
CA THR A 775 10.60 -27.55 -42.55
C THR A 775 11.28 -28.32 -41.43
N ASP A 776 10.66 -29.38 -40.91
CA ASP A 776 11.24 -30.18 -39.83
C ASP A 776 11.63 -31.54 -40.38
N GLU A 777 12.90 -31.90 -40.22
CA GLU A 777 13.36 -33.19 -40.71
C GLU A 777 12.77 -34.34 -39.91
N ASP A 778 12.78 -34.23 -38.58
CA ASP A 778 12.27 -35.28 -37.70
C ASP A 778 11.02 -34.75 -36.99
N MET A 779 9.85 -35.12 -37.50
CA MET A 779 8.59 -34.75 -36.90
C MET A 779 7.50 -35.57 -37.58
N SER A 780 6.51 -36.01 -36.81
CA SER A 780 5.48 -36.90 -37.36
C SER A 780 4.54 -36.14 -38.29
N ILE A 781 4.14 -36.81 -39.37
CA ILE A 781 3.22 -36.21 -40.33
C ILE A 781 1.87 -35.97 -39.68
N LEU A 782 1.35 -36.95 -38.94
CA LEU A 782 0.10 -36.77 -38.22
C LEU A 782 0.22 -35.67 -37.18
N LYS A 783 1.35 -35.63 -36.46
CA LYS A 783 1.57 -34.57 -35.48
C LYS A 783 1.68 -33.21 -36.17
N LYS A 784 2.34 -33.16 -37.34
CA LYS A 784 2.42 -31.90 -38.08
C LYS A 784 1.03 -31.43 -38.52
N MET A 785 0.18 -32.37 -38.97
CA MET A 785 -1.17 -31.99 -39.36
C MET A 785 -1.99 -31.53 -38.16
N LYS A 786 -1.81 -32.17 -37.01
CA LYS A 786 -2.48 -31.71 -35.79
C LYS A 786 -2.03 -30.31 -35.39
N LEU A 787 -0.72 -30.05 -35.48
CA LEU A 787 -0.22 -28.71 -35.18
C LEU A 787 -0.80 -27.68 -36.16
N TYR A 788 -0.87 -28.05 -37.44
CA TYR A 788 -1.46 -27.14 -38.43
C TYR A 788 -2.91 -26.83 -38.10
N VAL A 789 -3.72 -27.87 -37.90
CA VAL A 789 -5.15 -27.64 -37.64
C VAL A 789 -5.43 -27.08 -36.25
N GLU A 790 -4.42 -27.03 -35.38
CA GLU A 790 -4.61 -26.43 -34.06
C GLU A 790 -4.68 -24.91 -34.14
N ASP A 791 -4.21 -24.31 -35.23
CA ASP A 791 -4.19 -22.86 -35.37
C ASP A 791 -5.45 -22.40 -36.11
N ASN A 792 -6.16 -21.44 -35.52
CA ASN A 792 -7.40 -20.96 -36.12
C ASN A 792 -7.13 -20.20 -37.42
N TRP A 793 -6.01 -19.50 -37.51
CA TRP A 793 -5.66 -18.84 -38.77
C TRP A 793 -5.38 -19.88 -39.85
N ASN A 794 -4.83 -21.03 -39.47
CA ASN A 794 -4.68 -22.12 -40.44
C ASN A 794 -6.03 -22.67 -40.86
N LYS A 795 -7.01 -22.71 -39.95
CA LYS A 795 -8.36 -23.08 -40.33
C LYS A 795 -8.92 -22.10 -41.35
N CYS A 796 -8.67 -20.80 -41.14
CA CYS A 796 -9.08 -19.80 -42.12
C CYS A 796 -8.41 -20.02 -43.46
N ASP A 797 -7.12 -20.38 -43.44
CA ASP A 797 -6.40 -20.64 -44.70
C ASP A 797 -6.98 -21.85 -45.43
N MET A 798 -7.31 -22.91 -44.69
CA MET A 798 -7.93 -24.08 -45.32
C MET A 798 -9.30 -23.73 -45.89
N VAL A 799 -10.07 -22.92 -45.15
CA VAL A 799 -11.36 -22.48 -45.69
C VAL A 799 -11.17 -21.69 -46.97
N ALA A 800 -10.16 -20.82 -47.01
CA ALA A 800 -9.89 -20.03 -48.20
C ALA A 800 -9.52 -20.91 -49.39
N ILE A 801 -8.64 -21.89 -49.17
CA ILE A 801 -8.22 -22.72 -50.31
C ILE A 801 -9.37 -23.61 -50.77
N SER A 802 -10.18 -24.12 -49.84
CA SER A 802 -11.34 -24.92 -50.22
C SER A 802 -12.33 -24.10 -51.04
N LEU A 803 -12.59 -22.86 -50.60
CA LEU A 803 -13.49 -21.99 -51.34
C LEU A 803 -12.93 -21.67 -52.72
N PHE A 804 -11.62 -21.44 -52.82
CA PHE A 804 -11.03 -21.15 -54.12
C PHE A 804 -11.18 -22.33 -55.07
N VAL A 805 -10.89 -23.54 -54.58
CA VAL A 805 -10.99 -24.72 -55.44
C VAL A 805 -12.43 -24.95 -55.88
N VAL A 806 -13.37 -24.87 -54.93
CA VAL A 806 -14.77 -25.11 -55.26
C VAL A 806 -15.28 -24.05 -56.23
N GLY A 807 -14.92 -22.79 -56.01
CA GLY A 807 -15.36 -21.73 -56.89
C GLY A 807 -14.79 -21.87 -58.29
N LEU A 808 -13.51 -22.24 -58.40
CA LEU A 808 -12.91 -22.47 -59.72
C LEU A 808 -13.63 -23.60 -60.44
N SER A 809 -13.86 -24.71 -59.73
CA SER A 809 -14.51 -25.86 -60.34
C SER A 809 -15.92 -25.51 -60.83
N CYS A 810 -16.70 -24.82 -59.99
CA CYS A 810 -18.03 -24.40 -60.39
C CYS A 810 -17.98 -23.39 -61.53
N ARG A 811 -16.99 -22.50 -61.53
CA ARG A 811 -16.85 -21.49 -62.56
C ARG A 811 -16.51 -22.10 -63.91
N MET A 812 -15.85 -23.27 -63.92
CA MET A 812 -15.52 -23.91 -65.18
C MET A 812 -16.74 -24.48 -65.88
N ALA A 813 -17.89 -24.52 -65.22
CA ALA A 813 -19.11 -25.09 -65.78
C ALA A 813 -20.18 -24.02 -65.92
N MET A 814 -21.00 -24.13 -66.98
CA MET A 814 -22.05 -23.15 -67.20
C MET A 814 -23.16 -23.26 -66.16
N SER A 815 -23.52 -24.48 -65.77
CA SER A 815 -24.65 -24.66 -64.86
C SER A 815 -24.31 -24.22 -63.44
N THR A 816 -23.02 -24.11 -63.11
CA THR A 816 -22.58 -23.71 -61.78
C THR A 816 -21.74 -22.43 -61.81
N TYR A 817 -21.91 -21.63 -62.85
CA TYR A 817 -21.08 -20.44 -63.03
C TYR A 817 -21.36 -19.39 -61.95
N GLU A 818 -22.63 -19.09 -61.71
CA GLU A 818 -22.99 -18.09 -60.72
C GLU A 818 -22.60 -18.52 -59.31
N ALA A 819 -22.76 -19.81 -59.02
CA ALA A 819 -22.31 -20.33 -57.72
C ALA A 819 -20.80 -20.18 -57.58
N GLY A 820 -20.05 -20.41 -58.66
CA GLY A 820 -18.61 -20.20 -58.62
C GLY A 820 -18.25 -18.76 -58.35
N ARG A 821 -18.96 -17.82 -58.98
CA ARG A 821 -18.71 -16.40 -58.72
C ARG A 821 -19.00 -16.05 -57.26
N THR A 822 -20.10 -16.59 -56.72
CA THR A 822 -20.43 -16.34 -55.32
C THR A 822 -19.35 -16.87 -54.39
N VAL A 823 -18.89 -18.09 -54.63
CA VAL A 823 -17.89 -18.69 -53.77
C VAL A 823 -16.57 -17.94 -53.88
N LEU A 824 -16.24 -17.43 -55.07
CA LEU A 824 -15.01 -16.65 -55.22
C LEU A 824 -15.10 -15.30 -54.50
N ALA A 825 -16.29 -14.70 -54.47
CA ALA A 825 -16.47 -13.48 -53.68
C ALA A 825 -16.24 -13.77 -52.19
N LEU A 826 -16.83 -14.86 -51.70
CA LEU A 826 -16.58 -15.26 -50.32
C LEU A 826 -15.09 -15.50 -50.09
N ASP A 827 -14.40 -16.05 -51.10
CA ASP A 827 -12.97 -16.30 -50.98
C ASP A 827 -12.18 -15.00 -50.86
N PHE A 828 -12.57 -13.98 -51.63
CA PHE A 828 -11.92 -12.68 -51.46
C PHE A 828 -12.10 -12.18 -50.04
N MET A 829 -13.32 -12.33 -49.50
CA MET A 829 -13.55 -11.94 -48.11
C MET A 829 -12.57 -12.65 -47.18
N VAL A 830 -12.41 -13.96 -47.35
CA VAL A 830 -11.55 -14.74 -46.46
C VAL A 830 -10.09 -14.29 -46.57
N PHE A 831 -9.60 -14.08 -47.79
CA PHE A 831 -8.22 -13.64 -47.95
C PHE A 831 -7.98 -12.25 -47.35
N THR A 832 -8.93 -11.33 -47.56
CA THR A 832 -8.81 -10.01 -46.96
C THR A 832 -8.81 -10.11 -45.43
N LEU A 833 -9.52 -11.12 -44.89
CA LEU A 833 -9.44 -11.34 -43.45
C LEU A 833 -8.07 -11.88 -43.03
N ARG A 834 -7.47 -12.74 -43.86
CA ARG A 834 -6.12 -13.22 -43.58
C ARG A 834 -5.12 -12.06 -43.50
N LEU A 835 -5.43 -10.99 -44.23
CA LEU A 835 -4.57 -9.80 -44.18
C LEU A 835 -4.37 -9.30 -42.76
N ILE A 836 -5.36 -9.49 -41.87
CA ILE A 836 -5.18 -9.12 -40.47
C ILE A 836 -4.05 -9.93 -39.84
N HIS A 837 -4.06 -11.24 -40.05
CA HIS A 837 -3.03 -12.09 -39.47
C HIS A 837 -1.66 -11.78 -40.04
N ILE A 838 -1.60 -11.27 -41.28
CA ILE A 838 -0.28 -10.95 -41.85
C ILE A 838 0.44 -9.90 -41.00
N PHE A 839 -0.30 -8.99 -40.38
CA PHE A 839 0.28 -7.91 -39.59
C PHE A 839 0.41 -8.26 -38.11
N ALA A 840 0.40 -9.55 -37.75
CA ALA A 840 0.46 -9.95 -36.36
C ALA A 840 1.80 -9.63 -35.71
N ILE A 841 2.85 -9.35 -36.50
CA ILE A 841 4.18 -9.12 -35.96
C ILE A 841 4.42 -7.64 -35.65
N HIS A 842 3.47 -6.78 -35.97
CA HIS A 842 3.60 -5.36 -35.65
C HIS A 842 3.63 -5.16 -34.14
N LYS A 843 4.42 -4.16 -33.72
CA LYS A 843 4.63 -3.92 -32.29
C LYS A 843 3.32 -3.56 -31.59
N GLN A 844 2.46 -2.80 -32.25
CA GLN A 844 1.24 -2.29 -31.63
C GLN A 844 -0.04 -2.95 -32.14
N LEU A 845 0.02 -3.67 -33.25
CA LEU A 845 -1.20 -4.23 -33.85
C LEU A 845 -1.53 -5.61 -33.31
N GLY A 846 -0.51 -6.43 -33.02
CA GLY A 846 -0.72 -7.78 -32.56
C GLY A 846 -1.43 -7.91 -31.22
N PRO A 847 -0.98 -7.16 -30.22
CA PRO A 847 -1.69 -7.17 -28.93
C PRO A 847 -3.14 -6.76 -29.04
N LYS A 848 -3.47 -5.86 -29.98
CA LYS A 848 -4.86 -5.48 -30.17
C LYS A 848 -5.68 -6.65 -30.73
N ILE A 849 -5.08 -7.44 -31.62
CA ILE A 849 -5.74 -8.63 -32.13
C ILE A 849 -6.01 -9.61 -31.00
N ILE A 850 -5.01 -9.81 -30.13
CA ILE A 850 -5.21 -10.69 -28.97
C ILE A 850 -6.31 -10.16 -28.06
N ILE A 851 -6.36 -8.83 -27.89
CA ILE A 851 -7.37 -8.22 -27.03
C ILE A 851 -8.77 -8.44 -27.61
N VAL A 852 -8.91 -8.31 -28.93
CA VAL A 852 -10.19 -8.60 -29.57
C VAL A 852 -10.59 -10.05 -29.33
N GLU A 853 -9.63 -10.97 -29.49
CA GLU A 853 -9.90 -12.37 -29.17
C GLU A 853 -10.38 -12.54 -27.74
N ARG A 854 -9.86 -11.72 -26.82
CA ARG A 854 -10.28 -11.83 -25.43
C ARG A 854 -11.67 -11.24 -25.19
N MET A 855 -12.07 -10.24 -25.99
CA MET A 855 -13.39 -9.61 -25.82
C MET A 855 -14.51 -10.33 -26.56
N ILE A 856 -14.17 -11.31 -27.40
CA ILE A 856 -15.22 -12.11 -28.05
C ILE A 856 -16.18 -12.71 -27.03
N LYS A 857 -15.72 -12.99 -25.81
CA LYS A 857 -16.60 -13.60 -24.81
C LYS A 857 -17.66 -12.61 -24.30
N ASP A 858 -17.29 -11.35 -24.09
CA ASP A 858 -18.28 -10.33 -23.76
C ASP A 858 -19.25 -10.14 -24.92
N VAL A 859 -18.73 -10.21 -26.15
CA VAL A 859 -19.62 -10.18 -27.31
C VAL A 859 -20.64 -11.30 -27.23
N PHE A 860 -20.21 -12.49 -26.81
CA PHE A 860 -21.10 -13.64 -26.75
C PHE A 860 -22.14 -13.49 -25.64
N PHE A 861 -21.76 -12.91 -24.49
CA PHE A 861 -22.74 -12.65 -23.44
C PHE A 861 -23.82 -11.69 -23.93
N PHE A 862 -23.39 -10.58 -24.55
CA PHE A 862 -24.35 -9.65 -25.15
C PHE A 862 -25.24 -10.36 -26.15
N LEU A 863 -24.65 -11.25 -26.96
CA LEU A 863 -25.42 -11.96 -27.97
C LEU A 863 -26.45 -12.90 -27.36
N PHE A 864 -26.11 -13.56 -26.25
CA PHE A 864 -27.10 -14.41 -25.57
C PHE A 864 -28.30 -13.59 -25.11
N PHE A 865 -28.04 -12.50 -24.37
CA PHE A 865 -29.16 -11.70 -23.87
C PHE A 865 -29.98 -11.12 -25.02
N LEU A 866 -29.29 -10.58 -26.03
CA LEU A 866 -29.96 -10.00 -27.19
C LEU A 866 -30.76 -11.04 -27.94
N SER A 867 -30.22 -12.25 -28.09
CA SER A 867 -30.93 -13.30 -28.81
C SER A 867 -32.23 -13.66 -28.11
N VAL A 868 -32.18 -13.81 -26.78
CA VAL A 868 -33.40 -14.17 -26.06
C VAL A 868 -34.46 -13.08 -26.23
N TRP A 869 -34.07 -11.82 -25.96
CA TRP A 869 -35.06 -10.74 -26.04
C TRP A 869 -35.54 -10.54 -27.47
N LEU A 870 -34.65 -10.70 -28.44
CA LEU A 870 -34.99 -10.51 -29.84
C LEU A 870 -35.96 -11.56 -30.33
N ILE A 871 -35.74 -12.83 -29.97
CA ILE A 871 -36.67 -13.87 -30.36
C ILE A 871 -38.04 -13.62 -29.75
N ALA A 872 -38.07 -13.29 -28.45
CA ALA A 872 -39.35 -13.03 -27.80
C ALA A 872 -40.10 -11.90 -28.50
N TYR A 873 -39.45 -10.74 -28.66
CA TYR A 873 -40.12 -9.59 -29.25
C TYR A 873 -40.52 -9.84 -30.69
N GLY A 874 -39.63 -10.44 -31.48
CA GLY A 874 -39.92 -10.65 -32.89
C GLY A 874 -41.08 -11.60 -33.11
N VAL A 875 -41.09 -12.73 -32.40
CA VAL A 875 -42.19 -13.67 -32.60
C VAL A 875 -43.50 -13.08 -32.08
N THR A 876 -43.45 -12.37 -30.94
CA THR A 876 -44.67 -11.75 -30.43
C THR A 876 -45.22 -10.73 -31.42
N THR A 877 -44.35 -9.90 -32.00
CA THR A 877 -44.81 -8.89 -32.95
C THR A 877 -45.31 -9.52 -34.24
N GLN A 878 -44.66 -10.58 -34.71
CA GLN A 878 -45.16 -11.31 -35.87
C GLN A 878 -46.55 -11.88 -35.62
N ALA A 879 -46.77 -12.45 -34.43
CA ALA A 879 -48.09 -12.98 -34.11
C ALA A 879 -49.13 -11.88 -34.00
N LEU A 880 -48.77 -10.76 -33.37
CA LEU A 880 -49.72 -9.68 -33.16
C LEU A 880 -50.04 -8.91 -34.44
N LEU A 881 -49.13 -8.90 -35.41
CA LEU A 881 -49.20 -7.95 -36.53
C LEU A 881 -49.54 -8.61 -37.85
N HIS A 882 -49.05 -9.82 -38.12
CA HIS A 882 -49.37 -10.56 -39.33
C HIS A 882 -49.77 -11.98 -38.98
N PRO A 883 -50.94 -12.16 -38.34
CA PRO A 883 -51.36 -13.53 -37.98
C PRO A 883 -51.70 -14.39 -39.18
N ASN A 884 -51.99 -13.81 -40.33
CA ASN A 884 -52.47 -14.54 -41.49
C ASN A 884 -51.42 -14.75 -42.58
N ASP A 885 -50.16 -14.38 -42.33
CA ASP A 885 -49.11 -14.54 -43.33
C ASP A 885 -48.52 -15.95 -43.22
N PRO A 886 -48.64 -16.79 -44.25
CA PRO A 886 -48.12 -18.15 -44.15
C PRO A 886 -46.69 -18.33 -44.64
N ARG A 887 -46.10 -17.32 -45.25
CA ARG A 887 -44.78 -17.48 -45.85
C ARG A 887 -43.70 -17.60 -44.78
N ILE A 888 -42.95 -18.70 -44.82
CA ILE A 888 -41.95 -18.96 -43.80
C ILE A 888 -40.82 -17.95 -43.88
N ASP A 889 -40.41 -17.57 -45.10
CA ASP A 889 -39.31 -16.64 -45.26
C ASP A 889 -39.66 -15.28 -44.64
N TRP A 890 -40.89 -14.81 -44.85
CA TRP A 890 -41.29 -13.54 -44.27
C TRP A 890 -41.54 -13.64 -42.77
N VAL A 891 -41.98 -14.80 -42.30
CA VAL A 891 -42.07 -15.02 -40.85
C VAL A 891 -40.70 -14.85 -40.21
N PHE A 892 -39.69 -15.52 -40.76
CA PHE A 892 -38.33 -15.38 -40.22
C PHE A 892 -37.80 -13.97 -40.40
N ARG A 893 -38.12 -13.32 -41.54
CA ARG A 893 -37.75 -11.93 -41.72
C ARG A 893 -38.24 -11.07 -40.57
N ARG A 894 -39.57 -10.98 -40.42
CA ARG A 894 -40.14 -10.10 -39.41
C ARG A 894 -39.84 -10.56 -37.99
N ALA A 895 -39.45 -11.82 -37.79
CA ALA A 895 -39.17 -12.30 -36.44
C ALA A 895 -37.72 -12.13 -36.03
N LEU A 896 -36.78 -12.11 -36.96
CA LEU A 896 -35.39 -12.00 -36.53
C LEU A 896 -34.64 -10.88 -37.23
N TYR A 897 -34.87 -10.65 -38.52
CA TYR A 897 -34.08 -9.70 -39.28
C TYR A 897 -34.40 -8.27 -38.88
N ARG A 898 -35.69 -7.96 -38.68
CA ARG A 898 -36.08 -6.61 -38.29
C ARG A 898 -35.67 -6.28 -36.86
N PRO A 899 -35.99 -7.09 -35.84
CA PRO A 899 -35.53 -6.75 -34.48
C PRO A 899 -34.02 -6.67 -34.37
N TYR A 900 -33.29 -7.46 -35.15
CA TYR A 900 -31.84 -7.36 -35.16
C TYR A 900 -31.39 -6.01 -35.69
N LEU A 901 -32.04 -5.53 -36.75
CA LEU A 901 -31.69 -4.22 -37.29
C LEU A 901 -32.12 -3.08 -36.38
N HIS A 902 -33.07 -3.33 -35.46
CA HIS A 902 -33.39 -2.32 -34.47
C HIS A 902 -32.19 -1.93 -33.64
N ILE A 903 -31.21 -2.84 -33.50
CA ILE A 903 -30.03 -2.55 -32.69
C ILE A 903 -29.19 -1.44 -33.32
N PHE A 904 -29.15 -1.40 -34.65
CA PHE A 904 -28.34 -0.41 -35.37
C PHE A 904 -29.16 0.80 -35.81
N GLY A 905 -30.22 1.12 -35.09
CA GLY A 905 -31.00 2.31 -35.39
C GLY A 905 -31.95 2.19 -36.56
N GLN A 906 -32.15 0.99 -37.09
CA GLN A 906 -33.08 0.78 -38.20
C GLN A 906 -34.43 0.38 -37.62
N ILE A 907 -35.26 1.39 -37.35
CA ILE A 907 -36.59 1.16 -36.80
C ILE A 907 -37.63 1.57 -37.83
N PRO A 908 -38.15 0.64 -38.63
CA PRO A 908 -39.18 0.94 -39.65
C PRO A 908 -40.60 1.00 -39.08
N LEU A 909 -40.95 2.17 -38.54
CA LEU A 909 -42.29 2.36 -37.98
C LEU A 909 -43.38 2.30 -39.03
N GLU A 910 -43.04 2.34 -40.32
CA GLU A 910 -44.04 2.29 -41.37
C GLU A 910 -44.77 0.96 -41.44
N GLU A 911 -44.24 -0.08 -40.80
CA GLU A 911 -44.91 -1.37 -40.74
C GLU A 911 -45.08 -1.88 -39.31
N ILE A 912 -44.94 -1.01 -38.32
CA ILE A 912 -45.13 -1.40 -36.93
C ILE A 912 -46.23 -0.54 -36.31
N ASP A 913 -46.37 0.69 -36.80
CA ASP A 913 -47.31 1.66 -36.25
C ASP A 913 -48.39 1.95 -37.29
N ALA A 914 -49.65 1.77 -36.87
CA ALA A 914 -50.77 1.91 -37.80
C ALA A 914 -50.89 3.33 -38.33
N ALA A 915 -50.67 4.32 -37.47
CA ALA A 915 -50.79 5.71 -37.91
C ALA A 915 -49.76 6.07 -38.97
N LYS A 916 -48.69 5.29 -39.07
CA LYS A 916 -47.63 5.53 -40.05
C LYS A 916 -47.65 4.54 -41.21
N MET A 917 -48.59 3.61 -41.22
CA MET A 917 -48.60 2.56 -42.24
C MET A 917 -49.14 3.13 -43.55
N PRO A 918 -48.40 3.01 -44.65
CA PRO A 918 -48.88 3.55 -45.93
C PRO A 918 -50.12 2.82 -46.41
N ASP A 919 -51.03 3.58 -47.01
CA ASP A 919 -52.31 3.03 -47.47
C ASP A 919 -52.25 2.61 -48.94
N ASP A 920 -51.25 1.78 -49.26
CA ASP A 920 -51.23 1.10 -50.54
C ASP A 920 -52.17 -0.10 -50.47
N ASN A 921 -52.89 -0.38 -51.56
CA ASN A 921 -53.92 -1.40 -51.47
C ASN A 921 -53.31 -2.78 -51.36
N CYS A 922 -53.76 -3.53 -50.36
CA CYS A 922 -53.14 -4.77 -49.93
C CYS A 922 -54.24 -5.78 -49.61
N THR A 923 -53.90 -7.06 -49.71
CA THR A 923 -54.88 -8.13 -49.67
C THR A 923 -54.89 -8.84 -48.33
N THR A 924 -56.06 -9.38 -47.98
CA THR A 924 -56.21 -10.26 -46.82
C THR A 924 -56.46 -11.69 -47.24
N ASP A 925 -56.39 -12.00 -48.53
CA ASP A 925 -56.61 -13.35 -49.04
C ASP A 925 -55.31 -14.13 -48.96
N VAL A 926 -55.39 -15.35 -48.42
CA VAL A 926 -54.20 -16.17 -48.21
C VAL A 926 -53.53 -16.49 -49.54
N GLN A 927 -54.31 -16.88 -50.54
CA GLN A 927 -53.74 -17.23 -51.83
C GLN A 927 -53.04 -16.05 -52.49
N GLU A 928 -53.65 -14.85 -52.40
CA GLU A 928 -53.03 -13.67 -52.98
C GLU A 928 -51.78 -13.27 -52.22
N ILE A 929 -51.74 -13.51 -50.90
CA ILE A 929 -50.54 -13.24 -50.13
C ILE A 929 -49.42 -14.19 -50.55
N ILE A 930 -49.74 -15.47 -50.71
CA ILE A 930 -48.73 -16.46 -51.08
C ILE A 930 -48.20 -16.17 -52.48
N LEU A 931 -49.09 -15.86 -53.42
CA LEU A 931 -48.66 -15.56 -54.78
C LEU A 931 -47.83 -14.28 -54.87
N GLY A 932 -47.90 -13.41 -53.87
CA GLY A 932 -47.14 -12.18 -53.88
C GLY A 932 -47.71 -11.08 -54.75
N THR A 933 -48.95 -11.21 -55.21
CA THR A 933 -49.54 -10.17 -56.04
C THR A 933 -49.72 -8.88 -55.25
N LEU A 934 -50.07 -8.99 -53.97
CA LEU A 934 -50.22 -7.84 -53.09
C LEU A 934 -49.63 -8.16 -51.73
N PRO A 935 -49.09 -7.16 -51.03
CA PRO A 935 -48.60 -7.41 -49.68
C PRO A 935 -49.73 -7.73 -48.73
N PRO A 936 -49.48 -8.50 -47.68
CA PRO A 936 -50.54 -8.78 -46.71
C PRO A 936 -50.93 -7.54 -45.92
N CYS A 937 -52.18 -7.54 -45.45
CA CYS A 937 -52.66 -6.43 -44.64
C CYS A 937 -52.24 -6.63 -43.19
N PRO A 938 -51.44 -5.73 -42.62
CA PRO A 938 -51.02 -5.90 -41.22
C PRO A 938 -52.21 -5.68 -40.28
N ASN A 939 -52.39 -6.64 -39.38
CA ASN A 939 -53.48 -6.55 -38.40
C ASN A 939 -53.21 -5.41 -37.42
N ILE A 940 -54.22 -4.59 -37.18
CA ILE A 940 -54.09 -3.44 -36.29
C ILE A 940 -55.08 -3.56 -35.14
N TYR A 941 -55.41 -4.80 -34.76
CA TYR A 941 -56.39 -5.02 -33.71
C TYR A 941 -56.00 -4.34 -32.41
N ALA A 942 -54.88 -4.76 -31.83
CA ALA A 942 -54.33 -4.11 -30.64
C ALA A 942 -52.94 -3.61 -31.00
N ASN A 943 -52.89 -2.40 -31.57
CA ASN A 943 -51.62 -1.82 -31.98
C ASN A 943 -50.93 -1.07 -30.85
N TRP A 944 -51.68 -0.61 -29.85
CA TRP A 944 -51.05 -0.02 -28.67
C TRP A 944 -50.10 -1.01 -28.02
N LEU A 945 -50.46 -2.29 -28.01
CA LEU A 945 -49.57 -3.32 -27.47
C LEU A 945 -48.32 -3.46 -28.31
N VAL A 946 -48.46 -3.40 -29.64
CA VAL A 946 -47.28 -3.49 -30.52
C VAL A 946 -46.34 -2.32 -30.26
N ILE A 947 -46.89 -1.11 -30.15
CA ILE A 947 -46.05 0.07 -29.90
C ILE A 947 -45.40 0.00 -28.53
N LEU A 948 -46.16 -0.44 -27.52
CA LEU A 948 -45.59 -0.57 -26.17
C LEU A 948 -44.48 -1.61 -26.14
N LEU A 949 -44.67 -2.74 -26.83
CA LEU A 949 -43.63 -3.76 -26.88
C LEU A 949 -42.39 -3.24 -27.61
N LEU A 950 -42.59 -2.49 -28.69
CA LEU A 950 -41.46 -1.88 -29.38
C LEU A 950 -40.71 -0.93 -28.45
N VAL A 951 -41.45 -0.13 -27.69
CA VAL A 951 -40.83 0.82 -26.77
C VAL A 951 -39.99 0.08 -25.73
N ILE A 952 -40.57 -0.96 -25.13
CA ILE A 952 -39.86 -1.71 -24.08
C ILE A 952 -38.64 -2.41 -24.65
N TYR A 953 -38.79 -3.05 -25.82
CA TYR A 953 -37.68 -3.76 -26.44
C TYR A 953 -36.56 -2.80 -26.82
N LEU A 954 -36.90 -1.64 -27.37
CA LEU A 954 -35.90 -0.64 -27.69
C LEU A 954 -35.17 -0.20 -26.44
N LEU A 955 -35.91 0.14 -25.39
CA LEU A 955 -35.28 0.48 -24.12
C LEU A 955 -34.26 -0.58 -23.72
N VAL A 956 -34.73 -1.81 -23.52
CA VAL A 956 -33.87 -2.88 -23.03
C VAL A 956 -32.64 -3.02 -23.91
N THR A 957 -32.84 -3.37 -25.18
CA THR A 957 -31.72 -3.74 -26.03
C THR A 957 -30.80 -2.56 -26.31
N ASN A 958 -31.37 -1.43 -26.76
CA ASN A 958 -30.53 -0.32 -27.21
C ASN A 958 -29.96 0.50 -26.07
N VAL A 959 -30.42 0.32 -24.83
CA VAL A 959 -29.84 1.08 -23.74
C VAL A 959 -29.08 0.13 -22.82
N LEU A 960 -29.82 -0.76 -22.16
CA LEU A 960 -29.23 -1.55 -21.09
C LEU A 960 -28.17 -2.51 -21.63
N LEU A 961 -28.54 -3.30 -22.64
CA LEU A 961 -27.63 -4.32 -23.16
C LEU A 961 -26.43 -3.69 -23.84
N LEU A 962 -26.65 -2.65 -24.65
CA LEU A 962 -25.56 -2.05 -25.39
C LEU A 962 -24.57 -1.35 -24.46
N ASN A 963 -25.06 -0.56 -23.50
CA ASN A 963 -24.14 0.13 -22.61
C ASN A 963 -23.50 -0.84 -21.61
N LEU A 964 -24.19 -1.92 -21.25
CA LEU A 964 -23.57 -2.97 -20.46
C LEU A 964 -22.44 -3.63 -21.21
N LEU A 965 -22.62 -3.84 -22.51
CA LEU A 965 -21.54 -4.39 -23.32
C LEU A 965 -20.36 -3.43 -23.39
N ILE A 966 -20.64 -2.12 -23.48
CA ILE A 966 -19.56 -1.13 -23.46
C ILE A 966 -18.80 -1.21 -22.15
N ALA A 967 -19.51 -1.32 -21.03
CA ALA A 967 -18.87 -1.42 -19.73
C ALA A 967 -18.03 -2.69 -19.62
N MET A 968 -18.55 -3.82 -20.14
CA MET A 968 -17.80 -5.07 -20.10
C MET A 968 -16.53 -4.98 -20.93
N PHE A 969 -16.60 -4.37 -22.12
CA PHE A 969 -15.37 -4.15 -22.89
C PHE A 969 -14.38 -3.29 -22.14
N SER A 970 -14.85 -2.22 -21.49
CA SER A 970 -13.93 -1.37 -20.74
C SER A 970 -13.19 -2.17 -19.68
N TYR A 971 -13.94 -2.91 -18.86
CA TYR A 971 -13.32 -3.68 -17.79
C TYR A 971 -12.38 -4.76 -18.35
N THR A 972 -12.81 -5.45 -19.40
CA THR A 972 -12.00 -6.52 -19.98
C THR A 972 -10.70 -5.97 -20.56
N PHE A 973 -10.77 -4.83 -21.25
CA PHE A 973 -9.55 -4.20 -21.76
C PHE A 973 -8.59 -3.90 -20.64
N GLN A 974 -9.09 -3.25 -19.58
CA GLN A 974 -8.22 -2.84 -18.49
C GLN A 974 -7.60 -4.05 -17.79
N VAL A 975 -8.32 -5.16 -17.70
CA VAL A 975 -7.78 -6.34 -17.00
C VAL A 975 -7.06 -7.31 -17.92
N VAL A 976 -7.06 -7.09 -19.23
CA VAL A 976 -6.47 -8.04 -20.16
C VAL A 976 -5.19 -7.51 -20.82
N GLN A 977 -5.04 -6.18 -20.96
CA GLN A 977 -3.98 -5.63 -21.80
C GLN A 977 -2.60 -6.23 -21.52
N GLU A 978 -2.25 -6.40 -20.24
CA GLU A 978 -0.89 -6.83 -19.90
C GLU A 978 -0.63 -8.26 -20.33
N ASN A 979 -1.56 -9.17 -20.01
CA ASN A 979 -1.41 -10.56 -20.42
C ASN A 979 -1.44 -10.68 -21.94
N ALA A 980 -2.25 -9.82 -22.60
CA ALA A 980 -2.26 -9.80 -24.06
C ALA A 980 -0.89 -9.41 -24.60
N ASP A 981 -0.23 -8.44 -23.97
CA ASP A 981 1.10 -8.04 -24.42
C ASP A 981 2.13 -9.15 -24.22
N ILE A 982 2.07 -9.85 -23.08
CA ILE A 982 2.99 -10.97 -22.85
C ILE A 982 2.77 -12.06 -23.90
N PHE A 983 1.51 -12.38 -24.17
CA PHE A 983 1.19 -13.35 -25.20
C PHE A 983 1.70 -12.90 -26.57
N TRP A 984 1.60 -11.60 -26.87
CA TRP A 984 2.11 -11.11 -28.14
C TRP A 984 3.62 -11.29 -28.24
N LYS A 985 4.34 -11.03 -27.14
CA LYS A 985 5.78 -11.23 -27.19
C LYS A 985 6.13 -12.69 -27.45
N PHE A 986 5.42 -13.61 -26.78
CA PHE A 986 5.66 -15.02 -27.04
C PHE A 986 5.36 -15.38 -28.49
N GLN A 987 4.26 -14.86 -29.03
CA GLN A 987 3.91 -15.14 -30.43
C GLN A 987 4.92 -14.51 -31.39
N ARG A 988 5.43 -13.32 -31.05
CA ARG A 988 6.43 -12.65 -31.87
C ARG A 988 7.70 -13.49 -31.97
N TYR A 989 8.07 -14.19 -30.90
CA TYR A 989 9.19 -15.11 -31.00
C TYR A 989 9.00 -16.10 -32.16
N ASN A 990 7.85 -16.77 -32.18
CA ASN A 990 7.60 -17.78 -33.21
C ASN A 990 7.51 -17.14 -34.60
N LEU A 991 6.88 -15.96 -34.69
CA LEU A 991 6.77 -15.28 -35.97
C LEU A 991 8.15 -14.94 -36.52
N ILE A 992 9.06 -14.47 -35.67
CA ILE A 992 10.40 -14.14 -36.12
C ILE A 992 11.19 -15.40 -36.48
N VAL A 993 10.99 -16.48 -35.72
CA VAL A 993 11.68 -17.73 -36.03
C VAL A 993 11.22 -18.29 -37.38
N GLU A 994 9.96 -18.04 -37.74
CA GLU A 994 9.44 -18.55 -39.00
C GLU A 994 10.20 -18.04 -40.21
N TYR A 995 10.91 -16.92 -40.09
CA TYR A 995 11.61 -16.33 -41.23
C TYR A 995 12.96 -16.97 -41.51
N HIS A 996 13.44 -17.85 -40.63
CA HIS A 996 14.75 -18.47 -40.86
C HIS A 996 14.74 -19.35 -42.10
N SER A 997 13.69 -20.15 -42.30
CA SER A 997 13.57 -20.99 -43.48
C SER A 997 12.72 -20.37 -44.57
N ARG A 998 12.17 -19.19 -44.35
CA ARG A 998 11.31 -18.55 -45.33
C ARG A 998 12.15 -17.94 -46.44
N PRO A 999 11.89 -18.26 -47.70
CA PRO A 999 12.67 -17.66 -48.79
C PRO A 999 12.44 -16.16 -48.90
N ALA A 1000 13.45 -15.47 -49.42
CA ALA A 1000 13.41 -14.02 -49.53
C ALA A 1000 12.53 -13.51 -50.66
N LEU A 1001 12.02 -14.39 -51.51
CA LEU A 1001 11.16 -13.98 -52.62
C LEU A 1001 9.71 -14.18 -52.24
N ALA A 1002 8.91 -13.12 -52.40
CA ALA A 1002 7.48 -13.18 -52.15
C ALA A 1002 6.76 -13.82 -53.32
N PRO A 1003 5.57 -14.36 -53.10
CA PRO A 1003 4.80 -14.90 -54.21
C PRO A 1003 4.43 -13.80 -55.19
N PRO A 1004 4.30 -14.14 -56.48
CA PRO A 1004 4.37 -15.49 -57.03
C PRO A 1004 5.80 -15.91 -57.35
N PHE A 1005 6.74 -14.99 -57.13
CA PHE A 1005 8.15 -15.27 -57.38
C PHE A 1005 8.72 -16.35 -56.47
N ILE A 1006 7.99 -16.71 -55.41
CA ILE A 1006 8.45 -17.75 -54.50
C ILE A 1006 8.49 -19.11 -55.17
N ILE A 1007 7.86 -19.25 -56.34
CA ILE A 1007 7.97 -20.49 -57.10
C ILE A 1007 9.42 -20.73 -57.52
N ILE A 1008 10.16 -19.65 -57.82
CA ILE A 1008 11.57 -19.79 -58.17
C ILE A 1008 12.34 -20.39 -57.00
N SER A 1009 12.10 -19.87 -55.79
CA SER A 1009 12.77 -20.38 -54.61
C SER A 1009 12.40 -21.83 -54.34
N HIS A 1010 11.11 -22.16 -54.49
CA HIS A 1010 10.67 -23.54 -54.27
C HIS A 1010 11.34 -24.50 -55.24
N ILE A 1011 11.37 -24.14 -56.52
CA ILE A 1011 12.02 -25.00 -57.52
C ILE A 1011 13.51 -25.12 -57.24
N THR A 1012 14.15 -24.00 -56.88
CA THR A 1012 15.59 -24.03 -56.61
C THR A 1012 15.91 -24.94 -55.44
N GLN A 1013 15.12 -24.83 -54.35
CA GLN A 1013 15.36 -25.67 -53.19
C GLN A 1013 15.09 -27.15 -53.51
N ALA A 1014 14.02 -27.43 -54.26
CA ALA A 1014 13.73 -28.82 -54.60
C ALA A 1014 14.84 -29.41 -55.46
N LEU A 1015 15.32 -28.65 -56.44
CA LEU A 1015 16.40 -29.13 -57.31
C LEU A 1015 17.69 -29.33 -56.51
N LEU A 1016 18.02 -28.40 -55.62
CA LEU A 1016 19.23 -28.54 -54.82
C LEU A 1016 19.15 -29.75 -53.90
N SER A 1017 17.98 -29.99 -53.30
CA SER A 1017 17.81 -31.15 -52.44
C SER A 1017 17.91 -32.45 -53.22
N PHE A 1018 17.24 -32.53 -54.37
CA PHE A 1018 17.27 -33.76 -55.15
C PHE A 1018 18.66 -34.04 -55.70
N ILE A 1019 19.36 -33.01 -56.19
CA ILE A 1019 20.69 -33.21 -56.75
C ILE A 1019 21.69 -33.52 -55.65
N LYS A 1020 21.64 -32.77 -54.55
CA LYS A 1020 22.58 -32.97 -53.45
C LYS A 1020 21.91 -33.72 -52.30
N ASP A 1027 21.99 -20.81 -38.72
CA ASP A 1027 20.99 -19.96 -38.10
C ASP A 1027 21.60 -19.14 -36.97
N LEU A 1028 21.08 -17.93 -36.78
CA LEU A 1028 21.51 -17.12 -35.64
C LEU A 1028 21.17 -17.81 -34.33
N LEU A 1029 20.01 -18.44 -34.26
CA LEU A 1029 19.60 -19.17 -33.07
C LEU A 1029 20.09 -20.61 -33.15
N GLU A 1030 20.15 -21.26 -31.99
CA GLU A 1030 20.47 -22.69 -31.89
C GLU A 1030 21.80 -23.02 -32.57
N ARG A 1031 22.89 -22.52 -31.99
CA ARG A 1031 24.22 -22.73 -32.51
C ARG A 1031 25.03 -23.62 -31.56
N GLU A 1032 25.91 -24.43 -32.13
CA GLU A 1032 26.82 -25.28 -31.36
C GLU A 1032 28.18 -24.63 -31.28
N LEU A 1033 28.68 -24.48 -30.05
CA LEU A 1033 29.92 -23.77 -29.79
C LEU A 1033 31.06 -24.75 -29.56
N PRO A 1034 32.31 -24.31 -29.75
CA PRO A 1034 33.45 -25.14 -29.40
C PRO A 1034 33.51 -25.40 -27.90
N SER A 1035 34.29 -26.41 -27.52
CA SER A 1035 34.29 -26.89 -26.14
C SER A 1035 34.77 -25.80 -25.18
N GLY A 1036 35.83 -25.07 -25.55
CA GLY A 1036 36.37 -24.06 -24.66
C GLY A 1036 35.39 -22.94 -24.39
N LEU A 1037 34.77 -22.41 -25.45
CA LEU A 1037 33.80 -21.33 -25.29
C LEU A 1037 32.58 -21.82 -24.52
N ASP A 1038 32.13 -23.04 -24.79
CA ASP A 1038 30.97 -23.58 -24.09
C ASP A 1038 31.25 -23.73 -22.60
N GLN A 1039 32.44 -24.21 -22.24
CA GLN A 1039 32.82 -24.31 -20.83
C GLN A 1039 32.90 -22.94 -20.19
N LYS A 1040 33.49 -21.97 -20.91
CA LYS A 1040 33.58 -20.61 -20.38
C LYS A 1040 32.19 -20.04 -20.13
N LEU A 1041 31.25 -20.30 -21.04
CA LEU A 1041 29.90 -19.78 -20.88
C LEU A 1041 29.16 -20.43 -19.73
N MET A 1042 29.32 -21.75 -19.55
CA MET A 1042 28.68 -22.39 -18.40
C MET A 1042 29.29 -21.92 -17.08
N THR A 1043 30.61 -21.72 -17.05
CA THR A 1043 31.24 -21.19 -15.85
C THR A 1043 30.75 -19.78 -15.55
N TRP A 1044 30.60 -18.95 -16.59
CA TRP A 1044 30.07 -17.60 -16.41
C TRP A 1044 28.63 -17.66 -15.90
N GLU A 1045 27.83 -18.58 -16.42
CA GLU A 1045 26.46 -18.74 -15.94
C GLU A 1045 26.44 -19.13 -14.48
N THR A 1046 27.31 -20.04 -14.07
CA THR A 1046 27.37 -20.46 -12.68
C THR A 1046 27.78 -19.30 -11.78
N VAL A 1047 28.75 -18.50 -12.22
CA VAL A 1047 29.17 -17.34 -11.44
C VAL A 1047 28.04 -16.33 -11.31
N GLN A 1048 27.32 -16.08 -12.41
CA GLN A 1048 26.18 -15.17 -12.35
C GLN A 1048 25.10 -15.69 -11.42
N LYS A 1049 24.86 -17.00 -11.44
CA LYS A 1049 23.87 -17.59 -10.53
C LYS A 1049 24.31 -17.45 -9.08
N GLU A 1050 25.59 -17.65 -8.81
CA GLU A 1050 26.10 -17.46 -7.45
C GLU A 1050 25.92 -16.00 -7.00
N ASN A 1051 26.20 -15.06 -7.90
CA ASN A 1051 25.99 -13.65 -7.58
C ASN A 1051 24.52 -13.37 -7.31
N TYR A 1052 23.63 -13.92 -8.13
CA TYR A 1052 22.19 -13.73 -7.93
C TYR A 1052 21.74 -14.28 -6.58
N LEU A 1053 22.18 -15.48 -6.23
CA LEU A 1053 21.79 -16.09 -4.96
C LEU A 1053 22.36 -15.31 -3.79
N ALA A 1054 23.60 -14.85 -3.90
CA ALA A 1054 24.21 -14.06 -2.84
C ALA A 1054 23.46 -12.74 -2.65
N LYS A 1055 23.08 -12.09 -3.74
CA LYS A 1055 22.32 -10.84 -3.63
C LYS A 1055 20.95 -11.09 -3.02
N LEU A 1056 20.30 -12.19 -3.39
CA LEU A 1056 19.01 -12.53 -2.76
C LEU A 1056 19.16 -12.74 -1.27
N GLU A 1057 20.16 -13.53 -0.86
CA GLU A 1057 20.35 -13.80 0.56
C GLU A 1057 20.74 -12.53 1.31
N HIS A 1058 21.49 -11.64 0.66
CA HIS A 1058 21.85 -10.37 1.27
C HIS A 1058 20.61 -9.50 1.49
N GLU A 1059 19.84 -9.27 0.42
CA GLU A 1059 18.67 -8.40 0.56
C GLU A 1059 17.64 -9.00 1.50
N HIS A 1060 17.67 -10.32 1.69
CA HIS A 1060 16.85 -10.93 2.73
C HIS A 1060 17.43 -10.65 4.11
N ARG A 1061 18.76 -10.69 4.24
CA ARG A 1061 19.38 -10.61 5.55
C ARG A 1061 19.24 -9.22 6.16
N GLU A 1062 19.31 -8.17 5.35
CA GLU A 1062 19.06 -6.81 5.82
C GLU A 1062 17.65 -6.33 5.51
N SER A 1063 16.67 -7.23 5.61
CA SER A 1063 15.28 -6.83 5.55
C SER A 1063 14.80 -6.44 6.95
N SER A 1064 13.69 -5.68 6.98
CA SER A 1064 13.18 -5.19 8.26
C SER A 1064 12.74 -6.33 9.16
N GLY A 1065 12.08 -7.34 8.60
CA GLY A 1065 11.63 -8.45 9.41
C GLY A 1065 12.77 -9.26 10.02
N GLU A 1066 13.81 -9.51 9.23
CA GLU A 1066 14.96 -10.24 9.75
C GLU A 1066 15.70 -9.42 10.80
N ARG A 1067 15.78 -8.10 10.60
CA ARG A 1067 16.38 -7.26 11.62
C ARG A 1067 15.58 -7.30 12.92
N LEU A 1068 14.24 -7.26 12.83
CA LEU A 1068 13.43 -7.34 14.03
C LEU A 1068 13.60 -8.69 14.72
N ARG A 1069 13.63 -9.77 13.95
CA ARG A 1069 13.84 -11.09 14.53
C ARG A 1069 15.18 -11.19 15.24
N TYR A 1070 16.24 -10.71 14.59
CA TYR A 1070 17.57 -10.72 15.18
C TYR A 1070 17.60 -9.90 16.46
N THR A 1071 17.02 -8.70 16.43
CA THR A 1071 17.02 -7.84 17.61
C THR A 1071 16.26 -8.49 18.76
N SER A 1072 15.09 -9.09 18.47
CA SER A 1072 14.31 -9.73 19.53
C SER A 1072 15.08 -10.89 20.15
N SER A 1073 15.64 -11.78 19.31
CA SER A 1073 16.36 -12.94 19.85
C SER A 1073 17.57 -12.51 20.66
N LYS A 1074 18.37 -11.57 20.13
CA LYS A 1074 19.55 -11.13 20.84
C LYS A 1074 19.21 -10.36 22.10
N VAL A 1075 18.11 -9.61 22.10
CA VAL A 1075 17.70 -8.91 23.32
C VAL A 1075 17.26 -9.90 24.38
N GLN A 1076 16.55 -10.97 23.98
CA GLN A 1076 16.18 -12.00 24.95
C GLN A 1076 17.42 -12.67 25.54
N THR A 1077 18.37 -13.07 24.70
CA THR A 1077 19.58 -13.71 25.20
C THR A 1077 20.38 -12.76 26.09
N LEU A 1078 20.49 -11.50 25.68
CA LEU A 1078 21.21 -10.51 26.46
C LEU A 1078 20.54 -10.26 27.80
N LEU A 1079 19.21 -10.25 27.82
CA LEU A 1079 18.49 -10.07 29.08
C LEU A 1079 18.76 -11.24 30.01
N ARG A 1080 18.75 -12.47 29.50
CA ARG A 1080 19.04 -13.62 30.35
C ARG A 1080 20.47 -13.56 30.89
N MET A 1081 21.44 -13.23 30.05
CA MET A 1081 22.83 -13.16 30.51
C MET A 1081 23.02 -12.04 31.52
N VAL A 1082 22.41 -10.88 31.28
CA VAL A 1082 22.53 -9.77 32.22
C VAL A 1082 21.80 -10.08 33.52
N GLY A 1083 20.73 -10.86 33.47
CA GLY A 1083 20.10 -11.31 34.70
C GLY A 1083 21.00 -12.23 35.50
N GLY A 1084 21.70 -13.14 34.80
CA GLY A 1084 22.69 -13.95 35.49
C GLY A 1084 23.80 -13.11 36.11
N PHE A 1085 24.26 -12.10 35.38
CA PHE A 1085 25.29 -11.20 35.91
C PHE A 1085 24.78 -10.42 37.11
N LYS A 1086 23.52 -9.97 37.07
CA LYS A 1086 22.93 -9.28 38.21
C LYS A 1086 22.78 -10.20 39.41
N ASP A 1087 22.43 -11.46 39.18
CA ASP A 1087 22.40 -12.43 40.28
C ASP A 1087 23.78 -12.60 40.89
N GLN A 1088 24.82 -12.70 40.05
CA GLN A 1088 26.18 -12.80 40.57
C GLN A 1088 26.57 -11.56 41.36
N GLU A 1089 26.18 -10.37 40.88
CA GLU A 1089 26.48 -9.14 41.60
C GLU A 1089 25.75 -9.09 42.94
N LYS A 1090 24.50 -9.54 42.98
CA LYS A 1090 23.77 -9.61 44.24
C LYS A 1090 24.44 -10.56 45.21
N ARG A 1091 24.92 -11.71 44.71
CA ARG A 1091 25.69 -12.61 45.55
C ARG A 1091 27.00 -11.98 45.99
N MET A 1092 27.68 -11.27 45.10
CA MET A 1092 28.95 -10.61 45.42
C MET A 1092 28.71 -9.27 46.10
N ARG B 16 -29.30 15.39 64.25
CA ARG B 16 -27.97 15.75 63.79
C ARG B 16 -27.86 15.60 62.28
N LEU B 17 -28.65 14.70 61.72
CA LEU B 17 -28.68 14.52 60.27
C LEU B 17 -29.31 15.75 59.62
N GLY B 18 -28.91 16.02 58.38
CA GLY B 18 -29.43 17.18 57.67
C GLY B 18 -29.09 17.11 56.20
N ASP B 19 -29.31 18.23 55.52
CA ASP B 19 -29.05 18.36 54.11
C ASP B 19 -28.54 19.77 53.83
N ILE B 20 -27.80 19.92 52.73
CA ILE B 20 -27.23 21.20 52.33
C ILE B 20 -27.68 21.52 50.91
N ASP B 21 -28.17 22.74 50.71
CA ASP B 21 -28.42 23.27 49.38
C ASP B 21 -27.32 24.27 49.07
N PHE B 22 -26.26 23.82 48.40
CA PHE B 22 -25.09 24.65 48.14
C PHE B 22 -25.45 25.73 47.13
N THR B 23 -25.29 26.98 47.54
CA THR B 23 -25.54 28.13 46.66
C THR B 23 -24.22 28.68 46.17
N GLY B 24 -24.11 28.91 44.87
CA GLY B 24 -22.88 29.38 44.28
C GLY B 24 -22.76 29.08 42.81
N VAL B 25 -21.63 28.48 42.41
CA VAL B 25 -21.40 28.16 41.00
C VAL B 25 -22.45 27.18 40.50
N SER B 26 -22.70 26.11 41.26
CA SER B 26 -23.68 25.12 40.88
C SER B 26 -24.52 24.75 42.09
N ARG B 27 -25.81 24.54 41.86
CA ARG B 27 -26.73 24.14 42.91
C ARG B 27 -26.59 22.64 43.16
N THR B 28 -25.99 22.27 44.28
CA THR B 28 -25.76 20.87 44.64
C THR B 28 -26.42 20.57 45.97
N ARG B 29 -26.99 19.37 46.08
CA ARG B 29 -27.64 18.90 47.29
C ARG B 29 -26.72 17.92 48.00
N GLY B 30 -26.29 18.27 49.20
CA GLY B 30 -25.43 17.41 49.99
C GLY B 30 -26.01 17.19 51.37
N LYS B 31 -25.60 16.09 51.98
CA LYS B 31 -26.02 15.73 53.33
C LYS B 31 -24.84 15.77 54.28
N PHE B 32 -25.13 15.67 55.57
CA PHE B 32 -24.07 15.70 56.58
C PHE B 32 -24.56 14.99 57.83
N VAL B 33 -23.61 14.70 58.71
CA VAL B 33 -23.91 14.23 60.06
C VAL B 33 -22.92 14.88 61.03
N ARG B 34 -23.42 15.33 62.16
CA ARG B 34 -22.58 15.85 63.23
C ARG B 34 -22.28 14.71 64.20
N VAL B 35 -21.00 14.42 64.39
CA VAL B 35 -20.56 13.34 65.26
C VAL B 35 -19.47 13.85 66.19
N THR B 36 -19.25 13.11 67.27
CA THR B 36 -18.24 13.42 68.27
C THR B 36 -17.30 12.23 68.40
N SER B 37 -16.14 12.47 68.99
CA SER B 37 -15.15 11.40 69.15
C SER B 37 -15.68 10.24 69.98
N SER B 38 -16.74 10.46 70.75
CA SER B 38 -17.31 9.41 71.60
C SER B 38 -18.20 8.42 70.85
N THR B 39 -18.65 8.77 69.64
CA THR B 39 -19.57 7.87 68.94
C THR B 39 -18.80 6.70 68.33
N ASP B 40 -19.49 5.56 68.23
CA ASP B 40 -18.89 4.38 67.64
C ASP B 40 -18.86 4.53 66.11
N PRO B 41 -17.79 4.08 65.45
CA PRO B 41 -17.76 4.15 63.97
C PRO B 41 -18.82 3.28 63.32
N ALA B 42 -19.23 2.19 63.98
CA ALA B 42 -20.22 1.30 63.39
C ALA B 42 -21.55 2.01 63.17
N GLU B 43 -21.92 2.91 64.07
CA GLU B 43 -23.16 3.67 63.90
C GLU B 43 -23.08 4.55 62.66
N ILE B 44 -21.95 5.23 62.45
CA ILE B 44 -21.79 6.07 61.27
C ILE B 44 -21.79 5.24 60.00
N TYR B 45 -21.16 4.07 60.03
CA TYR B 45 -21.19 3.18 58.87
C TYR B 45 -22.61 2.71 58.57
N GLN B 46 -23.38 2.37 59.61
CA GLN B 46 -24.77 1.97 59.40
C GLN B 46 -25.58 3.11 58.81
N ILE B 47 -25.34 4.34 59.29
CA ILE B 47 -26.04 5.49 58.73
C ILE B 47 -25.69 5.66 57.25
N LEU B 48 -24.40 5.57 56.93
CA LEU B 48 -23.97 5.70 55.54
C LEU B 48 -24.60 4.64 54.65
N THR B 49 -24.69 3.40 55.15
CA THR B 49 -25.20 2.31 54.34
C THR B 49 -26.72 2.41 54.15
N LYS B 50 -27.44 2.69 55.23
CA LYS B 50 -28.91 2.61 55.20
C LYS B 50 -29.57 3.98 55.02
N GLN B 51 -29.27 4.93 55.90
CA GLN B 51 -30.00 6.19 55.93
C GLN B 51 -29.73 7.04 54.69
N TRP B 52 -28.61 6.81 53.99
CA TRP B 52 -28.27 7.59 52.82
C TRP B 52 -28.21 6.79 51.54
N GLY B 53 -28.46 5.49 51.58
CA GLY B 53 -28.54 4.68 50.38
C GLY B 53 -27.22 4.39 49.69
N LEU B 54 -26.10 4.47 50.40
CA LEU B 54 -24.79 4.22 49.80
C LEU B 54 -24.46 2.74 49.95
N ALA B 55 -24.38 2.05 48.81
CA ALA B 55 -24.09 0.63 48.79
C ALA B 55 -22.68 0.36 49.33
N PRO B 56 -22.42 -0.81 49.89
CA PRO B 56 -21.07 -1.11 50.36
C PRO B 56 -20.11 -1.21 49.19
N PRO B 57 -18.98 -0.52 49.25
CA PRO B 57 -18.12 -0.37 48.08
C PRO B 57 -17.22 -1.58 47.86
N HIS B 58 -16.69 -1.65 46.65
CA HIS B 58 -15.67 -2.62 46.29
C HIS B 58 -14.26 -2.07 46.49
N LEU B 59 -14.12 -0.80 46.86
CA LEU B 59 -12.82 -0.19 47.08
C LEU B 59 -13.00 1.05 47.94
N VAL B 60 -12.11 1.25 48.89
CA VAL B 60 -12.08 2.44 49.73
C VAL B 60 -10.71 3.08 49.63
N VAL B 61 -10.66 4.34 49.21
CA VAL B 61 -9.42 5.08 49.06
C VAL B 61 -9.45 6.27 50.01
N ALA B 62 -8.56 6.26 50.99
CA ALA B 62 -8.47 7.33 51.98
C ALA B 62 -7.37 8.30 51.57
N LEU B 63 -7.67 9.59 51.68
CA LEU B 63 -6.74 10.64 51.29
C LEU B 63 -6.13 11.29 52.52
N MET B 64 -4.81 11.30 52.60
CA MET B 64 -4.09 11.86 53.72
C MET B 64 -3.09 12.90 53.23
N GLY B 65 -3.03 14.03 53.92
CA GLY B 65 -2.18 15.12 53.47
C GLY B 65 -2.89 15.98 52.44
N GLY B 66 -2.10 16.80 51.75
CA GLY B 66 -2.63 17.68 50.72
C GLY B 66 -3.30 18.94 51.23
N ASP B 67 -3.31 19.18 52.54
CA ASP B 67 -3.89 20.37 53.12
C ASP B 67 -2.82 21.40 53.51
N GLU B 68 -1.58 21.20 53.09
CA GLU B 68 -0.50 22.10 53.46
C GLU B 68 -0.52 23.35 52.58
N VAL B 69 0.37 24.29 52.92
CA VAL B 69 0.45 25.55 52.18
C VAL B 69 0.81 25.30 50.72
N ALA B 70 1.80 24.43 50.49
CA ALA B 70 2.27 24.13 49.16
C ALA B 70 1.37 23.08 48.52
N GLN B 71 0.75 23.44 47.40
CA GLN B 71 -0.12 22.52 46.68
C GLN B 71 0.64 21.88 45.52
N LEU B 72 0.08 20.80 45.01
CA LEU B 72 0.74 20.02 43.96
C LEU B 72 0.84 20.82 42.66
N LYS B 73 1.74 20.39 41.79
CA LYS B 73 1.80 20.95 40.46
C LYS B 73 0.51 20.61 39.70
N PRO B 74 0.07 21.51 38.81
CA PRO B 74 -1.20 21.23 38.10
C PRO B 74 -1.19 19.91 37.35
N TRP B 75 -0.09 19.56 36.69
CA TRP B 75 -0.05 18.30 35.96
C TRP B 75 -0.11 17.10 36.92
N LEU B 76 0.59 17.18 38.05
CA LEU B 76 0.59 16.07 38.99
C LEU B 76 -0.79 15.86 39.60
N ARG B 77 -1.45 16.94 40.01
CA ARG B 77 -2.78 16.78 40.60
C ARG B 77 -3.80 16.36 39.56
N ASP B 78 -3.66 16.84 38.32
CA ASP B 78 -4.57 16.42 37.26
C ASP B 78 -4.43 14.93 36.98
N THR B 79 -3.19 14.44 36.80
CA THR B 79 -3.02 13.02 36.54
C THR B 79 -3.45 12.19 37.74
N LEU B 80 -3.22 12.69 38.96
CA LEU B 80 -3.67 11.98 40.15
C LEU B 80 -5.18 11.85 40.18
N ARG B 81 -5.90 12.95 39.98
CA ARG B 81 -7.36 12.91 40.05
C ARG B 81 -7.94 12.06 38.92
N LYS B 82 -7.39 12.18 37.71
CA LYS B 82 -7.90 11.38 36.61
C LYS B 82 -7.67 9.89 36.85
N GLY B 83 -6.47 9.52 37.32
CA GLY B 83 -6.22 8.11 37.59
C GLY B 83 -7.09 7.57 38.72
N LEU B 84 -7.28 8.37 39.78
CA LEU B 84 -8.11 7.94 40.89
C LEU B 84 -9.56 7.74 40.44
N VAL B 85 -10.09 8.67 39.66
CA VAL B 85 -11.48 8.56 39.23
C VAL B 85 -11.65 7.39 38.26
N LYS B 86 -10.69 7.21 37.35
CA LYS B 86 -10.79 6.10 36.41
C LYS B 86 -10.65 4.76 37.09
N ALA B 87 -9.83 4.67 38.14
CA ALA B 87 -9.72 3.42 38.88
C ALA B 87 -10.94 3.17 39.76
N ALA B 88 -11.59 4.23 40.23
CA ALA B 88 -12.78 4.07 41.06
C ALA B 88 -14.05 3.83 40.24
N GLN B 89 -14.07 4.22 38.96
CA GLN B 89 -15.29 4.08 38.18
C GLN B 89 -15.56 2.64 37.75
N SER B 90 -14.53 1.80 37.65
CA SER B 90 -14.75 0.41 37.26
C SER B 90 -15.55 -0.34 38.31
N THR B 91 -15.41 0.04 39.57
CA THR B 91 -16.16 -0.53 40.69
C THR B 91 -16.99 0.58 41.34
N GLY B 92 -17.58 0.27 42.49
CA GLY B 92 -18.16 1.30 43.33
C GLY B 92 -17.24 1.59 44.49
N ALA B 93 -16.74 2.82 44.59
CA ALA B 93 -15.73 3.18 45.58
C ALA B 93 -16.08 4.45 46.31
N TRP B 94 -15.68 4.53 47.58
CA TRP B 94 -15.71 5.76 48.34
C TRP B 94 -14.32 6.37 48.34
N ILE B 95 -14.24 7.67 48.09
CA ILE B 95 -12.99 8.42 48.18
C ILE B 95 -13.11 9.30 49.42
N LEU B 96 -12.54 8.85 50.53
CA LEU B 96 -12.62 9.59 51.79
C LEU B 96 -11.64 10.76 51.76
N THR B 97 -12.18 11.97 51.92
CA THR B 97 -11.39 13.19 51.89
C THR B 97 -11.65 13.98 53.16
N SER B 98 -10.94 15.10 53.28
CA SER B 98 -11.23 16.12 54.28
C SER B 98 -12.12 17.16 53.60
N GLY B 99 -13.43 17.06 53.81
CA GLY B 99 -14.37 17.76 52.95
C GLY B 99 -14.39 19.26 53.11
N LEU B 100 -13.22 19.88 52.92
CA LEU B 100 -13.07 21.32 52.92
C LEU B 100 -12.60 21.77 51.54
N ARG B 101 -13.21 22.82 51.02
CA ARG B 101 -12.93 23.31 49.67
C ARG B 101 -11.58 24.02 49.66
N PHE B 102 -10.52 23.23 49.55
CA PHE B 102 -9.17 23.79 49.44
C PHE B 102 -8.22 22.72 48.93
N GLY B 103 -7.52 23.04 47.86
CA GLY B 103 -6.43 22.21 47.39
C GLY B 103 -6.88 20.89 46.77
N ILE B 104 -6.14 19.84 47.10
CA ILE B 104 -6.32 18.54 46.45
C ILE B 104 -7.71 17.97 46.73
N THR B 105 -8.27 18.25 47.91
CA THR B 105 -9.64 17.81 48.18
C THR B 105 -10.61 18.47 47.22
N LYS B 106 -10.45 19.77 46.98
CA LYS B 106 -11.31 20.46 46.02
C LYS B 106 -11.14 19.91 44.62
N ASN B 107 -9.90 19.67 44.20
CA ASN B 107 -9.68 19.15 42.85
C ASN B 107 -10.28 17.75 42.69
N LEU B 108 -10.10 16.89 43.68
CA LEU B 108 -10.67 15.54 43.61
C LEU B 108 -12.18 15.56 43.64
N GLY B 109 -12.78 16.46 44.44
CA GLY B 109 -14.22 16.61 44.40
C GLY B 109 -14.72 17.08 43.05
N GLN B 110 -14.01 18.03 42.44
CA GLN B 110 -14.39 18.49 41.10
C GLN B 110 -14.30 17.37 40.08
N ALA B 111 -13.25 16.55 40.15
CA ALA B 111 -13.12 15.43 39.25
C ALA B 111 -14.24 14.41 39.44
N VAL B 112 -14.60 14.13 40.70
CA VAL B 112 -15.69 13.19 40.97
C VAL B 112 -17.01 13.75 40.44
N ARG B 113 -17.26 15.04 40.63
CA ARG B 113 -18.47 15.65 40.10
C ARG B 113 -18.50 15.61 38.58
N ASP B 114 -17.37 15.86 37.94
CA ASP B 114 -17.30 15.78 36.48
C ASP B 114 -17.62 14.36 35.99
N HIS B 115 -17.06 13.35 36.67
CA HIS B 115 -17.34 11.98 36.29
C HIS B 115 -18.81 11.64 36.49
N SER B 116 -19.41 12.11 37.59
CA SER B 116 -20.82 11.86 37.84
C SER B 116 -21.69 12.50 36.76
N LEU B 117 -21.37 13.74 36.38
CA LEU B 117 -22.14 14.41 35.35
C LEU B 117 -21.99 13.72 33.99
N ALA B 118 -20.77 13.30 33.66
CA ALA B 118 -20.50 12.69 32.35
C ALA B 118 -20.85 11.22 32.30
N SER B 119 -21.27 10.61 33.40
CA SER B 119 -21.55 9.18 33.40
C SER B 119 -22.92 8.89 32.82
N THR B 120 -22.96 7.94 31.88
CA THR B 120 -24.22 7.46 31.31
C THR B 120 -24.79 6.27 32.06
N SER B 121 -24.01 5.69 32.98
CA SER B 121 -24.45 4.55 33.78
C SER B 121 -24.53 4.96 35.24
N PRO B 122 -25.73 5.10 35.81
CA PRO B 122 -25.86 5.56 37.20
C PRO B 122 -25.71 4.42 38.21
N LYS B 123 -25.68 3.17 37.72
CA LYS B 123 -25.56 2.03 38.63
C LYS B 123 -24.24 2.06 39.39
N VAL B 124 -23.14 2.35 38.69
CA VAL B 124 -21.83 2.51 39.32
C VAL B 124 -21.72 3.97 39.78
N ARG B 125 -21.18 4.18 40.97
CA ARG B 125 -21.10 5.50 41.55
C ARG B 125 -19.79 5.66 42.31
N VAL B 126 -19.11 6.77 42.07
CA VAL B 126 -17.92 7.15 42.82
C VAL B 126 -18.31 8.24 43.80
N VAL B 127 -18.28 7.93 45.09
CA VAL B 127 -18.78 8.81 46.13
C VAL B 127 -17.59 9.46 46.81
N ALA B 128 -17.61 10.78 46.91
CA ALA B 128 -16.60 11.55 47.64
C ALA B 128 -17.18 11.94 48.99
N ILE B 129 -16.74 11.24 50.04
CA ILE B 129 -17.21 11.50 51.40
C ILE B 129 -16.16 12.34 52.11
N GLY B 130 -16.61 13.44 52.73
CA GLY B 130 -15.72 14.35 53.42
C GLY B 130 -15.79 14.15 54.93
N ILE B 131 -14.62 14.05 55.55
CA ILE B 131 -14.50 13.93 56.99
C ILE B 131 -13.78 15.19 57.45
N ALA B 132 -14.55 16.17 57.95
CA ALA B 132 -14.01 17.47 58.27
C ALA B 132 -14.31 17.86 59.71
N PRO B 133 -13.43 18.60 60.35
CA PRO B 133 -13.70 19.06 61.73
C PRO B 133 -14.83 20.08 61.74
N TRP B 134 -15.55 20.10 62.87
CA TRP B 134 -16.59 21.10 63.07
C TRP B 134 -16.01 22.51 63.27
N ASN B 135 -14.78 22.62 63.76
CA ASN B 135 -14.19 23.90 64.11
C ASN B 135 -13.37 24.50 62.98
N MET B 136 -13.42 23.94 61.77
CA MET B 136 -12.72 24.47 60.62
C MET B 136 -13.63 24.79 59.45
N ILE B 137 -14.94 24.93 59.67
CA ILE B 137 -15.88 25.12 58.59
C ILE B 137 -16.42 26.55 58.63
N GLN B 138 -16.41 27.23 57.49
CA GLN B 138 -17.10 28.51 57.36
C GLN B 138 -18.59 28.34 57.58
N ASN B 139 -19.19 29.29 58.32
CA ASN B 139 -20.64 29.44 58.43
C ASN B 139 -21.31 28.14 58.88
N ARG B 140 -20.74 27.48 59.88
CA ARG B 140 -21.38 26.30 60.43
C ARG B 140 -22.71 26.64 61.09
N ASP B 141 -22.83 27.86 61.62
CA ASP B 141 -24.10 28.30 62.18
C ASP B 141 -25.21 28.34 61.14
N LEU B 142 -24.87 28.55 59.87
CA LEU B 142 -25.89 28.55 58.82
C LEU B 142 -26.54 27.18 58.68
N LEU B 143 -25.74 26.11 58.74
CA LEU B 143 -26.25 24.75 58.63
C LEU B 143 -26.55 24.13 59.98
N LEU B 144 -26.39 24.87 61.08
CA LEU B 144 -26.70 24.34 62.40
C LEU B 144 -28.17 23.96 62.54
N SER B 145 -29.07 24.63 61.79
CA SER B 145 -30.49 24.34 61.92
C SER B 145 -30.84 23.01 61.24
N ALA B 146 -30.62 22.92 59.93
CA ALA B 146 -30.84 21.69 59.16
C ALA B 146 -32.26 21.16 59.33
N LYS B 147 -33.22 21.95 58.88
CA LYS B 147 -34.61 21.54 58.94
C LYS B 147 -34.85 20.39 57.97
N PRO B 148 -35.42 19.27 58.41
CA PRO B 148 -35.66 18.16 57.48
C PRO B 148 -36.56 18.51 56.31
N ASP B 149 -37.56 19.34 56.54
CA ASP B 149 -38.49 19.70 55.45
C ASP B 149 -37.83 20.66 54.46
N HIS B 150 -37.07 21.64 54.97
CA HIS B 150 -36.41 22.63 54.13
C HIS B 150 -34.91 22.58 54.37
N PRO B 151 -34.13 22.06 53.42
CA PRO B 151 -32.68 21.92 53.65
C PRO B 151 -32.00 23.27 53.81
N ALA B 152 -30.94 23.27 54.62
CA ALA B 152 -30.17 24.48 54.86
C ALA B 152 -29.44 24.92 53.61
N THR B 153 -29.27 26.23 53.47
CA THR B 153 -28.56 26.82 52.34
C THR B 153 -27.16 27.24 52.77
N TYR B 154 -26.17 26.89 51.95
CA TYR B 154 -24.77 27.18 52.26
C TYR B 154 -24.14 27.94 51.10
N PRO B 155 -23.59 29.12 51.34
CA PRO B 155 -22.80 29.79 50.29
C PRO B 155 -21.37 29.26 50.23
N THR B 156 -20.89 28.96 49.03
CA THR B 156 -19.57 28.40 48.84
C THR B 156 -18.59 29.53 48.55
N GLU B 157 -17.59 29.69 49.42
CA GLU B 157 -16.61 30.75 49.30
C GLU B 157 -15.22 30.15 49.10
N ASP B 158 -14.50 30.69 48.11
CA ASP B 158 -13.12 30.30 47.89
C ASP B 158 -12.21 31.10 48.81
N LEU B 159 -11.28 30.41 49.46
CA LEU B 159 -10.42 31.04 50.46
C LEU B 159 -8.97 30.63 50.27
N PRO B 160 -8.03 31.44 50.75
CA PRO B 160 -6.62 31.04 50.73
C PRO B 160 -6.33 29.98 51.77
N TYR B 161 -5.04 29.64 51.97
CA TYR B 161 -4.68 28.60 52.91
C TYR B 161 -5.30 28.85 54.28
N GLY B 162 -5.15 30.06 54.81
CA GLY B 162 -5.84 30.50 56.00
C GLY B 162 -5.86 29.51 57.15
N ALA B 163 -6.95 29.50 57.91
CA ALA B 163 -7.13 28.52 58.98
C ALA B 163 -8.50 27.88 59.04
N VAL B 164 -9.53 28.43 58.39
CA VAL B 164 -10.88 27.87 58.39
C VAL B 164 -11.41 27.91 56.97
N TYR B 165 -11.93 26.78 56.50
CA TYR B 165 -12.34 26.63 55.11
C TYR B 165 -13.85 26.49 55.02
N SER B 166 -14.34 26.38 53.79
CA SER B 166 -15.75 26.14 53.50
C SER B 166 -15.93 24.75 52.93
N LEU B 167 -17.11 24.17 53.19
CA LEU B 167 -17.40 22.82 52.72
C LEU B 167 -17.37 22.77 51.19
N ASP B 168 -16.78 21.70 50.66
CA ASP B 168 -16.72 21.53 49.22
C ASP B 168 -18.10 21.17 48.68
N CYS B 169 -18.54 21.88 47.64
CA CYS B 169 -19.86 21.64 47.08
C CYS B 169 -19.94 20.29 46.38
N ASN B 170 -18.89 19.91 45.66
CA ASN B 170 -18.89 18.67 44.88
C ASN B 170 -18.85 17.41 45.74
N HIS B 171 -18.61 17.54 47.04
CA HIS B 171 -18.65 16.40 47.95
C HIS B 171 -20.11 16.10 48.29
N SER B 172 -20.55 14.88 47.95
CA SER B 172 -21.95 14.53 48.13
C SER B 172 -22.35 14.38 49.59
N HIS B 173 -21.50 13.79 50.42
CA HIS B 173 -21.86 13.52 51.81
C HIS B 173 -20.69 13.89 52.71
N PHE B 174 -21.01 14.20 53.96
CA PHE B 174 -20.01 14.66 54.93
C PHE B 174 -20.20 13.95 56.25
N ILE B 175 -19.11 13.87 57.01
CA ILE B 175 -19.12 13.36 58.38
C ILE B 175 -18.40 14.39 59.22
N LEU B 176 -19.16 15.23 59.93
CA LEU B 176 -18.60 16.34 60.69
C LEU B 176 -18.25 15.89 62.10
N VAL B 177 -16.97 15.90 62.42
CA VAL B 177 -16.45 15.44 63.71
C VAL B 177 -16.35 16.64 64.65
N ASP B 178 -16.82 16.45 65.89
CA ASP B 178 -16.77 17.50 66.88
C ASP B 178 -15.46 17.45 67.66
N GLU B 179 -14.91 18.62 67.94
CA GLU B 179 -13.63 18.71 68.64
C GLU B 179 -13.73 18.12 70.04
N ASP B 180 -12.73 17.31 70.39
CA ASP B 180 -12.67 16.71 71.72
C ASP B 180 -11.94 17.65 72.66
N PRO B 181 -12.52 18.03 73.81
CA PRO B 181 -11.82 18.93 74.73
C PRO B 181 -10.50 18.36 75.26
N LYS B 182 -10.42 17.05 75.44
CA LYS B 182 -9.19 16.45 75.96
C LYS B 182 -8.03 16.62 74.98
N ARG B 183 -8.27 16.32 73.70
CA ARG B 183 -7.22 16.42 72.69
C ARG B 183 -7.84 16.98 71.42
N PRO B 184 -7.23 18.02 70.83
CA PRO B 184 -7.76 18.60 69.58
C PRO B 184 -7.27 17.84 68.34
N GLY B 185 -7.38 16.52 68.39
CA GLY B 185 -6.97 15.69 67.27
C GLY B 185 -7.93 14.56 66.99
N ALA B 186 -9.20 14.76 67.31
CA ALA B 186 -10.20 13.71 67.13
C ALA B 186 -10.50 13.42 65.67
N THR B 187 -10.17 14.35 64.76
CA THR B 187 -10.44 14.14 63.34
C THR B 187 -9.62 12.96 62.81
N GLY B 188 -8.32 12.99 63.02
CA GLY B 188 -7.48 11.90 62.56
C GLY B 188 -7.78 10.60 63.28
N GLU B 189 -8.09 10.68 64.58
CA GLU B 189 -8.44 9.47 65.33
C GLU B 189 -9.69 8.82 64.76
N MET B 190 -10.71 9.61 64.45
CA MET B 190 -11.92 9.05 63.87
C MET B 190 -11.68 8.54 62.45
N ARG B 191 -10.82 9.21 61.68
CA ARG B 191 -10.49 8.70 60.35
C ARG B 191 -9.83 7.33 60.45
N VAL B 192 -8.89 7.17 61.39
CA VAL B 192 -8.23 5.88 61.57
C VAL B 192 -9.23 4.83 62.03
N LYS B 193 -10.11 5.20 62.97
CA LYS B 193 -11.08 4.23 63.47
C LYS B 193 -12.03 3.78 62.37
N MET B 194 -12.52 4.71 61.55
CA MET B 194 -13.37 4.31 60.43
C MET B 194 -12.60 3.47 59.42
N LEU B 195 -11.35 3.83 59.13
CA LEU B 195 -10.58 3.04 58.18
C LEU B 195 -10.47 1.60 58.65
N LYS B 196 -10.19 1.42 59.95
CA LYS B 196 -10.12 0.08 60.52
C LYS B 196 -11.49 -0.61 60.46
N HIS B 197 -12.56 0.12 60.76
CA HIS B 197 -13.88 -0.51 60.83
C HIS B 197 -14.34 -1.01 59.47
N ILE B 198 -14.22 -0.18 58.43
CA ILE B 198 -14.53 -0.65 57.08
C ILE B 198 -13.53 -1.71 56.63
N SER B 199 -12.29 -1.64 57.09
CA SER B 199 -11.34 -2.70 56.76
C SER B 199 -11.73 -4.03 57.40
N LEU B 200 -12.54 -3.99 58.45
CA LEU B 200 -12.99 -5.19 59.13
C LEU B 200 -14.38 -5.64 58.71
N GLN B 201 -14.98 -4.97 57.73
CA GLN B 201 -16.27 -5.41 57.21
C GLN B 201 -16.10 -6.58 56.25
N ARG B 202 -17.18 -7.37 56.11
CA ARG B 202 -17.19 -8.52 55.21
C ARG B 202 -18.51 -8.50 54.42
N THR B 203 -18.49 -7.81 53.28
CA THR B 203 -19.68 -7.69 52.46
C THR B 203 -20.00 -9.01 51.76
N GLY B 204 -21.28 -9.27 51.55
CA GLY B 204 -21.68 -10.48 50.84
C GLY B 204 -21.12 -10.51 49.43
N TYR B 205 -20.52 -11.63 49.07
CA TYR B 205 -19.90 -11.83 47.76
C TYR B 205 -20.74 -12.81 46.96
N GLY B 206 -21.34 -12.33 45.87
CA GLY B 206 -22.18 -13.18 45.05
C GLY B 206 -23.30 -13.80 45.87
N GLY B 207 -23.23 -15.12 46.02
CA GLY B 207 -24.20 -15.84 46.84
C GLY B 207 -23.55 -16.55 48.01
N THR B 208 -23.91 -16.15 49.23
CA THR B 208 -23.42 -16.77 50.46
C THR B 208 -21.90 -16.75 50.52
N GLY B 209 -21.30 -15.66 50.05
CA GLY B 209 -19.87 -15.50 50.10
C GLY B 209 -19.49 -14.27 50.89
N SER B 210 -18.39 -14.39 51.63
CA SER B 210 -17.88 -13.30 52.47
C SER B 210 -16.64 -12.70 51.80
N ILE B 211 -16.72 -11.42 51.47
CA ILE B 211 -15.64 -10.71 50.80
C ILE B 211 -15.25 -9.52 51.67
N GLU B 212 -13.95 -9.36 51.91
CA GLU B 212 -13.45 -8.19 52.60
C GLU B 212 -13.59 -6.96 51.72
N ILE B 213 -13.58 -5.78 52.35
CA ILE B 213 -13.57 -4.52 51.62
C ILE B 213 -12.12 -4.05 51.57
N PRO B 214 -11.50 -3.96 50.39
CA PRO B 214 -10.13 -3.45 50.33
C PRO B 214 -10.11 -1.96 50.63
N VAL B 215 -9.21 -1.57 51.55
CA VAL B 215 -9.10 -0.20 52.02
C VAL B 215 -7.66 0.24 51.83
N LEU B 216 -7.47 1.35 51.12
CA LEU B 216 -6.15 1.86 50.80
C LEU B 216 -6.04 3.31 51.25
N CYS B 217 -4.83 3.71 51.64
CA CYS B 217 -4.54 5.08 52.02
C CYS B 217 -3.52 5.66 51.05
N LEU B 218 -3.80 6.84 50.52
CA LEU B 218 -2.90 7.53 49.60
C LEU B 218 -2.42 8.81 50.25
N LEU B 219 -1.10 8.99 50.30
CA LEU B 219 -0.48 10.13 50.95
C LEU B 219 0.04 11.11 49.91
N VAL B 220 -0.30 12.38 50.09
CA VAL B 220 0.18 13.46 49.22
C VAL B 220 0.70 14.58 50.10
N HIS B 221 1.99 14.91 49.96
CA HIS B 221 2.65 16.01 50.67
C HIS B 221 2.33 15.98 52.16
N GLY B 222 2.75 14.90 52.80
CA GLY B 222 2.47 14.74 54.22
C GLY B 222 3.26 15.70 55.08
N GLU B 223 2.74 15.92 56.28
CA GLU B 223 3.36 16.74 57.31
C GLU B 223 3.83 15.86 58.46
N PRO B 224 4.86 16.28 59.21
CA PRO B 224 5.30 15.48 60.35
C PRO B 224 4.24 15.32 61.43
N ARG B 225 3.24 16.21 61.47
CA ARG B 225 2.19 16.13 62.47
C ARG B 225 1.30 14.91 62.28
N ILE B 226 1.21 14.36 61.07
CA ILE B 226 0.34 13.23 60.78
C ILE B 226 1.08 11.90 60.87
N LEU B 227 2.31 11.90 61.37
CA LEU B 227 3.09 10.68 61.43
C LEU B 227 2.48 9.67 62.40
N GLN B 228 1.94 10.16 63.53
CA GLN B 228 1.28 9.26 64.47
C GLN B 228 0.06 8.59 63.84
N LYS B 229 -0.75 9.37 63.13
CA LYS B 229 -1.92 8.80 62.47
C LYS B 229 -1.52 7.81 61.38
N MET B 230 -0.47 8.13 60.61
CA MET B 230 0.00 7.21 59.59
C MET B 230 0.48 5.91 60.21
N TYR B 231 1.22 6.00 61.32
CA TYR B 231 1.68 4.81 62.02
C TYR B 231 0.50 3.99 62.55
N LYS B 232 -0.54 4.66 63.05
CA LYS B 232 -1.70 3.93 63.56
C LYS B 232 -2.44 3.22 62.44
N ASN B 233 -2.50 3.84 61.25
CA ASN B 233 -3.07 3.14 60.10
C ASN B 233 -2.18 1.98 59.66
N ILE B 234 -0.86 2.12 59.78
CA ILE B 234 0.03 1.00 59.52
C ILE B 234 -0.26 -0.16 60.48
N GLN B 235 -0.46 0.14 61.76
CA GLN B 235 -0.79 -0.89 62.73
C GLN B 235 -2.08 -1.62 62.35
N ASN B 236 -3.05 -0.92 61.79
CA ASN B 236 -4.34 -1.50 61.46
C ASN B 236 -4.34 -2.21 60.11
N SER B 237 -3.18 -2.59 59.59
CA SER B 237 -3.06 -3.36 58.35
C SER B 237 -3.73 -2.65 57.18
N ILE B 238 -3.53 -1.34 57.09
CA ILE B 238 -4.04 -0.54 55.98
C ILE B 238 -2.88 -0.26 55.03
N PRO B 239 -2.86 -0.85 53.84
CA PRO B 239 -1.78 -0.56 52.89
C PRO B 239 -1.78 0.91 52.49
N TRP B 240 -0.59 1.45 52.30
CA TRP B 240 -0.40 2.87 52.00
C TRP B 240 0.23 3.03 50.63
N LEU B 241 -0.15 4.11 49.96
CA LEU B 241 0.38 4.45 48.64
C LEU B 241 0.97 5.85 48.68
N ILE B 242 2.16 6.00 48.09
CA ILE B 242 2.93 7.24 48.21
C ILE B 242 3.16 7.82 46.83
N LEU B 243 2.84 9.10 46.66
CA LEU B 243 3.17 9.81 45.44
C LEU B 243 4.66 10.17 45.42
N ALA B 244 5.23 10.18 44.22
CA ALA B 244 6.67 10.43 44.09
C ALA B 244 7.01 11.88 44.36
N GLY B 245 6.45 12.80 43.57
CA GLY B 245 6.79 14.21 43.68
C GLY B 245 5.84 15.02 44.53
N SER B 246 5.22 14.40 45.53
CA SER B 246 4.25 15.11 46.35
C SER B 246 4.90 16.28 47.10
N GLY B 247 6.08 16.07 47.67
CA GLY B 247 6.83 17.19 48.20
C GLY B 247 7.34 17.06 49.62
N GLY B 248 6.56 16.48 50.52
CA GLY B 248 6.90 16.48 51.92
C GLY B 248 7.35 15.14 52.47
N VAL B 249 6.53 14.54 53.34
CA VAL B 249 6.85 13.23 53.89
C VAL B 249 6.93 12.19 52.78
N ALA B 250 6.20 12.40 51.68
CA ALA B 250 6.26 11.48 50.55
C ALA B 250 7.66 11.42 49.96
N ASP B 251 8.29 12.58 49.79
CA ASP B 251 9.66 12.61 49.28
C ASP B 251 10.61 11.88 50.23
N ILE B 252 10.46 12.12 51.53
CA ILE B 252 11.31 11.46 52.52
C ILE B 252 11.15 9.95 52.42
N LEU B 253 9.91 9.48 52.34
CA LEU B 253 9.66 8.04 52.29
C LEU B 253 10.21 7.42 51.01
N VAL B 254 10.02 8.07 49.86
CA VAL B 254 10.50 7.48 48.62
C VAL B 254 12.02 7.47 48.58
N THR B 255 12.67 8.52 49.10
CA THR B 255 14.13 8.54 49.15
C THR B 255 14.65 7.45 50.08
N LEU B 256 14.00 7.27 51.24
CA LEU B 256 14.45 6.27 52.20
C LEU B 256 14.20 4.86 51.68
N MET B 257 13.18 4.68 50.84
CA MET B 257 12.97 3.38 50.21
C MET B 257 13.99 3.12 49.12
N ASP B 258 14.31 4.14 48.32
CA ASP B 258 15.29 3.97 47.25
C ASP B 258 16.68 3.69 47.82
N ARG B 259 17.04 4.38 48.91
CA ARG B 259 18.34 4.13 49.53
C ARG B 259 18.44 2.70 50.05
N GLY B 260 17.35 2.17 50.60
CA GLY B 260 17.29 0.81 51.09
C GLY B 260 17.53 0.66 52.58
N CYS B 261 18.47 1.43 53.12
CA CYS B 261 18.77 1.40 54.55
C CYS B 261 18.48 2.77 55.15
N TRP B 262 17.67 2.79 56.19
CA TRP B 262 17.32 4.02 56.89
C TRP B 262 17.86 3.95 58.32
N ASP B 263 18.57 5.00 58.73
CA ASP B 263 19.13 5.10 60.08
C ASP B 263 18.66 6.40 60.70
N ALA B 264 19.08 6.64 61.94
CA ALA B 264 18.72 7.87 62.63
C ALA B 264 19.29 9.09 61.93
N ASP B 265 20.55 9.01 61.50
CA ASP B 265 21.20 10.16 60.87
C ASP B 265 20.51 10.54 59.56
N ILE B 266 20.23 9.56 58.71
CA ILE B 266 19.62 9.85 57.42
C ILE B 266 18.21 10.41 57.60
N VAL B 267 17.42 9.80 58.48
CA VAL B 267 16.06 10.26 58.71
C VAL B 267 16.07 11.67 59.27
N GLN B 268 16.93 11.93 60.25
CA GLN B 268 17.00 13.27 60.84
C GLN B 268 17.44 14.30 59.81
N GLU B 269 18.44 13.97 58.98
CA GLU B 269 18.92 14.92 57.98
C GLU B 269 17.85 15.23 56.95
N LEU B 270 17.14 14.20 56.48
CA LEU B 270 16.08 14.44 55.50
C LEU B 270 14.93 15.24 56.11
N LEU B 271 14.56 14.94 57.36
CA LEU B 271 13.51 15.69 58.03
C LEU B 271 13.91 17.15 58.19
N ILE B 272 15.16 17.41 58.55
CA ILE B 272 15.64 18.79 58.69
C ILE B 272 15.62 19.49 57.35
N ASN B 273 16.09 18.81 56.29
CA ASN B 273 16.18 19.44 54.98
C ASN B 273 14.79 19.78 54.44
N THR B 274 13.83 18.88 54.60
CA THR B 274 12.48 19.14 54.13
C THR B 274 11.67 20.01 55.08
N PHE B 275 11.93 19.96 56.39
CA PHE B 275 11.14 20.70 57.37
C PHE B 275 12.07 21.50 58.28
N PRO B 276 12.48 22.69 57.84
CA PRO B 276 13.30 23.56 58.71
C PRO B 276 12.64 23.88 60.03
N ASP B 277 11.31 24.00 60.07
CA ASP B 277 10.63 24.52 61.26
C ASP B 277 10.88 23.66 62.49
N GLY B 278 10.82 22.33 62.33
CA GLY B 278 10.98 21.44 63.46
C GLY B 278 12.37 21.45 64.05
N LEU B 279 12.50 22.00 65.26
CA LEU B 279 13.78 22.05 65.98
C LEU B 279 13.47 21.78 67.46
N HIS B 280 13.51 20.50 67.84
CA HIS B 280 13.27 20.09 69.21
C HIS B 280 13.71 18.64 69.36
N SER B 281 14.48 18.36 70.41
CA SER B 281 15.04 17.01 70.57
C SER B 281 13.96 15.97 70.66
N THR B 282 12.97 16.19 71.53
CA THR B 282 11.93 15.18 71.75
C THR B 282 11.04 15.01 70.52
N GLU B 283 10.59 16.11 69.92
CA GLU B 283 9.70 16.03 68.77
C GLU B 283 10.39 15.37 67.58
N ILE B 284 11.62 15.82 67.27
CA ILE B 284 12.34 15.23 66.15
C ILE B 284 12.67 13.77 66.43
N THR B 285 13.03 13.43 67.67
CA THR B 285 13.32 12.04 67.99
C THR B 285 12.08 11.17 67.80
N SER B 286 10.91 11.64 68.24
CA SER B 286 9.68 10.90 68.05
C SER B 286 9.35 10.74 66.57
N TRP B 287 9.54 11.80 65.79
CA TRP B 287 9.27 11.72 64.36
C TRP B 287 10.20 10.74 63.67
N THR B 288 11.49 10.74 64.03
CA THR B 288 12.43 9.78 63.46
C THR B 288 12.06 8.35 63.84
N LYS B 289 11.63 8.14 65.09
CA LYS B 289 11.21 6.81 65.50
C LYS B 289 10.00 6.36 64.68
N LEU B 290 9.04 7.26 64.47
CA LEU B 290 7.87 6.91 63.67
C LEU B 290 8.27 6.58 62.23
N ILE B 291 9.15 7.38 61.63
CA ILE B 291 9.59 7.11 60.27
C ILE B 291 10.29 5.75 60.18
N GLN B 292 11.20 5.49 61.12
CA GLN B 292 11.95 4.23 61.09
C GLN B 292 11.02 3.04 61.24
N ARG B 293 10.05 3.12 62.15
CA ARG B 293 9.15 1.99 62.35
C ARG B 293 8.21 1.80 61.15
N ILE B 294 7.67 2.89 60.61
CA ILE B 294 6.82 2.79 59.43
C ILE B 294 7.58 2.13 58.28
N LEU B 295 8.84 2.52 58.08
CA LEU B 295 9.64 1.87 57.05
C LEU B 295 9.96 0.43 57.42
N ASP B 296 10.08 0.14 58.73
CA ASP B 296 10.35 -1.22 59.16
C ASP B 296 9.16 -2.14 58.86
N HIS B 297 7.95 -1.56 58.75
CA HIS B 297 6.83 -2.33 58.25
C HIS B 297 7.00 -2.62 56.76
N GLY B 298 7.04 -1.57 55.95
CA GLY B 298 7.48 -1.70 54.57
C GLY B 298 6.50 -2.36 53.61
N HIS B 299 6.05 -3.57 53.94
CA HIS B 299 5.19 -4.32 53.04
C HIS B 299 3.80 -3.70 52.88
N LEU B 300 3.43 -2.77 53.74
CA LEU B 300 2.18 -2.03 53.60
C LEU B 300 2.38 -0.68 52.92
N LEU B 301 3.56 -0.46 52.33
CA LEU B 301 3.92 0.84 51.75
C LEU B 301 4.24 0.64 50.28
N THR B 302 3.69 1.52 49.43
CA THR B 302 3.90 1.46 47.99
C THR B 302 4.13 2.87 47.46
N VAL B 303 4.91 2.96 46.38
CA VAL B 303 5.28 4.23 45.77
C VAL B 303 4.63 4.32 44.40
N HIS B 304 3.90 5.39 44.15
CA HIS B 304 3.28 5.66 42.86
C HIS B 304 3.99 6.85 42.24
N ASP B 305 4.70 6.61 41.13
CA ASP B 305 5.39 7.66 40.41
C ASP B 305 4.69 7.87 39.07
N PRO B 306 3.86 8.90 38.93
CA PRO B 306 3.13 9.09 37.65
C PRO B 306 4.05 9.33 36.47
N GLU B 307 5.28 9.79 36.69
CA GLU B 307 6.22 9.96 35.59
C GLU B 307 6.65 8.61 35.03
N GLN B 308 6.52 7.54 35.81
CA GLN B 308 6.92 6.21 35.38
C GLN B 308 5.81 5.18 35.47
N ASP B 309 4.89 5.31 36.43
CA ASP B 309 3.84 4.31 36.60
C ASP B 309 2.71 4.53 35.60
N SER B 310 2.07 5.70 35.64
CA SER B 310 1.00 6.09 34.71
C SER B 310 -0.24 5.21 34.83
N GLU B 311 -0.31 4.37 35.86
CA GLU B 311 -1.47 3.50 36.05
C GLU B 311 -1.72 3.39 37.55
N LEU B 312 -2.76 4.07 38.03
CA LEU B 312 -3.07 4.04 39.46
C LEU B 312 -3.74 2.74 39.86
N ASP B 313 -4.59 2.19 39.00
CA ASP B 313 -5.26 0.93 39.33
C ASP B 313 -4.24 -0.21 39.45
N THR B 314 -3.21 -0.20 38.60
CA THR B 314 -2.18 -1.23 38.67
C THR B 314 -1.44 -1.18 40.00
N VAL B 315 -1.04 0.01 40.44
CA VAL B 315 -0.28 0.11 41.68
C VAL B 315 -1.19 -0.17 42.88
N ILE B 316 -2.47 0.19 42.80
CA ILE B 316 -3.39 -0.16 43.87
C ILE B 316 -3.52 -1.67 43.98
N LEU B 317 -3.68 -2.35 42.84
CA LEU B 317 -3.78 -3.80 42.85
C LEU B 317 -2.52 -4.44 43.40
N LYS B 318 -1.35 -3.94 42.98
CA LYS B 318 -0.10 -4.49 43.47
C LYS B 318 0.05 -4.29 44.97
N ALA B 319 -0.32 -3.11 45.47
CA ALA B 319 -0.23 -2.86 46.91
C ALA B 319 -1.15 -3.80 47.68
N LEU B 320 -2.38 -3.96 47.22
CA LEU B 320 -3.33 -4.85 47.91
C LEU B 320 -2.84 -6.30 47.88
N VAL B 321 -2.34 -6.74 46.73
CA VAL B 321 -1.87 -8.12 46.59
C VAL B 321 -0.67 -8.35 47.51
N LYS B 322 0.27 -7.40 47.54
CA LYS B 322 1.43 -7.55 48.43
C LYS B 322 1.01 -7.57 49.89
N ALA B 323 0.08 -6.69 50.28
CA ALA B 323 -0.37 -6.65 51.67
C ALA B 323 -1.01 -7.97 52.07
N CYS B 324 -1.91 -8.49 51.24
CA CYS B 324 -2.60 -9.73 51.62
C CYS B 324 -1.67 -10.93 51.50
N LYS B 325 -0.71 -10.90 50.57
CA LYS B 325 0.27 -11.97 50.46
C LYS B 325 1.14 -12.05 51.70
N SER B 326 1.55 -10.90 52.23
CA SER B 326 2.26 -10.90 53.51
C SER B 326 1.34 -11.31 54.65
N GLN B 327 0.05 -10.97 54.57
CA GLN B 327 -0.87 -11.29 55.64
C GLN B 327 -1.05 -12.79 55.81
N SER B 328 -1.34 -13.51 54.72
CA SER B 328 -1.61 -14.93 54.80
C SER B 328 -1.41 -15.58 53.44
N GLN B 329 -1.36 -16.91 53.44
CA GLN B 329 -1.06 -17.70 52.25
C GLN B 329 -2.28 -18.41 51.67
N GLU B 330 -3.36 -18.53 52.44
CA GLU B 330 -4.54 -19.25 51.98
C GLU B 330 -5.18 -18.56 50.77
N ALA B 331 -5.85 -19.35 49.93
CA ALA B 331 -6.42 -18.80 48.70
C ALA B 331 -7.67 -17.98 48.99
N GLN B 332 -8.40 -18.31 50.05
CA GLN B 332 -9.71 -17.71 50.28
C GLN B 332 -9.60 -16.24 50.65
N ASP B 333 -8.40 -15.77 50.98
CA ASP B 333 -8.26 -14.36 51.34
C ASP B 333 -7.93 -13.49 50.12
N PHE B 334 -7.31 -14.09 49.10
CA PHE B 334 -7.04 -13.37 47.85
C PHE B 334 -8.31 -13.22 47.01
N LEU B 335 -9.45 -13.65 47.54
CA LEU B 335 -10.68 -13.66 46.75
C LEU B 335 -11.13 -12.25 46.39
N ASP B 336 -11.05 -11.30 47.33
CA ASP B 336 -11.50 -9.95 47.01
C ASP B 336 -10.46 -9.19 46.19
N GLU B 337 -9.17 -9.45 46.41
CA GLU B 337 -8.17 -8.87 45.50
C GLU B 337 -8.35 -9.43 44.08
N LEU B 338 -8.67 -10.72 43.97
CA LEU B 338 -8.92 -11.30 42.66
C LEU B 338 -10.18 -10.70 42.02
N LYS B 339 -11.21 -10.45 42.81
CA LYS B 339 -12.41 -9.80 42.28
C LYS B 339 -12.10 -8.39 41.79
N LEU B 340 -11.28 -7.64 42.55
CA LEU B 340 -10.91 -6.30 42.13
C LEU B 340 -10.06 -6.33 40.86
N ALA B 341 -9.17 -7.32 40.74
CA ALA B 341 -8.40 -7.49 39.51
C ALA B 341 -9.30 -7.84 38.33
N VAL B 342 -10.34 -8.64 38.59
CA VAL B 342 -11.30 -8.95 37.53
C VAL B 342 -12.01 -7.68 37.08
N ALA B 343 -12.43 -6.86 38.04
CA ALA B 343 -13.15 -5.63 37.70
C ALA B 343 -12.29 -4.66 36.88
N TRP B 344 -10.98 -4.64 37.13
CA TRP B 344 -10.08 -3.77 36.40
C TRP B 344 -9.51 -4.43 35.14
N ASN B 345 -9.90 -5.68 34.86
CA ASN B 345 -9.38 -6.42 33.71
C ASN B 345 -7.85 -6.47 33.72
N ARG B 346 -7.28 -6.72 34.90
CA ARG B 346 -5.84 -6.84 35.05
C ARG B 346 -5.49 -8.32 35.07
N VAL B 347 -5.55 -8.94 33.89
CA VAL B 347 -5.26 -10.37 33.80
C VAL B 347 -3.77 -10.63 34.00
N ASP B 348 -2.91 -9.73 33.50
CA ASP B 348 -1.46 -9.92 33.65
C ASP B 348 -1.06 -9.96 35.12
N ILE B 349 -1.56 -9.00 35.91
CA ILE B 349 -1.23 -8.99 37.33
C ILE B 349 -1.83 -10.19 38.04
N ALA B 350 -3.03 -10.62 37.62
CA ALA B 350 -3.66 -11.78 38.23
C ALA B 350 -2.85 -13.05 38.00
N LYS B 351 -2.34 -13.25 36.78
CA LYS B 351 -1.55 -14.44 36.50
C LYS B 351 -0.12 -14.32 37.00
N SER B 352 0.38 -13.10 37.25
CA SER B 352 1.74 -12.96 37.71
C SER B 352 1.85 -13.04 39.23
N GLU B 353 0.89 -12.45 39.96
CA GLU B 353 0.98 -12.33 41.40
C GLU B 353 0.01 -13.26 42.12
N ILE B 354 -1.23 -13.37 41.65
CA ILE B 354 -2.20 -14.22 42.33
C ILE B 354 -2.04 -15.67 41.90
N PHE B 355 -2.02 -15.91 40.59
CA PHE B 355 -1.86 -17.27 40.06
C PHE B 355 -0.39 -17.51 39.73
N SER B 356 0.44 -17.39 40.78
CA SER B 356 1.89 -17.53 40.64
C SER B 356 2.42 -18.89 41.05
N GLY B 357 1.58 -19.75 41.62
CA GLY B 357 1.99 -21.08 42.06
C GLY B 357 2.24 -21.18 43.54
N ASP B 358 2.46 -20.06 44.22
CA ASP B 358 2.64 -20.08 45.67
C ASP B 358 1.33 -20.34 46.41
N VAL B 359 0.20 -20.17 45.73
CA VAL B 359 -1.12 -20.33 46.33
C VAL B 359 -1.85 -21.45 45.61
N GLN B 360 -2.46 -22.36 46.36
CA GLN B 360 -3.21 -23.47 45.80
C GLN B 360 -4.65 -23.04 45.55
N TRP B 361 -5.07 -23.10 44.29
CA TRP B 361 -6.42 -22.73 43.90
C TRP B 361 -7.21 -23.99 43.58
N SER B 362 -8.37 -24.15 44.21
CA SER B 362 -9.26 -25.28 44.00
C SER B 362 -10.34 -24.88 43.01
N ALA B 363 -11.33 -25.76 42.84
CA ALA B 363 -12.44 -25.47 41.95
C ALA B 363 -13.55 -24.73 42.68
N GLN B 364 -13.84 -25.12 43.92
CA GLN B 364 -14.88 -24.44 44.69
C GLN B 364 -14.49 -22.99 44.97
N ASP B 365 -13.21 -22.74 45.27
CA ASP B 365 -12.75 -21.38 45.47
C ASP B 365 -12.87 -20.55 44.20
N LEU B 366 -12.58 -21.14 43.04
CA LEU B 366 -12.63 -20.41 41.79
C LEU B 366 -14.04 -20.30 41.21
N GLU B 367 -15.01 -21.05 41.74
CA GLU B 367 -16.35 -21.06 41.15
C GLU B 367 -17.02 -19.70 41.23
N GLU B 368 -16.95 -19.04 42.40
CA GLU B 368 -17.58 -17.74 42.56
C GLU B 368 -16.94 -16.71 41.64
N VAL B 369 -15.61 -16.59 41.69
CA VAL B 369 -14.94 -15.59 40.86
C VAL B 369 -15.15 -15.90 39.39
N MET B 370 -15.30 -17.19 39.04
CA MET B 370 -15.68 -17.57 37.69
C MET B 370 -17.04 -17.00 37.32
N MET B 371 -18.00 -17.11 38.25
CA MET B 371 -19.34 -16.60 37.98
C MET B 371 -19.34 -15.08 37.76
N GLU B 372 -18.65 -14.33 38.63
CA GLU B 372 -18.64 -12.88 38.46
C GLU B 372 -17.81 -12.45 37.26
N ALA B 373 -16.75 -13.19 36.93
CA ALA B 373 -15.99 -12.84 35.74
C ALA B 373 -16.77 -13.13 34.47
N LEU B 374 -17.57 -14.20 34.47
CA LEU B 374 -18.36 -14.57 33.30
C LEU B 374 -19.53 -13.62 33.12
N VAL B 375 -20.14 -13.17 34.22
CA VAL B 375 -21.27 -12.26 34.12
C VAL B 375 -20.83 -10.88 33.64
N ASN B 376 -19.64 -10.43 34.05
CA ASN B 376 -19.21 -9.06 33.82
C ASN B 376 -18.37 -8.88 32.55
N ASP B 377 -18.50 -9.79 31.58
CA ASP B 377 -17.87 -9.64 30.27
C ASP B 377 -16.35 -9.51 30.38
N LYS B 378 -15.74 -10.54 30.96
CA LYS B 378 -14.29 -10.59 31.18
C LYS B 378 -13.75 -11.89 30.60
N PRO B 379 -13.63 -11.99 29.27
CA PRO B 379 -13.21 -13.25 28.66
C PRO B 379 -11.82 -13.72 29.07
N ASP B 380 -10.89 -12.78 29.31
CA ASP B 380 -9.54 -13.15 29.67
C ASP B 380 -9.52 -13.91 31.00
N PHE B 381 -10.29 -13.45 31.97
CA PHE B 381 -10.36 -14.14 33.25
C PHE B 381 -11.12 -15.45 33.13
N VAL B 382 -12.09 -15.53 32.21
CA VAL B 382 -12.75 -16.80 31.95
C VAL B 382 -11.75 -17.84 31.47
N ARG B 383 -10.90 -17.44 30.52
CA ARG B 383 -9.86 -18.34 30.02
C ARG B 383 -8.87 -18.70 31.12
N LEU B 384 -8.49 -17.72 31.95
CA LEU B 384 -7.53 -17.98 33.01
C LEU B 384 -8.10 -18.97 34.03
N PHE B 385 -9.37 -18.80 34.42
CA PHE B 385 -9.98 -19.70 35.39
C PHE B 385 -10.19 -21.08 34.81
N VAL B 386 -10.49 -21.18 33.52
CA VAL B 386 -10.59 -22.50 32.89
C VAL B 386 -9.22 -23.17 32.87
N ASP B 387 -8.17 -22.40 32.63
CA ASP B 387 -6.82 -22.95 32.63
C ASP B 387 -6.31 -23.28 34.02
N ASN B 388 -6.91 -22.72 35.07
CA ASN B 388 -6.43 -22.90 36.43
C ASN B 388 -7.32 -23.81 37.27
N GLY B 389 -8.12 -24.67 36.64
CA GLY B 389 -8.82 -25.69 37.41
C GLY B 389 -10.31 -25.81 37.21
N VAL B 390 -10.97 -24.75 36.75
CA VAL B 390 -12.42 -24.78 36.59
C VAL B 390 -12.79 -25.75 35.47
N ASN B 391 -13.73 -26.64 35.76
CA ASN B 391 -14.20 -27.65 34.80
C ASN B 391 -15.59 -27.23 34.33
N ILE B 392 -15.66 -26.65 33.13
CA ILE B 392 -16.92 -26.09 32.63
C ILE B 392 -18.00 -27.17 32.52
N LYS B 393 -17.63 -28.39 32.14
CA LYS B 393 -18.61 -29.47 32.06
C LYS B 393 -19.25 -29.71 33.43
N GLN B 394 -18.45 -29.71 34.49
CA GLN B 394 -18.99 -29.87 35.84
C GLN B 394 -19.44 -28.55 36.45
N PHE B 395 -18.84 -27.43 36.03
CA PHE B 395 -19.26 -26.13 36.56
C PHE B 395 -20.63 -25.74 36.04
N LEU B 396 -20.86 -25.87 34.75
CA LEU B 396 -22.07 -25.34 34.11
C LEU B 396 -23.18 -26.38 34.20
N THR B 397 -24.11 -26.17 35.13
CA THR B 397 -25.38 -26.87 35.16
C THR B 397 -26.44 -26.02 34.50
N TYR B 398 -27.65 -26.57 34.41
CA TYR B 398 -28.76 -25.81 33.84
C TYR B 398 -29.15 -24.65 34.75
N GLY B 399 -28.95 -24.81 36.06
CA GLY B 399 -29.22 -23.73 36.99
C GLY B 399 -28.30 -22.54 36.78
N ARG B 400 -27.01 -22.80 36.60
CA ARG B 400 -26.08 -21.69 36.36
C ARG B 400 -26.33 -21.05 35.01
N LEU B 401 -26.72 -21.83 34.01
CA LEU B 401 -27.07 -21.26 32.72
C LEU B 401 -28.29 -20.35 32.83
N GLN B 402 -29.30 -20.79 33.59
CA GLN B 402 -30.47 -19.94 33.82
C GLN B 402 -30.09 -18.67 34.56
N GLU B 403 -29.20 -18.79 35.56
CA GLU B 403 -28.75 -17.60 36.29
C GLU B 403 -28.00 -16.64 35.38
N LEU B 404 -27.17 -17.18 34.48
CA LEU B 404 -26.47 -16.34 33.51
C LEU B 404 -27.45 -15.62 32.60
N TYR B 405 -28.50 -16.32 32.17
CA TYR B 405 -29.51 -15.69 31.31
C TYR B 405 -30.33 -14.66 32.08
N CYS B 406 -30.46 -14.83 33.40
CA CYS B 406 -31.18 -13.85 34.20
C CYS B 406 -30.34 -12.60 34.45
N SER B 407 -29.03 -12.76 34.54
CA SER B 407 -28.14 -11.64 34.86
C SER B 407 -27.70 -10.89 33.62
N VAL B 408 -28.66 -10.47 32.81
CA VAL B 408 -28.39 -9.62 31.65
C VAL B 408 -28.39 -8.17 32.10
N SER B 409 -27.45 -7.39 31.57
CA SER B 409 -27.17 -6.05 32.08
C SER B 409 -28.31 -5.06 31.89
N GLU B 410 -29.41 -5.50 31.26
CA GLU B 410 -30.61 -4.71 31.03
C GLU B 410 -30.36 -3.49 30.15
N LYS B 411 -29.23 -3.42 29.45
CA LYS B 411 -28.91 -2.31 28.58
C LYS B 411 -28.71 -2.74 27.14
N ASN B 412 -28.80 -4.04 26.84
CA ASN B 412 -28.59 -4.56 25.51
C ASN B 412 -29.86 -5.18 24.97
N LEU B 413 -29.76 -5.70 23.74
CA LEU B 413 -30.93 -6.21 23.03
C LEU B 413 -31.54 -7.42 23.71
N LEU B 414 -30.70 -8.33 24.22
CA LEU B 414 -31.19 -9.60 24.75
C LEU B 414 -32.17 -9.38 25.89
N HIS B 415 -31.89 -8.40 26.76
CA HIS B 415 -32.81 -8.12 27.86
C HIS B 415 -34.16 -7.65 27.34
N THR B 416 -34.17 -6.78 26.33
CA THR B 416 -35.44 -6.31 25.78
C THR B 416 -36.23 -7.43 25.13
N LEU B 417 -35.55 -8.31 24.39
CA LEU B 417 -36.23 -9.44 23.77
C LEU B 417 -36.81 -10.38 24.83
N LEU B 418 -36.02 -10.67 25.85
CA LEU B 418 -36.51 -11.53 26.94
C LEU B 418 -37.65 -10.85 27.69
N LEU B 419 -37.61 -9.53 27.83
CA LEU B 419 -38.70 -8.80 28.46
C LEU B 419 -39.99 -8.94 27.66
N LYS B 420 -39.91 -8.79 26.34
CA LYS B 420 -41.10 -8.95 25.52
C LYS B 420 -41.65 -10.36 25.62
N LYS B 421 -40.76 -11.36 25.55
CA LYS B 421 -41.21 -12.74 25.64
C LYS B 421 -41.84 -13.04 26.99
N ASN B 422 -41.26 -12.50 28.07
CA ASN B 422 -41.79 -12.75 29.41
C ASN B 422 -43.12 -12.05 29.61
N GLN B 423 -43.28 -10.83 29.08
CA GLN B 423 -44.57 -10.17 29.15
C GLN B 423 -45.63 -10.98 28.40
N GLU B 424 -45.29 -11.49 27.22
CA GLU B 424 -46.23 -12.32 26.48
C GLU B 424 -46.60 -13.57 27.26
N ARG B 425 -45.60 -14.24 27.86
CA ARG B 425 -45.87 -15.45 28.62
C ARG B 425 -46.75 -15.17 29.84
N GLN B 426 -46.45 -14.08 30.56
CA GLN B 426 -47.25 -13.72 31.74
C GLN B 426 -48.68 -13.38 31.35
N ALA B 427 -48.87 -12.63 30.26
CA ALA B 427 -50.21 -12.32 29.78
C ALA B 427 -50.97 -13.58 29.37
N GLN B 428 -50.29 -14.53 28.71
CA GLN B 428 -50.97 -15.73 28.25
C GLN B 428 -51.38 -16.64 29.41
N LEU B 429 -50.86 -16.37 30.61
CA LEU B 429 -51.18 -17.18 31.78
C LEU B 429 -52.60 -16.92 32.26
N LYS B 446 -38.92 -16.32 41.50
CA LYS B 446 -37.73 -17.17 41.47
C LYS B 446 -36.67 -16.58 40.54
N PHE B 447 -36.78 -16.87 39.25
CA PHE B 447 -35.86 -16.36 38.25
C PHE B 447 -36.58 -15.30 37.41
N ARG B 448 -35.85 -14.24 37.07
CA ARG B 448 -36.46 -13.15 36.32
C ARG B 448 -36.91 -13.63 34.94
N PHE B 449 -36.09 -14.44 34.29
CA PHE B 449 -36.44 -15.11 33.05
C PHE B 449 -36.19 -16.60 33.20
N THR B 450 -36.94 -17.41 32.47
CA THR B 450 -36.74 -18.84 32.45
C THR B 450 -36.38 -19.29 31.03
N PHE B 451 -36.19 -20.61 30.87
CA PHE B 451 -35.70 -21.14 29.61
C PHE B 451 -36.71 -21.06 28.48
N HIS B 452 -37.99 -20.87 28.79
CA HIS B 452 -38.98 -20.72 27.73
C HIS B 452 -38.78 -19.43 26.96
N GLU B 453 -38.45 -18.33 27.65
CA GLU B 453 -38.23 -17.07 26.95
C GLU B 453 -37.00 -17.15 26.05
N VAL B 454 -35.91 -17.74 26.54
CA VAL B 454 -34.72 -17.85 25.69
C VAL B 454 -34.98 -18.83 24.55
N SER B 455 -35.78 -19.86 24.78
CA SER B 455 -36.16 -20.76 23.69
C SER B 455 -36.94 -20.03 22.62
N LYS B 456 -37.86 -19.14 23.03
CA LYS B 456 -38.63 -18.37 22.06
C LYS B 456 -37.73 -17.39 21.30
N VAL B 457 -36.76 -16.78 21.99
CA VAL B 457 -35.83 -15.87 21.32
C VAL B 457 -35.00 -16.63 20.29
N LEU B 458 -34.50 -17.81 20.68
CA LEU B 458 -33.74 -18.63 19.74
C LEU B 458 -34.61 -19.06 18.56
N LYS B 459 -35.88 -19.38 18.82
CA LYS B 459 -36.82 -19.71 17.74
C LYS B 459 -36.96 -18.53 16.79
N ASP B 460 -37.05 -17.32 17.32
CA ASP B 460 -37.14 -16.13 16.48
C ASP B 460 -35.88 -15.96 15.64
N PHE B 461 -34.72 -16.27 16.20
CA PHE B 461 -33.47 -16.20 15.44
C PHE B 461 -33.22 -17.49 14.66
N LEU B 462 -33.20 -18.62 15.35
CA LEU B 462 -33.05 -19.94 14.74
C LEU B 462 -34.34 -20.73 14.74
N ASP B 463 -35.10 -20.69 13.64
CA ASP B 463 -36.48 -21.23 13.55
C ASP B 463 -36.54 -22.61 14.20
N ASP B 464 -35.82 -23.61 13.71
CA ASP B 464 -35.88 -24.94 14.30
C ASP B 464 -34.52 -25.54 14.63
N THR B 465 -33.44 -24.76 14.47
CA THR B 465 -32.12 -25.26 14.82
C THR B 465 -32.00 -25.50 16.32
N CYS B 466 -32.64 -24.65 17.12
CA CYS B 466 -32.55 -24.73 18.58
C CYS B 466 -33.68 -25.55 19.20
N LYS B 467 -34.54 -26.16 18.40
CA LYS B 467 -35.65 -26.94 18.90
C LYS B 467 -35.18 -28.08 19.79
N GLY B 468 -35.73 -28.14 21.01
CA GLY B 468 -35.38 -29.19 21.94
C GLY B 468 -34.14 -28.95 22.76
N PHE B 469 -33.51 -27.78 22.65
CA PHE B 469 -32.32 -27.50 23.45
C PHE B 469 -32.64 -27.46 24.93
N TYR B 470 -33.75 -26.81 25.29
CA TYR B 470 -34.17 -26.70 26.68
C TYR B 470 -35.62 -27.12 26.92
N GLN B 471 -36.47 -27.12 25.90
CA GLN B 471 -37.84 -27.60 26.08
C GLN B 471 -37.85 -29.08 26.46
N LYS B 472 -37.03 -29.88 25.81
CA LYS B 472 -36.93 -31.30 26.14
C LYS B 472 -36.36 -31.48 27.54
N LEU B 473 -36.86 -32.48 28.25
CA LEU B 473 -36.41 -32.76 29.61
C LEU B 473 -36.25 -34.26 29.83
N ASN B 489 -41.65 -27.95 31.68
CA ASN B 489 -40.93 -28.63 30.61
C ASN B 489 -39.44 -28.34 30.70
N LEU B 490 -39.07 -27.35 31.50
CA LEU B 490 -37.68 -27.00 31.66
C LEU B 490 -36.91 -28.16 32.29
N PRO B 491 -35.65 -28.37 31.90
CA PRO B 491 -34.90 -29.52 32.42
C PRO B 491 -34.57 -29.34 33.90
N ASP B 492 -33.89 -30.34 34.44
CA ASP B 492 -33.47 -30.30 35.84
C ASP B 492 -32.40 -29.24 36.04
N MET B 493 -32.60 -28.39 37.04
CA MET B 493 -31.60 -27.37 37.36
C MET B 493 -30.31 -27.99 37.89
N ASP B 494 -30.37 -29.24 38.37
CA ASP B 494 -29.22 -29.89 38.99
C ASP B 494 -28.37 -30.69 38.02
N ARG B 495 -28.78 -30.83 36.76
CA ARG B 495 -28.04 -31.63 35.80
C ARG B 495 -27.03 -30.79 35.04
N ARG B 496 -25.89 -31.41 34.73
CA ARG B 496 -24.88 -30.78 33.90
C ARG B 496 -25.41 -30.63 32.47
N CYS B 497 -25.11 -29.50 31.86
CA CYS B 497 -25.52 -29.27 30.47
C CYS B 497 -24.84 -30.27 29.55
N GLU B 498 -25.64 -30.87 28.64
CA GLU B 498 -25.08 -31.85 27.72
C GLU B 498 -24.06 -31.22 26.78
N HIS B 499 -24.31 -29.98 26.34
CA HIS B 499 -23.41 -29.25 25.46
C HIS B 499 -23.09 -27.91 26.11
N PRO B 500 -22.21 -27.91 27.11
CA PRO B 500 -21.97 -26.66 27.86
C PRO B 500 -21.33 -25.57 27.02
N TRP B 501 -20.39 -25.92 26.15
CA TRP B 501 -19.77 -24.92 25.29
C TRP B 501 -20.77 -24.35 24.29
N ARG B 502 -21.66 -25.20 23.78
CA ARG B 502 -22.73 -24.72 22.90
C ARG B 502 -23.61 -23.71 23.61
N ASP B 503 -24.01 -24.02 24.84
CA ASP B 503 -24.88 -23.12 25.60
C ASP B 503 -24.17 -21.81 25.93
N LEU B 504 -22.91 -21.88 26.34
CA LEU B 504 -22.17 -20.65 26.64
C LEU B 504 -21.96 -19.82 25.38
N PHE B 505 -21.69 -20.46 24.25
CA PHE B 505 -21.54 -19.75 23.00
C PHE B 505 -22.83 -19.05 22.61
N LEU B 506 -23.96 -19.74 22.75
CA LEU B 506 -25.24 -19.10 22.43
C LEU B 506 -25.51 -17.93 23.38
N TRP B 507 -25.24 -18.11 24.66
CA TRP B 507 -25.48 -17.05 25.64
C TRP B 507 -24.61 -15.83 25.36
N ALA B 508 -23.35 -16.03 24.98
CA ALA B 508 -22.48 -14.91 24.68
C ALA B 508 -22.82 -14.26 23.34
N ILE B 509 -23.25 -15.05 22.36
CA ILE B 509 -23.64 -14.49 21.07
C ILE B 509 -24.89 -13.65 21.20
N LEU B 510 -25.87 -14.11 21.99
CA LEU B 510 -27.16 -13.43 22.08
C LEU B 510 -27.07 -12.05 22.71
N GLN B 511 -25.94 -11.69 23.32
CA GLN B 511 -25.76 -10.39 23.94
C GLN B 511 -24.52 -9.67 23.42
N ASN B 512 -24.11 -9.97 22.18
CA ASN B 512 -23.06 -9.24 21.47
C ASN B 512 -21.73 -9.24 22.24
N ARG B 513 -21.43 -10.33 22.94
CA ARG B 513 -20.16 -10.48 23.63
C ARG B 513 -19.26 -11.35 22.75
N GLN B 514 -18.60 -10.69 21.79
CA GLN B 514 -17.91 -11.42 20.74
C GLN B 514 -16.60 -12.03 21.21
N GLU B 515 -15.95 -11.47 22.22
CA GLU B 515 -14.70 -12.07 22.71
C GLU B 515 -14.98 -13.39 23.43
N MET B 516 -15.94 -13.40 24.35
CA MET B 516 -16.34 -14.67 24.97
C MET B 516 -16.93 -15.62 23.95
N ALA B 517 -17.66 -15.10 22.97
CA ALA B 517 -18.21 -15.97 21.94
C ALA B 517 -17.09 -16.63 21.15
N ASN B 518 -16.03 -15.88 20.83
CA ASN B 518 -14.88 -16.46 20.15
C ASN B 518 -14.22 -17.52 21.02
N TYR B 519 -14.09 -17.26 22.32
CA TYR B 519 -13.47 -18.24 23.22
C TYR B 519 -14.29 -19.52 23.29
N PHE B 520 -15.60 -19.40 23.48
CA PHE B 520 -16.47 -20.56 23.57
C PHE B 520 -16.56 -21.31 22.25
N TRP B 521 -16.41 -20.60 21.13
CA TRP B 521 -16.34 -21.26 19.83
C TRP B 521 -15.05 -22.05 19.70
N ALA B 522 -13.92 -21.45 20.08
CA ALA B 522 -12.64 -22.13 20.03
C ALA B 522 -12.56 -23.30 21.00
N MET B 523 -13.43 -23.33 22.01
CA MET B 523 -13.48 -24.44 22.96
C MET B 523 -14.61 -25.43 22.68
N GLY B 524 -15.27 -25.35 21.53
CA GLY B 524 -16.43 -26.17 21.25
C GLY B 524 -16.14 -27.36 20.35
N PRO B 525 -17.05 -28.34 20.34
CA PRO B 525 -16.81 -29.56 19.54
C PRO B 525 -17.10 -29.41 18.06
N GLU B 526 -18.10 -28.61 17.70
CA GLU B 526 -18.53 -28.45 16.30
C GLU B 526 -18.48 -26.96 15.97
N ALA B 527 -17.36 -26.54 15.40
CA ALA B 527 -17.07 -25.12 15.29
C ALA B 527 -17.55 -24.48 13.99
N VAL B 528 -17.61 -25.22 12.89
CA VAL B 528 -18.09 -24.63 11.64
C VAL B 528 -19.57 -24.31 11.75
N ALA B 529 -20.36 -25.27 12.23
CA ALA B 529 -21.79 -25.04 12.43
C ALA B 529 -22.02 -23.94 13.46
N ALA B 530 -21.22 -23.92 14.53
CA ALA B 530 -21.36 -22.89 15.55
C ALA B 530 -21.06 -21.50 14.96
N ALA B 531 -20.03 -21.41 14.12
CA ALA B 531 -19.71 -20.12 13.50
C ALA B 531 -20.82 -19.67 12.55
N LEU B 532 -21.41 -20.60 11.81
CA LEU B 532 -22.53 -20.23 10.94
C LEU B 532 -23.74 -19.78 11.75
N VAL B 533 -24.01 -20.45 12.88
CA VAL B 533 -25.07 -20.03 13.77
C VAL B 533 -24.80 -18.63 14.31
N GLY B 534 -23.55 -18.36 14.71
CA GLY B 534 -23.21 -17.03 15.18
C GLY B 534 -23.38 -15.97 14.12
N CYS B 535 -23.00 -16.29 12.88
CA CYS B 535 -23.22 -15.37 11.77
C CYS B 535 -24.70 -15.06 11.60
N LYS B 536 -25.53 -16.10 11.62
CA LYS B 536 -26.98 -15.91 11.47
C LYS B 536 -27.53 -15.04 12.59
N ILE B 537 -27.17 -15.33 13.83
CA ILE B 537 -27.73 -14.59 14.96
C ILE B 537 -27.25 -13.15 14.94
N MET B 538 -25.99 -12.93 14.56
CA MET B 538 -25.47 -11.57 14.50
C MET B 538 -26.17 -10.75 13.42
N LYS B 539 -26.37 -11.33 12.24
CA LYS B 539 -27.07 -10.55 11.21
C LYS B 539 -28.55 -10.41 11.51
N GLU B 540 -29.12 -11.29 12.34
CA GLU B 540 -30.50 -11.09 12.76
C GLU B 540 -30.62 -9.98 13.79
N MET B 541 -29.67 -9.90 14.73
CA MET B 541 -29.70 -8.86 15.74
C MET B 541 -29.26 -7.50 15.20
N ALA B 542 -28.50 -7.45 14.11
CA ALA B 542 -28.09 -6.17 13.56
C ALA B 542 -29.29 -5.33 13.13
N HIS B 543 -30.39 -5.97 12.77
CA HIS B 543 -31.60 -5.24 12.42
C HIS B 543 -32.33 -4.71 13.65
N LEU B 544 -32.23 -5.42 14.78
CA LEU B 544 -32.95 -5.03 15.99
C LEU B 544 -32.17 -4.06 16.86
N ALA B 545 -30.89 -3.81 16.55
CA ALA B 545 -30.07 -2.97 17.40
C ALA B 545 -30.51 -1.50 17.29
N THR B 546 -30.70 -0.86 18.44
CA THR B 546 -31.11 0.54 18.48
C THR B 546 -29.93 1.50 18.32
N GLU B 547 -28.82 1.23 18.99
CA GLU B 547 -27.65 2.08 18.88
C GLU B 547 -26.86 1.75 17.63
N ALA B 548 -26.20 2.77 17.07
CA ALA B 548 -25.46 2.59 15.84
C ALA B 548 -24.15 1.84 16.06
N GLU B 549 -23.51 2.05 17.21
CA GLU B 549 -22.25 1.37 17.49
C GLU B 549 -22.45 -0.13 17.64
N SER B 550 -23.48 -0.53 18.39
CA SER B 550 -23.76 -1.96 18.55
C SER B 550 -24.16 -2.60 17.23
N ALA B 551 -24.96 -1.89 16.43
CA ALA B 551 -25.36 -2.40 15.12
C ALA B 551 -24.13 -2.58 14.22
N ARG B 552 -23.21 -1.61 14.25
CA ARG B 552 -21.98 -1.74 13.47
C ARG B 552 -21.16 -2.94 13.92
N SER B 553 -21.01 -3.13 15.24
CA SER B 553 -20.27 -4.26 15.75
C SER B 553 -20.91 -5.58 15.32
N MET B 554 -22.24 -5.64 15.34
CA MET B 554 -22.93 -6.84 14.88
C MET B 554 -22.75 -7.05 13.38
N LYS B 555 -22.71 -5.97 12.61
CA LYS B 555 -22.50 -6.07 11.17
C LYS B 555 -21.07 -6.41 10.81
N ASN B 556 -20.13 -6.30 11.76
CA ASN B 556 -18.74 -6.69 11.55
C ASN B 556 -18.37 -7.88 12.44
N ALA B 557 -19.23 -8.89 12.49
CA ALA B 557 -19.08 -10.00 13.44
C ALA B 557 -17.99 -10.98 13.03
N LYS B 558 -17.75 -11.14 11.73
CA LYS B 558 -16.69 -12.00 11.17
C LYS B 558 -16.69 -13.42 11.76
N TYR B 559 -17.89 -13.98 11.94
CA TYR B 559 -17.99 -15.39 12.31
C TYR B 559 -18.01 -16.28 11.06
N GLU B 560 -18.62 -15.77 9.98
CA GLU B 560 -18.57 -16.48 8.71
C GLU B 560 -17.14 -16.62 8.22
N GLN B 561 -16.29 -15.62 8.51
CA GLN B 561 -14.87 -15.74 8.21
C GLN B 561 -14.22 -16.86 9.01
N PHE B 562 -14.60 -17.02 10.28
CA PHE B 562 -14.09 -18.12 11.07
C PHE B 562 -14.48 -19.46 10.47
N ALA B 563 -15.75 -19.60 10.07
CA ALA B 563 -16.20 -20.83 9.44
C ALA B 563 -15.43 -21.10 8.15
N MET B 564 -15.24 -20.06 7.34
CA MET B 564 -14.53 -20.22 6.08
C MET B 564 -13.09 -20.63 6.29
N ASP B 565 -12.41 -20.02 7.26
CA ASP B 565 -11.00 -20.34 7.48
C ASP B 565 -10.83 -21.73 8.07
N LEU B 566 -11.70 -22.11 9.01
CA LEU B 566 -11.63 -23.46 9.57
C LEU B 566 -11.92 -24.50 8.49
N PHE B 567 -12.89 -24.24 7.62
CA PHE B 567 -13.14 -25.17 6.54
C PHE B 567 -12.00 -25.18 5.52
N SER B 568 -11.32 -24.05 5.34
CA SER B 568 -10.14 -24.05 4.47
C SER B 568 -9.06 -24.96 5.03
N GLU B 569 -8.82 -24.88 6.34
CA GLU B 569 -7.86 -25.79 6.97
C GLU B 569 -8.28 -27.24 6.82
N CYS B 570 -9.56 -27.52 7.08
CA CYS B 570 -10.06 -28.90 6.98
C CYS B 570 -9.96 -29.42 5.55
N TYR B 571 -10.30 -28.59 4.57
CA TYR B 571 -10.29 -29.01 3.17
C TYR B 571 -8.87 -29.18 2.66
N SER B 572 -7.93 -28.37 3.15
CA SER B 572 -6.53 -28.58 2.82
C SER B 572 -6.00 -29.87 3.43
N ASN B 573 -6.46 -30.21 4.64
CA ASN B 573 -5.95 -31.41 5.30
C ASN B 573 -6.39 -32.68 4.59
N SER B 574 -7.68 -32.82 4.32
CA SER B 574 -8.21 -34.08 3.80
C SER B 574 -8.87 -33.95 2.45
N GLU B 575 -9.80 -32.99 2.29
CA GLU B 575 -10.53 -32.73 1.05
C GLU B 575 -11.55 -33.82 0.78
N ASP B 576 -11.53 -34.89 1.58
CA ASP B 576 -12.54 -35.94 1.54
C ASP B 576 -13.32 -36.02 2.84
N ARG B 577 -12.64 -35.89 3.98
CA ARG B 577 -13.34 -35.69 5.25
C ARG B 577 -14.03 -34.34 5.29
N ALA B 578 -13.56 -33.38 4.49
CA ALA B 578 -14.22 -32.07 4.43
C ALA B 578 -15.62 -32.18 3.86
N TYR B 579 -15.81 -32.98 2.81
CA TYR B 579 -17.15 -33.17 2.26
C TYR B 579 -18.06 -33.87 3.26
N SER B 580 -17.55 -34.88 3.96
CA SER B 580 -18.34 -35.54 5.00
C SER B 580 -18.73 -34.56 6.09
N LEU B 581 -17.80 -33.68 6.47
CA LEU B 581 -18.13 -32.63 7.44
C LEU B 581 -19.21 -31.71 6.91
N LEU B 582 -19.15 -31.39 5.61
CA LEU B 582 -20.16 -30.52 5.01
C LEU B 582 -21.54 -31.18 5.02
N VAL B 583 -21.59 -32.50 4.88
CA VAL B 583 -22.87 -33.18 4.69
C VAL B 583 -23.35 -33.93 5.92
N ARG B 584 -22.52 -34.10 6.95
CA ARG B 584 -22.94 -34.84 8.11
C ARG B 584 -23.93 -34.03 8.95
N LYS B 585 -24.83 -34.74 9.63
CA LYS B 585 -25.83 -34.10 10.46
C LYS B 585 -25.26 -33.87 11.86
N THR B 586 -25.13 -32.60 12.25
CA THR B 586 -24.45 -32.26 13.49
C THR B 586 -25.25 -32.71 14.70
N CYS B 587 -24.55 -33.15 15.74
CA CYS B 587 -25.20 -33.58 16.97
C CYS B 587 -25.66 -32.41 17.82
N CYS B 588 -24.93 -31.29 17.82
CA CYS B 588 -25.22 -30.17 18.71
C CYS B 588 -26.26 -29.21 18.16
N TRP B 589 -26.71 -29.39 16.92
CA TRP B 589 -27.64 -28.43 16.30
C TRP B 589 -28.85 -29.15 15.71
N SER B 590 -29.38 -30.13 16.43
CA SER B 590 -30.63 -30.80 16.08
C SER B 590 -30.56 -31.44 14.70
N LYS B 591 -29.51 -32.23 14.48
CA LYS B 591 -29.34 -33.01 13.25
C LYS B 591 -29.39 -32.13 12.01
N ALA B 592 -28.84 -30.92 12.12
CA ALA B 592 -28.81 -29.97 11.01
C ALA B 592 -27.48 -30.08 10.29
N THR B 593 -27.54 -30.21 8.97
CA THR B 593 -26.35 -30.25 8.14
C THR B 593 -25.65 -28.90 8.17
N VAL B 594 -24.31 -28.92 8.03
CA VAL B 594 -23.55 -27.68 7.98
C VAL B 594 -24.01 -26.83 6.80
N LEU B 595 -24.33 -27.46 5.67
CA LEU B 595 -24.88 -26.72 4.55
C LEU B 595 -26.28 -26.20 4.85
N ASN B 596 -27.07 -26.95 5.61
CA ASN B 596 -28.38 -26.45 6.04
C ASN B 596 -28.23 -25.21 6.91
N ILE B 597 -27.27 -25.25 7.85
CA ILE B 597 -27.06 -24.10 8.73
C ILE B 597 -26.51 -22.91 7.94
N ALA B 598 -25.67 -23.18 6.92
CA ALA B 598 -25.19 -22.11 6.08
C ALA B 598 -26.32 -21.48 5.27
N THR B 599 -27.24 -22.32 4.76
CA THR B 599 -28.38 -21.80 4.02
C THR B 599 -29.27 -20.95 4.92
N LEU B 600 -29.54 -21.42 6.14
CA LEU B 600 -30.35 -20.63 7.07
C LEU B 600 -29.64 -19.33 7.43
N ALA B 601 -28.34 -19.39 7.70
CA ALA B 601 -27.53 -18.20 7.97
C ALA B 601 -27.36 -17.32 6.75
N GLU B 602 -27.69 -17.82 5.56
CA GLU B 602 -27.62 -17.05 4.33
C GLU B 602 -26.18 -16.59 4.09
N ALA B 603 -25.24 -17.51 4.35
CA ALA B 603 -23.80 -17.22 4.29
C ALA B 603 -23.33 -17.29 2.85
N LYS B 604 -23.30 -16.15 2.19
CA LYS B 604 -22.88 -16.09 0.79
C LYS B 604 -21.43 -16.50 0.62
N CYS B 605 -20.54 -15.98 1.47
CA CYS B 605 -19.12 -16.20 1.26
C CYS B 605 -18.69 -17.61 1.66
N PHE B 606 -19.44 -18.26 2.56
CA PHE B 606 -19.13 -19.64 2.90
C PHE B 606 -19.46 -20.57 1.74
N PHE B 607 -20.58 -20.33 1.06
CA PHE B 607 -20.92 -21.12 -0.12
C PHE B 607 -20.00 -20.82 -1.29
N ALA B 608 -19.30 -19.69 -1.26
CA ALA B 608 -18.35 -19.34 -2.31
C ALA B 608 -16.99 -20.00 -2.12
N HIS B 609 -16.80 -20.73 -1.03
CA HIS B 609 -15.54 -21.41 -0.79
C HIS B 609 -15.31 -22.49 -1.85
N ASP B 610 -14.03 -22.74 -2.15
CA ASP B 610 -13.69 -23.68 -3.21
C ASP B 610 -14.09 -25.11 -2.86
N GLY B 611 -14.05 -25.48 -1.59
CA GLY B 611 -14.47 -26.82 -1.20
C GLY B 611 -15.95 -27.06 -1.41
N VAL B 612 -16.78 -26.08 -1.02
CA VAL B 612 -18.22 -26.21 -1.22
C VAL B 612 -18.55 -26.24 -2.71
N GLN B 613 -17.88 -25.39 -3.50
CA GLN B 613 -18.12 -25.38 -4.93
C GLN B 613 -17.67 -26.68 -5.59
N ALA B 614 -16.57 -27.26 -5.10
CA ALA B 614 -16.12 -28.54 -5.64
C ALA B 614 -17.09 -29.66 -5.29
N LEU B 615 -17.64 -29.65 -4.07
CA LEU B 615 -18.67 -30.62 -3.73
C LEU B 615 -19.92 -30.44 -4.60
N LEU B 616 -20.29 -29.19 -4.87
CA LEU B 616 -21.42 -28.92 -5.75
C LEU B 616 -21.15 -29.42 -7.16
N THR B 617 -19.92 -29.26 -7.65
CA THR B 617 -19.57 -29.77 -8.97
C THR B 617 -19.65 -31.30 -9.00
N LYS B 618 -19.17 -31.95 -7.92
CA LYS B 618 -19.26 -33.41 -7.85
C LYS B 618 -20.70 -33.88 -7.86
N VAL B 619 -21.59 -33.18 -7.14
CA VAL B 619 -23.00 -33.50 -7.17
C VAL B 619 -23.57 -33.26 -8.58
N TRP B 620 -23.16 -32.15 -9.21
CA TRP B 620 -23.68 -31.77 -10.51
C TRP B 620 -23.35 -32.82 -11.57
N TRP B 621 -22.13 -33.33 -11.56
CA TRP B 621 -21.73 -34.31 -12.56
C TRP B 621 -22.20 -35.72 -12.23
N GLY B 622 -22.71 -35.94 -11.02
CA GLY B 622 -23.24 -37.24 -10.68
C GLY B 622 -22.18 -38.32 -10.70
N ALA B 623 -22.54 -39.48 -11.27
CA ALA B 623 -21.65 -40.62 -11.32
C ALA B 623 -20.51 -40.45 -12.32
N MET B 624 -20.57 -39.45 -13.20
CA MET B 624 -19.51 -39.26 -14.18
C MET B 624 -18.37 -38.45 -13.58
N ARG B 625 -17.19 -38.61 -14.19
CA ARG B 625 -16.02 -37.83 -13.77
C ARG B 625 -16.25 -36.35 -14.03
N THR B 626 -15.78 -35.52 -13.10
CA THR B 626 -16.01 -34.09 -13.19
C THR B 626 -15.23 -33.42 -14.33
N ASP B 627 -14.22 -34.09 -14.89
CA ASP B 627 -13.46 -33.55 -16.01
C ASP B 627 -14.03 -34.02 -17.35
N THR B 628 -15.26 -34.53 -17.37
CA THR B 628 -15.89 -34.96 -18.60
C THR B 628 -16.07 -33.78 -19.54
N SER B 629 -15.67 -33.97 -20.80
CA SER B 629 -15.84 -32.94 -21.81
C SER B 629 -17.32 -32.74 -22.13
N ILE B 630 -17.69 -31.48 -22.39
CA ILE B 630 -19.07 -31.17 -22.70
C ILE B 630 -19.47 -31.75 -24.06
N SER B 631 -18.54 -31.74 -25.02
CA SER B 631 -18.85 -32.23 -26.36
C SER B 631 -19.19 -33.72 -26.34
N ARG B 632 -18.40 -34.52 -25.63
CA ARG B 632 -18.69 -35.95 -25.53
C ARG B 632 -19.99 -36.20 -24.79
N LEU B 633 -20.28 -35.39 -23.77
CA LEU B 633 -21.55 -35.52 -23.05
C LEU B 633 -22.74 -35.24 -23.97
N VAL B 634 -22.63 -34.20 -24.79
CA VAL B 634 -23.72 -33.87 -25.72
C VAL B 634 -23.87 -34.96 -26.76
N LEU B 635 -22.76 -35.47 -27.28
CA LEU B 635 -22.82 -36.55 -28.26
C LEU B 635 -23.44 -37.81 -27.66
N THR B 636 -23.17 -38.07 -26.38
CA THR B 636 -23.79 -39.21 -25.72
C THR B 636 -25.27 -38.97 -25.47
N PHE B 637 -25.65 -37.71 -25.21
CA PHE B 637 -27.06 -37.39 -25.00
C PHE B 637 -27.87 -37.58 -26.29
N PHE B 638 -27.37 -37.03 -27.40
CA PHE B 638 -28.12 -37.12 -28.65
C PHE B 638 -28.12 -38.54 -29.20
N ILE B 639 -27.09 -39.33 -28.90
CA ILE B 639 -26.99 -40.70 -29.37
C ILE B 639 -26.90 -41.61 -28.14
N PRO B 640 -28.03 -42.13 -27.67
CA PRO B 640 -28.07 -42.88 -26.40
C PRO B 640 -27.12 -44.07 -26.36
N PRO B 641 -26.92 -44.83 -27.45
CA PRO B 641 -26.08 -46.03 -27.33
C PRO B 641 -24.65 -45.76 -26.88
N LEU B 642 -24.15 -44.53 -27.01
CA LEU B 642 -22.80 -44.22 -26.57
C LEU B 642 -22.65 -44.20 -25.04
N VAL B 643 -23.73 -44.38 -24.28
CA VAL B 643 -23.59 -44.44 -22.83
C VAL B 643 -22.74 -45.64 -22.42
N TRP B 644 -22.87 -46.76 -23.14
CA TRP B 644 -22.17 -47.98 -22.79
C TRP B 644 -20.74 -48.04 -23.34
N THR B 645 -20.40 -47.14 -24.26
CA THR B 645 -19.03 -47.04 -24.76
C THR B 645 -18.15 -46.38 -23.70
N SER B 646 -16.83 -46.53 -23.87
CA SER B 646 -15.87 -45.89 -22.98
C SER B 646 -15.60 -44.44 -23.34
N LEU B 647 -16.49 -43.82 -24.12
CA LEU B 647 -16.34 -42.40 -24.44
C LEU B 647 -16.50 -41.53 -23.21
N ILE B 648 -17.30 -41.97 -22.24
CA ILE B 648 -17.56 -41.22 -21.02
C ILE B 648 -17.08 -42.04 -19.85
N LYS B 649 -16.16 -41.48 -19.06
CA LYS B 649 -15.64 -42.17 -17.89
C LYS B 649 -16.51 -41.88 -16.67
N PHE B 650 -16.65 -42.89 -15.82
CA PHE B 650 -17.52 -42.81 -14.65
C PHE B 650 -16.71 -42.96 -13.37
N ASN B 651 -17.22 -42.35 -12.30
CA ASN B 651 -16.59 -42.46 -11.00
C ASN B 651 -16.82 -43.85 -10.42
N PRO B 652 -15.77 -44.51 -9.92
CA PRO B 652 -15.96 -45.86 -9.35
C PRO B 652 -16.96 -45.84 -8.21
N GLU B 653 -17.79 -46.88 -8.17
CA GLU B 653 -18.83 -47.06 -7.14
C GLU B 653 -19.75 -45.84 -7.05
N SER B 698 -27.39 -63.67 -18.09
CA SER B 698 -28.23 -62.66 -18.72
C SER B 698 -28.73 -61.64 -17.70
N ALA B 699 -29.12 -62.14 -16.52
CA ALA B 699 -29.60 -61.24 -15.48
C ALA B 699 -28.51 -60.28 -15.02
N THR B 700 -27.28 -60.77 -14.86
CA THR B 700 -26.18 -59.90 -14.48
C THR B 700 -25.91 -58.84 -15.55
N PHE B 701 -25.94 -59.24 -16.82
CA PHE B 701 -25.73 -58.28 -17.89
C PHE B 701 -26.83 -57.22 -17.93
N ILE B 702 -28.08 -57.66 -17.74
CA ILE B 702 -29.20 -56.72 -17.72
C ILE B 702 -29.05 -55.74 -16.57
N ARG B 703 -28.67 -56.24 -15.38
CA ARG B 703 -28.47 -55.37 -14.24
C ARG B 703 -27.35 -54.37 -14.49
N VAL B 704 -26.26 -54.83 -15.12
CA VAL B 704 -25.12 -53.94 -15.38
C VAL B 704 -25.50 -52.84 -16.36
N VAL B 705 -26.18 -53.21 -17.46
CA VAL B 705 -26.54 -52.21 -18.44
C VAL B 705 -27.58 -51.24 -17.88
N LEU B 706 -28.52 -51.74 -17.09
CA LEU B 706 -29.49 -50.85 -16.45
C LEU B 706 -28.80 -49.90 -15.49
N ARG B 707 -27.83 -50.39 -14.72
CA ARG B 707 -27.11 -49.54 -13.79
C ARG B 707 -26.34 -48.45 -14.53
N ARG B 708 -25.67 -48.80 -15.63
CA ARG B 708 -24.95 -47.79 -16.39
C ARG B 708 -25.90 -46.76 -16.99
N TRP B 709 -27.03 -47.22 -17.54
CA TRP B 709 -28.01 -46.30 -18.11
C TRP B 709 -28.55 -45.33 -17.05
N ASN B 710 -28.91 -45.87 -15.89
CA ASN B 710 -29.47 -45.02 -14.83
C ASN B 710 -28.42 -44.11 -14.22
N ARG B 711 -27.14 -44.54 -14.26
CA ARG B 711 -26.09 -43.68 -13.75
C ARG B 711 -25.84 -42.50 -14.68
N PHE B 712 -25.85 -42.73 -15.99
CA PHE B 712 -25.66 -41.61 -16.91
C PHE B 712 -26.88 -40.69 -16.93
N TRP B 713 -28.07 -41.27 -17.03
CA TRP B 713 -29.26 -40.48 -17.35
C TRP B 713 -29.93 -39.84 -16.14
N SER B 714 -29.42 -40.07 -14.93
CA SER B 714 -29.99 -39.46 -13.74
C SER B 714 -29.10 -38.39 -13.14
N ALA B 715 -27.96 -38.10 -13.76
CA ALA B 715 -27.10 -37.04 -13.25
C ALA B 715 -27.78 -35.69 -13.45
N PRO B 716 -27.53 -34.73 -12.55
CA PRO B 716 -28.16 -33.41 -12.71
C PRO B 716 -27.82 -32.72 -14.03
N VAL B 717 -26.62 -32.94 -14.56
CA VAL B 717 -26.22 -32.25 -15.78
C VAL B 717 -27.01 -32.75 -16.98
N THR B 718 -27.25 -34.06 -17.07
CA THR B 718 -28.05 -34.59 -18.17
C THR B 718 -29.52 -34.21 -18.03
N VAL B 719 -30.02 -34.16 -16.79
CA VAL B 719 -31.37 -33.67 -16.57
C VAL B 719 -31.50 -32.23 -17.03
N PHE B 720 -30.51 -31.41 -16.72
CA PHE B 720 -30.51 -30.01 -17.15
C PHE B 720 -30.46 -29.92 -18.68
N MET B 721 -29.62 -30.73 -19.32
CA MET B 721 -29.55 -30.71 -20.77
C MET B 721 -30.86 -31.12 -21.41
N GLY B 722 -31.50 -32.16 -20.87
CA GLY B 722 -32.80 -32.57 -21.38
C GLY B 722 -33.85 -31.49 -21.20
N ASN B 723 -33.83 -30.82 -20.05
CA ASN B 723 -34.78 -29.74 -19.82
C ASN B 723 -34.55 -28.58 -20.79
N VAL B 724 -33.29 -28.25 -21.06
CA VAL B 724 -32.99 -27.15 -21.99
C VAL B 724 -33.43 -27.51 -23.40
N ILE B 725 -33.13 -28.74 -23.84
CA ILE B 725 -33.54 -29.17 -25.18
C ILE B 725 -35.06 -29.17 -25.30
N MET B 726 -35.74 -29.70 -24.30
CA MET B 726 -37.20 -29.76 -24.36
C MET B 726 -37.83 -28.38 -24.25
N TYR B 727 -37.18 -27.44 -23.58
CA TYR B 727 -37.72 -26.09 -23.54
C TYR B 727 -37.52 -25.37 -24.87
N PHE B 728 -36.40 -25.62 -25.54
CA PHE B 728 -36.24 -25.12 -26.91
C PHE B 728 -37.31 -25.71 -27.82
N ALA B 729 -37.60 -27.00 -27.67
CA ALA B 729 -38.67 -27.62 -28.45
C ALA B 729 -40.02 -27.01 -28.12
N PHE B 730 -40.26 -26.71 -26.84
CA PHE B 730 -41.51 -26.08 -26.43
C PHE B 730 -41.66 -24.70 -27.04
N LEU B 731 -40.59 -23.90 -27.03
CA LEU B 731 -40.68 -22.58 -27.64
C LEU B 731 -40.92 -22.68 -29.13
N ILE B 732 -40.25 -23.63 -29.80
CA ILE B 732 -40.45 -23.81 -31.24
C ILE B 732 -41.89 -24.21 -31.52
N LEU B 733 -42.44 -25.14 -30.74
CA LEU B 733 -43.82 -25.56 -30.94
C LEU B 733 -44.81 -24.44 -30.65
N PHE B 734 -44.57 -23.68 -29.57
CA PHE B 734 -45.45 -22.57 -29.23
C PHE B 734 -45.48 -21.55 -30.37
N SER B 735 -44.30 -21.23 -30.90
CA SER B 735 -44.23 -20.25 -31.99
C SER B 735 -44.83 -20.80 -33.28
N TYR B 736 -44.69 -22.10 -33.54
CA TYR B 736 -45.34 -22.69 -34.71
C TYR B 736 -46.85 -22.60 -34.59
N VAL B 737 -47.39 -22.92 -33.43
CA VAL B 737 -48.84 -22.83 -33.21
C VAL B 737 -49.31 -21.39 -33.34
N LEU B 738 -48.55 -20.46 -32.76
CA LEU B 738 -48.96 -19.06 -32.74
C LEU B 738 -48.89 -18.43 -34.13
N LEU B 739 -47.89 -18.79 -34.92
CA LEU B 739 -47.61 -18.10 -36.17
C LEU B 739 -48.21 -18.78 -37.39
N LEU B 740 -48.29 -20.10 -37.40
CA LEU B 740 -48.67 -20.83 -38.61
C LEU B 740 -49.83 -21.79 -38.44
N ASP B 741 -50.18 -22.20 -37.22
CA ASP B 741 -51.22 -23.21 -37.01
C ASP B 741 -52.19 -22.76 -35.93
N PHE B 742 -52.64 -21.51 -36.02
CA PHE B 742 -53.66 -20.98 -35.12
C PHE B 742 -54.97 -20.93 -35.87
N ARG B 743 -56.01 -21.56 -35.31
CA ARG B 743 -57.24 -21.81 -36.04
C ARG B 743 -58.44 -21.11 -35.39
N PRO B 744 -59.56 -21.00 -36.09
CA PRO B 744 -60.76 -20.37 -35.52
C PRO B 744 -61.25 -21.11 -34.28
N PRO B 745 -62.24 -20.55 -33.57
CA PRO B 745 -62.70 -21.15 -32.31
C PRO B 745 -63.21 -22.58 -32.49
N PRO B 746 -63.55 -23.25 -31.38
CA PRO B 746 -63.93 -24.66 -31.41
C PRO B 746 -64.95 -25.00 -32.48
N PRO B 747 -65.84 -24.07 -32.92
CA PRO B 747 -66.65 -24.36 -34.12
C PRO B 747 -65.85 -25.01 -35.24
N TYR B 748 -64.68 -24.44 -35.55
CA TYR B 748 -63.71 -25.09 -36.42
C TYR B 748 -62.70 -25.92 -35.63
N GLY B 749 -62.21 -25.38 -34.52
CA GLY B 749 -61.46 -26.16 -33.57
C GLY B 749 -59.99 -25.78 -33.48
N PRO B 750 -59.44 -25.84 -32.27
CA PRO B 750 -57.98 -25.72 -32.14
C PRO B 750 -57.27 -26.88 -32.84
N SER B 751 -56.11 -26.57 -33.40
CA SER B 751 -55.35 -27.59 -34.10
C SER B 751 -54.80 -28.62 -33.11
N ALA B 752 -54.38 -29.77 -33.65
CA ALA B 752 -53.80 -30.81 -32.81
C ALA B 752 -52.53 -30.33 -32.14
N ALA B 753 -51.72 -29.52 -32.84
CA ALA B 753 -50.53 -28.95 -32.23
C ALA B 753 -50.88 -28.06 -31.05
N GLU B 754 -52.01 -27.35 -31.13
CA GLU B 754 -52.45 -26.53 -30.01
C GLU B 754 -52.85 -27.39 -28.81
N ILE B 755 -53.49 -28.53 -29.07
CA ILE B 755 -53.83 -29.44 -27.97
C ILE B 755 -52.58 -30.00 -27.32
N ILE B 756 -51.59 -30.38 -28.15
CA ILE B 756 -50.32 -30.85 -27.61
C ILE B 756 -49.66 -29.75 -26.79
N LEU B 757 -49.78 -28.50 -27.23
CA LEU B 757 -49.23 -27.38 -26.49
C LEU B 757 -49.92 -27.21 -25.14
N TYR B 758 -51.25 -27.35 -25.13
CA TYR B 758 -51.99 -27.30 -23.87
C TYR B 758 -51.51 -28.37 -22.91
N PHE B 759 -51.34 -29.59 -23.40
CA PHE B 759 -50.83 -30.67 -22.55
C PHE B 759 -49.41 -30.38 -22.08
N TRP B 760 -48.59 -29.79 -22.94
CA TRP B 760 -47.23 -29.46 -22.58
C TRP B 760 -47.22 -28.49 -21.40
N VAL B 761 -48.03 -27.44 -21.50
CA VAL B 761 -48.10 -26.43 -20.45
C VAL B 761 -48.69 -27.04 -19.19
N PHE B 762 -49.62 -27.97 -19.33
CA PHE B 762 -50.15 -28.68 -18.16
C PHE B 762 -49.03 -29.44 -17.44
N THR B 763 -48.17 -30.11 -18.18
CA THR B 763 -47.04 -30.80 -17.56
C THR B 763 -46.07 -29.80 -16.91
N LEU B 764 -45.84 -28.65 -17.55
CA LEU B 764 -44.98 -27.64 -16.97
C LEU B 764 -45.53 -27.13 -15.66
N VAL B 765 -46.84 -26.88 -15.60
CA VAL B 765 -47.48 -26.42 -14.37
C VAL B 765 -47.39 -27.50 -13.30
N LEU B 766 -47.57 -28.77 -13.67
CA LEU B 766 -47.43 -29.84 -12.69
C LEU B 766 -46.02 -29.89 -12.12
N GLU B 767 -45.00 -29.74 -12.97
CA GLU B 767 -43.63 -29.74 -12.47
C GLU B 767 -43.37 -28.57 -11.54
N GLU B 768 -43.87 -27.38 -11.91
CA GLU B 768 -43.70 -26.21 -11.04
C GLU B 768 -44.37 -26.42 -9.69
N ILE B 769 -45.62 -26.91 -9.71
CA ILE B 769 -46.36 -27.12 -8.48
C ILE B 769 -45.70 -28.17 -7.60
N ARG B 770 -45.23 -29.27 -8.21
CA ARG B 770 -44.51 -30.29 -7.45
C ARG B 770 -43.26 -29.73 -6.82
N GLN B 771 -42.41 -29.08 -7.61
CA GLN B 771 -41.15 -28.55 -7.10
C GLN B 771 -41.39 -27.53 -5.98
N SER B 772 -42.49 -26.78 -6.06
CA SER B 772 -42.72 -25.72 -5.10
C SER B 772 -43.43 -26.17 -3.83
N PHE B 773 -44.36 -27.13 -3.91
CA PHE B 773 -45.20 -27.46 -2.77
C PHE B 773 -45.18 -28.92 -2.35
N PHE B 774 -44.71 -29.84 -3.20
CA PHE B 774 -44.74 -31.26 -2.90
C PHE B 774 -43.34 -31.84 -2.73
N THR B 775 -42.43 -31.06 -2.14
CA THR B 775 -41.06 -31.50 -1.93
C THR B 775 -40.63 -31.53 -0.47
N ASP B 776 -41.29 -30.75 0.39
CA ASP B 776 -40.96 -30.70 1.82
C ASP B 776 -42.10 -31.34 2.60
N GLU B 777 -41.76 -32.35 3.40
CA GLU B 777 -42.77 -33.03 4.20
C GLU B 777 -43.30 -32.12 5.31
N ASP B 778 -42.42 -31.44 6.02
CA ASP B 778 -42.79 -30.57 7.13
C ASP B 778 -42.47 -29.14 6.75
N MET B 779 -43.48 -28.40 6.31
CA MET B 779 -43.35 -26.99 5.96
C MET B 779 -44.75 -26.43 5.77
N SER B 780 -44.96 -25.20 6.20
CA SER B 780 -46.30 -24.62 6.17
C SER B 780 -46.71 -24.27 4.74
N ILE B 781 -47.99 -24.51 4.44
CA ILE B 781 -48.51 -24.20 3.10
C ILE B 781 -48.47 -22.69 2.85
N LEU B 782 -48.89 -21.90 3.84
CA LEU B 782 -48.80 -20.45 3.70
C LEU B 782 -47.35 -19.99 3.57
N LYS B 783 -46.46 -20.59 4.36
CA LYS B 783 -45.04 -20.26 4.25
C LYS B 783 -44.48 -20.68 2.90
N LYS B 784 -44.90 -21.84 2.39
CA LYS B 784 -44.47 -22.27 1.07
C LYS B 784 -44.94 -21.30 -0.01
N MET B 785 -46.18 -20.83 0.10
CA MET B 785 -46.69 -19.86 -0.88
C MET B 785 -45.95 -18.53 -0.78
N LYS B 786 -45.60 -18.11 0.44
CA LYS B 786 -44.81 -16.89 0.61
C LYS B 786 -43.43 -17.05 -0.01
N LEU B 787 -42.79 -18.21 0.20
CA LEU B 787 -41.50 -18.47 -0.42
C LEU B 787 -41.60 -18.46 -1.94
N TYR B 788 -42.66 -19.05 -2.48
CA TYR B 788 -42.87 -19.05 -3.92
C TYR B 788 -43.02 -17.63 -4.46
N VAL B 789 -43.91 -16.83 -3.86
CA VAL B 789 -44.15 -15.49 -4.36
C VAL B 789 -43.02 -14.53 -4.03
N GLU B 790 -42.06 -14.93 -3.19
CA GLU B 790 -40.92 -14.08 -2.91
C GLU B 790 -39.92 -14.04 -4.08
N ASP B 791 -39.99 -14.99 -5.00
CA ASP B 791 -39.08 -15.04 -6.13
C ASP B 791 -39.70 -14.34 -7.33
N ASN B 792 -38.95 -13.41 -7.93
CA ASN B 792 -39.45 -12.66 -9.06
C ASN B 792 -39.64 -13.54 -10.29
N TRP B 793 -38.77 -14.53 -10.47
CA TRP B 793 -38.95 -15.48 -11.57
C TRP B 793 -40.22 -16.28 -11.38
N ASN B 794 -40.58 -16.59 -10.13
CA ASN B 794 -41.85 -17.22 -9.87
C ASN B 794 -43.02 -16.30 -10.19
N LYS B 795 -42.86 -15.00 -9.94
CA LYS B 795 -43.87 -14.04 -10.37
C LYS B 795 -44.03 -14.07 -11.90
N CYS B 796 -42.91 -14.16 -12.61
CA CYS B 796 -42.96 -14.28 -14.07
C CYS B 796 -43.69 -15.56 -14.48
N ASP B 797 -43.44 -16.66 -13.77
CA ASP B 797 -44.10 -17.92 -14.08
C ASP B 797 -45.61 -17.82 -13.85
N MET B 798 -46.03 -17.19 -12.75
CA MET B 798 -47.46 -17.00 -12.49
C MET B 798 -48.09 -16.10 -13.55
N VAL B 799 -47.38 -15.06 -13.97
CA VAL B 799 -47.88 -14.21 -15.05
C VAL B 799 -48.06 -15.03 -16.32
N ALA B 800 -47.09 -15.90 -16.62
CA ALA B 800 -47.17 -16.73 -17.81
C ALA B 800 -48.37 -17.67 -17.77
N ILE B 801 -48.58 -18.34 -16.64
CA ILE B 801 -49.69 -19.28 -16.57
C ILE B 801 -51.03 -18.56 -16.60
N SER B 802 -51.11 -17.39 -15.94
CA SER B 802 -52.35 -16.62 -16.00
C SER B 802 -52.65 -16.18 -17.42
N LEU B 803 -51.64 -15.70 -18.14
CA LEU B 803 -51.83 -15.30 -19.53
C LEU B 803 -52.24 -16.49 -20.39
N PHE B 804 -51.63 -17.65 -20.17
CA PHE B 804 -52.00 -18.83 -20.96
C PHE B 804 -53.46 -19.21 -20.72
N VAL B 805 -53.90 -19.23 -19.46
CA VAL B 805 -55.27 -19.61 -19.15
C VAL B 805 -56.25 -18.60 -19.74
N VAL B 806 -55.98 -17.31 -19.57
CA VAL B 806 -56.88 -16.28 -20.08
C VAL B 806 -56.94 -16.32 -21.60
N GLY B 807 -55.79 -16.49 -22.24
CA GLY B 807 -55.76 -16.56 -23.70
C GLY B 807 -56.50 -17.76 -24.23
N LEU B 808 -56.33 -18.92 -23.59
CA LEU B 808 -57.07 -20.11 -24.01
C LEU B 808 -58.57 -19.90 -23.86
N SER B 809 -58.99 -19.36 -22.72
CA SER B 809 -60.41 -19.13 -22.49
C SER B 809 -61.00 -18.17 -23.52
N CYS B 810 -60.31 -17.06 -23.78
CA CYS B 810 -60.78 -16.12 -24.79
C CYS B 810 -60.77 -16.72 -26.18
N ARG B 811 -59.77 -17.56 -26.47
CA ARG B 811 -59.65 -18.20 -27.77
C ARG B 811 -60.77 -19.19 -28.02
N MET B 812 -61.31 -19.79 -26.96
CA MET B 812 -62.41 -20.73 -27.14
C MET B 812 -63.71 -20.05 -27.57
N ALA B 813 -63.77 -18.72 -27.53
CA ALA B 813 -64.97 -17.98 -27.89
C ALA B 813 -64.72 -17.11 -29.12
N MET B 814 -65.76 -16.97 -29.95
CA MET B 814 -65.63 -16.16 -31.15
C MET B 814 -65.49 -14.67 -30.84
N SER B 815 -66.23 -14.18 -29.83
CA SER B 815 -66.23 -12.76 -29.55
C SER B 815 -64.93 -12.30 -28.90
N THR B 816 -64.15 -13.23 -28.35
CA THR B 816 -62.90 -12.92 -27.68
C THR B 816 -61.71 -13.63 -28.33
N TYR B 817 -61.85 -14.01 -29.60
CA TYR B 817 -60.82 -14.79 -30.28
C TYR B 817 -59.55 -13.98 -30.48
N GLU B 818 -59.68 -12.76 -31.00
CA GLU B 818 -58.52 -11.92 -31.26
C GLU B 818 -57.81 -11.55 -29.96
N ALA B 819 -58.58 -11.27 -28.90
CA ALA B 819 -57.97 -11.01 -27.60
C ALA B 819 -57.20 -12.22 -27.10
N GLY B 820 -57.74 -13.42 -27.32
CA GLY B 820 -57.02 -14.63 -26.95
C GLY B 820 -55.71 -14.78 -27.71
N ARG B 821 -55.73 -14.48 -29.01
CA ARG B 821 -54.49 -14.53 -29.80
C ARG B 821 -53.47 -13.52 -29.27
N THR B 822 -53.92 -12.31 -28.94
CA THR B 822 -53.03 -11.29 -28.40
C THR B 822 -52.39 -11.74 -27.08
N VAL B 823 -53.22 -12.30 -26.19
CA VAL B 823 -52.72 -12.73 -24.88
C VAL B 823 -51.77 -13.89 -25.03
N LEU B 824 -52.02 -14.78 -26.00
CA LEU B 824 -51.10 -15.89 -26.23
C LEU B 824 -49.77 -15.43 -26.82
N ALA B 825 -49.78 -14.37 -27.65
CA ALA B 825 -48.52 -13.80 -28.10
C ALA B 825 -47.72 -13.24 -26.94
N LEU B 826 -48.39 -12.49 -26.05
CA LEU B 826 -47.73 -12.01 -24.85
C LEU B 826 -47.19 -13.17 -24.02
N ASP B 827 -47.92 -14.29 -23.99
CA ASP B 827 -47.48 -15.46 -23.24
C ASP B 827 -46.20 -16.04 -23.85
N PHE B 828 -46.12 -16.10 -25.18
CA PHE B 828 -44.87 -16.54 -25.79
C PHE B 828 -43.72 -15.64 -25.36
N MET B 829 -43.95 -14.33 -25.35
CA MET B 829 -42.93 -13.41 -24.87
C MET B 829 -42.47 -13.77 -23.47
N VAL B 830 -43.42 -14.03 -22.57
CA VAL B 830 -43.08 -14.30 -21.17
C VAL B 830 -42.28 -15.61 -21.05
N PHE B 831 -42.69 -16.66 -21.78
CA PHE B 831 -41.96 -17.92 -21.72
C PHE B 831 -40.55 -17.78 -22.27
N THR B 832 -40.40 -17.07 -23.39
CA THR B 832 -39.07 -16.83 -23.94
C THR B 832 -38.21 -16.05 -22.95
N LEU B 833 -38.83 -15.19 -22.15
CA LEU B 833 -38.08 -14.52 -21.10
C LEU B 833 -37.68 -15.47 -19.98
N ARG B 834 -38.55 -16.44 -19.65
CA ARG B 834 -38.19 -17.46 -18.67
C ARG B 834 -36.96 -18.24 -19.13
N LEU B 835 -36.78 -18.35 -20.44
CA LEU B 835 -35.60 -19.04 -20.97
C LEU B 835 -34.30 -18.46 -20.41
N ILE B 836 -34.28 -17.17 -20.08
CA ILE B 836 -33.09 -16.58 -19.45
C ILE B 836 -32.82 -17.23 -18.10
N HIS B 837 -33.88 -17.35 -17.28
CA HIS B 837 -33.71 -17.96 -15.97
C HIS B 837 -33.32 -19.43 -16.05
N ILE B 838 -33.69 -20.11 -17.14
CA ILE B 838 -33.32 -21.52 -17.26
C ILE B 838 -31.80 -21.69 -17.26
N PHE B 839 -31.07 -20.72 -17.81
CA PHE B 839 -29.62 -20.79 -17.90
C PHE B 839 -28.90 -20.14 -16.72
N ALA B 840 -29.59 -19.98 -15.59
CA ALA B 840 -28.98 -19.32 -14.44
C ALA B 840 -27.85 -20.13 -13.81
N ILE B 841 -27.75 -21.43 -14.13
CA ILE B 841 -26.73 -22.27 -13.51
C ILE B 841 -25.44 -22.30 -14.31
N HIS B 842 -25.39 -21.63 -15.46
CA HIS B 842 -24.17 -21.56 -16.24
C HIS B 842 -23.09 -20.81 -15.48
N LYS B 843 -21.84 -21.25 -15.67
CA LYS B 843 -20.73 -20.67 -14.92
C LYS B 843 -20.55 -19.19 -15.21
N GLN B 844 -20.76 -18.78 -16.46
CA GLN B 844 -20.50 -17.40 -16.87
C GLN B 844 -21.76 -16.59 -17.14
N LEU B 845 -22.92 -17.23 -17.27
CA LEU B 845 -24.12 -16.50 -17.64
C LEU B 845 -24.88 -15.96 -16.43
N GLY B 846 -24.88 -16.70 -15.32
CA GLY B 846 -25.61 -16.31 -14.13
C GLY B 846 -25.15 -15.01 -13.49
N PRO B 847 -23.84 -14.87 -13.27
CA PRO B 847 -23.34 -13.59 -12.73
C PRO B 847 -23.67 -12.41 -13.60
N LYS B 848 -23.75 -12.58 -14.93
CA LYS B 848 -24.15 -11.48 -15.80
C LYS B 848 -25.61 -11.10 -15.57
N ILE B 849 -26.47 -12.08 -15.33
CA ILE B 849 -27.86 -11.80 -14.99
C ILE B 849 -27.95 -11.00 -13.70
N ILE B 850 -27.16 -11.40 -12.70
CA ILE B 850 -27.15 -10.66 -11.44
C ILE B 850 -26.63 -9.24 -11.66
N ILE B 851 -25.63 -9.08 -12.52
CA ILE B 851 -25.08 -7.76 -12.81
C ILE B 851 -26.11 -6.86 -13.48
N VAL B 852 -26.89 -7.42 -14.40
CA VAL B 852 -27.97 -6.67 -15.03
C VAL B 852 -28.99 -6.23 -13.98
N GLU B 853 -29.35 -7.13 -13.07
CA GLU B 853 -30.22 -6.78 -11.96
C GLU B 853 -29.64 -5.63 -11.14
N ARG B 854 -28.32 -5.59 -11.01
CA ARG B 854 -27.70 -4.50 -10.24
C ARG B 854 -27.67 -3.19 -11.01
N MET B 855 -27.63 -3.23 -12.33
CA MET B 855 -27.59 -2.02 -13.15
C MET B 855 -28.98 -1.44 -13.46
N ILE B 856 -30.04 -2.19 -13.15
CA ILE B 856 -31.39 -1.64 -13.31
C ILE B 856 -31.55 -0.30 -12.60
N LYS B 857 -30.82 -0.07 -11.50
CA LYS B 857 -30.96 1.19 -10.78
C LYS B 857 -30.38 2.37 -11.56
N ASP B 858 -29.23 2.18 -12.21
CA ASP B 858 -28.71 3.23 -13.08
C ASP B 858 -29.65 3.47 -14.25
N VAL B 859 -30.26 2.39 -14.77
CA VAL B 859 -31.29 2.55 -15.79
C VAL B 859 -32.40 3.46 -15.27
N PHE B 860 -32.80 3.26 -14.01
CA PHE B 860 -33.90 4.05 -13.45
C PHE B 860 -33.51 5.52 -13.26
N PHE B 861 -32.27 5.79 -12.87
CA PHE B 861 -31.82 7.18 -12.76
C PHE B 861 -31.88 7.86 -14.13
N PHE B 862 -31.33 7.19 -15.15
CA PHE B 862 -31.41 7.72 -16.50
C PHE B 862 -32.86 7.96 -16.90
N LEU B 863 -33.74 7.03 -16.53
CA LEU B 863 -35.15 7.15 -16.91
C LEU B 863 -35.82 8.32 -16.21
N PHE B 864 -35.45 8.60 -14.95
CA PHE B 864 -36.00 9.77 -14.27
C PHE B 864 -35.62 11.05 -15.00
N PHE B 865 -34.33 11.23 -15.26
CA PHE B 865 -33.89 12.47 -15.92
C PHE B 865 -34.51 12.59 -17.31
N LEU B 866 -34.49 11.48 -18.07
CA LEU B 866 -35.05 11.47 -19.41
C LEU B 866 -36.54 11.76 -19.39
N SER B 867 -37.27 11.19 -18.42
CA SER B 867 -38.70 11.42 -18.34
C SER B 867 -39.01 12.87 -18.10
N VAL B 868 -38.29 13.51 -17.18
CA VAL B 868 -38.56 14.93 -16.91
C VAL B 868 -38.31 15.77 -18.17
N TRP B 869 -37.14 15.60 -18.78
CA TRP B 869 -36.81 16.42 -19.94
C TRP B 869 -37.73 16.10 -21.12
N LEU B 870 -38.09 14.83 -21.28
CA LEU B 870 -38.95 14.40 -22.37
C LEU B 870 -40.35 14.98 -22.23
N ILE B 871 -40.93 14.94 -21.03
CA ILE B 871 -42.25 15.52 -20.83
C ILE B 871 -42.22 17.01 -21.11
N ALA B 872 -41.20 17.71 -20.59
CA ALA B 872 -41.12 19.15 -20.83
C ALA B 872 -41.06 19.45 -22.33
N TYR B 873 -40.10 18.83 -23.03
CA TYR B 873 -39.92 19.12 -24.45
C TYR B 873 -41.13 18.72 -25.26
N GLY B 874 -41.69 17.54 -25.00
CA GLY B 874 -42.81 17.06 -25.79
C GLY B 874 -44.05 17.92 -25.64
N VAL B 875 -44.40 18.27 -24.41
CA VAL B 875 -45.58 19.09 -24.22
C VAL B 875 -45.36 20.50 -24.78
N THR B 876 -44.16 21.06 -24.61
CA THR B 876 -43.88 22.37 -25.17
C THR B 876 -43.99 22.36 -26.69
N THR B 877 -43.45 21.32 -27.33
CA THR B 877 -43.50 21.24 -28.79
C THR B 877 -44.92 21.01 -29.28
N GLN B 878 -45.69 20.18 -28.56
CA GLN B 878 -47.10 20.00 -28.91
C GLN B 878 -47.86 21.30 -28.83
N ALA B 879 -47.62 22.10 -27.79
CA ALA B 879 -48.31 23.38 -27.66
C ALA B 879 -47.88 24.35 -28.76
N LEU B 880 -46.58 24.39 -29.06
CA LEU B 880 -46.06 25.33 -30.05
C LEU B 880 -46.42 24.96 -31.48
N LEU B 881 -46.67 23.69 -31.75
CA LEU B 881 -46.73 23.19 -33.12
C LEU B 881 -48.13 22.78 -33.57
N HIS B 882 -48.93 22.21 -32.68
CA HIS B 882 -50.32 21.84 -32.99
C HIS B 882 -51.24 22.34 -31.88
N PRO B 883 -51.42 23.66 -31.78
CA PRO B 883 -52.31 24.18 -30.72
C PRO B 883 -53.77 23.84 -30.93
N ASN B 884 -54.18 23.50 -32.15
CA ASN B 884 -55.59 23.31 -32.48
C ASN B 884 -55.99 21.84 -32.60
N ASP B 885 -55.10 20.90 -32.30
CA ASP B 885 -55.42 19.48 -32.41
C ASP B 885 -56.09 19.02 -31.13
N PRO B 886 -57.35 18.57 -31.17
CA PRO B 886 -58.04 18.15 -29.95
C PRO B 886 -57.91 16.67 -29.63
N ARG B 887 -57.35 15.86 -30.52
CA ARG B 887 -57.33 14.41 -30.31
C ARG B 887 -56.34 14.04 -29.21
N ILE B 888 -56.85 13.37 -28.17
CA ILE B 888 -56.01 13.03 -27.02
C ILE B 888 -54.93 12.03 -27.42
N ASP B 889 -55.27 11.07 -28.28
CA ASP B 889 -54.29 10.06 -28.68
C ASP B 889 -53.11 10.69 -29.40
N TRP B 890 -53.38 11.65 -30.30
CA TRP B 890 -52.30 12.32 -31.01
C TRP B 890 -51.55 13.30 -30.12
N VAL B 891 -52.23 13.91 -29.13
CA VAL B 891 -51.53 14.72 -28.16
C VAL B 891 -50.49 13.89 -27.42
N PHE B 892 -50.91 12.71 -26.92
CA PHE B 892 -49.96 11.84 -26.23
C PHE B 892 -48.89 11.31 -27.17
N ARG B 893 -49.26 11.02 -28.42
CA ARG B 893 -48.27 10.62 -29.42
C ARG B 893 -47.16 11.66 -29.52
N ARG B 894 -47.51 12.87 -29.95
CA ARG B 894 -46.51 13.90 -30.17
C ARG B 894 -45.84 14.37 -28.88
N ALA B 895 -46.44 14.11 -27.72
CA ALA B 895 -45.83 14.57 -26.48
C ALA B 895 -44.91 13.54 -25.84
N LEU B 896 -45.12 12.25 -26.09
CA LEU B 896 -44.24 11.28 -25.45
C LEU B 896 -43.60 10.29 -26.40
N TYR B 897 -44.33 9.83 -27.42
CA TYR B 897 -43.83 8.77 -28.29
C TYR B 897 -42.72 9.29 -29.20
N ARG B 898 -42.89 10.50 -29.75
CA ARG B 898 -41.86 11.05 -30.62
C ARG B 898 -40.59 11.45 -29.86
N PRO B 899 -40.65 12.24 -28.79
CA PRO B 899 -39.40 12.55 -28.06
C PRO B 899 -38.71 11.31 -27.52
N TYR B 900 -39.46 10.27 -27.17
CA TYR B 900 -38.83 9.03 -26.74
C TYR B 900 -38.04 8.39 -27.88
N LEU B 901 -38.61 8.40 -29.09
CA LEU B 901 -37.91 7.85 -30.24
C LEU B 901 -36.72 8.72 -30.66
N HIS B 902 -36.71 9.99 -30.26
CA HIS B 902 -35.51 10.81 -30.51
C HIS B 902 -34.28 10.20 -29.87
N ILE B 903 -34.44 9.42 -28.80
CA ILE B 903 -33.30 8.83 -28.11
C ILE B 903 -32.60 7.81 -29.00
N PHE B 904 -33.36 7.09 -29.82
CA PHE B 904 -32.83 6.05 -30.68
C PHE B 904 -32.56 6.53 -32.10
N GLY B 905 -32.30 7.82 -32.28
CA GLY B 905 -31.96 8.37 -33.57
C GLY B 905 -33.13 8.58 -34.52
N GLN B 906 -34.37 8.45 -34.04
CA GLN B 906 -35.55 8.67 -34.87
C GLN B 906 -35.97 10.13 -34.70
N ILE B 907 -35.43 10.98 -35.56
CA ILE B 907 -35.77 12.41 -35.52
C ILE B 907 -36.51 12.77 -36.80
N PRO B 908 -37.85 12.79 -36.78
CA PRO B 908 -38.65 13.15 -37.97
C PRO B 908 -38.81 14.65 -38.16
N LEU B 909 -37.81 15.27 -38.80
CA LEU B 909 -37.83 16.69 -39.07
C LEU B 909 -38.95 17.10 -40.02
N GLU B 910 -39.58 16.13 -40.70
CA GLU B 910 -40.65 16.45 -41.65
C GLU B 910 -41.88 17.01 -40.98
N GLU B 911 -42.01 16.87 -39.65
CA GLU B 911 -43.12 17.46 -38.93
C GLU B 911 -42.66 18.33 -37.77
N ILE B 912 -41.39 18.74 -37.75
CA ILE B 912 -40.88 19.60 -36.71
C ILE B 912 -40.33 20.88 -37.33
N ASP B 913 -39.83 20.77 -38.56
CA ASP B 913 -39.19 21.87 -39.26
C ASP B 913 -40.05 22.28 -40.45
N ALA B 914 -40.39 23.56 -40.51
CA ALA B 914 -41.30 24.05 -41.55
C ALA B 914 -40.69 23.90 -42.94
N ALA B 915 -39.38 24.17 -43.07
CA ALA B 915 -38.73 24.08 -44.37
C ALA B 915 -38.74 22.65 -44.91
N LYS B 916 -38.94 21.67 -44.04
CA LYS B 916 -38.97 20.27 -44.43
C LYS B 916 -40.36 19.67 -44.42
N MET B 917 -41.38 20.45 -44.08
CA MET B 917 -42.72 19.92 -43.94
C MET B 917 -43.34 19.71 -45.32
N PRO B 918 -43.81 18.50 -45.64
CA PRO B 918 -44.41 18.27 -46.96
C PRO B 918 -45.69 19.07 -47.14
N ASP B 919 -45.89 19.55 -48.37
CA ASP B 919 -47.03 20.40 -48.69
C ASP B 919 -48.20 19.59 -49.24
N ASP B 920 -48.58 18.55 -48.50
CA ASP B 920 -49.83 17.86 -48.77
C ASP B 920 -50.98 18.68 -48.19
N ASN B 921 -52.11 18.73 -48.88
CA ASN B 921 -53.16 19.64 -48.46
C ASN B 921 -53.81 19.15 -47.17
N CYS B 922 -53.89 20.03 -46.18
CA CYS B 922 -54.25 19.71 -44.82
C CYS B 922 -55.17 20.80 -44.27
N THR B 923 -55.98 20.43 -43.29
CA THR B 923 -57.09 21.28 -42.84
C THR B 923 -56.76 21.96 -41.51
N THR B 924 -57.36 23.13 -41.32
CA THR B 924 -57.31 23.84 -40.06
C THR B 924 -58.66 23.82 -39.34
N ASP B 925 -59.64 23.08 -39.88
CA ASP B 925 -60.96 22.99 -39.28
C ASP B 925 -60.97 21.90 -38.22
N VAL B 926 -61.51 22.22 -37.05
CA VAL B 926 -61.47 21.29 -35.92
C VAL B 926 -62.26 20.03 -36.25
N GLN B 927 -63.44 20.18 -36.85
CA GLN B 927 -64.27 19.02 -37.17
C GLN B 927 -63.57 18.10 -38.17
N GLU B 928 -62.94 18.69 -39.19
CA GLU B 928 -62.23 17.89 -40.18
C GLU B 928 -61.00 17.21 -39.57
N ILE B 929 -60.36 17.85 -38.61
CA ILE B 929 -59.23 17.23 -37.92
C ILE B 929 -59.71 16.03 -37.10
N ILE B 930 -60.82 16.21 -36.38
CA ILE B 930 -61.35 15.13 -35.54
C ILE B 930 -61.80 13.95 -36.40
N LEU B 931 -62.50 14.24 -37.51
CA LEU B 931 -62.96 13.17 -38.39
C LEU B 931 -61.81 12.44 -39.07
N GLY B 932 -60.63 13.04 -39.12
CA GLY B 932 -59.49 12.40 -39.75
C GLY B 932 -59.48 12.46 -41.27
N THR B 933 -60.33 13.28 -41.87
CA THR B 933 -60.35 13.38 -43.33
C THR B 933 -59.04 13.96 -43.86
N LEU B 934 -58.46 14.92 -43.14
CA LEU B 934 -57.19 15.52 -43.49
C LEU B 934 -56.35 15.71 -42.23
N PRO B 935 -55.03 15.63 -42.35
CA PRO B 935 -54.18 15.89 -41.19
C PRO B 935 -54.26 17.35 -40.79
N PRO B 936 -54.04 17.67 -39.52
CA PRO B 936 -54.05 19.07 -39.10
C PRO B 936 -52.87 19.83 -39.66
N CYS B 937 -53.05 21.14 -39.80
CA CYS B 937 -51.98 21.99 -40.29
C CYS B 937 -51.07 22.38 -39.13
N PRO B 938 -49.79 22.00 -39.16
CA PRO B 938 -48.89 22.37 -38.05
C PRO B 938 -48.62 23.86 -38.05
N ASN B 939 -48.79 24.48 -36.88
CA ASN B 939 -48.55 25.90 -36.74
C ASN B 939 -47.06 26.20 -36.88
N ILE B 940 -46.73 27.21 -37.69
CA ILE B 940 -45.34 27.58 -37.94
C ILE B 940 -45.11 29.01 -37.50
N TYR B 941 -45.85 29.47 -36.50
CA TYR B 941 -45.74 30.86 -36.05
C TYR B 941 -44.31 31.19 -35.62
N ALA B 942 -43.81 30.53 -34.58
CA ALA B 942 -42.43 30.68 -34.15
C ALA B 942 -41.77 29.32 -34.25
N ASN B 943 -41.27 28.99 -35.45
CA ASN B 943 -40.62 27.71 -35.67
C ASN B 943 -39.15 27.71 -35.29
N TRP B 944 -38.51 28.89 -35.28
CA TRP B 944 -37.14 28.96 -34.79
C TRP B 944 -37.05 28.46 -33.35
N LEU B 945 -38.08 28.75 -32.55
CA LEU B 945 -38.11 28.26 -31.18
C LEU B 945 -38.25 26.74 -31.14
N VAL B 946 -39.08 26.17 -32.03
CA VAL B 946 -39.22 24.73 -32.09
C VAL B 946 -37.90 24.06 -32.46
N ILE B 947 -37.20 24.61 -33.45
CA ILE B 947 -35.93 24.04 -33.87
C ILE B 947 -34.88 24.19 -32.77
N LEU B 948 -34.84 25.35 -32.11
CA LEU B 948 -33.90 25.56 -31.02
C LEU B 948 -34.17 24.60 -29.86
N LEU B 949 -35.44 24.39 -29.52
CA LEU B 949 -35.78 23.46 -28.46
C LEU B 949 -35.40 22.04 -28.83
N LEU B 950 -35.62 21.65 -30.10
CA LEU B 950 -35.18 20.34 -30.56
C LEU B 950 -33.67 20.19 -30.44
N VAL B 951 -32.93 21.23 -30.82
CA VAL B 951 -31.48 21.20 -30.72
C VAL B 951 -31.03 21.01 -29.28
N ILE B 952 -31.60 21.78 -28.36
CA ILE B 952 -31.20 21.70 -26.96
C ILE B 952 -31.58 20.35 -26.37
N TYR B 953 -32.79 19.87 -26.66
CA TYR B 953 -33.23 18.59 -26.14
C TYR B 953 -32.38 17.45 -26.67
N LEU B 954 -32.05 17.48 -27.96
CA LEU B 954 -31.17 16.46 -28.53
C LEU B 954 -29.81 16.49 -27.84
N LEU B 955 -29.22 17.68 -27.71
CA LEU B 955 -27.97 17.80 -26.98
C LEU B 955 -28.06 17.12 -25.63
N VAL B 956 -28.97 17.60 -24.78
CA VAL B 956 -29.08 17.10 -23.41
C VAL B 956 -29.24 15.59 -23.41
N THR B 957 -30.34 15.10 -23.99
CA THR B 957 -30.69 13.69 -23.85
C THR B 957 -29.69 12.78 -24.56
N ASN B 958 -29.40 13.05 -25.83
CA ASN B 958 -28.59 12.12 -26.61
C ASN B 958 -27.10 12.23 -26.33
N VAL B 959 -26.65 13.27 -25.62
CA VAL B 959 -25.23 13.35 -25.31
C VAL B 959 -25.03 13.16 -23.81
N LEU B 960 -25.53 14.11 -23.02
CA LEU B 960 -25.19 14.15 -21.60
C LEU B 960 -25.79 12.95 -20.88
N LEU B 961 -27.10 12.72 -21.04
CA LEU B 961 -27.75 11.66 -20.30
C LEU B 961 -27.28 10.29 -20.74
N LEU B 962 -27.15 10.08 -22.05
CA LEU B 962 -26.76 8.77 -22.56
C LEU B 962 -25.34 8.41 -22.16
N ASN B 963 -24.39 9.34 -22.32
CA ASN B 963 -23.01 9.03 -21.97
C ASN B 963 -22.82 8.98 -20.46
N LEU B 964 -23.62 9.75 -19.70
CA LEU B 964 -23.62 9.61 -18.25
C LEU B 964 -24.10 8.22 -17.83
N LEU B 965 -25.12 7.70 -18.52
CA LEU B 965 -25.58 6.35 -18.24
C LEU B 965 -24.50 5.33 -18.56
N ILE B 966 -23.77 5.54 -19.67
CA ILE B 966 -22.66 4.65 -20.00
C ILE B 966 -21.62 4.66 -18.88
N ALA B 967 -21.28 5.86 -18.39
CA ALA B 967 -20.30 5.96 -17.30
C ALA B 967 -20.79 5.28 -16.04
N MET B 968 -22.08 5.44 -15.72
CA MET B 968 -22.64 4.80 -14.54
C MET B 968 -22.60 3.28 -14.65
N PHE B 969 -22.94 2.74 -15.83
CA PHE B 969 -22.79 1.30 -16.02
C PHE B 969 -21.35 0.84 -15.87
N SER B 970 -20.39 1.60 -16.41
CA SER B 970 -18.99 1.22 -16.25
C SER B 970 -18.62 1.12 -14.77
N TYR B 971 -18.91 2.17 -14.01
CA TYR B 971 -18.56 2.17 -12.60
C TYR B 971 -19.27 1.06 -11.84
N THR B 972 -20.57 0.88 -12.11
CA THR B 972 -21.35 -0.14 -11.40
C THR B 972 -20.83 -1.54 -11.69
N PHE B 973 -20.49 -1.82 -12.96
CA PHE B 973 -19.90 -3.11 -13.30
C PHE B 973 -18.64 -3.35 -12.51
N GLN B 974 -17.72 -2.36 -12.52
CA GLN B 974 -16.44 -2.53 -11.86
C GLN B 974 -16.60 -2.74 -10.36
N VAL B 975 -17.60 -2.08 -9.75
CA VAL B 975 -17.77 -2.21 -8.30
C VAL B 975 -18.74 -3.33 -7.89
N VAL B 976 -19.39 -3.98 -8.83
CA VAL B 976 -20.39 -5.00 -8.51
C VAL B 976 -19.95 -6.41 -8.85
N GLN B 977 -19.05 -6.60 -9.83
CA GLN B 977 -18.79 -7.93 -10.37
C GLN B 977 -18.48 -8.98 -9.30
N GLU B 978 -17.69 -8.63 -8.28
CA GLU B 978 -17.25 -9.62 -7.31
C GLU B 978 -18.42 -10.08 -6.43
N ASN B 979 -19.21 -9.14 -5.91
CA ASN B 979 -20.35 -9.51 -5.09
C ASN B 979 -21.38 -10.26 -5.94
N ALA B 980 -21.50 -9.90 -7.22
CA ALA B 980 -22.38 -10.64 -8.11
C ALA B 980 -21.93 -12.09 -8.26
N ASP B 981 -20.62 -12.31 -8.35
CA ASP B 981 -20.10 -13.67 -8.44
C ASP B 981 -20.36 -14.47 -7.16
N ILE B 982 -20.15 -13.85 -6.00
CA ILE B 982 -20.44 -14.54 -4.75
C ILE B 982 -21.91 -14.90 -4.65
N PHE B 983 -22.79 -13.97 -5.02
CA PHE B 983 -24.22 -14.25 -5.05
C PHE B 983 -24.55 -15.38 -6.02
N TRP B 984 -23.87 -15.42 -7.16
CA TRP B 984 -24.13 -16.51 -8.11
C TRP B 984 -23.71 -17.86 -7.52
N LYS B 985 -22.60 -17.91 -6.80
CA LYS B 985 -22.21 -19.18 -6.18
C LYS B 985 -23.26 -19.63 -5.17
N PHE B 986 -23.74 -18.69 -4.35
CA PHE B 986 -24.78 -19.05 -3.39
C PHE B 986 -26.04 -19.55 -4.10
N GLN B 987 -26.44 -18.89 -5.19
CA GLN B 987 -27.61 -19.31 -5.94
C GLN B 987 -27.39 -20.65 -6.64
N ARG B 988 -26.16 -20.90 -7.10
CA ARG B 988 -25.82 -22.17 -7.73
C ARG B 988 -25.97 -23.32 -6.76
N TYR B 989 -25.66 -23.09 -5.48
CA TYR B 989 -25.93 -24.13 -4.49
C TYR B 989 -27.39 -24.58 -4.53
N ASN B 990 -28.32 -23.61 -4.46
CA ASN B 990 -29.74 -23.94 -4.44
C ASN B 990 -30.18 -24.57 -5.75
N LEU B 991 -29.66 -24.05 -6.87
CA LEU B 991 -30.01 -24.62 -8.17
C LEU B 991 -29.58 -26.08 -8.28
N ILE B 992 -28.39 -26.40 -7.79
CA ILE B 992 -27.92 -27.79 -7.83
C ILE B 992 -28.71 -28.66 -6.86
N VAL B 993 -29.07 -28.13 -5.70
CA VAL B 993 -29.86 -28.90 -4.74
C VAL B 993 -31.24 -29.20 -5.31
N GLU B 994 -31.79 -28.30 -6.14
CA GLU B 994 -33.11 -28.51 -6.70
C GLU B 994 -33.21 -29.79 -7.54
N TYR B 995 -32.08 -30.32 -8.04
CA TYR B 995 -32.11 -31.49 -8.90
C TYR B 995 -32.20 -32.80 -8.14
N HIS B 996 -32.09 -32.78 -6.81
CA HIS B 996 -32.17 -34.02 -6.05
C HIS B 996 -33.53 -34.68 -6.15
N SER B 997 -34.61 -33.90 -6.06
CA SER B 997 -35.96 -34.41 -6.19
C SER B 997 -36.53 -34.24 -7.60
N ARG B 998 -35.77 -33.62 -8.50
CA ARG B 998 -36.28 -33.39 -9.86
C ARG B 998 -36.20 -34.67 -10.67
N PRO B 999 -37.30 -35.11 -11.28
CA PRO B 999 -37.26 -36.33 -12.09
C PRO B 999 -36.38 -36.16 -13.32
N ALA B 1000 -35.83 -37.27 -13.80
CA ALA B 1000 -34.90 -37.28 -14.91
C ALA B 1000 -35.58 -37.09 -16.26
N LEU B 1001 -36.91 -37.11 -16.32
CA LEU B 1001 -37.63 -36.94 -17.57
C LEU B 1001 -38.09 -35.49 -17.71
N ALA B 1002 -37.77 -34.88 -18.84
CA ALA B 1002 -38.20 -33.53 -19.14
C ALA B 1002 -39.64 -33.53 -19.62
N PRO B 1003 -40.33 -32.40 -19.52
CA PRO B 1003 -41.69 -32.32 -20.05
C PRO B 1003 -41.67 -32.50 -21.57
N PRO B 1004 -42.74 -33.05 -22.14
CA PRO B 1004 -43.99 -33.42 -21.47
C PRO B 1004 -43.92 -34.81 -20.87
N PHE B 1005 -42.79 -35.49 -21.06
CA PHE B 1005 -42.60 -36.83 -20.54
C PHE B 1005 -42.57 -36.87 -19.02
N ILE B 1006 -42.45 -35.71 -18.38
CA ILE B 1006 -42.43 -35.64 -16.92
C ILE B 1006 -43.77 -36.05 -16.31
N ILE B 1007 -44.82 -36.12 -17.13
CA ILE B 1007 -46.10 -36.63 -16.65
C ILE B 1007 -45.97 -38.08 -16.24
N ILE B 1008 -45.13 -38.86 -16.94
CA ILE B 1008 -44.89 -40.25 -16.56
C ILE B 1008 -44.29 -40.32 -15.17
N SER B 1009 -43.29 -39.48 -14.91
CA SER B 1009 -42.66 -39.46 -13.58
C SER B 1009 -43.64 -39.01 -12.51
N HIS B 1010 -44.46 -38.00 -12.81
CA HIS B 1010 -45.44 -37.53 -11.82
C HIS B 1010 -46.44 -38.63 -11.48
N ILE B 1011 -46.97 -39.31 -12.50
CA ILE B 1011 -47.92 -40.39 -12.25
C ILE B 1011 -47.26 -41.53 -11.49
N THR B 1012 -46.02 -41.88 -11.86
CA THR B 1012 -45.33 -42.97 -11.18
C THR B 1012 -45.12 -42.64 -9.71
N GLN B 1013 -44.68 -41.42 -9.40
CA GLN B 1013 -44.46 -41.04 -8.02
C GLN B 1013 -45.77 -41.00 -7.24
N ALA B 1014 -46.83 -40.47 -7.85
CA ALA B 1014 -48.12 -40.43 -7.16
C ALA B 1014 -48.64 -41.83 -6.86
N LEU B 1015 -48.53 -42.74 -7.83
CA LEU B 1015 -48.97 -44.11 -7.62
C LEU B 1015 -48.13 -44.81 -6.56
N LEU B 1016 -46.81 -44.62 -6.58
CA LEU B 1016 -45.96 -45.25 -5.58
C LEU B 1016 -46.25 -44.71 -4.19
N SER B 1017 -46.51 -43.41 -4.07
CA SER B 1017 -46.84 -42.84 -2.76
C SER B 1017 -48.18 -43.35 -2.26
N PHE B 1018 -49.20 -43.37 -3.12
CA PHE B 1018 -50.53 -43.83 -2.70
C PHE B 1018 -50.51 -45.31 -2.34
N ILE B 1019 -49.84 -46.14 -3.14
CA ILE B 1019 -49.81 -47.57 -2.87
C ILE B 1019 -48.96 -47.87 -1.64
N LYS B 1020 -47.79 -47.25 -1.54
CA LYS B 1020 -46.90 -47.49 -0.41
C LYS B 1020 -46.96 -46.34 0.58
N ASP B 1027 -29.69 -39.18 -0.58
CA ASP B 1027 -29.11 -37.98 -1.15
C ASP B 1027 -27.62 -37.90 -0.87
N LEU B 1028 -26.86 -37.33 -1.80
CA LEU B 1028 -25.43 -37.10 -1.56
C LEU B 1028 -25.24 -36.16 -0.39
N LEU B 1029 -26.08 -35.13 -0.29
CA LEU B 1029 -26.02 -34.17 0.79
C LEU B 1029 -26.87 -34.68 1.97
N GLU B 1030 -26.59 -34.14 3.15
CA GLU B 1030 -27.39 -34.39 4.35
C GLU B 1030 -27.52 -35.88 4.65
N ARG B 1031 -26.40 -36.50 5.00
CA ARG B 1031 -26.36 -37.92 5.31
C ARG B 1031 -26.07 -38.14 6.79
N GLU B 1032 -26.66 -39.20 7.35
CA GLU B 1032 -26.43 -39.59 8.73
C GLU B 1032 -25.39 -40.71 8.78
N LEU B 1033 -24.35 -40.51 9.57
CA LEU B 1033 -23.23 -41.42 9.65
C LEU B 1033 -23.33 -42.30 10.89
N PRO B 1034 -22.66 -43.45 10.89
CA PRO B 1034 -22.58 -44.26 12.10
C PRO B 1034 -21.83 -43.54 13.20
N SER B 1035 -22.00 -44.03 14.43
CA SER B 1035 -21.47 -43.34 15.60
C SER B 1035 -19.95 -43.24 15.56
N GLY B 1036 -19.27 -44.32 15.18
CA GLY B 1036 -17.81 -44.30 15.17
C GLY B 1036 -17.25 -43.30 14.18
N LEU B 1037 -17.77 -43.32 12.95
CA LEU B 1037 -17.29 -42.38 11.94
C LEU B 1037 -17.63 -40.94 12.31
N ASP B 1038 -18.81 -40.72 12.89
CA ASP B 1038 -19.19 -39.37 13.29
C ASP B 1038 -18.28 -38.84 14.40
N GLN B 1039 -17.94 -39.69 15.37
CA GLN B 1039 -17.00 -39.28 16.41
C GLN B 1039 -15.63 -39.01 15.83
N LYS B 1040 -15.17 -39.87 14.91
CA LYS B 1040 -13.87 -39.64 14.27
C LYS B 1040 -13.86 -38.31 13.53
N LEU B 1041 -14.96 -37.99 12.85
CA LEU B 1041 -15.02 -36.74 12.10
C LEU B 1041 -15.04 -35.53 13.01
N MET B 1042 -15.78 -35.59 14.12
CA MET B 1042 -15.76 -34.45 15.05
C MET B 1042 -14.40 -34.29 15.71
N THR B 1043 -13.74 -35.39 16.05
CA THR B 1043 -12.39 -35.31 16.60
C THR B 1043 -11.42 -34.72 15.59
N TRP B 1044 -11.55 -35.12 14.32
CA TRP B 1044 -10.71 -34.54 13.27
C TRP B 1044 -10.98 -33.04 13.12
N GLU B 1045 -12.25 -32.65 13.19
CA GLU B 1045 -12.59 -31.23 13.11
C GLU B 1045 -11.98 -30.45 14.27
N THR B 1046 -12.02 -31.02 15.47
CA THR B 1046 -11.43 -30.34 16.63
C THR B 1046 -9.92 -30.22 16.47
N VAL B 1047 -9.27 -31.27 15.96
CA VAL B 1047 -7.82 -31.20 15.75
C VAL B 1047 -7.47 -30.16 14.70
N GLN B 1048 -8.25 -30.09 13.61
CA GLN B 1048 -8.03 -29.08 12.60
C GLN B 1048 -8.23 -27.67 13.16
N LYS B 1049 -9.24 -27.50 14.01
CA LYS B 1049 -9.48 -26.20 14.64
C LYS B 1049 -8.32 -25.82 15.55
N GLU B 1050 -7.79 -26.79 16.31
CA GLU B 1050 -6.64 -26.52 17.15
C GLU B 1050 -5.43 -26.11 16.31
N ASN B 1051 -5.22 -26.80 15.19
CA ASN B 1051 -4.13 -26.42 14.28
C ASN B 1051 -4.33 -25.02 13.74
N TYR B 1052 -5.56 -24.69 13.34
CA TYR B 1052 -5.86 -23.35 12.83
C TYR B 1052 -5.58 -22.28 13.87
N LEU B 1053 -6.03 -22.50 15.10
CA LEU B 1053 -5.82 -21.52 16.16
C LEU B 1053 -4.34 -21.39 16.51
N ALA B 1054 -3.62 -22.51 16.54
CA ALA B 1054 -2.19 -22.46 16.82
C ALA B 1054 -1.45 -21.70 15.72
N LYS B 1055 -1.81 -21.93 14.46
CA LYS B 1055 -1.17 -21.20 13.37
C LYS B 1055 -1.49 -19.70 13.44
N LEU B 1056 -2.73 -19.35 13.79
CA LEU B 1056 -3.08 -17.94 13.96
C LEU B 1056 -2.25 -17.31 15.06
N GLU B 1057 -2.17 -17.96 16.22
CA GLU B 1057 -1.41 -17.41 17.33
C GLU B 1057 0.08 -17.33 17.00
N HIS B 1058 0.58 -18.29 16.22
CA HIS B 1058 1.97 -18.25 15.80
C HIS B 1058 2.24 -17.07 14.87
N GLU B 1059 1.45 -16.95 13.80
CA GLU B 1059 1.69 -15.86 12.85
C GLU B 1059 1.45 -14.51 13.49
N HIS B 1060 0.67 -14.46 14.57
CA HIS B 1060 0.57 -13.24 15.34
C HIS B 1060 1.83 -13.01 16.17
N ARG B 1061 2.38 -14.09 16.74
CA ARG B 1061 3.49 -13.94 17.68
C ARG B 1061 4.78 -13.48 16.99
N GLU B 1062 5.03 -13.94 15.77
CA GLU B 1062 6.16 -13.46 14.99
C GLU B 1062 5.75 -12.39 13.97
N SER B 1063 4.82 -11.53 14.34
CA SER B 1063 4.53 -10.36 13.53
C SER B 1063 5.47 -9.22 13.91
N SER B 1064 5.59 -8.24 13.01
CA SER B 1064 6.52 -7.14 13.24
C SER B 1064 6.12 -6.31 14.46
N GLY B 1065 4.82 -6.06 14.62
CA GLY B 1065 4.37 -5.27 15.76
C GLY B 1065 4.62 -5.94 17.09
N GLU B 1066 4.36 -7.25 17.16
CA GLU B 1066 4.62 -7.97 18.41
C GLU B 1066 6.12 -8.06 18.70
N ARG B 1067 6.94 -8.20 17.65
CA ARG B 1067 8.38 -8.18 17.86
C ARG B 1067 8.84 -6.82 18.40
N LEU B 1068 8.30 -5.73 17.85
CA LEU B 1068 8.67 -4.41 18.35
C LEU B 1068 8.23 -4.22 19.79
N ARG B 1069 7.01 -4.67 20.13
CA ARG B 1069 6.53 -4.57 21.49
C ARG B 1069 7.41 -5.35 22.45
N TYR B 1070 7.75 -6.59 22.08
CA TYR B 1070 8.62 -7.43 22.90
C TYR B 1070 9.97 -6.78 23.09
N THR B 1071 10.57 -6.28 22.00
CA THR B 1071 11.88 -5.65 22.09
C THR B 1071 11.85 -4.42 22.97
N SER B 1072 10.82 -3.58 22.84
CA SER B 1072 10.72 -2.38 23.67
C SER B 1072 10.59 -2.74 25.15
N SER B 1073 9.69 -3.66 25.48
CA SER B 1073 9.48 -4.03 26.88
C SER B 1073 10.74 -4.64 27.48
N LYS B 1074 11.37 -5.57 26.75
CA LYS B 1074 12.56 -6.22 27.28
C LYS B 1074 13.74 -5.26 27.36
N VAL B 1075 13.84 -4.31 26.44
CA VAL B 1075 14.90 -3.30 26.51
C VAL B 1075 14.69 -2.41 27.72
N GLN B 1076 13.45 -2.03 28.01
CA GLN B 1076 13.19 -1.23 29.20
C GLN B 1076 13.56 -1.98 30.47
N THR B 1077 13.13 -3.24 30.58
CA THR B 1077 13.45 -4.03 31.77
C THR B 1077 14.96 -4.24 31.89
N LEU B 1078 15.63 -4.53 30.77
CA LEU B 1078 17.07 -4.73 30.76
C LEU B 1078 17.80 -3.45 31.16
N LEU B 1079 17.31 -2.30 30.70
CA LEU B 1079 17.93 -1.04 31.08
C LEU B 1079 17.81 -0.80 32.58
N ARG B 1080 16.63 -1.10 33.15
CA ARG B 1080 16.48 -0.92 34.59
C ARG B 1080 17.40 -1.86 35.37
N MET B 1081 17.47 -3.13 34.96
CA MET B 1081 18.34 -4.07 35.66
C MET B 1081 19.81 -3.71 35.53
N VAL B 1082 20.23 -3.27 34.33
CA VAL B 1082 21.61 -2.87 34.14
C VAL B 1082 21.92 -1.59 34.89
N GLY B 1083 20.94 -0.71 35.05
CA GLY B 1083 21.14 0.46 35.89
C GLY B 1083 21.33 0.09 37.36
N GLY B 1084 20.56 -0.89 37.83
CA GLY B 1084 20.79 -1.41 39.17
C GLY B 1084 22.17 -2.01 39.32
N PHE B 1085 22.61 -2.77 38.31
CA PHE B 1085 23.94 -3.37 38.34
C PHE B 1085 25.02 -2.29 38.32
N LYS B 1086 24.82 -1.23 37.54
CA LYS B 1086 25.77 -0.12 37.50
C LYS B 1086 25.82 0.61 38.84
N ASP B 1087 24.68 0.77 39.50
CA ASP B 1087 24.67 1.35 40.84
C ASP B 1087 25.46 0.47 41.81
N GLN B 1088 25.27 -0.85 41.73
CA GLN B 1088 26.03 -1.76 42.58
C GLN B 1088 27.53 -1.65 42.30
N GLU B 1089 27.90 -1.54 41.03
CA GLU B 1089 29.31 -1.41 40.67
C GLU B 1089 29.90 -0.10 41.19
N LYS B 1090 29.13 0.99 41.10
CA LYS B 1090 29.57 2.26 41.65
C LYS B 1090 29.76 2.17 43.16
N ARG B 1091 28.84 1.48 43.85
CA ARG B 1091 29.04 1.24 45.27
C ARG B 1091 30.25 0.35 45.53
N MET B 1092 30.45 -0.69 44.71
CA MET B 1092 31.58 -1.58 44.87
C MET B 1092 32.84 -1.00 44.22
N ARG C 16 38.78 58.49 17.25
CA ARG C 16 39.27 57.12 17.16
C ARG C 16 38.27 56.24 16.41
N LEU C 17 37.00 56.63 16.45
CA LEU C 17 35.98 55.90 15.69
C LEU C 17 36.18 56.13 14.20
N GLY C 18 35.78 55.14 13.41
CA GLY C 18 35.93 55.25 11.97
C GLY C 18 35.12 54.19 11.25
N ASP C 19 35.40 54.06 9.96
CA ASP C 19 34.72 53.09 9.11
C ASP C 19 35.72 52.56 8.09
N ILE C 20 35.43 51.36 7.59
CA ILE C 20 36.29 50.68 6.62
C ILE C 20 35.47 50.35 5.39
N ASP C 21 36.00 50.67 4.22
CA ASP C 21 35.46 50.22 2.94
C ASP C 21 36.38 49.13 2.41
N PHE C 22 36.05 47.88 2.71
CA PHE C 22 36.91 46.75 2.36
C PHE C 22 36.91 46.56 0.85
N THR C 23 38.09 46.66 0.24
CA THR C 23 38.25 46.44 -1.19
C THR C 23 38.84 45.06 -1.43
N GLY C 24 38.23 44.30 -2.34
CA GLY C 24 38.68 42.95 -2.61
C GLY C 24 37.61 42.08 -3.23
N VAL C 25 37.38 40.90 -2.65
CA VAL C 25 36.39 39.97 -3.18
C VAL C 25 35.00 40.60 -3.14
N SER C 26 34.64 41.18 -1.99
CA SER C 26 33.33 41.81 -1.84
C SER C 26 33.50 43.14 -1.13
N ARG C 27 32.72 44.13 -1.57
CA ARG C 27 32.74 45.45 -0.96
C ARG C 27 31.90 45.42 0.31
N THR C 28 32.56 45.49 1.46
CA THR C 28 31.91 45.45 2.75
C THR C 28 32.26 46.70 3.55
N ARG C 29 31.28 47.23 4.28
CA ARG C 29 31.46 48.40 5.12
C ARG C 29 31.57 47.95 6.57
N GLY C 30 32.71 48.22 7.19
CA GLY C 30 32.91 47.87 8.58
C GLY C 30 33.39 49.07 9.37
N LYS C 31 33.17 49.01 10.67
CA LYS C 31 33.58 50.07 11.59
C LYS C 31 34.64 49.54 12.55
N PHE C 32 35.26 50.46 13.28
CA PHE C 32 36.30 50.06 14.23
C PHE C 32 36.39 51.11 15.32
N VAL C 33 37.10 50.75 16.39
CA VAL C 33 37.47 51.69 17.44
C VAL C 33 38.89 51.35 17.89
N ARG C 34 39.72 52.38 18.06
CA ARG C 34 41.05 52.22 18.62
C ARG C 34 40.97 52.44 20.12
N VAL C 35 41.38 51.44 20.90
CA VAL C 35 41.33 51.49 22.35
C VAL C 35 42.68 51.04 22.91
N THR C 36 42.91 51.40 24.16
CA THR C 36 44.12 51.06 24.88
C THR C 36 43.74 50.30 26.15
N SER C 37 44.72 49.61 26.74
CA SER C 37 44.45 48.83 27.94
C SER C 37 43.96 49.68 29.10
N SER C 38 44.18 51.00 29.04
CA SER C 38 43.75 51.90 30.10
C SER C 38 42.27 52.26 30.06
N THR C 39 41.59 52.03 28.93
CA THR C 39 40.19 52.44 28.84
C THR C 39 39.29 51.45 29.60
N ASP C 40 38.19 51.97 30.12
CA ASP C 40 37.24 51.12 30.82
C ASP C 40 36.42 50.31 29.81
N PRO C 41 36.11 49.05 30.11
CA PRO C 41 35.27 48.27 29.18
C PRO C 41 33.86 48.82 29.05
N ALA C 42 33.35 49.49 30.09
CA ALA C 42 32.00 50.02 30.04
C ALA C 42 31.84 51.06 28.94
N GLU C 43 32.88 51.86 28.70
CA GLU C 43 32.82 52.84 27.62
C GLU C 43 32.71 52.16 26.27
N ILE C 44 33.48 51.08 26.05
CA ILE C 44 33.39 50.36 24.79
C ILE C 44 32.04 49.69 24.63
N TYR C 45 31.49 49.15 25.71
CA TYR C 45 30.16 48.55 25.64
C TYR C 45 29.11 49.61 25.31
N GLN C 46 29.21 50.80 25.92
CA GLN C 46 28.27 51.87 25.60
C GLN C 46 28.40 52.29 24.14
N ILE C 47 29.62 52.35 23.63
CA ILE C 47 29.81 52.68 22.21
C ILE C 47 29.16 51.63 21.33
N LEU C 48 29.39 50.34 21.66
CA LEU C 48 28.80 49.26 20.87
C LEU C 48 27.27 49.33 20.88
N THR C 49 26.69 49.64 22.05
CA THR C 49 25.23 49.65 22.18
C THR C 49 24.62 50.85 21.46
N LYS C 50 25.19 52.03 21.66
CA LYS C 50 24.56 53.26 21.19
C LYS C 50 25.13 53.76 19.87
N GLN C 51 26.46 53.98 19.82
CA GLN C 51 27.05 54.63 18.67
C GLN C 51 27.00 53.78 17.40
N TRP C 52 26.83 52.46 17.54
CA TRP C 52 26.79 51.58 16.39
C TRP C 52 25.47 50.85 16.22
N GLY C 53 24.49 51.06 17.10
CA GLY C 53 23.17 50.50 16.95
C GLY C 53 23.05 49.01 17.19
N LEU C 54 23.97 48.42 17.94
CA LEU C 54 23.93 46.99 18.21
C LEU C 54 23.12 46.74 19.49
N ALA C 55 21.99 46.08 19.33
CA ALA C 55 21.10 45.80 20.46
C ALA C 55 21.79 44.86 21.45
N PRO C 56 21.43 44.91 22.73
CA PRO C 56 22.02 43.99 23.68
C PRO C 56 21.59 42.56 23.39
N PRO C 57 22.55 41.64 23.32
CA PRO C 57 22.27 40.30 22.80
C PRO C 57 21.64 39.40 23.85
N HIS C 58 21.05 38.31 23.36
CA HIS C 58 20.56 37.23 24.21
C HIS C 58 21.59 36.14 24.42
N LEU C 59 22.75 36.23 23.76
CA LEU C 59 23.81 35.25 23.91
C LEU C 59 25.12 35.87 23.46
N VAL C 60 26.19 35.60 24.20
CA VAL C 60 27.53 36.03 23.84
C VAL C 60 28.43 34.81 23.80
N VAL C 61 29.07 34.58 22.66
CA VAL C 61 29.96 33.45 22.46
C VAL C 61 31.35 33.99 22.16
N ALA C 62 32.30 33.73 23.06
CA ALA C 62 33.67 34.18 22.91
C ALA C 62 34.52 33.04 22.34
N LEU C 63 35.36 33.38 21.38
CA LEU C 63 36.20 32.40 20.70
C LEU C 63 37.64 32.52 21.18
N MET C 64 38.20 31.43 21.68
CA MET C 64 39.56 31.41 22.19
C MET C 64 40.35 30.32 21.49
N GLY C 65 41.59 30.64 21.12
CA GLY C 65 42.38 29.70 20.34
C GLY C 65 42.07 29.79 18.87
N GLY C 66 42.52 28.78 18.13
CA GLY C 66 42.29 28.72 16.70
C GLY C 66 43.22 29.57 15.85
N ASP C 67 44.18 30.26 16.47
CA ASP C 67 45.14 31.07 15.75
C ASP C 67 46.50 30.38 15.60
N GLU C 68 46.58 29.10 15.93
CA GLU C 68 47.85 28.38 15.88
C GLU C 68 48.17 27.97 14.44
N VAL C 69 49.36 27.40 14.27
CA VAL C 69 49.80 26.97 12.94
C VAL C 69 48.88 25.90 12.38
N ALA C 70 48.52 24.93 13.20
CA ALA C 70 47.67 23.82 12.79
C ALA C 70 46.21 24.25 12.85
N GLN C 71 45.53 24.21 11.71
CA GLN C 71 44.13 24.56 11.64
C GLN C 71 43.27 23.30 11.67
N LEU C 72 41.98 23.50 11.96
CA LEU C 72 41.06 22.39 12.11
C LEU C 72 40.86 21.65 10.79
N LYS C 73 40.37 20.41 10.89
CA LYS C 73 39.96 19.69 9.71
C LYS C 73 38.77 20.38 9.05
N PRO C 74 38.67 20.33 7.73
CA PRO C 74 37.56 21.04 7.06
C PRO C 74 36.19 20.63 7.57
N TRP C 75 35.96 19.34 7.81
CA TRP C 75 34.66 18.90 8.30
C TRP C 75 34.40 19.43 9.71
N LEU C 76 35.42 19.42 10.57
CA LEU C 76 35.23 19.87 11.94
C LEU C 76 34.93 21.37 11.98
N ARG C 77 35.67 22.17 11.22
CA ARG C 77 35.42 23.61 11.23
C ARG C 77 34.10 23.94 10.55
N ASP C 78 33.72 23.19 9.52
CA ASP C 78 32.42 23.42 8.88
C ASP C 78 31.28 23.12 9.84
N THR C 79 31.31 21.96 10.50
CA THR C 79 30.24 21.65 11.43
C THR C 79 30.23 22.63 12.60
N LEU C 80 31.41 23.07 13.05
CA LEU C 80 31.48 24.05 14.12
C LEU C 80 30.82 25.36 13.71
N ARG C 81 31.20 25.89 12.55
CA ARG C 81 30.65 27.18 12.12
C ARG C 81 29.15 27.08 11.85
N LYS C 82 28.70 25.98 11.24
CA LYS C 82 27.26 25.85 10.98
C LYS C 82 26.48 25.74 12.27
N GLY C 83 26.96 24.95 13.24
CA GLY C 83 26.26 24.85 14.50
C GLY C 83 26.25 26.16 15.27
N LEU C 84 27.37 26.89 15.26
CA LEU C 84 27.43 28.17 15.95
C LEU C 84 26.47 29.17 15.33
N VAL C 85 26.43 29.24 14.00
CA VAL C 85 25.55 30.21 13.35
C VAL C 85 24.09 29.83 13.54
N LYS C 86 23.78 28.54 13.47
CA LYS C 86 22.39 28.12 13.67
C LYS C 86 21.93 28.33 15.10
N ALA C 87 22.84 28.17 16.08
CA ALA C 87 22.47 28.43 17.47
C ALA C 87 22.36 29.92 17.74
N ALA C 88 23.14 30.74 17.02
CA ALA C 88 23.08 32.18 17.23
C ALA C 88 21.93 32.85 16.48
N GLN C 89 21.40 32.21 15.43
CA GLN C 89 20.36 32.85 14.64
C GLN C 89 18.99 32.84 15.33
N SER C 90 18.74 31.89 16.23
CA SER C 90 17.46 31.85 16.92
C SER C 90 17.28 33.06 17.82
N THR C 91 18.37 33.61 18.35
CA THR C 91 18.38 34.81 19.17
C THR C 91 19.23 35.87 18.47
N GLY C 92 19.49 36.97 19.18
CA GLY C 92 20.49 37.91 18.74
C GLY C 92 21.76 37.73 19.54
N ALA C 93 22.86 37.38 18.88
CA ALA C 93 24.10 37.03 19.57
C ALA C 93 25.30 37.73 18.96
N TRP C 94 26.27 38.04 19.81
CA TRP C 94 27.59 38.48 19.36
C TRP C 94 28.54 37.30 19.41
N ILE C 95 29.32 37.13 18.34
CA ILE C 95 30.37 36.12 18.29
C ILE C 95 31.70 36.87 18.35
N LEU C 96 32.28 36.95 19.53
CA LEU C 96 33.52 37.67 19.74
C LEU C 96 34.69 36.85 19.21
N THR C 97 35.42 37.41 18.25
CA THR C 97 36.55 36.74 17.61
C THR C 97 37.78 37.63 17.71
N SER C 98 38.90 37.11 17.22
CA SER C 98 40.10 37.89 16.99
C SER C 98 40.06 38.32 15.53
N GLY C 99 39.61 39.54 15.27
CA GLY C 99 39.21 39.92 13.92
C GLY C 99 40.35 40.04 12.92
N LEU C 100 41.10 38.96 12.76
CA LEU C 100 42.16 38.86 11.77
C LEU C 100 41.79 37.75 10.79
N ARG C 101 41.98 38.03 9.50
CA ARG C 101 41.59 37.10 8.44
C ARG C 101 42.60 35.94 8.38
N PHE C 102 42.39 34.97 9.26
CA PHE C 102 43.23 33.77 9.25
C PHE C 102 42.54 32.67 10.05
N GLY C 103 42.37 31.52 9.42
CA GLY C 103 41.92 30.33 10.12
C GLY C 103 40.46 30.37 10.54
N ILE C 104 40.22 29.89 11.76
CA ILE C 104 38.86 29.69 12.24
C ILE C 104 38.10 31.01 12.34
N THR C 105 38.81 32.10 12.65
CA THR C 105 38.15 33.41 12.65
C THR C 105 37.63 33.76 11.27
N LYS C 106 38.44 33.52 10.24
CA LYS C 106 38.02 33.78 8.87
C LYS C 106 36.84 32.90 8.48
N ASN C 107 36.88 31.62 8.85
CA ASN C 107 35.78 30.72 8.49
C ASN C 107 34.49 31.13 9.19
N LEU C 108 34.56 31.47 10.47
CA LEU C 108 33.37 31.90 11.21
C LEU C 108 32.83 33.21 10.67
N GLY C 109 33.70 34.14 10.31
CA GLY C 109 33.24 35.37 9.68
C GLY C 109 32.55 35.10 8.36
N GLN C 110 33.10 34.20 7.55
CA GLN C 110 32.46 33.84 6.28
C GLN C 110 31.09 33.22 6.51
N ALA C 111 30.97 32.35 7.51
CA ALA C 111 29.68 31.74 7.83
C ALA C 111 28.68 32.79 8.29
N VAL C 112 29.11 33.74 9.12
CA VAL C 112 28.21 34.80 9.58
C VAL C 112 27.76 35.66 8.42
N ARG C 113 28.68 35.99 7.51
CA ARG C 113 28.32 36.78 6.33
C ARG C 113 27.34 36.02 5.45
N ASP C 114 27.55 34.72 5.27
CA ASP C 114 26.62 33.91 4.48
C ASP C 114 25.23 33.90 5.09
N HIS C 115 25.16 33.76 6.42
CA HIS C 115 23.87 33.78 7.09
C HIS C 115 23.19 35.14 6.95
N SER C 116 23.97 36.22 7.06
CA SER C 116 23.41 37.55 6.90
C SER C 116 22.86 37.75 5.49
N LEU C 117 23.60 37.31 4.48
CA LEU C 117 23.14 37.44 3.10
C LEU C 117 21.88 36.61 2.85
N ALA C 118 21.85 35.38 3.38
CA ALA C 118 20.74 34.47 3.12
C ALA C 118 19.55 34.71 4.04
N SER C 119 19.65 35.63 4.99
CA SER C 119 18.56 35.85 5.92
C SER C 119 17.47 36.71 5.32
N THR C 120 16.22 36.25 5.43
CA THR C 120 15.06 37.02 5.00
C THR C 120 14.49 37.88 6.11
N SER C 121 14.93 37.67 7.35
CA SER C 121 14.47 38.45 8.50
C SER C 121 15.63 39.27 9.05
N PRO C 122 15.61 40.60 8.87
CA PRO C 122 16.73 41.41 9.34
C PRO C 122 16.62 41.79 10.81
N LYS C 123 15.47 41.50 11.43
CA LYS C 123 15.28 41.85 12.83
C LYS C 123 16.27 41.10 13.72
N VAL C 124 16.47 39.81 13.49
CA VAL C 124 17.47 39.02 14.19
C VAL C 124 18.79 39.19 13.46
N ARG C 125 19.88 39.34 14.22
CA ARG C 125 21.18 39.59 13.62
C ARG C 125 22.26 38.87 14.42
N VAL C 126 23.14 38.18 13.71
CA VAL C 126 24.31 37.55 14.29
C VAL C 126 25.52 38.41 13.95
N VAL C 127 26.11 39.04 14.96
CA VAL C 127 27.16 40.02 14.78
C VAL C 127 28.49 39.37 15.12
N ALA C 128 29.45 39.46 14.22
CA ALA C 128 30.81 38.99 14.46
C ALA C 128 31.69 40.18 14.78
N ILE C 129 32.02 40.34 16.06
CA ILE C 129 32.85 41.45 16.54
C ILE C 129 34.27 40.93 16.70
N GLY C 130 35.24 41.65 16.13
CA GLY C 130 36.63 41.26 16.20
C GLY C 130 37.39 42.10 17.22
N ILE C 131 38.14 41.41 18.06
CA ILE C 131 39.00 42.04 19.06
C ILE C 131 40.43 41.69 18.67
N ALA C 132 41.11 42.63 18.01
CA ALA C 132 42.41 42.35 17.44
C ALA C 132 43.44 43.36 17.92
N PRO C 133 44.70 42.95 18.07
CA PRO C 133 45.74 43.90 18.46
C PRO C 133 46.03 44.89 17.35
N TRP C 134 46.46 46.08 17.75
CA TRP C 134 46.88 47.10 16.80
C TRP C 134 48.18 46.73 16.09
N ASN C 135 49.05 45.94 16.74
CA ASN C 135 50.37 45.63 16.22
C ASN C 135 50.41 44.35 15.40
N MET C 136 49.26 43.77 15.07
CA MET C 136 49.19 42.57 14.23
C MET C 136 48.34 42.77 12.98
N ILE C 137 48.06 44.00 12.58
CA ILE C 137 47.18 44.26 11.44
C ILE C 137 47.99 44.77 10.26
N GLN C 138 47.75 44.18 9.08
CA GLN C 138 48.30 44.73 7.85
C GLN C 138 47.74 46.12 7.58
N ASN C 139 48.63 47.02 7.14
CA ASN C 139 48.25 48.32 6.60
C ASN C 139 47.37 49.11 7.57
N ARG C 140 47.74 49.13 8.85
CA ARG C 140 47.02 49.94 9.81
C ARG C 140 47.15 51.42 9.50
N ASP C 141 48.27 51.82 8.89
CA ASP C 141 48.43 53.20 8.46
C ASP C 141 47.39 53.62 7.44
N LEU C 142 46.89 52.68 6.63
CA LEU C 142 45.85 53.01 5.66
C LEU C 142 44.57 53.47 6.35
N LEU C 143 44.19 52.80 7.43
CA LEU C 143 42.99 53.16 8.17
C LEU C 143 43.25 54.10 9.32
N LEU C 144 44.51 54.54 9.50
CA LEU C 144 44.82 55.48 10.57
C LEU C 144 44.08 56.80 10.41
N SER C 145 43.75 57.19 9.19
CA SER C 145 43.08 58.47 8.97
C SER C 145 41.62 58.40 9.40
N ALA C 146 40.84 57.54 8.75
CA ALA C 146 39.44 57.30 9.11
C ALA C 146 38.62 58.59 9.11
N LYS C 147 38.53 59.20 7.93
CA LYS C 147 37.75 60.42 7.78
C LYS C 147 36.26 60.11 7.94
N PRO C 148 35.55 60.80 8.83
CA PRO C 148 34.11 60.50 9.00
C PRO C 148 33.29 60.68 7.74
N ASP C 149 33.62 61.67 6.91
CA ASP C 149 32.85 61.91 5.69
C ASP C 149 33.16 60.86 4.63
N HIS C 150 34.43 60.48 4.48
CA HIS C 150 34.85 59.50 3.49
C HIS C 150 35.54 58.34 4.20
N PRO C 151 34.91 57.17 4.27
CA PRO C 151 35.50 56.05 5.01
C PRO C 151 36.80 55.57 4.37
N ALA C 152 37.69 55.07 5.22
CA ALA C 152 38.98 54.57 4.75
C ALA C 152 38.80 53.30 3.93
N THR C 153 39.68 53.11 2.96
CA THR C 153 39.66 51.93 2.10
C THR C 153 40.75 50.96 2.53
N TYR C 154 40.39 49.68 2.65
CA TYR C 154 41.31 48.64 3.11
C TYR C 154 41.37 47.53 2.09
N PRO C 155 42.55 47.18 1.57
CA PRO C 155 42.67 45.99 0.72
C PRO C 155 42.80 44.73 1.56
N THR C 156 42.04 43.69 1.23
CA THR C 156 42.05 42.45 1.98
C THR C 156 43.03 41.48 1.33
N GLU C 157 44.06 41.08 2.07
CA GLU C 157 45.10 40.19 1.58
C GLU C 157 45.09 38.89 2.35
N ASP C 158 45.13 37.77 1.63
CA ASP C 158 45.26 36.46 2.26
C ASP C 158 46.73 36.18 2.55
N LEU C 159 47.01 35.70 3.75
CA LEU C 159 48.38 35.49 4.20
C LEU C 159 48.53 34.15 4.88
N PRO C 160 49.76 33.60 4.90
CA PRO C 160 50.00 32.37 5.67
C PRO C 160 50.01 32.64 7.17
N TYR C 161 50.39 31.63 7.96
CA TYR C 161 50.39 31.78 9.41
C TYR C 161 51.17 33.04 9.83
N GLY C 162 52.39 33.20 9.32
CA GLY C 162 53.16 34.42 9.48
C GLY C 162 53.17 35.01 10.88
N ALA C 163 53.21 36.34 10.97
CA ALA C 163 53.13 37.02 12.25
C ALA C 163 52.19 38.21 12.28
N VAL C 164 51.79 38.77 11.14
CA VAL C 164 50.88 39.91 11.08
C VAL C 164 49.83 39.64 10.01
N TYR C 165 48.56 39.83 10.36
CA TYR C 165 47.45 39.46 9.51
C TYR C 165 46.71 40.70 9.03
N SER C 166 45.70 40.48 8.20
CA SER C 166 44.82 41.54 7.71
C SER C 166 43.43 41.38 8.32
N LEU C 167 42.75 42.51 8.48
CA LEU C 167 41.41 42.49 9.07
C LEU C 167 40.45 41.68 8.21
N ASP C 168 39.62 40.88 8.87
CA ASP C 168 38.63 40.08 8.15
C ASP C 168 37.52 40.98 7.60
N CYS C 169 37.22 40.83 6.32
CA CYS C 169 36.20 41.67 5.69
C CYS C 169 34.81 41.35 6.23
N ASN C 170 34.50 40.07 6.44
CA ASN C 170 33.17 39.65 6.86
C ASN C 170 32.84 40.04 8.30
N HIS C 171 33.82 40.51 9.07
CA HIS C 171 33.57 40.98 10.43
C HIS C 171 33.01 42.40 10.35
N SER C 172 31.80 42.59 10.87
CA SER C 172 31.12 43.87 10.75
C SER C 172 31.76 44.96 11.59
N HIS C 173 32.19 44.65 12.81
CA HIS C 173 32.71 45.67 13.72
C HIS C 173 33.97 45.15 14.39
N PHE C 174 34.84 46.07 14.80
CA PHE C 174 36.12 45.72 15.39
C PHE C 174 36.37 46.55 16.63
N ILE C 175 37.20 46.01 17.53
CA ILE C 175 37.68 46.72 18.71
C ILE C 175 39.19 46.55 18.71
N LEU C 176 39.91 47.58 18.28
CA LEU C 176 41.36 47.50 18.12
C LEU C 176 42.04 47.94 19.40
N VAL C 177 42.74 46.99 20.04
CA VAL C 177 43.41 47.21 21.31
C VAL C 177 44.85 47.63 21.06
N ASP C 178 45.29 48.67 21.76
CA ASP C 178 46.66 49.15 21.62
C ASP C 178 47.60 48.43 22.58
N GLU C 179 48.79 48.12 22.09
CA GLU C 179 49.76 47.39 22.87
C GLU C 179 50.19 48.19 24.11
N ASP C 180 50.22 47.50 25.25
CA ASP C 180 50.64 48.13 26.50
C ASP C 180 52.15 47.99 26.65
N PRO C 181 52.90 49.09 26.85
CA PRO C 181 54.35 48.98 27.00
C PRO C 181 54.78 48.12 28.17
N LYS C 182 54.02 48.11 29.27
CA LYS C 182 54.40 47.31 30.44
C LYS C 182 54.36 45.82 30.12
N ARG C 183 53.28 45.37 29.49
CA ARG C 183 53.12 43.95 29.17
C ARG C 183 52.50 43.83 27.80
N PRO C 184 53.09 43.03 26.91
CA PRO C 184 52.52 42.85 25.55
C PRO C 184 51.43 41.78 25.52
N GLY C 185 50.50 41.87 26.46
CA GLY C 185 49.40 40.92 26.55
C GLY C 185 48.08 41.58 26.86
N ALA C 186 47.92 42.84 26.46
CA ALA C 186 46.71 43.59 26.77
C ALA C 186 45.50 43.08 26.01
N THR C 187 45.71 42.35 24.90
CA THR C 187 44.59 41.85 24.12
C THR C 187 43.76 40.85 24.93
N GLY C 188 44.42 39.84 25.48
CA GLY C 188 43.70 38.86 26.29
C GLY C 188 43.12 39.47 27.56
N GLU C 189 43.85 40.41 28.16
CA GLU C 189 43.35 41.08 29.37
C GLU C 189 42.06 41.84 29.07
N MET C 190 42.03 42.57 27.95
CA MET C 190 40.82 43.30 27.59
C MET C 190 39.70 42.35 27.20
N ARG C 191 40.02 41.23 26.54
CA ARG C 191 38.98 40.25 26.24
C ARG C 191 38.34 39.71 27.52
N VAL C 192 39.17 39.38 28.52
CA VAL C 192 38.64 38.89 29.78
C VAL C 192 37.81 39.97 30.48
N LYS C 193 38.30 41.21 30.47
CA LYS C 193 37.58 42.29 31.13
C LYS C 193 36.22 42.53 30.47
N MET C 194 36.18 42.54 29.14
CA MET C 194 34.89 42.68 28.46
C MET C 194 33.98 41.49 28.73
N LEU C 195 34.53 40.27 28.73
CA LEU C 195 33.70 39.11 28.99
C LEU C 195 33.04 39.23 30.35
N LYS C 196 33.82 39.65 31.35
CA LYS C 196 33.26 39.87 32.69
C LYS C 196 32.22 40.99 32.68
N HIS C 197 32.50 42.08 31.97
CA HIS C 197 31.61 43.23 32.01
C HIS C 197 30.25 42.92 31.39
N ILE C 198 30.24 42.30 30.21
CA ILE C 198 28.97 41.86 29.63
C ILE C 198 28.34 40.75 30.47
N SER C 199 29.15 39.92 31.13
CA SER C 199 28.57 38.92 32.02
C SER C 199 27.90 39.56 33.23
N LEU C 200 28.26 40.80 33.56
CA LEU C 200 27.68 41.51 34.69
C LEU C 200 26.57 42.48 34.27
N GLN C 201 26.20 42.51 32.99
CA GLN C 201 25.09 43.34 32.55
C GLN C 201 23.76 42.67 32.89
N ARG C 202 22.71 43.51 33.00
CA ARG C 202 21.36 43.03 33.29
C ARG C 202 20.39 43.76 32.34
N THR C 203 20.17 43.17 31.17
CA THR C 203 19.29 43.76 30.18
C THR C 203 17.82 43.65 30.61
N GLY C 204 17.03 44.64 30.22
CA GLY C 204 15.61 44.59 30.53
C GLY C 204 14.94 43.39 29.90
N TYR C 205 14.17 42.66 30.72
CA TYR C 205 13.47 41.46 30.28
C TYR C 205 11.98 41.75 30.22
N GLY C 206 11.41 41.71 29.02
CA GLY C 206 10.00 41.99 28.86
C GLY C 206 9.65 43.36 29.41
N GLY C 207 8.84 43.36 30.47
CA GLY C 207 8.49 44.59 31.14
C GLY C 207 8.96 44.63 32.58
N THR C 208 9.84 45.58 32.90
CA THR C 208 10.36 45.78 34.25
C THR C 208 11.00 44.50 34.81
N GLY C 209 11.69 43.77 33.94
CA GLY C 209 12.37 42.57 34.34
C GLY C 209 13.86 42.67 34.05
N SER C 210 14.65 42.11 34.96
CA SER C 210 16.10 42.12 34.86
C SER C 210 16.58 40.73 34.46
N ILE C 211 17.24 40.65 33.30
CA ILE C 211 17.74 39.39 32.76
C ILE C 211 19.24 39.53 32.55
N GLU C 212 19.99 38.54 33.03
CA GLU C 212 21.42 38.49 32.78
C GLU C 212 21.68 38.17 31.31
N ILE C 213 22.88 38.51 30.84
CA ILE C 213 23.32 38.15 29.49
C ILE C 213 24.17 36.89 29.63
N PRO C 214 23.74 35.76 29.07
CA PRO C 214 24.58 34.56 29.13
C PRO C 214 25.80 34.72 28.24
N VAL C 215 26.96 34.43 28.83
CA VAL C 215 28.25 34.61 28.15
C VAL C 215 28.99 33.29 28.22
N LEU C 216 29.40 32.78 27.06
CA LEU C 216 30.06 31.49 26.95
C LEU C 216 31.38 31.65 26.21
N CYS C 217 32.36 30.83 26.58
CA CYS C 217 33.65 30.80 25.91
C CYS C 217 33.85 29.43 25.27
N LEU C 218 34.23 29.42 24.00
CA LEU C 218 34.48 28.19 23.26
C LEU C 218 35.96 28.13 22.90
N LEU C 219 36.62 27.03 23.24
CA LEU C 219 38.04 26.85 23.02
C LEU C 219 38.28 25.89 21.88
N VAL C 220 39.13 26.30 20.93
CA VAL C 220 39.53 25.45 19.81
C VAL C 220 41.05 25.48 19.71
N HIS C 221 41.67 24.31 19.84
CA HIS C 221 43.12 24.13 19.70
C HIS C 221 43.90 25.18 20.50
N GLY C 222 43.71 25.13 21.80
CA GLY C 222 44.36 26.09 22.67
C GLY C 222 45.85 25.88 22.76
N GLU C 223 46.54 26.95 23.14
CA GLU C 223 47.98 26.96 23.38
C GLU C 223 48.26 27.13 24.87
N PRO C 224 49.40 26.65 25.37
CA PRO C 224 49.71 26.84 26.79
C PRO C 224 49.86 28.30 27.18
N ARG C 225 50.11 29.19 26.22
CA ARG C 225 50.27 30.61 26.52
C ARG C 225 48.97 31.26 26.98
N ILE C 226 47.81 30.70 26.61
CA ILE C 226 46.52 31.28 26.96
C ILE C 226 45.94 30.66 28.22
N LEU C 227 46.72 29.86 28.95
CA LEU C 227 46.21 29.21 30.15
C LEU C 227 45.87 30.21 31.24
N GLN C 228 46.70 31.26 31.38
CA GLN C 228 46.40 32.29 32.36
C GLN C 228 45.09 33.00 32.05
N LYS C 229 44.88 33.35 30.78
CA LYS C 229 43.63 34.00 30.39
C LYS C 229 42.43 33.08 30.59
N MET C 230 42.59 31.79 30.26
CA MET C 230 41.50 30.85 30.47
C MET C 230 41.17 30.73 31.96
N TYR C 231 42.19 30.67 32.81
CA TYR C 231 41.97 30.61 34.25
C TYR C 231 41.28 31.88 34.74
N LYS C 232 41.65 33.05 34.21
CA LYS C 232 41.01 34.29 34.63
C LYS C 232 39.55 34.33 34.23
N ASN C 233 39.23 33.78 33.04
CA ASN C 233 37.82 33.66 32.66
C ASN C 233 37.09 32.65 33.55
N ILE C 234 37.77 31.59 33.98
CA ILE C 234 37.18 30.67 34.93
C ILE C 234 36.85 31.39 36.25
N GLN C 235 37.77 32.23 36.73
CA GLN C 235 37.52 32.99 37.94
C GLN C 235 36.30 33.89 37.81
N ASN C 236 36.06 34.44 36.62
CA ASN C 236 34.96 35.37 36.39
C ASN C 236 33.65 34.66 36.09
N SER C 237 33.52 33.39 36.47
CA SER C 237 32.27 32.64 36.32
C SER C 237 31.78 32.62 34.87
N ILE C 238 32.71 32.43 33.94
CA ILE C 238 32.39 32.30 32.52
C ILE C 238 32.44 30.82 32.15
N PRO C 239 31.31 30.19 31.88
CA PRO C 239 31.34 28.77 31.47
C PRO C 239 32.12 28.60 30.17
N TRP C 240 32.83 27.49 30.07
CA TRP C 240 33.69 27.20 28.93
C TRP C 240 33.21 25.96 28.21
N LEU C 241 33.40 25.95 26.90
CA LEU C 241 33.02 24.82 26.05
C LEU C 241 34.24 24.37 25.27
N ILE C 242 34.45 23.05 25.20
CA ILE C 242 35.66 22.47 24.66
C ILE C 242 35.31 21.57 23.48
N LEU C 243 35.97 21.78 22.36
CA LEU C 243 35.84 20.88 21.22
C LEU C 243 36.65 19.60 21.46
N ALA C 244 36.14 18.49 20.93
CA ALA C 244 36.77 17.20 21.17
C ALA C 244 38.08 17.07 20.40
N GLY C 245 38.01 17.16 19.08
CA GLY C 245 39.18 16.95 18.24
C GLY C 245 39.90 18.22 17.82
N SER C 246 39.85 19.25 18.66
CA SER C 246 40.47 20.52 18.31
C SER C 246 41.98 20.37 18.14
N GLY C 247 42.64 19.65 19.03
CA GLY C 247 44.03 19.30 18.80
C GLY C 247 45.01 19.59 19.92
N GLY C 248 44.86 20.72 20.61
CA GLY C 248 45.85 21.14 21.57
C GLY C 248 45.43 21.01 23.02
N VAL C 249 45.24 22.16 23.69
CA VAL C 249 44.78 22.15 25.08
C VAL C 249 43.42 21.48 25.19
N ALA C 250 42.61 21.55 24.13
CA ALA C 250 41.31 20.90 24.15
C ALA C 250 41.45 19.39 24.31
N ASP C 251 42.38 18.78 23.59
CA ASP C 251 42.61 17.34 23.75
C ASP C 251 43.06 17.01 25.16
N ILE C 252 43.96 17.82 25.72
CA ILE C 252 44.43 17.58 27.07
C ILE C 252 43.27 17.64 28.05
N LEU C 253 42.42 18.66 27.92
CA LEU C 253 41.30 18.82 28.84
C LEU C 253 40.30 17.68 28.71
N VAL C 254 39.98 17.26 27.48
CA VAL C 254 38.99 16.20 27.33
C VAL C 254 39.54 14.87 27.84
N THR C 255 40.83 14.60 27.62
CA THR C 255 41.43 13.39 28.14
C THR C 255 41.45 13.40 29.67
N LEU C 256 41.79 14.55 30.27
CA LEU C 256 41.85 14.63 31.72
C LEU C 256 40.47 14.56 32.35
N MET C 257 39.44 15.00 31.61
CA MET C 257 38.07 14.83 32.10
C MET C 257 37.61 13.39 31.99
N ASP C 258 37.96 12.72 30.88
CA ASP C 258 37.56 11.32 30.71
C ASP C 258 38.25 10.42 31.73
N ARG C 259 39.53 10.69 32.02
CA ARG C 259 40.23 9.89 33.01
C ARG C 259 39.60 10.05 34.39
N GLY C 260 39.15 11.26 34.73
CA GLY C 260 38.49 11.54 35.97
C GLY C 260 39.39 12.10 37.06
N CYS C 261 40.62 11.58 37.16
CA CYS C 261 41.59 12.06 38.14
C CYS C 261 42.79 12.64 37.40
N TRP C 262 43.13 13.88 37.73
CA TRP C 262 44.29 14.56 37.15
C TRP C 262 45.31 14.82 38.24
N ASP C 263 46.56 14.45 37.97
CA ASP C 263 47.66 14.67 38.90
C ASP C 263 48.77 15.41 38.17
N ALA C 264 49.85 15.69 38.89
CA ALA C 264 50.99 16.39 38.28
C ALA C 264 51.63 15.56 37.18
N ASP C 265 51.79 14.25 37.41
CA ASP C 265 52.44 13.39 36.43
C ASP C 265 51.64 13.32 35.13
N ILE C 266 50.33 13.10 35.24
CA ILE C 266 49.50 12.96 34.04
C ILE C 266 49.47 14.27 33.26
N VAL C 267 49.28 15.39 33.96
CA VAL C 267 49.22 16.69 33.29
C VAL C 267 50.54 16.99 32.61
N GLN C 268 51.66 16.76 33.30
CA GLN C 268 52.96 17.03 32.72
C GLN C 268 53.22 16.14 31.51
N GLU C 269 52.86 14.86 31.59
CA GLU C 269 53.10 13.94 30.48
C GLU C 269 52.26 14.33 29.27
N LEU C 270 50.99 14.68 29.48
CA LEU C 270 50.15 15.09 28.36
C LEU C 270 50.64 16.40 27.75
N LEU C 271 51.05 17.36 28.59
CA LEU C 271 51.58 18.61 28.08
C LEU C 271 52.85 18.39 27.26
N ILE C 272 53.72 17.50 27.72
CA ILE C 272 54.94 17.19 26.98
C ILE C 272 54.59 16.52 25.65
N ASN C 273 53.67 15.56 25.67
CA ASN C 273 53.33 14.82 24.47
C ASN C 273 52.70 15.74 23.42
N THR C 274 51.81 16.63 23.83
CA THR C 274 51.18 17.55 22.89
C THR C 274 52.05 18.75 22.56
N PHE C 275 52.92 19.20 23.47
CA PHE C 275 53.73 20.39 23.25
C PHE C 275 55.19 20.08 23.53
N PRO C 276 55.91 19.53 22.55
CA PRO C 276 57.35 19.29 22.73
C PRO C 276 58.14 20.54 23.06
N ASP C 277 57.73 21.70 22.54
CA ASP C 277 58.56 22.91 22.64
C ASP C 277 58.81 23.31 24.09
N GLY C 278 57.78 23.26 24.93
CA GLY C 278 57.92 23.68 26.30
C GLY C 278 58.82 22.80 27.14
N LEU C 279 60.00 23.32 27.50
CA LEU C 279 60.95 22.60 28.34
C LEU C 279 61.55 23.62 29.31
N HIS C 280 60.91 23.76 30.47
CA HIS C 280 61.37 24.67 31.51
C HIS C 280 60.64 24.35 32.80
N SER C 281 61.38 24.21 33.91
CA SER C 281 60.78 23.79 35.16
C SER C 281 59.68 24.75 35.60
N THR C 282 59.99 26.05 35.62
CA THR C 282 59.03 27.03 36.12
C THR C 282 57.81 27.15 35.20
N GLU C 283 58.04 27.26 33.89
CA GLU C 283 56.93 27.43 32.95
C GLU C 283 56.02 26.21 32.95
N ILE C 284 56.61 25.01 32.88
CA ILE C 284 55.79 23.79 32.87
C ILE C 284 55.08 23.62 34.21
N THR C 285 55.74 23.95 35.32
CA THR C 285 55.08 23.85 36.62
C THR C 285 53.89 24.80 36.70
N SER C 286 54.05 26.04 36.22
CA SER C 286 52.94 26.98 36.22
C SER C 286 51.80 26.49 35.33
N TRP C 287 52.13 25.94 34.16
CA TRP C 287 51.09 25.44 33.27
C TRP C 287 50.35 24.26 33.89
N THR C 288 51.07 23.36 34.55
CA THR C 288 50.41 22.24 35.23
C THR C 288 49.52 22.73 36.35
N LYS C 289 49.97 23.73 37.12
CA LYS C 289 49.14 24.28 38.18
C LYS C 289 47.87 24.89 37.60
N LEU C 290 47.99 25.62 36.49
CA LEU C 290 46.82 26.19 35.84
C LEU C 290 45.85 25.11 35.37
N ILE C 291 46.38 24.06 34.74
CA ILE C 291 45.52 22.97 34.27
C ILE C 291 44.80 22.32 35.43
N GLN C 292 45.54 22.01 36.51
CA GLN C 292 44.95 21.33 37.65
C GLN C 292 43.86 22.17 38.29
N ARG C 293 44.09 23.48 38.44
CA ARG C 293 43.09 24.33 39.06
C ARG C 293 41.86 24.52 38.16
N ILE C 294 42.08 24.72 36.86
CA ILE C 294 40.96 24.84 35.92
C ILE C 294 40.09 23.59 35.98
N LEU C 295 40.72 22.41 36.02
CA LEU C 295 39.94 21.18 36.15
C LEU C 295 39.30 21.07 37.52
N ASP C 296 39.94 21.63 38.55
CA ASP C 296 39.37 21.61 39.88
C ASP C 296 38.10 22.46 39.96
N HIS C 297 37.98 23.44 39.07
CA HIS C 297 36.70 24.13 38.93
C HIS C 297 35.66 23.22 38.30
N GLY C 298 35.90 22.78 37.07
CA GLY C 298 35.13 21.69 36.49
C GLY C 298 33.72 22.02 36.06
N HIS C 299 32.91 22.56 36.97
CA HIS C 299 31.51 22.82 36.69
C HIS C 299 31.30 23.93 35.65
N LEU C 300 32.33 24.71 35.37
CA LEU C 300 32.28 25.72 34.31
C LEU C 300 32.87 25.22 33.00
N LEU C 301 33.11 23.92 32.89
CA LEU C 301 33.79 23.33 31.74
C LEU C 301 32.88 22.29 31.11
N THR C 302 32.76 22.34 29.78
CA THR C 302 31.91 21.42 29.03
C THR C 302 32.65 20.97 27.77
N VAL C 303 32.35 19.75 27.33
CA VAL C 303 33.00 19.14 26.18
C VAL C 303 31.97 18.99 25.07
N HIS C 304 32.28 19.52 23.89
CA HIS C 304 31.42 19.39 22.71
C HIS C 304 32.15 18.48 21.72
N ASP C 305 31.57 17.29 21.49
CA ASP C 305 32.12 16.35 20.52
C ASP C 305 31.18 16.26 19.33
N PRO C 306 31.48 16.92 18.21
CA PRO C 306 30.55 16.89 17.06
C PRO C 306 30.34 15.50 16.50
N GLU C 307 31.27 14.57 16.71
CA GLU C 307 31.08 13.19 16.27
C GLU C 307 29.96 12.51 17.05
N GLN C 308 29.65 13.01 18.25
CA GLN C 308 28.61 12.42 19.09
C GLN C 308 27.54 13.40 19.50
N ASP C 309 27.87 14.69 19.68
CA ASP C 309 26.88 15.66 20.12
C ASP C 309 25.98 16.11 18.98
N SER C 310 26.57 16.71 17.94
CA SER C 310 25.87 17.14 16.73
C SER C 310 24.86 18.24 17.00
N GLU C 311 24.88 18.83 18.20
CA GLU C 311 23.95 19.91 18.55
C GLU C 311 24.69 20.88 19.44
N LEU C 312 25.06 22.04 18.88
CA LEU C 312 25.80 23.04 19.66
C LEU C 312 24.89 23.80 20.61
N ASP C 313 23.65 24.08 20.19
CA ASP C 313 22.73 24.79 21.08
C ASP C 313 22.41 23.96 22.31
N THR C 314 22.29 22.64 22.16
CA THR C 314 22.01 21.78 23.29
C THR C 314 23.15 21.83 24.32
N VAL C 315 24.39 21.73 23.84
CA VAL C 315 25.51 21.72 24.78
C VAL C 315 25.70 23.11 25.40
N ILE C 316 25.41 24.18 24.64
CA ILE C 316 25.47 25.51 25.22
C ILE C 316 24.44 25.66 26.33
N LEU C 317 23.21 25.19 26.08
CA LEU C 317 22.18 25.25 27.10
C LEU C 317 22.56 24.45 28.32
N LYS C 318 23.10 23.24 28.12
CA LYS C 318 23.50 22.41 29.25
C LYS C 318 24.61 23.06 30.05
N ALA C 319 25.60 23.66 29.37
CA ALA C 319 26.68 24.33 30.07
C ALA C 319 26.16 25.49 30.90
N LEU C 320 25.28 26.31 30.32
CA LEU C 320 24.73 27.46 31.05
C LEU C 320 23.90 27.00 32.24
N VAL C 321 23.08 25.97 32.05
CA VAL C 321 22.23 25.47 33.13
C VAL C 321 23.08 24.91 34.25
N LYS C 322 24.12 24.14 33.92
CA LYS C 322 25.01 23.60 34.94
C LYS C 322 25.72 24.72 35.70
N ALA C 323 26.22 25.73 34.97
CA ALA C 323 26.93 26.83 35.62
C ALA C 323 26.02 27.56 36.60
N CYS C 324 24.80 27.90 36.16
CA CYS C 324 23.91 28.66 37.04
C CYS C 324 23.36 27.78 38.17
N LYS C 325 23.20 26.48 37.92
CA LYS C 325 22.75 25.57 38.96
C LYS C 325 23.80 25.46 40.07
N SER C 326 25.08 25.40 39.69
CA SER C 326 26.12 25.45 40.70
C SER C 326 26.20 26.82 41.37
N GLN C 327 25.88 27.88 40.62
CA GLN C 327 25.96 29.22 41.18
C GLN C 327 24.95 29.44 42.30
N SER C 328 23.69 29.11 42.07
CA SER C 328 22.64 29.36 43.05
C SER C 328 21.44 28.47 42.78
N GLN C 329 20.53 28.40 43.76
CA GLN C 329 19.38 27.52 43.71
C GLN C 329 18.07 28.26 43.45
N GLU C 330 18.04 29.58 43.63
CA GLU C 330 16.80 30.34 43.47
C GLU C 330 16.30 30.27 42.03
N ALA C 331 14.99 30.40 41.87
CA ALA C 331 14.39 30.27 40.54
C ALA C 331 14.65 31.50 39.68
N GLN C 332 14.81 32.67 40.31
CA GLN C 332 14.86 33.92 39.56
C GLN C 332 16.14 34.04 38.75
N ASP C 333 17.13 33.19 39.02
CA ASP C 333 18.38 33.28 38.27
C ASP C 333 18.35 32.38 37.03
N PHE C 334 17.55 31.32 37.06
CA PHE C 334 17.38 30.46 35.89
C PHE C 334 16.49 31.11 34.84
N LEU C 335 16.08 32.36 35.08
CA LEU C 335 15.13 33.00 34.18
C LEU C 335 15.70 33.22 32.80
N ASP C 336 16.96 33.66 32.69
CA ASP C 336 17.53 33.90 31.37
C ASP C 336 17.95 32.61 30.68
N GLU C 337 18.40 31.61 31.45
CA GLU C 337 18.62 30.29 30.83
C GLU C 337 17.31 29.71 30.33
N LEU C 338 16.22 29.90 31.08
CA LEU C 338 14.92 29.43 30.63
C LEU C 338 14.46 30.18 29.38
N LYS C 339 14.72 31.49 29.31
CA LYS C 339 14.38 32.25 28.11
C LYS C 339 15.18 31.76 26.91
N LEU C 340 16.46 31.46 27.11
CA LEU C 340 17.28 30.95 26.02
C LEU C 340 16.81 29.57 25.57
N ALA C 341 16.38 28.73 26.52
CA ALA C 341 15.83 27.43 26.17
C ALA C 341 14.52 27.58 25.41
N VAL C 342 13.71 28.59 25.78
CA VAL C 342 12.48 28.87 25.04
C VAL C 342 12.81 29.27 23.61
N ALA C 343 13.81 30.14 23.44
CA ALA C 343 14.17 30.59 22.10
C ALA C 343 14.67 29.46 21.22
N TRP C 344 15.34 28.46 21.79
CA TRP C 344 15.84 27.33 21.04
C TRP C 344 14.83 26.19 20.97
N ASN C 345 13.65 26.34 21.56
CA ASN C 345 12.63 25.30 21.58
C ASN C 345 13.17 23.99 22.16
N ARG C 346 13.95 24.11 23.24
CA ARG C 346 14.51 22.95 23.92
C ARG C 346 13.64 22.63 25.13
N VAL C 347 12.47 22.07 24.84
CA VAL C 347 11.53 21.74 25.91
C VAL C 347 12.03 20.56 26.74
N ASP C 348 12.69 19.59 26.10
CA ASP C 348 13.20 18.42 26.82
C ASP C 348 14.24 18.83 27.86
N ILE C 349 15.19 19.69 27.48
CA ILE C 349 16.20 20.14 28.43
C ILE C 349 15.56 20.99 29.51
N ALA C 350 14.55 21.79 29.15
CA ALA C 350 13.88 22.63 30.14
C ALA C 350 13.18 21.80 31.20
N LYS C 351 12.49 20.73 30.79
CA LYS C 351 11.79 19.89 31.75
C LYS C 351 12.72 18.92 32.47
N SER C 352 13.91 18.64 31.91
CA SER C 352 14.82 17.71 32.56
C SER C 352 15.74 18.40 33.56
N GLU C 353 16.22 19.61 33.23
CA GLU C 353 17.23 20.28 34.04
C GLU C 353 16.65 21.47 34.81
N ILE C 354 15.82 22.29 34.18
CA ILE C 354 15.27 23.45 34.87
C ILE C 354 14.07 23.06 35.71
N PHE C 355 13.10 22.37 35.12
CA PHE C 355 11.91 21.93 35.83
C PHE C 355 12.10 20.50 36.32
N SER C 356 13.14 20.33 37.14
CA SER C 356 13.50 19.01 37.65
C SER C 356 13.02 18.75 39.07
N GLY C 357 12.45 19.74 39.74
CA GLY C 357 11.97 19.60 41.10
C GLY C 357 12.90 20.15 42.15
N ASP C 358 14.18 20.32 41.83
CA ASP C 358 15.12 20.92 42.77
C ASP C 358 14.89 22.41 42.94
N VAL C 359 14.16 23.04 42.03
CA VAL C 359 13.91 24.48 42.05
C VAL C 359 12.41 24.71 42.17
N GLN C 360 12.02 25.60 43.07
CA GLN C 360 10.62 25.94 43.28
C GLN C 360 10.21 27.05 42.33
N TRP C 361 9.24 26.76 41.47
CA TRP C 361 8.74 27.73 40.50
C TRP C 361 7.36 28.21 40.94
N SER C 362 7.20 29.52 41.04
CA SER C 362 5.95 30.16 41.42
C SER C 362 5.20 30.58 40.15
N ALA C 363 4.10 31.33 40.37
CA ALA C 363 3.33 31.82 39.24
C ALA C 363 3.88 33.17 38.75
N GLN C 364 4.25 34.05 39.67
CA GLN C 364 4.79 35.34 39.29
C GLN C 364 6.12 35.19 38.55
N ASP C 365 6.95 34.24 38.98
CA ASP C 365 8.20 33.98 38.28
C ASP C 365 7.96 33.44 36.87
N LEU C 366 6.95 32.59 36.71
CA LEU C 366 6.66 32.00 35.40
C LEU C 366 5.83 32.91 34.50
N GLU C 367 5.28 34.00 35.02
CA GLU C 367 4.40 34.84 34.22
C GLU C 367 5.14 35.48 33.05
N GLU C 368 6.33 36.03 33.31
CA GLU C 368 7.08 36.68 32.23
C GLU C 368 7.48 35.68 31.16
N VAL C 369 8.10 34.57 31.56
CA VAL C 369 8.54 33.58 30.58
C VAL C 369 7.34 33.00 29.85
N MET C 370 6.18 32.92 30.52
CA MET C 370 4.94 32.55 29.84
C MET C 370 4.60 33.54 28.75
N MET C 371 4.72 34.83 29.05
CA MET C 371 4.39 35.85 28.05
C MET C 371 5.31 35.76 26.84
N GLU C 372 6.61 35.63 27.05
CA GLU C 372 7.53 35.57 25.91
C GLU C 372 7.41 34.24 25.16
N ALA C 373 7.10 33.15 25.86
CA ALA C 373 6.89 31.89 25.16
C ALA C 373 5.61 31.90 24.34
N LEU C 374 4.58 32.57 24.84
CA LEU C 374 3.31 32.63 24.13
C LEU C 374 3.41 33.56 22.93
N VAL C 375 4.14 34.66 23.06
CA VAL C 375 4.30 35.59 21.95
C VAL C 375 5.12 34.99 20.82
N ASN C 376 6.14 34.19 21.15
CA ASN C 376 7.11 33.73 20.18
C ASN C 376 6.77 32.36 19.58
N ASP C 377 5.50 31.96 19.59
CA ASP C 377 5.04 30.75 18.91
C ASP C 377 5.77 29.50 19.42
N LYS C 378 5.66 29.25 20.73
CA LYS C 378 6.32 28.12 21.38
C LYS C 378 5.27 27.34 22.17
N PRO C 379 4.43 26.55 21.48
CA PRO C 379 3.34 25.85 22.18
C PRO C 379 3.81 24.86 23.24
N ASP C 380 4.96 24.21 23.02
CA ASP C 380 5.44 23.23 23.99
C ASP C 380 5.74 23.88 25.33
N PHE C 381 6.36 25.06 25.31
CA PHE C 381 6.64 25.76 26.55
C PHE C 381 5.36 26.33 27.15
N VAL C 382 4.37 26.68 26.34
CA VAL C 382 3.07 27.10 26.87
C VAL C 382 2.46 25.97 27.68
N ARG C 383 2.46 24.76 27.11
CA ARG C 383 1.94 23.60 27.81
C ARG C 383 2.75 23.31 29.08
N LEU C 384 4.07 23.42 29.00
CA LEU C 384 4.92 23.15 30.16
C LEU C 384 4.65 24.14 31.29
N PHE C 385 4.51 25.43 30.95
CA PHE C 385 4.26 26.44 31.98
C PHE C 385 2.86 26.30 32.56
N VAL C 386 1.88 25.89 31.75
CA VAL C 386 0.55 25.62 32.29
C VAL C 386 0.59 24.43 33.24
N ASP C 387 1.39 23.42 32.90
CA ASP C 387 1.51 22.25 33.77
C ASP C 387 2.35 22.53 35.02
N ASN C 388 3.15 23.59 35.03
CA ASN C 388 4.03 23.88 36.15
C ASN C 388 3.57 25.07 37.00
N GLY C 389 2.29 25.41 36.96
CA GLY C 389 1.80 26.38 37.92
C GLY C 389 1.01 27.55 37.37
N VAL C 390 1.21 27.90 36.11
CA VAL C 390 0.53 29.06 35.54
C VAL C 390 -0.96 28.78 35.44
N ASN C 391 -1.77 29.72 35.92
CA ASN C 391 -3.22 29.61 35.91
C ASN C 391 -3.75 30.57 34.85
N ILE C 392 -4.12 30.02 33.69
CA ILE C 392 -4.52 30.85 32.56
C ILE C 392 -5.74 31.70 32.89
N LYS C 393 -6.67 31.16 33.67
CA LYS C 393 -7.85 31.94 34.07
C LYS C 393 -7.43 33.19 34.85
N GLN C 394 -6.46 33.06 35.76
CA GLN C 394 -5.95 34.21 36.49
C GLN C 394 -4.83 34.93 35.75
N PHE C 395 -4.09 34.22 34.89
CA PHE C 395 -3.03 34.87 34.13
C PHE C 395 -3.60 35.79 33.06
N LEU C 396 -4.59 35.32 32.30
CA LEU C 396 -5.07 36.04 31.12
C LEU C 396 -6.16 37.02 31.54
N THR C 397 -5.79 38.30 31.62
CA THR C 397 -6.75 39.38 31.72
C THR C 397 -6.97 39.97 30.33
N TYR C 398 -7.88 40.95 30.26
CA TYR C 398 -8.11 41.62 28.98
C TYR C 398 -6.91 42.45 28.57
N GLY C 399 -6.14 42.95 29.54
CA GLY C 399 -4.92 43.68 29.21
C GLY C 399 -3.89 42.80 28.54
N ARG C 400 -3.67 41.60 29.06
CA ARG C 400 -2.69 40.70 28.45
C ARG C 400 -3.17 40.23 27.08
N LEU C 401 -4.49 40.03 26.92
CA LEU C 401 -5.02 39.67 25.61
C LEU C 401 -4.78 40.80 24.60
N GLN C 402 -5.02 42.05 25.02
CA GLN C 402 -4.74 43.18 24.14
C GLN C 402 -3.25 43.26 23.81
N GLU C 403 -2.38 43.01 24.79
CA GLU C 403 -0.94 43.02 24.53
C GLU C 403 -0.55 41.93 23.55
N LEU C 404 -1.15 40.74 23.68
CA LEU C 404 -0.90 39.66 22.73
C LEU C 404 -1.34 40.04 21.33
N TYR C 405 -2.49 40.71 21.22
CA TYR C 405 -2.96 41.14 19.91
C TYR C 405 -2.09 42.26 19.34
N CYS C 406 -1.46 43.05 20.20
CA CYS C 406 -0.56 44.09 19.73
C CYS C 406 0.77 43.52 19.26
N SER C 407 1.23 42.44 19.88
CA SER C 407 2.54 41.87 19.58
C SER C 407 2.47 40.86 18.43
N VAL C 408 1.88 41.28 17.32
CA VAL C 408 1.87 40.46 16.11
C VAL C 408 3.14 40.73 15.32
N SER C 409 3.72 39.66 14.77
CA SER C 409 5.07 39.70 14.21
C SER C 409 5.19 40.60 12.99
N GLU C 410 4.09 41.21 12.55
CA GLU C 410 4.03 42.14 11.42
C GLU C 410 4.44 41.49 10.10
N LYS C 411 4.48 40.16 10.03
CA LYS C 411 4.84 39.46 8.79
C LYS C 411 3.74 38.52 8.33
N ASN C 412 2.63 38.44 9.05
CA ASN C 412 1.52 37.56 8.70
C ASN C 412 0.27 38.36 8.38
N LEU C 413 -0.79 37.63 8.06
CA LEU C 413 -2.04 38.26 7.60
C LEU C 413 -2.69 39.11 8.68
N LEU C 414 -2.67 38.64 9.93
CA LEU C 414 -3.42 39.30 10.98
C LEU C 414 -2.94 40.74 11.18
N HIS C 415 -1.63 40.97 11.08
CA HIS C 415 -1.12 42.32 11.22
C HIS C 415 -1.62 43.23 10.10
N THR C 416 -1.65 42.73 8.87
CA THR C 416 -2.14 43.54 7.76
C THR C 416 -3.62 43.86 7.92
N LEU C 417 -4.42 42.87 8.34
CA LEU C 417 -5.84 43.13 8.54
C LEU C 417 -6.06 44.14 9.65
N LEU C 418 -5.33 44.00 10.76
CA LEU C 418 -5.45 44.96 11.85
C LEU C 418 -4.96 46.34 11.43
N LEU C 419 -3.95 46.39 10.56
CA LEU C 419 -3.47 47.67 10.04
C LEU C 419 -4.54 48.36 9.22
N LYS C 420 -5.22 47.61 8.34
CA LYS C 420 -6.29 48.21 7.55
C LYS C 420 -7.42 48.70 8.45
N LYS C 421 -7.81 47.89 9.44
CA LYS C 421 -8.88 48.29 10.34
C LYS C 421 -8.50 49.52 11.15
N ASN C 422 -7.25 49.59 11.60
CA ASN C 422 -6.80 50.72 12.39
C ASN C 422 -6.71 51.99 11.55
N GLN C 423 -6.25 51.88 10.30
CA GLN C 423 -6.25 53.03 9.42
C GLN C 423 -7.66 53.54 9.18
N GLU C 424 -8.61 52.63 8.97
CA GLU C 424 -10.00 53.03 8.80
C GLU C 424 -10.53 53.73 10.05
N ARG C 425 -10.24 53.18 11.22
CA ARG C 425 -10.72 53.78 12.47
C ARG C 425 -10.11 55.16 12.69
N GLN C 426 -8.80 55.30 12.43
CA GLN C 426 -8.14 56.59 12.60
C GLN C 426 -8.69 57.63 11.63
N ALA C 427 -8.92 57.23 10.37
CA ALA C 427 -9.51 58.15 9.40
C ALA C 427 -10.91 58.57 9.81
N GLN C 428 -11.70 57.63 10.33
CA GLN C 428 -13.09 57.95 10.69
C GLN C 428 -13.15 58.88 11.90
N LEU C 429 -12.03 59.06 12.60
CA LEU C 429 -11.99 59.92 13.78
C LEU C 429 -12.09 61.39 13.38
N LYS C 446 -0.77 54.44 23.21
CA LYS C 446 -0.91 53.39 24.21
C LYS C 446 -0.65 52.02 23.60
N PHE C 447 -1.69 51.44 23.00
CA PHE C 447 -1.60 50.15 22.34
C PHE C 447 -1.66 50.35 20.84
N ARG C 448 -0.85 49.57 20.11
CA ARG C 448 -0.80 49.72 18.66
C ARG C 448 -2.14 49.39 18.02
N PHE C 449 -2.80 48.33 18.51
CA PHE C 449 -4.16 47.98 18.12
C PHE C 449 -4.99 47.82 19.38
N THR C 450 -6.29 48.08 19.27
CA THR C 450 -7.22 47.87 20.36
C THR C 450 -8.26 46.81 19.97
N PHE C 451 -9.19 46.55 20.89
CA PHE C 451 -10.14 45.47 20.69
C PHE C 451 -11.17 45.76 19.60
N HIS C 452 -11.34 47.02 19.20
CA HIS C 452 -12.26 47.32 18.12
C HIS C 452 -11.77 46.77 16.79
N GLU C 453 -10.46 46.87 16.52
CA GLU C 453 -9.92 46.34 15.28
C GLU C 453 -10.06 44.81 15.22
N VAL C 454 -9.76 44.13 16.31
CA VAL C 454 -9.89 42.67 16.30
C VAL C 454 -11.36 42.29 16.23
N SER C 455 -12.26 43.08 16.84
CA SER C 455 -13.68 42.82 16.71
C SER C 455 -14.13 42.96 15.25
N LYS C 456 -13.63 43.97 14.55
CA LYS C 456 -13.98 44.14 13.14
C LYS C 456 -13.43 43.00 12.30
N VAL C 457 -12.21 42.53 12.60
CA VAL C 457 -11.63 41.40 11.87
C VAL C 457 -12.47 40.15 12.09
N LEU C 458 -12.85 39.90 13.34
CA LEU C 458 -13.72 38.75 13.63
C LEU C 458 -15.06 38.89 12.93
N LYS C 459 -15.61 40.10 12.89
CA LYS C 459 -16.85 40.34 12.15
C LYS C 459 -16.68 39.99 10.69
N ASP C 460 -15.54 40.37 10.10
CA ASP C 460 -15.28 40.03 8.70
C ASP C 460 -15.20 38.52 8.51
N PHE C 461 -14.62 37.81 9.47
CA PHE C 461 -14.57 36.35 9.40
C PHE C 461 -15.84 35.71 9.95
N LEU C 462 -16.19 36.02 11.19
CA LEU C 462 -17.41 35.56 11.82
C LEU C 462 -18.46 36.65 11.94
N ASP C 463 -19.39 36.74 11.00
CA ASP C 463 -20.34 37.86 10.86
C ASP C 463 -20.92 38.22 12.23
N ASP C 464 -21.64 37.33 12.91
CA ASP C 464 -22.23 37.67 14.20
C ASP C 464 -21.90 36.66 15.29
N THR C 465 -21.06 35.66 15.01
CA THR C 465 -20.68 34.71 16.04
C THR C 465 -19.89 35.38 17.15
N CYS C 466 -19.05 36.35 16.80
CA CYS C 466 -18.18 37.02 17.75
C CYS C 466 -18.79 38.30 18.33
N LYS C 467 -20.04 38.61 18.00
CA LYS C 467 -20.70 39.81 18.48
C LYS C 467 -20.77 39.84 20.00
N GLY C 468 -20.26 40.93 20.58
CA GLY C 468 -20.28 41.10 22.01
C GLY C 468 -19.14 40.47 22.77
N PHE C 469 -18.16 39.89 22.07
CA PHE C 469 -17.03 39.28 22.75
C PHE C 469 -16.20 40.33 23.50
N TYR C 470 -15.96 41.47 22.87
CA TYR C 470 -15.20 42.55 23.48
C TYR C 470 -15.89 43.91 23.43
N GLN C 471 -16.85 44.11 22.51
CA GLN C 471 -17.59 45.37 22.50
C GLN C 471 -18.39 45.55 23.78
N LYS C 472 -19.02 44.49 24.26
CA LYS C 472 -19.76 44.56 25.51
C LYS C 472 -18.80 44.78 26.68
N LEU C 473 -19.26 45.57 27.65
CA LEU C 473 -18.45 45.87 28.82
C LEU C 473 -19.29 45.82 30.10
N ASN C 489 -15.87 51.52 24.79
CA ASN C 489 -16.70 50.34 24.88
C ASN C 489 -15.89 49.11 25.25
N LEU C 490 -14.56 49.22 25.13
CA LEU C 490 -13.69 48.11 25.46
C LEU C 490 -13.82 47.76 26.93
N PRO C 491 -13.72 46.48 27.29
CA PRO C 491 -13.91 46.09 28.69
C PRO C 491 -12.75 46.56 29.57
N ASP C 492 -12.85 46.24 30.85
CA ASP C 492 -11.81 46.61 31.79
C ASP C 492 -10.54 45.81 31.53
N MET C 493 -9.41 46.51 31.43
CA MET C 493 -8.13 45.84 31.25
C MET C 493 -7.74 44.99 32.46
N ASP C 494 -8.33 45.28 33.62
CA ASP C 494 -7.97 44.60 34.86
C ASP C 494 -8.78 43.35 35.14
N ARG C 495 -9.81 43.06 34.35
CA ARG C 495 -10.66 41.91 34.61
C ARG C 495 -10.16 40.67 33.90
N ARG C 496 -10.35 39.52 34.56
CA ARG C 496 -10.03 38.24 33.94
C ARG C 496 -11.01 37.96 32.81
N CYS C 497 -10.49 37.40 31.72
CA CYS C 497 -11.33 37.05 30.59
C CYS C 497 -12.34 35.97 30.99
N GLU C 498 -13.60 36.18 30.61
CA GLU C 498 -14.63 35.21 30.95
C GLU C 498 -14.39 33.86 30.28
N HIS C 499 -13.90 33.87 29.05
CA HIS C 499 -13.58 32.65 28.29
C HIS C 499 -12.14 32.74 27.83
N PRO C 500 -11.17 32.50 28.73
CA PRO C 500 -9.77 32.71 28.36
C PRO C 500 -9.28 31.75 27.28
N TRP C 501 -9.71 30.49 27.34
CA TRP C 501 -9.29 29.53 26.32
C TRP C 501 -9.90 29.88 24.97
N ARG C 502 -11.15 30.36 24.97
CA ARG C 502 -11.76 30.83 23.73
C ARG C 502 -10.96 31.97 23.12
N ASP C 503 -10.57 32.95 23.94
CA ASP C 503 -9.82 34.10 23.46
C ASP C 503 -8.45 33.69 22.94
N LEU C 504 -7.75 32.82 23.67
CA LEU C 504 -6.45 32.36 23.22
C LEU C 504 -6.55 31.54 21.94
N PHE C 505 -7.59 30.72 21.83
CA PHE C 505 -7.81 29.96 20.60
C PHE C 505 -8.05 30.87 19.42
N LEU C 506 -8.88 31.91 19.60
CA LEU C 506 -9.13 32.85 18.52
C LEU C 506 -7.85 33.59 18.14
N TRP C 507 -7.07 34.01 19.15
CA TRP C 507 -5.83 34.74 18.88
C TRP C 507 -4.82 33.88 18.13
N ALA C 508 -4.72 32.60 18.49
CA ALA C 508 -3.79 31.72 17.80
C ALA C 508 -4.29 31.33 16.41
N ILE C 509 -5.61 31.18 16.23
CA ILE C 509 -6.16 30.85 14.93
C ILE C 509 -5.97 32.01 13.96
N LEU C 510 -6.19 33.24 14.43
CA LEU C 510 -6.16 34.41 13.55
C LEU C 510 -4.79 34.67 12.95
N GLN C 511 -3.73 34.03 13.46
CA GLN C 511 -2.39 34.22 12.95
C GLN C 511 -1.72 32.91 12.54
N ASN C 512 -2.54 31.91 12.16
CA ASN C 512 -2.06 30.66 11.57
C ASN C 512 -1.09 29.92 12.48
N ARG C 513 -1.29 30.01 13.79
CA ARG C 513 -0.48 29.26 14.76
C ARG C 513 -1.27 28.03 15.17
N GLN C 514 -1.16 26.98 14.34
CA GLN C 514 -2.04 25.83 14.48
C GLN C 514 -1.68 24.93 15.66
N GLU C 515 -0.42 24.91 16.09
CA GLU C 515 -0.06 24.08 17.24
C GLU C 515 -0.65 24.67 18.53
N MET C 516 -0.46 25.97 18.76
CA MET C 516 -1.09 26.60 19.91
C MET C 516 -2.60 26.57 19.78
N ALA C 517 -3.13 26.70 18.56
CA ALA C 517 -4.57 26.62 18.39
C ALA C 517 -5.09 25.25 18.78
N ASN C 518 -4.36 24.19 18.41
CA ASN C 518 -4.73 22.84 18.83
C ASN C 518 -4.68 22.70 20.34
N TYR C 519 -3.65 23.27 20.97
CA TYR C 519 -3.55 23.18 22.43
C TYR C 519 -4.70 23.90 23.12
N PHE C 520 -4.99 25.13 22.68
CA PHE C 520 -6.08 25.89 23.29
C PHE C 520 -7.43 25.27 23.00
N TRP C 521 -7.57 24.59 21.87
CA TRP C 521 -8.80 23.84 21.60
C TRP C 521 -8.94 22.65 22.53
N ALA C 522 -7.85 21.89 22.71
CA ALA C 522 -7.87 20.76 23.62
C ALA C 522 -8.05 21.17 25.08
N MET C 523 -7.79 22.44 25.40
CA MET C 523 -8.00 22.95 26.75
C MET C 523 -9.27 23.75 26.91
N GLY C 524 -10.18 23.72 25.93
CA GLY C 524 -11.36 24.56 25.96
C GLY C 524 -12.63 23.83 26.38
N PRO C 525 -13.65 24.59 26.76
CA PRO C 525 -14.89 23.95 27.26
C PRO C 525 -15.81 23.43 26.16
N GLU C 526 -15.87 24.12 25.03
CA GLU C 526 -16.78 23.77 23.93
C GLU C 526 -15.93 23.58 22.67
N ALA C 527 -15.56 22.33 22.41
CA ALA C 527 -14.53 22.06 21.42
C ALA C 527 -15.07 21.81 20.01
N VAL C 528 -16.28 21.27 19.87
CA VAL C 528 -16.83 21.06 18.52
C VAL C 528 -17.11 22.40 17.84
N ALA C 529 -17.78 23.30 18.56
CA ALA C 529 -18.04 24.62 18.01
C ALA C 529 -16.74 25.38 17.75
N ALA C 530 -15.77 25.25 18.66
CA ALA C 530 -14.47 25.91 18.46
C ALA C 530 -13.76 25.37 17.23
N ALA C 531 -13.82 24.06 17.00
CA ALA C 531 -13.18 23.49 15.82
C ALA C 531 -13.88 23.96 14.54
N LEU C 532 -15.21 24.06 14.57
CA LEU C 532 -15.91 24.58 13.40
C LEU C 532 -15.57 26.04 13.13
N VAL C 533 -15.44 26.83 14.20
CA VAL C 533 -15.01 28.23 14.06
C VAL C 533 -13.61 28.29 13.47
N GLY C 534 -12.71 27.43 13.94
CA GLY C 534 -11.36 27.41 13.39
C GLY C 534 -11.35 27.03 11.92
N CYS C 535 -12.18 26.05 11.54
CA CYS C 535 -12.31 25.68 10.14
C CYS C 535 -12.77 26.87 9.30
N LYS C 536 -13.79 27.58 9.78
CA LYS C 536 -14.30 28.74 9.06
C LYS C 536 -13.23 29.81 8.90
N ILE C 537 -12.53 30.13 9.99
CA ILE C 537 -11.54 31.21 9.93
C ILE C 537 -10.38 30.81 9.03
N MET C 538 -9.97 29.54 9.08
CA MET C 538 -8.86 29.09 8.24
C MET C 538 -9.23 29.15 6.76
N LYS C 539 -10.43 28.70 6.41
CA LYS C 539 -10.80 28.78 4.99
C LYS C 539 -11.08 30.21 4.55
N GLU C 540 -11.41 31.11 5.49
CA GLU C 540 -11.54 32.52 5.12
C GLU C 540 -10.18 33.17 4.90
N MET C 541 -9.19 32.84 5.73
CA MET C 541 -7.85 33.39 5.57
C MET C 541 -7.08 32.77 4.42
N ALA C 542 -7.43 31.56 4.00
CA ALA C 542 -6.72 30.95 2.88
C ALA C 542 -6.85 31.77 1.61
N HIS C 543 -7.95 32.52 1.47
CA HIS C 543 -8.12 33.38 0.31
C HIS C 543 -7.28 34.65 0.41
N LEU C 544 -7.04 35.13 1.63
CA LEU C 544 -6.31 36.37 1.83
C LEU C 544 -4.80 36.17 1.93
N ALA C 545 -4.33 34.93 2.00
CA ALA C 545 -2.90 34.68 2.17
C ALA C 545 -2.14 35.03 0.91
N THR C 546 -1.05 35.79 1.06
CA THR C 546 -0.23 36.19 -0.07
C THR C 546 0.79 35.12 -0.45
N GLU C 547 1.44 34.51 0.53
CA GLU C 547 2.41 33.46 0.25
C GLU C 547 1.72 32.13 0.01
N ALA C 548 2.33 31.30 -0.83
CA ALA C 548 1.74 30.01 -1.19
C ALA C 548 1.86 29.00 -0.05
N GLU C 549 2.96 29.05 0.71
CA GLU C 549 3.13 28.10 1.80
C GLU C 549 2.11 28.32 2.90
N SER C 550 1.90 29.58 3.30
CA SER C 550 0.91 29.88 4.32
C SER C 550 -0.50 29.54 3.85
N ALA C 551 -0.80 29.82 2.59
CA ALA C 551 -2.11 29.47 2.04
C ALA C 551 -2.32 27.96 2.04
N ARG C 552 -1.27 27.20 1.69
CA ARG C 552 -1.37 25.75 1.74
C ARG C 552 -1.61 25.25 3.15
N SER C 553 -0.87 25.81 4.12
CA SER C 553 -1.07 25.41 5.51
C SER C 553 -2.49 25.71 5.99
N MET C 554 -3.03 26.87 5.58
CA MET C 554 -4.40 27.20 5.94
C MET C 554 -5.39 26.26 5.26
N LYS C 555 -5.11 25.85 4.02
CA LYS C 555 -5.98 24.93 3.31
C LYS C 555 -5.87 23.51 3.83
N ASN C 556 -4.87 23.20 4.64
CA ASN C 556 -4.73 21.89 5.28
C ASN C 556 -4.86 22.01 6.80
N ALA C 557 -5.86 22.76 7.26
CA ALA C 557 -5.99 23.10 8.68
C ALA C 557 -6.50 21.94 9.53
N LYS C 558 -7.32 21.06 8.95
CA LYS C 558 -7.85 19.84 9.59
C LYS C 558 -8.46 20.12 10.97
N TYR C 559 -9.20 21.23 11.08
CA TYR C 559 -10.00 21.48 12.28
C TYR C 559 -11.37 20.85 12.16
N GLU C 560 -11.92 20.82 10.95
CA GLU C 560 -13.17 20.10 10.72
C GLU C 560 -13.02 18.63 11.02
N GLN C 561 -11.82 18.07 10.76
CA GLN C 561 -11.55 16.69 11.15
C GLN C 561 -11.58 16.53 12.67
N PHE C 562 -11.06 17.51 13.40
CA PHE C 562 -11.13 17.46 14.86
C PHE C 562 -12.58 17.46 15.33
N ALA C 563 -13.41 18.34 14.75
CA ALA C 563 -14.82 18.37 15.12
C ALA C 563 -15.50 17.05 14.80
N MET C 564 -15.21 16.49 13.63
CA MET C 564 -15.82 15.23 13.22
C MET C 564 -15.42 14.09 14.15
N ASP C 565 -14.14 14.02 14.53
CA ASP C 565 -13.68 12.91 15.38
C ASP C 565 -14.22 13.05 16.80
N LEU C 566 -14.24 14.27 17.33
CA LEU C 566 -14.81 14.47 18.66
C LEU C 566 -16.29 14.14 18.67
N PHE C 567 -17.02 14.54 17.62
CA PHE C 567 -18.42 14.18 17.56
C PHE C 567 -18.62 12.68 17.36
N SER C 568 -17.69 12.02 16.67
CA SER C 568 -17.76 10.56 16.55
C SER C 568 -17.64 9.91 17.92
N GLU C 569 -16.69 10.38 18.73
CA GLU C 569 -16.55 9.87 20.09
C GLU C 569 -17.83 10.12 20.91
N CYS C 570 -18.35 11.35 20.83
CA CYS C 570 -19.55 11.70 21.59
C CYS C 570 -20.75 10.87 21.14
N TYR C 571 -20.91 10.67 19.84
CA TYR C 571 -22.05 9.94 19.30
C TYR C 571 -21.94 8.45 19.62
N SER C 572 -20.72 7.92 19.64
CA SER C 572 -20.53 6.54 20.09
C SER C 572 -20.86 6.38 21.56
N ASN C 573 -20.51 7.39 22.38
CA ASN C 573 -20.74 7.26 23.81
C ASN C 573 -22.22 7.26 24.15
N SER C 574 -22.98 8.22 23.65
CA SER C 574 -24.37 8.38 24.07
C SER C 574 -25.37 8.26 22.92
N GLU C 575 -25.16 8.99 21.82
CA GLU C 575 -26.01 8.98 20.64
C GLU C 575 -27.33 9.70 20.91
N ASP C 576 -27.57 10.07 22.17
CA ASP C 576 -28.70 10.90 22.56
C ASP C 576 -28.26 12.24 23.13
N ARG C 577 -27.21 12.24 23.95
CA ARG C 577 -26.56 13.49 24.33
C ARG C 577 -25.87 14.14 23.14
N ALA C 578 -25.52 13.34 22.12
CA ALA C 578 -24.90 13.88 20.92
C ALA C 578 -25.86 14.80 20.17
N TYR C 579 -27.13 14.40 20.06
CA TYR C 579 -28.11 15.27 19.40
C TYR C 579 -28.33 16.55 20.19
N SER C 580 -28.41 16.45 21.51
CA SER C 580 -28.53 17.65 22.34
C SER C 580 -27.33 18.57 22.15
N LEU C 581 -26.13 17.99 22.06
CA LEU C 581 -24.94 18.78 21.78
C LEU C 581 -25.03 19.45 20.41
N LEU C 582 -25.59 18.74 19.43
CA LEU C 582 -25.75 19.31 18.09
C LEU C 582 -26.72 20.48 18.09
N VAL C 583 -27.75 20.43 18.95
CA VAL C 583 -28.82 21.42 18.88
C VAL C 583 -28.77 22.45 20.00
N ARG C 584 -27.94 22.27 21.03
CA ARG C 584 -27.90 23.22 22.12
C ARG C 584 -27.20 24.51 21.69
N LYS C 585 -27.62 25.61 22.29
CA LYS C 585 -27.06 26.92 21.99
C LYS C 585 -25.82 27.14 22.85
N THR C 586 -24.66 27.26 22.22
CA THR C 586 -23.40 27.33 22.95
C THR C 586 -23.27 28.63 23.72
N CYS C 587 -22.66 28.55 24.90
CA CYS C 587 -22.46 29.74 25.73
C CYS C 587 -21.31 30.60 25.22
N CYS C 588 -20.27 29.99 24.67
CA CYS C 588 -19.06 30.71 24.30
C CYS C 588 -19.13 31.33 22.91
N TRP C 589 -20.19 31.09 22.14
CA TRP C 589 -20.25 31.58 20.77
C TRP C 589 -21.57 32.29 20.51
N SER C 590 -22.01 33.11 21.47
CA SER C 590 -23.17 33.98 21.31
C SER C 590 -24.43 33.20 20.97
N LYS C 591 -24.72 32.18 21.77
CA LYS C 591 -25.94 31.37 21.66
C LYS C 591 -26.10 30.80 20.25
N ALA C 592 -25.00 30.40 19.64
CA ALA C 592 -25.01 29.83 18.30
C ALA C 592 -25.01 28.31 18.40
N THR C 593 -25.94 27.68 17.69
CA THR C 593 -26.01 26.23 17.64
C THR C 593 -24.80 25.67 16.92
N VAL C 594 -24.39 24.45 17.31
CA VAL C 594 -23.26 23.80 16.64
C VAL C 594 -23.57 23.59 15.17
N LEU C 595 -24.83 23.28 14.84
CA LEU C 595 -25.21 23.19 13.44
C LEU C 595 -25.20 24.54 12.76
N ASN C 596 -25.57 25.61 13.48
CA ASN C 596 -25.46 26.95 12.93
C ASN C 596 -24.00 27.30 12.61
N ILE C 597 -23.09 26.97 13.52
CA ILE C 597 -21.68 27.25 13.30
C ILE C 597 -21.14 26.40 12.15
N ALA C 598 -21.62 25.15 12.04
CA ALA C 598 -21.20 24.32 10.92
C ALA C 598 -21.70 24.88 9.59
N THR C 599 -22.94 25.39 9.57
CA THR C 599 -23.48 26.00 8.36
C THR C 599 -22.69 27.24 7.97
N LEU C 600 -22.36 28.09 8.96
CA LEU C 600 -21.55 29.28 8.67
C LEU C 600 -20.16 28.89 8.18
N ALA C 601 -19.54 27.91 8.84
CA ALA C 601 -18.25 27.37 8.42
C ALA C 601 -18.32 26.61 7.12
N GLU C 602 -19.51 26.27 6.65
CA GLU C 602 -19.71 25.60 5.37
C GLU C 602 -18.99 24.24 5.39
N ALA C 603 -19.11 23.55 6.54
CA ALA C 603 -18.39 22.30 6.80
C ALA C 603 -19.14 21.15 6.15
N LYS C 604 -18.74 20.81 4.92
CA LYS C 604 -19.41 19.73 4.20
C LYS C 604 -19.23 18.38 4.89
N CYS C 605 -18.02 18.07 5.33
CA CYS C 605 -17.75 16.74 5.87
C CYS C 605 -18.32 16.56 7.26
N PHE C 606 -18.49 17.65 8.01
CA PHE C 606 -19.14 17.54 9.32
C PHE C 606 -20.61 17.20 9.18
N PHE C 607 -21.29 17.82 8.21
CA PHE C 607 -22.69 17.49 7.96
C PHE C 607 -22.85 16.10 7.35
N ALA C 608 -21.78 15.53 6.80
CA ALA C 608 -21.81 14.19 6.25
C ALA C 608 -21.64 13.11 7.31
N HIS C 609 -21.40 13.49 8.56
CA HIS C 609 -21.24 12.52 9.63
C HIS C 609 -22.54 11.76 9.86
N ASP C 610 -22.41 10.51 10.30
CA ASP C 610 -23.58 9.65 10.46
C ASP C 610 -24.51 10.15 11.56
N GLY C 611 -23.97 10.76 12.61
CA GLY C 611 -24.83 11.30 13.66
C GLY C 611 -25.68 12.46 13.19
N VAL C 612 -25.08 13.39 12.44
CA VAL C 612 -25.84 14.51 11.91
C VAL C 612 -26.90 14.03 10.93
N GLN C 613 -26.55 13.06 10.08
CA GLN C 613 -27.51 12.53 9.12
C GLN C 613 -28.64 11.78 9.82
N ALA C 614 -28.32 11.09 10.92
CA ALA C 614 -29.36 10.40 11.67
C ALA C 614 -30.29 11.39 12.36
N LEU C 615 -29.76 12.49 12.88
CA LEU C 615 -30.60 13.53 13.44
C LEU C 615 -31.49 14.15 12.36
N LEU C 616 -30.93 14.35 11.17
CA LEU C 616 -31.72 14.88 10.06
C LEU C 616 -32.83 13.91 9.67
N THR C 617 -32.53 12.60 9.67
CA THR C 617 -33.58 11.62 9.38
C THR C 617 -34.67 11.64 10.44
N LYS C 618 -34.29 11.77 11.72
CA LYS C 618 -35.28 11.85 12.79
C LYS C 618 -36.17 13.08 12.61
N VAL C 619 -35.58 14.21 12.24
CA VAL C 619 -36.36 15.42 11.97
C VAL C 619 -37.27 15.18 10.75
N TRP C 620 -36.74 14.52 9.72
CA TRP C 620 -37.47 14.31 8.49
C TRP C 620 -38.72 13.46 8.72
N TRP C 621 -38.60 12.40 9.51
CA TRP C 621 -39.74 11.53 9.76
C TRP C 621 -40.69 12.08 10.82
N GLY C 622 -40.30 13.14 11.53
CA GLY C 622 -41.19 13.75 12.49
C GLY C 622 -41.55 12.81 13.62
N ALA C 623 -42.83 12.80 13.99
CA ALA C 623 -43.31 11.98 15.09
C ALA C 623 -43.37 10.50 14.77
N MET C 624 -43.24 10.12 13.50
CA MET C 624 -43.30 8.71 13.13
C MET C 624 -41.94 8.05 13.30
N ARG C 625 -41.97 6.73 13.46
CA ARG C 625 -40.73 5.96 13.55
C ARG C 625 -39.95 6.05 12.25
N THR C 626 -38.63 6.14 12.37
CA THR C 626 -37.78 6.31 11.20
C THR C 626 -37.72 5.07 10.31
N ASP C 627 -38.14 3.91 10.80
CA ASP C 627 -38.16 2.69 10.00
C ASP C 627 -39.53 2.47 9.34
N THR C 628 -40.36 3.51 9.28
CA THR C 628 -41.65 3.40 8.63
C THR C 628 -41.49 3.10 7.15
N SER C 629 -42.24 2.10 6.68
CA SER C 629 -42.20 1.75 5.26
C SER C 629 -42.82 2.86 4.42
N ILE C 630 -42.26 3.05 3.23
CA ILE C 630 -42.78 4.09 2.33
C ILE C 630 -44.15 3.72 1.81
N SER C 631 -44.38 2.43 1.54
CA SER C 631 -45.65 1.99 0.99
C SER C 631 -46.80 2.26 1.95
N ARG C 632 -46.62 1.95 3.24
CA ARG C 632 -47.65 2.21 4.23
C ARG C 632 -47.87 3.71 4.40
N LEU C 633 -46.80 4.50 4.33
CA LEU C 633 -46.94 5.95 4.42
C LEU C 633 -47.75 6.50 3.25
N VAL C 634 -47.50 6.01 2.05
CA VAL C 634 -48.26 6.46 0.87
C VAL C 634 -49.71 6.03 0.99
N LEU C 635 -49.95 4.80 1.43
CA LEU C 635 -51.33 4.33 1.60
C LEU C 635 -52.06 5.15 2.65
N THR C 636 -51.36 5.58 3.71
CA THR C 636 -51.98 6.42 4.71
C THR C 636 -52.23 7.83 4.17
N PHE C 637 -51.35 8.31 3.29
CA PHE C 637 -51.54 9.63 2.70
C PHE C 637 -52.76 9.66 1.78
N PHE C 638 -52.87 8.67 0.89
CA PHE C 638 -54.00 8.65 -0.05
C PHE C 638 -55.31 8.35 0.65
N ILE C 639 -55.27 7.61 1.75
CA ILE C 639 -56.46 7.25 2.50
C ILE C 639 -56.31 7.80 3.92
N PRO C 640 -56.81 9.00 4.19
CA PRO C 640 -56.57 9.68 5.47
C PRO C 640 -57.00 8.86 6.69
N PRO C 641 -58.12 8.12 6.65
CA PRO C 641 -58.56 7.43 7.88
C PRO C 641 -57.54 6.45 8.45
N LEU C 642 -56.58 5.98 7.65
CA LEU C 642 -55.57 5.05 8.17
C LEU C 642 -54.57 5.70 9.11
N VAL C 643 -54.65 7.01 9.34
CA VAL C 643 -53.75 7.65 10.29
C VAL C 643 -53.99 7.10 11.69
N TRP C 644 -55.26 6.83 12.03
CA TRP C 644 -55.62 6.39 13.36
C TRP C 644 -55.45 4.89 13.56
N THR C 645 -55.26 4.13 12.49
CA THR C 645 -54.98 2.71 12.59
C THR C 645 -53.54 2.51 13.04
N SER C 646 -53.23 1.29 13.51
CA SER C 646 -51.88 0.93 13.91
C SER C 646 -51.00 0.54 12.74
N LEU C 647 -51.38 0.92 11.52
CA LEU C 647 -50.55 0.64 10.35
C LEU C 647 -49.25 1.43 10.41
N ILE C 648 -49.27 2.60 11.03
CA ILE C 648 -48.10 3.47 11.13
C ILE C 648 -47.76 3.65 12.60
N LYS C 649 -46.54 3.29 12.97
CA LYS C 649 -46.10 3.42 14.35
C LYS C 649 -45.49 4.80 14.57
N PHE C 650 -45.73 5.35 15.76
CA PHE C 650 -45.28 6.69 16.10
C PHE C 650 -44.29 6.66 17.26
N ASN C 651 -43.41 7.66 17.28
CA ASN C 651 -42.44 7.79 18.36
C ASN C 651 -43.14 8.25 19.63
N PRO C 652 -42.89 7.60 20.77
CA PRO C 652 -43.53 8.03 22.02
C PRO C 652 -43.21 9.49 22.35
N GLU C 653 -44.23 10.20 22.83
CA GLU C 653 -44.12 11.61 23.22
C GLU C 653 -43.57 12.47 22.09
N SER C 698 -65.58 13.00 25.71
CA SER C 698 -65.60 13.42 24.31
C SER C 698 -64.46 14.39 24.01
N ALA C 699 -64.23 15.32 24.94
CA ALA C 699 -63.16 16.29 24.77
C ALA C 699 -61.79 15.61 24.71
N THR C 700 -61.56 14.62 25.59
CA THR C 700 -60.31 13.90 25.56
C THR C 700 -60.13 13.14 24.26
N PHE C 701 -61.19 12.49 23.77
CA PHE C 701 -61.11 11.77 22.51
C PHE C 701 -60.83 12.73 21.35
N ILE C 702 -61.48 13.89 21.34
CA ILE C 702 -61.25 14.87 20.29
C ILE C 702 -59.80 15.36 20.33
N ARG C 703 -59.29 15.63 21.53
CA ARG C 703 -57.90 16.06 21.65
C ARG C 703 -56.94 14.99 21.17
N VAL C 704 -57.22 13.73 21.49
CA VAL C 704 -56.33 12.63 21.09
C VAL C 704 -56.32 12.48 19.58
N VAL C 705 -57.50 12.48 18.96
CA VAL C 705 -57.55 12.30 17.51
C VAL C 705 -56.95 13.50 16.79
N LEU C 706 -57.16 14.71 17.30
CA LEU C 706 -56.53 15.88 16.71
C LEU C 706 -55.02 15.81 16.83
N ARG C 707 -54.52 15.36 17.98
CA ARG C 707 -53.08 15.23 18.17
C ARG C 707 -52.48 14.21 17.20
N ARG C 708 -53.14 13.07 17.03
CA ARG C 708 -52.64 12.07 16.09
C ARG C 708 -52.65 12.60 14.66
N TRP C 709 -53.74 13.28 14.28
CA TRP C 709 -53.83 13.84 12.93
C TRP C 709 -52.73 14.85 12.68
N ASN C 710 -52.52 15.76 13.64
CA ASN C 710 -51.50 16.80 13.47
C ASN C 710 -50.10 16.22 13.54
N ARG C 711 -49.92 15.11 14.26
CA ARG C 711 -48.61 14.48 14.32
C ARG C 711 -48.27 13.81 12.99
N PHE C 712 -49.24 13.15 12.37
CA PHE C 712 -48.96 12.53 11.08
C PHE C 712 -48.80 13.58 9.98
N TRP C 713 -49.72 14.54 9.93
CA TRP C 713 -49.83 15.41 8.75
C TRP C 713 -48.90 16.61 8.78
N SER C 714 -48.12 16.80 9.85
CA SER C 714 -47.19 17.91 9.93
C SER C 714 -45.74 17.47 9.82
N ALA C 715 -45.48 16.18 9.63
CA ALA C 715 -44.11 15.73 9.47
C ALA C 715 -43.55 16.23 8.14
N PRO C 716 -42.25 16.50 8.07
CA PRO C 716 -41.67 16.98 6.80
C PRO C 716 -41.87 16.02 5.64
N VAL C 717 -41.89 14.72 5.89
CA VAL C 717 -42.01 13.76 4.80
C VAL C 717 -43.40 13.81 4.16
N THR C 718 -44.45 13.94 4.99
CA THR C 718 -45.79 14.05 4.42
C THR C 718 -46.01 15.39 3.73
N VAL C 719 -45.40 16.46 4.26
CA VAL C 719 -45.45 17.74 3.56
C VAL C 719 -44.78 17.64 2.21
N PHE C 720 -43.64 16.96 2.15
CA PHE C 720 -42.96 16.77 0.87
C PHE C 720 -43.80 15.94 -0.09
N MET C 721 -44.43 14.87 0.41
CA MET C 721 -45.28 14.05 -0.46
C MET C 721 -46.45 14.86 -0.99
N GLY C 722 -47.09 15.65 -0.14
CA GLY C 722 -48.18 16.50 -0.60
C GLY C 722 -47.73 17.50 -1.63
N ASN C 723 -46.55 18.11 -1.42
CA ASN C 723 -46.03 19.05 -2.40
C ASN C 723 -45.74 18.38 -3.74
N VAL C 724 -45.19 17.16 -3.70
CA VAL C 724 -44.89 16.45 -4.94
C VAL C 724 -46.17 16.09 -5.68
N ILE C 725 -47.17 15.59 -4.96
CA ILE C 725 -48.44 15.24 -5.59
C ILE C 725 -49.10 16.47 -6.18
N MET C 726 -49.11 17.57 -5.44
CA MET C 726 -49.75 18.78 -5.93
C MET C 726 -48.98 19.41 -7.08
N TYR C 727 -47.65 19.20 -7.14
CA TYR C 727 -46.91 19.72 -8.28
C TYR C 727 -47.16 18.87 -9.51
N PHE C 728 -47.31 17.56 -9.35
CA PHE C 728 -47.75 16.74 -10.47
C PHE C 728 -49.11 17.18 -10.97
N ALA C 729 -50.03 17.47 -10.05
CA ALA C 729 -51.35 17.97 -10.43
C ALA C 729 -51.23 19.32 -11.14
N PHE C 730 -50.34 20.19 -10.67
CA PHE C 730 -50.12 21.48 -11.32
C PHE C 730 -49.60 21.31 -12.73
N LEU C 731 -48.65 20.42 -12.94
CA LEU C 731 -48.13 20.20 -14.28
C LEU C 731 -49.20 19.63 -15.19
N ILE C 732 -50.01 18.70 -14.68
CA ILE C 732 -51.10 18.13 -15.47
C ILE C 732 -52.10 19.21 -15.86
N LEU C 733 -52.48 20.07 -14.90
CA LEU C 733 -53.42 21.14 -15.19
C LEU C 733 -52.85 22.16 -16.17
N PHE C 734 -51.56 22.52 -15.99
CA PHE C 734 -50.93 23.47 -16.89
C PHE C 734 -50.94 22.93 -18.31
N SER C 735 -50.59 21.64 -18.48
CA SER C 735 -50.55 21.04 -19.80
C SER C 735 -51.95 20.89 -20.38
N TYR C 736 -52.96 20.61 -19.55
CA TYR C 736 -54.32 20.54 -20.05
C TYR C 736 -54.78 21.90 -20.57
N VAL C 737 -54.49 22.97 -19.82
CA VAL C 737 -54.86 24.31 -20.26
C VAL C 737 -54.12 24.67 -21.54
N LEU C 738 -52.82 24.36 -21.60
CA LEU C 738 -52.00 24.73 -22.73
C LEU C 738 -52.38 23.97 -24.00
N LEU C 739 -52.74 22.69 -23.86
CA LEU C 739 -52.92 21.82 -25.02
C LEU C 739 -54.36 21.71 -25.47
N LEU C 740 -55.32 21.74 -24.55
CA LEU C 740 -56.71 21.43 -24.88
C LEU C 740 -57.72 22.50 -24.49
N ASP C 741 -57.39 23.41 -23.57
CA ASP C 741 -58.34 24.39 -23.08
C ASP C 741 -57.74 25.79 -23.10
N PHE C 742 -57.11 26.15 -24.20
CA PHE C 742 -56.59 27.50 -24.40
C PHE C 742 -57.52 28.24 -25.35
N ARG C 743 -58.01 29.40 -24.90
CA ARG C 743 -59.10 30.08 -25.59
C ARG C 743 -58.68 31.45 -26.11
N PRO C 744 -59.46 32.05 -27.00
CA PRO C 744 -59.12 33.39 -27.53
C PRO C 744 -59.06 34.43 -26.43
N PRO C 745 -58.63 35.65 -26.74
CA PRO C 745 -58.45 36.69 -25.72
C PRO C 745 -59.73 37.01 -24.97
N PRO C 746 -59.64 37.85 -23.94
CA PRO C 746 -60.78 38.15 -23.07
C PRO C 746 -62.08 38.45 -23.81
N PRO C 747 -62.04 39.01 -25.06
CA PRO C 747 -63.28 39.08 -25.85
C PRO C 747 -64.11 37.81 -25.78
N TYR C 748 -63.47 36.66 -25.97
CA TYR C 748 -64.08 35.37 -25.68
C TYR C 748 -63.77 34.90 -24.26
N GLY C 749 -62.53 35.05 -23.82
CA GLY C 749 -62.20 34.89 -22.42
C GLY C 749 -61.33 33.69 -22.13
N PRO C 750 -60.42 33.82 -21.17
CA PRO C 750 -59.70 32.66 -20.69
C PRO C 750 -60.64 31.67 -20.03
N SER C 751 -60.33 30.39 -20.18
CA SER C 751 -61.18 29.36 -19.59
C SER C 751 -61.07 29.38 -18.07
N ALA C 752 -62.04 28.72 -17.43
CA ALA C 752 -62.02 28.63 -15.97
C ALA C 752 -60.78 27.90 -15.47
N ALA C 753 -60.34 26.86 -16.19
CA ALA C 753 -59.12 26.17 -15.83
C ALA C 753 -57.91 27.09 -15.89
N GLU C 754 -57.91 28.03 -16.84
CA GLU C 754 -56.83 29.00 -16.91
C GLU C 754 -56.84 29.94 -15.71
N ILE C 755 -58.03 30.34 -15.26
CA ILE C 755 -58.13 31.18 -14.07
C ILE C 755 -57.63 30.42 -12.84
N ILE C 756 -58.02 29.16 -12.72
CA ILE C 756 -57.53 28.32 -11.62
C ILE C 756 -56.00 28.21 -11.69
N LEU C 757 -55.46 28.11 -12.91
CA LEU C 757 -54.01 28.04 -13.08
C LEU C 757 -53.33 29.33 -12.64
N TYR C 758 -53.94 30.47 -12.98
CA TYR C 758 -53.42 31.76 -12.53
C TYR C 758 -53.38 31.82 -11.01
N PHE C 759 -54.47 31.39 -10.36
CA PHE C 759 -54.50 31.38 -8.90
C PHE C 759 -53.46 30.41 -8.33
N TRP C 760 -53.28 29.27 -9.00
CA TRP C 760 -52.29 28.29 -8.55
C TRP C 760 -50.91 28.91 -8.53
N VAL C 761 -50.54 29.57 -9.64
CA VAL C 761 -49.23 30.20 -9.76
C VAL C 761 -49.10 31.35 -8.77
N PHE C 762 -50.19 32.05 -8.50
CA PHE C 762 -50.17 33.09 -7.47
C PHE C 762 -49.82 32.50 -6.11
N THR C 763 -50.41 31.36 -5.77
CA THR C 763 -50.07 30.69 -4.51
C THR C 763 -48.62 30.23 -4.50
N LEU C 764 -48.14 29.72 -5.64
CA LEU C 764 -46.74 29.29 -5.72
C LEU C 764 -45.79 30.46 -5.50
N VAL C 765 -46.09 31.61 -6.10
CA VAL C 765 -45.27 32.80 -5.90
C VAL C 765 -45.32 33.26 -4.45
N LEU C 766 -46.49 33.19 -3.83
CA LEU C 766 -46.57 33.56 -2.42
C LEU C 766 -45.72 32.64 -1.56
N GLU C 767 -45.75 31.34 -1.82
CA GLU C 767 -44.91 30.42 -1.04
C GLU C 767 -43.43 30.70 -1.25
N GLU C 768 -43.03 30.96 -2.50
CA GLU C 768 -41.63 31.27 -2.76
C GLU C 768 -41.21 32.55 -2.03
N ILE C 769 -42.04 33.60 -2.11
CA ILE C 769 -41.70 34.87 -1.49
C ILE C 769 -41.63 34.72 0.02
N ARG C 770 -42.59 34.00 0.61
CA ARG C 770 -42.56 33.76 2.04
C ARG C 770 -41.30 33.01 2.46
N GLN C 771 -41.01 31.89 1.80
CA GLN C 771 -39.85 31.09 2.17
C GLN C 771 -38.55 31.88 2.02
N SER C 772 -38.51 32.80 1.05
CA SER C 772 -37.27 33.51 0.78
C SER C 772 -37.08 34.77 1.62
N PHE C 773 -38.14 35.51 1.94
CA PHE C 773 -38.00 36.82 2.57
C PHE C 773 -38.74 36.98 3.89
N PHE C 774 -39.71 36.12 4.20
CA PHE C 774 -40.53 36.28 5.40
C PHE C 774 -40.28 35.16 6.41
N THR C 775 -39.04 34.69 6.51
CA THR C 775 -38.69 33.63 7.43
C THR C 775 -37.65 34.01 8.47
N ASP C 776 -36.83 35.03 8.20
CA ASP C 776 -35.80 35.48 9.12
C ASP C 776 -36.19 36.85 9.67
N GLU C 777 -36.28 36.95 10.99
CA GLU C 777 -36.64 38.22 11.61
C GLU C 777 -35.55 39.26 11.43
N ASP C 778 -34.29 38.88 11.68
CA ASP C 778 -33.15 39.79 11.58
C ASP C 778 -32.27 39.34 10.43
N MET C 779 -32.43 40.01 9.28
CA MET C 779 -31.61 39.73 8.11
C MET C 779 -31.88 40.84 7.10
N SER C 780 -30.84 41.27 6.40
CA SER C 780 -30.98 42.40 5.49
C SER C 780 -31.76 42.03 4.24
N ILE C 781 -32.61 42.97 3.79
CA ILE C 781 -33.41 42.73 2.59
C ILE C 781 -32.50 42.59 1.37
N LEU C 782 -31.52 43.47 1.24
CA LEU C 782 -30.57 43.35 0.13
C LEU C 782 -29.77 42.05 0.23
N LYS C 783 -29.35 41.69 1.45
CA LYS C 783 -28.65 40.42 1.64
C LYS C 783 -29.56 39.23 1.33
N LYS C 784 -30.84 39.31 1.72
CA LYS C 784 -31.77 38.25 1.38
C LYS C 784 -31.94 38.12 -0.14
N MET C 785 -32.03 39.25 -0.84
CA MET C 785 -32.15 39.18 -2.29
C MET C 785 -30.89 38.63 -2.94
N LYS C 786 -29.71 38.98 -2.39
CA LYS C 786 -28.47 38.41 -2.90
C LYS C 786 -28.43 36.89 -2.68
N LEU C 787 -28.86 36.44 -1.50
CA LEU C 787 -28.92 35.01 -1.23
C LEU C 787 -29.88 34.32 -2.19
N TYR C 788 -31.03 34.94 -2.45
CA TYR C 788 -31.99 34.36 -3.38
C TYR C 788 -31.39 34.25 -4.78
N VAL C 789 -30.83 35.34 -5.31
CA VAL C 789 -30.29 35.30 -6.67
C VAL C 789 -28.99 34.52 -6.77
N GLU C 790 -28.40 34.13 -5.65
CA GLU C 790 -27.19 33.30 -5.70
C GLU C 790 -27.49 31.86 -6.08
N ASP C 791 -28.75 31.43 -5.98
CA ASP C 791 -29.13 30.06 -6.30
C ASP C 791 -29.62 29.98 -7.73
N ASN C 792 -29.05 29.05 -8.50
CA ASN C 792 -29.42 28.91 -9.91
C ASN C 792 -30.85 28.41 -10.07
N TRP C 793 -31.32 27.56 -9.15
CA TRP C 793 -32.71 27.14 -9.20
C TRP C 793 -33.65 28.31 -8.93
N ASN C 794 -33.22 29.25 -8.09
CA ASN C 794 -34.00 30.47 -7.92
C ASN C 794 -34.00 31.32 -9.18
N LYS C 795 -32.88 31.33 -9.93
CA LYS C 795 -32.88 31.99 -11.23
C LYS C 795 -33.88 31.34 -12.16
N CYS C 796 -33.95 30.00 -12.14
CA CYS C 796 -34.95 29.31 -12.95
C CYS C 796 -36.37 29.69 -12.52
N ASP C 797 -36.59 29.82 -11.21
CA ASP C 797 -37.92 30.21 -10.72
C ASP C 797 -38.29 31.63 -11.16
N MET C 798 -37.33 32.56 -11.11
CA MET C 798 -37.59 33.91 -11.59
C MET C 798 -37.87 33.93 -13.09
N VAL C 799 -37.12 33.13 -13.85
CA VAL C 799 -37.40 33.01 -15.28
C VAL C 799 -38.81 32.50 -15.51
N ALA C 800 -39.22 31.49 -14.73
CA ALA C 800 -40.56 30.93 -14.88
C ALA C 800 -41.64 31.96 -14.57
N ILE C 801 -41.48 32.72 -13.48
CA ILE C 801 -42.52 33.69 -13.14
C ILE C 801 -42.55 34.83 -14.15
N SER C 802 -41.39 35.27 -14.63
CA SER C 802 -41.35 36.31 -15.65
C SER C 802 -42.04 35.84 -16.93
N LEU C 803 -41.76 34.61 -17.35
CA LEU C 803 -42.41 34.07 -18.54
C LEU C 803 -43.91 33.95 -18.34
N PHE C 804 -44.34 33.53 -17.15
CA PHE C 804 -45.78 33.42 -16.91
C PHE C 804 -46.45 34.78 -16.99
N VAL C 805 -45.86 35.80 -16.37
CA VAL C 805 -46.47 37.13 -16.39
C VAL C 805 -46.51 37.69 -17.81
N VAL C 806 -45.40 37.56 -18.54
CA VAL C 806 -45.35 38.10 -19.90
C VAL C 806 -46.33 37.36 -20.81
N GLY C 807 -46.42 36.03 -20.67
CA GLY C 807 -47.33 35.27 -21.48
C GLY C 807 -48.79 35.60 -21.19
N LEU C 808 -49.13 35.77 -19.91
CA LEU C 808 -50.48 36.16 -19.55
C LEU C 808 -50.82 37.53 -20.13
N SER C 809 -49.91 38.49 -20.00
CA SER C 809 -50.15 39.83 -20.50
C SER C 809 -50.34 39.82 -22.02
N CYS C 810 -49.47 39.11 -22.73
CA CYS C 810 -49.62 39.02 -24.18
C CYS C 810 -50.89 38.27 -24.58
N ARG C 811 -51.26 37.25 -23.81
CA ARG C 811 -52.45 36.46 -24.09
C ARG C 811 -53.72 37.28 -23.90
N MET C 812 -53.69 38.29 -23.02
CA MET C 812 -54.87 39.12 -22.82
C MET C 812 -55.17 40.01 -24.02
N ALA C 813 -54.26 40.11 -24.99
CA ALA C 813 -54.41 40.97 -26.15
C ALA C 813 -54.47 40.14 -27.42
N MET C 814 -55.28 40.61 -28.39
CA MET C 814 -55.41 39.88 -29.65
C MET C 814 -54.13 39.96 -30.48
N SER C 815 -53.47 41.11 -30.49
CA SER C 815 -52.30 41.29 -31.36
C SER C 815 -51.10 40.52 -30.84
N THR C 816 -51.10 40.12 -29.56
CA THR C 816 -50.00 39.39 -28.96
C THR C 816 -50.43 38.02 -28.42
N TYR C 817 -51.52 37.49 -28.97
CA TYR C 817 -52.09 36.24 -28.45
C TYR C 817 -51.17 35.06 -28.72
N GLU C 818 -50.69 34.93 -29.95
CA GLU C 818 -49.82 33.82 -30.31
C GLU C 818 -48.50 33.88 -29.56
N ALA C 819 -47.94 35.09 -29.39
CA ALA C 819 -46.74 35.24 -28.60
C ALA C 819 -46.97 34.82 -27.15
N GLY C 820 -48.15 35.15 -26.61
CA GLY C 820 -48.47 34.69 -25.26
C GLY C 820 -48.54 33.19 -25.16
N ARG C 821 -49.15 32.54 -26.16
CA ARG C 821 -49.18 31.07 -26.17
C ARG C 821 -47.77 30.49 -26.22
N THR C 822 -46.90 31.06 -27.06
CA THR C 822 -45.53 30.59 -27.15
C THR C 822 -44.80 30.73 -25.83
N VAL C 823 -44.94 31.88 -25.18
CA VAL C 823 -44.25 32.12 -23.92
C VAL C 823 -44.78 31.19 -22.83
N LEU C 824 -46.09 30.90 -22.85
CA LEU C 824 -46.64 29.98 -21.87
C LEU C 824 -46.16 28.55 -22.10
N ALA C 825 -45.96 28.15 -23.36
CA ALA C 825 -45.35 26.84 -23.61
C ALA C 825 -43.94 26.77 -23.05
N LEU C 826 -43.15 27.82 -23.29
CA LEU C 826 -41.81 27.88 -22.69
C LEU C 826 -41.90 27.82 -21.16
N ASP C 827 -42.94 28.44 -20.60
CA ASP C 827 -43.12 28.41 -19.15
C ASP C 827 -43.41 27.01 -18.64
N PHE C 828 -44.22 26.25 -19.37
CA PHE C 828 -44.42 24.86 -18.99
C PHE C 828 -43.10 24.11 -18.98
N MET C 829 -42.29 24.34 -20.01
CA MET C 829 -40.96 23.72 -20.04
C MET C 829 -40.18 24.05 -18.76
N VAL C 830 -40.17 25.32 -18.38
CA VAL C 830 -39.38 25.74 -17.22
C VAL C 830 -39.90 25.10 -15.94
N PHE C 831 -41.22 25.06 -15.75
CA PHE C 831 -41.78 24.44 -14.55
C PHE C 831 -41.47 22.95 -14.49
N THR C 832 -41.62 22.26 -15.62
CA THR C 832 -41.28 20.84 -15.66
C THR C 832 -39.81 20.62 -15.35
N LEU C 833 -38.95 21.59 -15.71
CA LEU C 833 -37.55 21.50 -15.30
C LEU C 833 -37.38 21.71 -13.79
N ARG C 834 -38.17 22.60 -13.20
CA ARG C 834 -38.14 22.79 -11.75
C ARG C 834 -38.50 21.48 -11.03
N LEU C 835 -39.30 20.65 -11.68
CA LEU C 835 -39.65 19.36 -11.10
C LEU C 835 -38.41 18.54 -10.73
N ILE C 836 -37.30 18.70 -11.46
CA ILE C 836 -36.06 18.03 -11.09
C ILE C 836 -35.58 18.49 -9.71
N HIS C 837 -35.57 19.80 -9.50
CA HIS C 837 -35.12 20.33 -8.22
C HIS C 837 -36.03 19.93 -7.08
N ILE C 838 -37.31 19.68 -7.37
CA ILE C 838 -38.23 19.27 -6.29
C ILE C 838 -37.75 17.96 -5.65
N PHE C 839 -37.14 17.07 -6.43
CA PHE C 839 -36.69 15.78 -5.93
C PHE C 839 -35.24 15.79 -5.44
N ALA C 840 -34.70 16.96 -5.12
CA ALA C 840 -33.30 17.04 -4.69
C ALA C 840 -33.05 16.38 -3.35
N ILE C 841 -34.10 16.11 -2.56
CA ILE C 841 -33.93 15.54 -1.23
C ILE C 841 -33.93 14.03 -1.24
N HIS C 842 -34.16 13.40 -2.40
CA HIS C 842 -34.12 11.95 -2.51
C HIS C 842 -32.72 11.44 -2.22
N LYS C 843 -32.66 10.26 -1.59
CA LYS C 843 -31.38 9.70 -1.16
C LYS C 843 -30.46 9.43 -2.34
N GLN C 844 -31.02 8.97 -3.46
CA GLN C 844 -30.22 8.56 -4.61
C GLN C 844 -30.31 9.50 -5.80
N LEU C 845 -31.27 10.43 -5.81
CA LEU C 845 -31.46 11.28 -6.98
C LEU C 845 -30.64 12.57 -6.90
N GLY C 846 -30.47 13.12 -5.70
CA GLY C 846 -29.74 14.37 -5.52
C GLY C 846 -28.28 14.32 -5.92
N PRO C 847 -27.54 13.32 -5.44
CA PRO C 847 -26.14 13.19 -5.87
C PRO C 847 -25.99 13.05 -7.36
N LYS C 848 -26.95 12.43 -8.04
CA LYS C 848 -26.87 12.34 -9.50
C LYS C 848 -27.02 13.71 -10.15
N ILE C 849 -27.88 14.56 -9.59
CA ILE C 849 -28.02 15.93 -10.08
C ILE C 849 -26.70 16.68 -9.91
N ILE C 850 -26.07 16.53 -8.74
CA ILE C 850 -24.78 17.18 -8.52
C ILE C 850 -23.74 16.65 -9.51
N ILE C 851 -23.78 15.34 -9.79
CA ILE C 851 -22.83 14.75 -10.72
C ILE C 851 -23.02 15.31 -12.12
N VAL C 852 -24.27 15.49 -12.55
CA VAL C 852 -24.54 16.10 -13.84
C VAL C 852 -23.98 17.53 -13.88
N GLU C 853 -24.19 18.28 -12.80
CA GLU C 853 -23.60 19.61 -12.71
C GLU C 853 -22.08 19.56 -12.84
N ARG C 854 -21.46 18.49 -12.34
CA ARG C 854 -20.01 18.37 -12.44
C ARG C 854 -19.56 17.98 -13.85
N MET C 855 -20.39 17.25 -14.60
CA MET C 855 -20.03 16.83 -15.95
C MET C 855 -20.36 17.87 -17.02
N ILE C 856 -21.08 18.92 -16.67
CA ILE C 856 -21.32 20.01 -17.63
C ILE C 856 -20.02 20.53 -18.23
N LYS C 857 -18.92 20.47 -17.48
CA LYS C 857 -17.65 21.00 -18.00
C LYS C 857 -17.08 20.12 -19.13
N ASP C 858 -17.17 18.79 -18.98
CA ASP C 858 -16.79 17.92 -20.08
C ASP C 858 -17.71 18.12 -21.28
N VAL C 859 -18.99 18.36 -21.01
CA VAL C 859 -19.90 18.72 -22.10
C VAL C 859 -19.39 19.95 -22.82
N PHE C 860 -18.91 20.95 -22.08
CA PHE C 860 -18.44 22.19 -22.69
C PHE C 860 -17.15 21.98 -23.50
N PHE C 861 -16.25 21.12 -23.03
CA PHE C 861 -15.07 20.82 -23.82
C PHE C 861 -15.44 20.18 -25.15
N PHE C 862 -16.31 19.17 -25.09
CA PHE C 862 -16.81 18.55 -26.32
C PHE C 862 -17.45 19.59 -27.22
N LEU C 863 -18.21 20.52 -26.63
CA LEU C 863 -18.89 21.53 -27.42
C LEU C 863 -17.92 22.49 -28.09
N PHE C 864 -16.81 22.83 -27.41
CA PHE C 864 -15.79 23.67 -28.04
C PHE C 864 -15.20 22.99 -29.28
N PHE C 865 -14.74 21.74 -29.11
CA PHE C 865 -14.12 21.05 -30.24
C PHE C 865 -15.13 20.87 -31.38
N LEU C 866 -16.35 20.45 -31.02
CA LEU C 866 -17.40 20.24 -32.02
C LEU C 866 -17.76 21.53 -32.72
N SER C 867 -17.83 22.64 -31.98
CA SER C 867 -18.18 23.91 -32.59
C SER C 867 -17.15 24.32 -33.62
N VAL C 868 -15.86 24.20 -33.27
CA VAL C 868 -14.82 24.58 -34.23
C VAL C 868 -14.92 23.74 -35.50
N TRP C 869 -14.95 22.41 -35.34
CA TRP C 869 -14.98 21.56 -36.52
C TRP C 869 -16.27 21.74 -37.31
N LEU C 870 -17.39 21.94 -36.61
CA LEU C 870 -18.68 22.10 -37.26
C LEU C 870 -18.74 23.38 -38.07
N ILE C 871 -18.24 24.49 -37.52
CA ILE C 871 -18.24 25.74 -38.28
C ILE C 871 -17.36 25.59 -39.52
N ALA C 872 -16.17 25.01 -39.36
CA ALA C 872 -15.29 24.83 -40.52
C ALA C 872 -15.97 24.01 -41.61
N TYR C 873 -16.47 22.83 -41.25
CA TYR C 873 -17.06 21.95 -42.25
C TYR C 873 -18.31 22.55 -42.86
N GLY C 874 -19.18 23.15 -42.04
CA GLY C 874 -20.42 23.68 -42.56
C GLY C 874 -20.21 24.84 -43.52
N VAL C 875 -19.34 25.79 -43.16
CA VAL C 875 -19.12 26.92 -44.05
C VAL C 875 -18.40 26.46 -45.32
N THR C 876 -17.45 25.53 -45.19
CA THR C 876 -16.79 25.03 -46.39
C THR C 876 -17.76 24.33 -47.33
N THR C 877 -18.66 23.51 -46.78
CA THR C 877 -19.63 22.81 -47.62
C THR C 877 -20.65 23.77 -48.23
N GLN C 878 -21.07 24.78 -47.47
CA GLN C 878 -21.95 25.80 -48.02
C GLN C 878 -21.28 26.54 -49.19
N ALA C 879 -20.01 26.88 -49.06
CA ALA C 879 -19.31 27.54 -50.14
C ALA C 879 -19.13 26.63 -51.35
N LEU C 880 -18.81 25.36 -51.12
CA LEU C 880 -18.56 24.43 -52.21
C LEU C 880 -19.83 24.00 -52.92
N LEU C 881 -20.97 24.04 -52.25
CA LEU C 881 -22.18 23.38 -52.73
C LEU C 881 -23.27 24.34 -53.19
N HIS C 882 -23.43 25.48 -52.51
CA HIS C 882 -24.41 26.50 -52.91
C HIS C 882 -23.74 27.86 -52.93
N PRO C 883 -22.82 28.10 -53.88
CA PRO C 883 -22.16 29.41 -53.93
C PRO C 883 -23.08 30.56 -54.32
N ASN C 884 -24.22 30.27 -54.94
CA ASN C 884 -25.10 31.30 -55.48
C ASN C 884 -26.34 31.55 -54.64
N ASP C 885 -26.47 30.93 -53.47
CA ASP C 885 -27.64 31.12 -52.62
C ASP C 885 -27.43 32.36 -51.76
N PRO C 886 -28.25 33.41 -51.89
CA PRO C 886 -28.06 34.61 -51.09
C PRO C 886 -28.84 34.65 -49.78
N ARG C 887 -29.73 33.70 -49.54
CA ARG C 887 -30.58 33.76 -48.36
C ARG C 887 -29.78 33.47 -47.10
N ILE C 888 -29.81 34.42 -46.16
CA ILE C 888 -29.03 34.29 -44.94
C ILE C 888 -29.54 33.14 -44.08
N ASP C 889 -30.86 32.97 -44.01
CA ASP C 889 -31.43 31.92 -43.19
C ASP C 889 -30.99 30.54 -43.67
N TRP C 890 -30.96 30.33 -44.99
CA TRP C 890 -30.53 29.04 -45.52
C TRP C 890 -29.02 28.88 -45.44
N VAL C 891 -28.27 29.98 -45.53
CA VAL C 891 -26.82 29.90 -45.29
C VAL C 891 -26.56 29.38 -43.89
N PHE C 892 -27.22 29.97 -42.88
CA PHE C 892 -27.04 29.50 -41.52
C PHE C 892 -27.58 28.09 -41.32
N ARG C 893 -28.69 27.75 -41.99
CA ARG C 893 -29.19 26.39 -41.95
C ARG C 893 -28.11 25.40 -42.39
N ARG C 894 -27.67 25.50 -43.64
CA ARG C 894 -26.71 24.54 -44.17
C ARG C 894 -25.34 24.64 -43.51
N ALA C 895 -25.04 25.76 -42.84
CA ALA C 895 -23.73 25.89 -42.21
C ALA C 895 -23.70 25.40 -40.76
N LEU C 896 -24.82 25.42 -40.06
CA LEU C 896 -24.75 25.00 -38.66
C LEU C 896 -25.78 23.94 -38.30
N TYR C 897 -27.00 24.03 -38.84
CA TYR C 897 -28.07 23.13 -38.42
C TYR C 897 -27.85 21.71 -38.95
N ARG C 898 -27.42 21.60 -40.20
CA ARG C 898 -27.17 20.27 -40.79
C ARG C 898 -25.95 19.59 -40.18
N PRO C 899 -24.76 20.21 -40.11
CA PRO C 899 -23.63 19.53 -39.48
C PRO C 899 -23.88 19.18 -38.03
N TYR C 900 -24.67 19.99 -37.32
CA TYR C 900 -25.03 19.65 -35.95
C TYR C 900 -25.87 18.38 -35.90
N LEU C 901 -26.82 18.24 -36.83
CA LEU C 901 -27.64 17.04 -36.87
C LEU C 901 -26.85 15.82 -37.34
N HIS C 902 -25.71 16.03 -38.01
CA HIS C 902 -24.84 14.90 -38.34
C HIS C 902 -24.39 14.15 -37.10
N ILE C 903 -24.34 14.84 -35.95
CA ILE C 903 -23.89 14.21 -34.72
C ILE C 903 -24.87 13.12 -34.27
N PHE C 904 -26.16 13.34 -34.51
CA PHE C 904 -27.21 12.42 -34.08
C PHE C 904 -27.63 11.47 -35.19
N GLY C 905 -26.75 11.18 -36.14
CA GLY C 905 -27.05 10.23 -37.19
C GLY C 905 -27.92 10.75 -38.30
N GLN C 906 -28.19 12.05 -38.36
CA GLN C 906 -28.99 12.64 -39.42
C GLN C 906 -28.06 13.12 -40.52
N ILE C 907 -27.78 12.23 -41.47
CA ILE C 907 -26.90 12.55 -42.59
C ILE C 907 -27.72 12.55 -43.88
N PRO C 908 -28.20 13.70 -44.34
CA PRO C 908 -29.00 13.79 -45.59
C PRO C 908 -28.12 13.85 -46.84
N LEU C 909 -27.72 12.67 -47.32
CA LEU C 909 -26.91 12.58 -48.53
C LEU C 909 -27.64 13.06 -49.77
N GLU C 910 -28.97 13.21 -49.70
CA GLU C 910 -29.74 13.64 -50.86
C GLU C 910 -29.41 15.06 -51.29
N GLU C 911 -28.74 15.85 -50.45
CA GLU C 911 -28.32 17.20 -50.81
C GLU C 911 -26.83 17.42 -50.60
N ILE C 912 -26.05 16.35 -50.44
CA ILE C 912 -24.61 16.47 -50.27
C ILE C 912 -23.90 15.69 -51.38
N ASP C 913 -24.55 14.63 -51.86
CA ASP C 913 -23.97 13.74 -52.85
C ASP C 913 -24.74 13.85 -54.15
N ALA C 914 -24.03 14.15 -55.24
CA ALA C 914 -24.68 14.39 -56.52
C ALA C 914 -25.38 13.15 -57.04
N ALA C 915 -24.79 11.98 -56.86
CA ALA C 915 -25.40 10.75 -57.35
C ALA C 915 -26.71 10.45 -56.65
N LYS C 916 -26.94 11.05 -55.49
CA LYS C 916 -28.16 10.84 -54.71
C LYS C 916 -29.10 12.04 -54.76
N MET C 917 -28.73 13.10 -55.47
CA MET C 917 -29.54 14.32 -55.47
C MET C 917 -30.77 14.14 -56.35
N PRO C 918 -31.98 14.35 -55.83
CA PRO C 918 -33.17 14.18 -56.67
C PRO C 918 -33.22 15.19 -57.80
N ASP C 919 -33.72 14.73 -58.94
CA ASP C 919 -33.76 15.56 -60.15
C ASP C 919 -35.12 16.27 -60.29
N ASP C 920 -35.52 16.96 -59.23
CA ASP C 920 -36.65 17.88 -59.32
C ASP C 920 -36.15 19.18 -59.96
N ASN C 921 -36.98 19.79 -60.80
CA ASN C 921 -36.50 20.93 -61.57
C ASN C 921 -36.30 22.14 -60.67
N CYS C 922 -35.11 22.72 -60.74
CA CYS C 922 -34.63 23.74 -59.81
C CYS C 922 -33.91 24.82 -60.59
N THR C 923 -33.86 26.02 -60.03
CA THR C 923 -33.43 27.21 -60.75
C THR C 923 -32.02 27.62 -60.33
N THR C 924 -31.32 28.25 -61.27
CA THR C 924 -30.03 28.89 -61.01
C THR C 924 -30.13 30.40 -61.03
N ASP C 925 -31.34 30.95 -61.16
CA ASP C 925 -31.55 32.40 -61.19
C ASP C 925 -31.65 32.92 -59.76
N VAL C 926 -30.91 34.00 -59.48
CA VAL C 926 -30.86 34.53 -58.12
C VAL C 926 -32.23 35.02 -57.68
N GLN C 927 -32.95 35.73 -58.55
CA GLN C 927 -34.26 36.24 -58.19
C GLN C 927 -35.24 35.12 -57.89
N GLU C 928 -35.22 34.06 -58.71
CA GLU C 928 -36.11 32.93 -58.48
C GLU C 928 -35.73 32.17 -57.20
N ILE C 929 -34.45 32.13 -56.86
CA ILE C 929 -34.03 31.52 -55.60
C ILE C 929 -34.54 32.33 -54.42
N ILE C 930 -34.40 33.66 -54.50
CA ILE C 930 -34.84 34.51 -53.41
C ILE C 930 -36.35 34.43 -53.22
N LEU C 931 -37.10 34.47 -54.34
CA LEU C 931 -38.55 34.40 -54.25
C LEU C 931 -39.03 33.05 -53.73
N GLY C 932 -38.20 32.01 -53.79
CA GLY C 932 -38.60 30.71 -53.31
C GLY C 932 -39.48 29.92 -54.25
N THR C 933 -39.60 30.34 -55.51
CA THR C 933 -40.43 29.61 -56.46
C THR C 933 -39.84 28.22 -56.74
N LEU C 934 -38.53 28.13 -56.80
CA LEU C 934 -37.83 26.86 -57.01
C LEU C 934 -36.62 26.80 -56.11
N PRO C 935 -36.24 25.60 -55.65
CA PRO C 935 -35.02 25.47 -54.86
C PRO C 935 -33.81 25.78 -55.71
N PRO C 936 -32.71 26.25 -55.09
CA PRO C 936 -31.49 26.51 -55.85
C PRO C 936 -30.85 25.22 -56.34
N CYS C 937 -30.11 25.32 -57.43
CA CYS C 937 -29.40 24.16 -57.97
C CYS C 937 -28.08 23.98 -57.23
N PRO C 938 -27.87 22.87 -56.54
CA PRO C 938 -26.60 22.67 -55.83
C PRO C 938 -25.46 22.46 -56.82
N ASN C 939 -24.38 23.23 -56.62
CA ASN C 939 -23.21 23.12 -57.49
C ASN C 939 -22.53 21.77 -57.27
N ILE C 940 -22.20 21.10 -58.38
CA ILE C 940 -21.57 19.78 -58.30
C ILE C 940 -20.22 19.83 -59.01
N TYR C 941 -19.57 21.00 -58.98
CA TYR C 941 -18.30 21.16 -59.68
C TYR C 941 -17.26 20.17 -59.17
N ALA C 942 -16.89 20.26 -57.90
CA ALA C 942 -15.99 19.30 -57.27
C ALA C 942 -16.74 18.66 -56.12
N ASN C 943 -17.50 17.61 -56.43
CA ASN C 943 -18.28 16.92 -55.41
C ASN C 943 -17.49 15.85 -54.68
N TRP C 944 -16.42 15.33 -55.30
CA TRP C 944 -15.54 14.41 -54.59
C TRP C 944 -14.97 15.07 -53.34
N LEU C 945 -14.67 16.36 -53.42
CA LEU C 945 -14.19 17.09 -52.25
C LEU C 945 -15.27 17.20 -51.19
N VAL C 946 -16.51 17.43 -51.59
CA VAL C 946 -17.61 17.51 -50.62
C VAL C 946 -17.78 16.18 -49.91
N ILE C 947 -17.75 15.08 -50.66
CA ILE C 947 -17.91 13.76 -50.05
C ILE C 947 -16.74 13.43 -49.15
N LEU C 948 -15.52 13.76 -49.58
CA LEU C 948 -14.34 13.52 -48.75
C LEU C 948 -14.39 14.33 -47.46
N LEU C 949 -14.82 15.59 -47.54
CA LEU C 949 -14.95 16.41 -46.36
C LEU C 949 -16.02 15.87 -45.42
N LEU C 950 -17.13 15.39 -45.98
CA LEU C 950 -18.16 14.76 -45.15
C LEU C 950 -17.60 13.53 -44.46
N VAL C 951 -16.83 12.71 -45.17
CA VAL C 951 -16.25 11.51 -44.59
C VAL C 951 -15.33 11.87 -43.43
N ILE C 952 -14.44 12.85 -43.65
CA ILE C 952 -13.48 13.23 -42.60
C ILE C 952 -14.20 13.83 -41.40
N TYR C 953 -15.18 14.71 -41.65
CA TYR C 953 -15.91 15.34 -40.56
C TYR C 953 -16.69 14.31 -39.76
N LEU C 954 -17.34 13.36 -40.45
CA LEU C 954 -18.05 12.30 -39.74
C LEU C 954 -17.09 11.49 -38.89
N LEU C 955 -15.96 11.06 -39.47
CA LEU C 955 -14.95 10.36 -38.68
C LEU C 955 -14.63 11.14 -37.41
N VAL C 956 -14.13 12.36 -37.57
CA VAL C 956 -13.68 13.15 -36.42
C VAL C 956 -14.79 13.26 -35.38
N THR C 957 -15.90 13.91 -35.76
CA THR C 957 -16.91 14.26 -34.77
C THR C 957 -17.59 13.01 -34.20
N ASN C 958 -18.08 12.11 -35.06
CA ASN C 958 -18.89 11.00 -34.58
C ASN C 958 -18.07 9.88 -33.97
N VAL C 959 -16.74 9.87 -34.13
CA VAL C 959 -15.95 8.81 -33.52
C VAL C 959 -15.09 9.41 -32.41
N LEU C 960 -14.14 10.26 -32.81
CA LEU C 960 -13.13 10.70 -31.86
C LEU C 960 -13.74 11.57 -30.76
N LEU C 961 -14.48 12.59 -31.15
CA LEU C 961 -15.02 13.53 -30.17
C LEU C 961 -16.07 12.87 -29.28
N LEU C 962 -16.95 12.08 -29.87
CA LEU C 962 -18.03 11.46 -29.09
C LEU C 962 -17.47 10.43 -28.10
N ASN C 963 -16.57 9.57 -28.55
CA ASN C 963 -16.05 8.56 -27.63
C ASN C 963 -15.08 9.17 -26.62
N LEU C 964 -14.40 10.26 -26.99
CA LEU C 964 -13.61 11.00 -26.03
C LEU C 964 -14.48 11.60 -24.95
N LEU C 965 -15.65 12.12 -25.33
CA LEU C 965 -16.60 12.64 -24.35
C LEU C 965 -17.10 11.52 -23.43
N ILE C 966 -17.33 10.33 -23.99
CA ILE C 966 -17.72 9.20 -23.16
C ILE C 966 -16.63 8.86 -22.14
N ALA C 967 -15.38 8.85 -22.59
CA ALA C 967 -14.27 8.59 -21.69
C ALA C 967 -14.15 9.65 -20.60
N MET C 968 -14.34 10.92 -20.97
CA MET C 968 -14.27 12.00 -20.00
C MET C 968 -15.38 11.88 -18.95
N PHE C 969 -16.60 11.54 -19.38
CA PHE C 969 -17.66 11.30 -18.41
C PHE C 969 -17.32 10.13 -17.48
N SER C 970 -16.76 9.04 -18.03
CA SER C 970 -16.40 7.92 -17.17
C SER C 970 -15.43 8.36 -16.08
N TYR C 971 -14.34 9.02 -16.49
CA TYR C 971 -13.33 9.45 -15.52
C TYR C 971 -13.91 10.43 -14.51
N THR C 972 -14.70 11.40 -14.99
CA THR C 972 -15.27 12.41 -14.11
C THR C 972 -16.22 11.78 -13.09
N PHE C 973 -17.06 10.85 -13.53
CA PHE C 973 -17.94 10.15 -12.59
C PHE C 973 -17.12 9.46 -11.50
N GLN C 974 -16.11 8.69 -11.92
CA GLN C 974 -15.32 7.93 -10.95
C GLN C 974 -14.60 8.84 -9.96
N VAL C 975 -14.16 10.02 -10.42
CA VAL C 975 -13.43 10.91 -9.51
C VAL C 975 -14.32 11.93 -8.80
N VAL C 976 -15.60 11.99 -9.11
CA VAL C 976 -16.49 13.00 -8.53
C VAL C 976 -17.50 12.42 -7.55
N GLN C 977 -17.89 11.14 -7.71
CA GLN C 977 -19.04 10.60 -6.97
C GLN C 977 -18.99 10.89 -5.47
N GLU C 978 -17.82 10.73 -4.84
CA GLU C 978 -17.74 10.85 -3.38
C GLU C 978 -17.97 12.29 -2.92
N ASN C 979 -17.30 13.25 -3.56
CA ASN C 979 -17.50 14.65 -3.21
C ASN C 979 -18.92 15.07 -3.52
N ALA C 980 -19.51 14.53 -4.60
CA ALA C 980 -20.91 14.80 -4.90
C ALA C 980 -21.82 14.32 -3.78
N ASP C 981 -21.53 13.15 -3.22
CA ASP C 981 -22.33 12.62 -2.12
C ASP C 981 -22.19 13.49 -0.86
N ILE C 982 -20.98 13.93 -0.55
CA ILE C 982 -20.79 14.81 0.61
C ILE C 982 -21.56 16.12 0.42
N PHE C 983 -21.46 16.69 -0.79
CA PHE C 983 -22.23 17.90 -1.09
C PHE C 983 -23.72 17.66 -0.97
N TRP C 984 -24.20 16.48 -1.40
CA TRP C 984 -25.62 16.19 -1.26
C TRP C 984 -26.04 16.13 0.21
N LYS C 985 -25.21 15.53 1.06
CA LYS C 985 -25.56 15.51 2.48
C LYS C 985 -25.64 16.91 3.06
N PHE C 986 -24.68 17.76 2.71
CA PHE C 986 -24.75 19.15 3.17
C PHE C 986 -26.01 19.85 2.68
N GLN C 987 -26.37 19.64 1.41
CA GLN C 987 -27.58 20.24 0.85
C GLN C 987 -28.83 19.67 1.49
N ARG C 988 -28.82 18.38 1.81
CA ARG C 988 -29.95 17.74 2.48
C ARG C 988 -30.21 18.35 3.83
N TYR C 989 -29.15 18.75 4.54
CA TYR C 989 -29.37 19.47 5.79
C TYR C 989 -30.26 20.70 5.58
N ASN C 990 -29.90 21.54 4.61
CA ASN C 990 -30.67 22.77 4.38
C ASN C 990 -32.07 22.46 3.88
N LEU C 991 -32.20 21.44 3.02
CA LEU C 991 -33.52 21.07 2.53
C LEU C 991 -34.43 20.62 3.67
N ILE C 992 -33.90 19.83 4.61
CA ILE C 992 -34.71 19.39 5.75
C ILE C 992 -35.01 20.54 6.68
N VAL C 993 -34.07 21.47 6.88
CA VAL C 993 -34.32 22.62 7.73
C VAL C 993 -35.41 23.51 7.13
N GLU C 994 -35.50 23.56 5.80
CA GLU C 994 -36.50 24.41 5.16
C GLU C 994 -37.93 24.03 5.54
N TYR C 995 -38.17 22.80 6.01
CA TYR C 995 -39.52 22.36 6.33
C TYR C 995 -39.99 22.81 7.71
N HIS C 996 -39.12 23.40 8.53
CA HIS C 996 -39.54 23.84 9.86
C HIS C 996 -40.59 24.94 9.79
N SER C 997 -40.40 25.93 8.91
CA SER C 997 -41.35 27.00 8.74
C SER C 997 -42.31 26.77 7.58
N ARG C 998 -42.15 25.67 6.84
CA ARG C 998 -43.01 25.41 5.69
C ARG C 998 -44.37 24.90 6.16
N PRO C 999 -45.47 25.52 5.73
CA PRO C 999 -46.79 25.04 6.14
C PRO C 999 -47.09 23.66 5.59
N ALA C 1000 -47.94 22.92 6.30
CA ALA C 1000 -48.27 21.54 5.95
C ALA C 1000 -49.23 21.44 4.77
N LEU C 1001 -49.79 22.54 4.29
CA LEU C 1001 -50.71 22.52 3.17
C LEU C 1001 -49.98 22.88 1.89
N ALA C 1002 -50.12 22.03 0.88
CA ALA C 1002 -49.54 22.26 -0.43
C ALA C 1002 -50.39 23.25 -1.22
N PRO C 1003 -49.81 23.92 -2.21
CA PRO C 1003 -50.60 24.80 -3.05
C PRO C 1003 -51.64 24.01 -3.83
N PRO C 1004 -52.79 24.62 -4.14
CA PRO C 1004 -53.11 26.03 -3.90
C PRO C 1004 -53.68 26.25 -2.51
N PHE C 1005 -53.83 25.16 -1.75
CA PHE C 1005 -54.37 25.25 -0.39
C PHE C 1005 -53.45 26.01 0.55
N ILE C 1006 -52.21 26.26 0.14
CA ILE C 1006 -51.26 26.99 0.97
C ILE C 1006 -51.69 28.44 1.16
N ILE C 1007 -52.64 28.92 0.37
CA ILE C 1007 -53.18 30.26 0.58
C ILE C 1007 -53.89 30.33 1.92
N ILE C 1008 -54.53 29.24 2.35
CA ILE C 1008 -55.17 29.21 3.66
C ILE C 1008 -54.13 29.41 4.76
N SER C 1009 -53.00 28.70 4.65
CA SER C 1009 -51.94 28.85 5.64
C SER C 1009 -51.36 30.25 5.63
N HIS C 1010 -51.15 30.82 4.44
CA HIS C 1010 -50.59 32.17 4.34
C HIS C 1010 -51.52 33.19 5.00
N ILE C 1011 -52.82 33.09 4.70
CA ILE C 1011 -53.79 34.02 5.30
C ILE C 1011 -53.85 33.83 6.81
N THR C 1012 -53.84 32.57 7.27
CA THR C 1012 -53.91 32.31 8.70
C THR C 1012 -52.72 32.89 9.42
N GLN C 1013 -51.51 32.69 8.87
CA GLN C 1013 -50.31 33.23 9.49
C GLN C 1013 -50.31 34.75 9.49
N ALA C 1014 -50.73 35.36 8.37
CA ALA C 1014 -50.77 36.82 8.31
C ALA C 1014 -51.74 37.40 9.32
N LEU C 1015 -52.93 36.78 9.43
CA LEU C 1015 -53.92 37.24 10.40
C LEU C 1015 -53.43 37.06 11.82
N LEU C 1016 -52.80 35.91 12.13
CA LEU C 1016 -52.30 35.69 13.48
C LEU C 1016 -51.19 36.67 13.83
N SER C 1017 -50.31 36.98 12.87
CA SER C 1017 -49.25 37.94 13.13
C SER C 1017 -49.81 39.35 13.34
N PHE C 1018 -50.74 39.77 12.48
CA PHE C 1018 -51.30 41.11 12.60
C PHE C 1018 -52.10 41.26 13.90
N ILE C 1019 -52.91 40.26 14.25
CA ILE C 1019 -53.72 40.35 15.45
C ILE C 1019 -52.85 40.25 16.70
N LYS C 1020 -51.91 39.31 16.72
CA LYS C 1020 -51.04 39.13 17.87
C LYS C 1020 -49.66 39.71 17.61
N ASP C 1027 -38.81 24.44 17.71
CA ASP C 1027 -38.11 23.67 16.70
C ASP C 1027 -37.31 22.54 17.33
N LEU C 1028 -37.20 21.42 16.62
CA LEU C 1028 -36.35 20.33 17.08
C LEU C 1028 -34.90 20.78 17.18
N LEU C 1029 -34.46 21.57 16.21
CA LEU C 1029 -33.10 22.09 16.18
C LEU C 1029 -33.05 23.42 16.95
N GLU C 1030 -31.85 23.79 17.37
CA GLU C 1030 -31.60 25.10 18.00
C GLU C 1030 -32.50 25.34 19.20
N ARG C 1031 -32.28 24.55 20.25
CA ARG C 1031 -33.05 24.64 21.48
C ARG C 1031 -32.19 25.15 22.63
N GLU C 1032 -32.81 25.93 23.52
CA GLU C 1032 -32.14 26.43 24.71
C GLU C 1032 -32.48 25.55 25.90
N LEU C 1033 -31.46 25.07 26.59
CA LEU C 1033 -31.61 24.14 27.68
C LEU C 1033 -31.49 24.84 29.03
N PRO C 1034 -32.04 24.25 30.09
CA PRO C 1034 -31.83 24.79 31.43
C PRO C 1034 -30.37 24.73 31.83
N SER C 1035 -30.02 25.50 32.86
CA SER C 1035 -28.62 25.65 33.24
C SER C 1035 -27.99 24.34 33.68
N GLY C 1036 -28.72 23.54 34.47
CA GLY C 1036 -28.15 22.29 34.94
C GLY C 1036 -27.85 21.32 33.83
N LEU C 1037 -28.81 21.12 32.92
CA LEU C 1037 -28.60 20.21 31.80
C LEU C 1037 -27.51 20.72 30.87
N ASP C 1038 -27.45 22.04 30.65
CA ASP C 1038 -26.42 22.59 29.78
C ASP C 1038 -25.03 22.39 30.37
N GLN C 1039 -24.89 22.58 31.69
CA GLN C 1039 -23.61 22.33 32.34
C GLN C 1039 -23.25 20.85 32.26
N LYS C 1040 -24.22 19.97 32.49
CA LYS C 1040 -23.97 18.54 32.40
C LYS C 1040 -23.50 18.16 31.01
N LEU C 1041 -24.11 18.76 29.98
CA LEU C 1041 -23.74 18.45 28.61
C LEU C 1041 -22.34 18.96 28.26
N MET C 1042 -21.98 20.17 28.72
CA MET C 1042 -20.63 20.65 28.46
C MET C 1042 -19.59 19.83 29.21
N THR C 1043 -19.89 19.41 30.44
CA THR C 1043 -18.98 18.54 31.18
C THR C 1043 -18.82 17.20 30.47
N TRP C 1044 -19.92 16.64 29.96
CA TRP C 1044 -19.84 15.40 29.20
C TRP C 1044 -19.01 15.58 27.94
N GLU C 1045 -19.18 16.72 27.26
CA GLU C 1045 -18.38 16.99 26.07
C GLU C 1045 -16.90 17.07 26.42
N THR C 1046 -16.56 17.72 27.52
CA THR C 1046 -15.16 17.82 27.94
C THR C 1046 -14.59 16.45 28.27
N VAL C 1047 -15.38 15.61 28.94
CA VAL C 1047 -14.92 14.27 29.27
C VAL C 1047 -14.69 13.44 28.01
N GLN C 1048 -15.62 13.55 27.05
CA GLN C 1048 -15.45 12.86 25.77
C GLN C 1048 -14.22 13.35 25.03
N LYS C 1049 -13.96 14.65 25.07
CA LYS C 1049 -12.76 15.20 24.43
C LYS C 1049 -11.51 14.68 25.10
N GLU C 1050 -11.50 14.60 26.43
CA GLU C 1050 -10.37 14.06 27.14
C GLU C 1050 -10.13 12.59 26.76
N ASN C 1051 -11.22 11.82 26.66
CA ASN C 1051 -11.10 10.43 26.22
C ASN C 1051 -10.52 10.35 24.81
N TYR C 1052 -11.02 11.20 23.90
CA TYR C 1052 -10.52 11.22 22.53
C TYR C 1052 -9.03 11.53 22.48
N LEU C 1053 -8.60 12.55 23.21
CA LEU C 1053 -7.19 12.93 23.21
C LEU C 1053 -6.33 11.85 23.83
N ALA C 1054 -6.81 11.23 24.91
CA ALA C 1054 -6.06 10.14 25.53
C ALA C 1054 -5.92 8.95 24.59
N LYS C 1055 -7.00 8.61 23.87
CA LYS C 1055 -6.91 7.52 22.90
C LYS C 1055 -5.96 7.85 21.76
N LEU C 1056 -5.97 9.10 21.30
CA LEU C 1056 -5.03 9.51 20.26
C LEU C 1056 -3.59 9.38 20.74
N GLU C 1057 -3.30 9.90 21.94
CA GLU C 1057 -1.94 9.83 22.47
C GLU C 1057 -1.53 8.38 22.72
N HIS C 1058 -2.48 7.54 23.12
CA HIS C 1058 -2.17 6.13 23.33
C HIS C 1058 -1.83 5.44 22.01
N GLU C 1059 -2.70 5.57 21.01
CA GLU C 1059 -2.45 4.89 19.73
C GLU C 1059 -1.20 5.46 19.06
N HIS C 1060 -0.82 6.68 19.40
CA HIS C 1060 0.47 7.19 18.94
C HIS C 1060 1.62 6.54 19.71
N ARG C 1061 1.44 6.33 21.02
CA ARG C 1061 2.54 5.88 21.86
C ARG C 1061 2.92 4.43 21.56
N GLU C 1062 1.95 3.57 21.26
CA GLU C 1062 2.25 2.21 20.83
C GLU C 1062 2.19 2.05 19.30
N SER C 1063 2.66 3.05 18.57
CA SER C 1063 2.87 2.91 17.14
C SER C 1063 4.25 2.32 16.88
N SER C 1064 4.41 1.77 15.67
CA SER C 1064 5.67 1.11 15.34
C SER C 1064 6.84 2.10 15.33
N GLY C 1065 6.62 3.30 14.79
CA GLY C 1065 7.69 4.29 14.75
C GLY C 1065 8.14 4.74 16.13
N GLU C 1066 7.18 4.98 17.02
CA GLU C 1066 7.53 5.39 18.38
C GLU C 1066 8.22 4.25 19.13
N ARG C 1067 7.80 3.00 18.89
CA ARG C 1067 8.51 1.88 19.49
C ARG C 1067 9.94 1.78 18.99
N LEU C 1068 10.16 1.99 17.69
CA LEU C 1068 11.52 1.96 17.16
C LEU C 1068 12.36 3.08 17.74
N ARG C 1069 11.79 4.28 17.84
CA ARG C 1069 12.51 5.40 18.43
C ARG C 1069 12.89 5.13 19.87
N TYR C 1070 11.94 4.62 20.66
CA TYR C 1070 12.20 4.29 22.05
C TYR C 1070 13.29 3.24 22.18
N THR C 1071 13.19 2.17 21.36
CA THR C 1071 14.18 1.10 21.41
C THR C 1071 15.57 1.61 21.04
N SER C 1072 15.67 2.45 19.99
CA SER C 1072 16.96 2.97 19.59
C SER C 1072 17.57 3.84 20.69
N SER C 1073 16.79 4.77 21.24
CA SER C 1073 17.32 5.66 22.27
C SER C 1073 17.75 4.88 23.52
N LYS C 1074 16.90 3.95 23.97
CA LYS C 1074 17.23 3.19 25.16
C LYS C 1074 18.39 2.23 24.92
N VAL C 1075 18.53 1.69 23.71
CA VAL C 1075 19.67 0.84 23.42
C VAL C 1075 20.96 1.66 23.42
N GLN C 1076 20.91 2.88 22.87
CA GLN C 1076 22.10 3.73 22.93
C GLN C 1076 22.50 4.05 24.36
N THR C 1077 21.53 4.45 25.19
CA THR C 1077 21.83 4.77 26.58
C THR C 1077 22.35 3.54 27.32
N LEU C 1078 21.70 2.39 27.09
CA LEU C 1078 22.12 1.14 27.74
C LEU C 1078 23.52 0.75 27.31
N LEU C 1079 23.86 0.95 26.03
CA LEU C 1079 25.20 0.63 25.56
C LEU C 1079 26.23 1.52 26.23
N ARG C 1080 25.93 2.82 26.39
CA ARG C 1080 26.87 3.70 27.07
C ARG C 1080 27.06 3.29 28.53
N MET C 1081 25.95 3.00 29.23
CA MET C 1081 26.06 2.60 30.63
C MET C 1081 26.80 1.27 30.79
N VAL C 1082 26.53 0.32 29.91
CA VAL C 1082 27.21 -0.97 29.98
C VAL C 1082 28.68 -0.83 29.60
N GLY C 1083 29.01 0.12 28.73
CA GLY C 1083 30.41 0.40 28.46
C GLY C 1083 31.12 0.98 29.67
N GLY C 1084 30.45 1.87 30.39
CA GLY C 1084 31.00 2.35 31.66
C GLY C 1084 31.20 1.23 32.66
N PHE C 1085 30.22 0.33 32.74
CA PHE C 1085 30.34 -0.81 33.65
C PHE C 1085 31.49 -1.73 33.25
N LYS C 1086 31.66 -1.94 31.94
CA LYS C 1086 32.78 -2.75 31.44
C LYS C 1086 34.12 -2.09 31.73
N ASP C 1087 34.18 -0.76 31.62
CA ASP C 1087 35.40 -0.06 32.01
C ASP C 1087 35.70 -0.24 33.49
N GLN C 1088 34.67 -0.15 34.33
CA GLN C 1088 34.85 -0.38 35.75
C GLN C 1088 35.33 -1.81 36.03
N GLU C 1089 34.76 -2.78 35.32
CA GLU C 1089 35.18 -4.18 35.50
C GLU C 1089 36.62 -4.38 35.06
N LYS C 1090 37.02 -3.75 33.95
CA LYS C 1090 38.41 -3.83 33.52
C LYS C 1090 39.34 -3.21 34.55
N ARG C 1091 38.95 -2.08 35.14
CA ARG C 1091 39.72 -1.51 36.24
C ARG C 1091 39.73 -2.44 37.45
N MET C 1092 38.59 -3.05 37.78
CA MET C 1092 38.51 -3.96 38.92
C MET C 1092 38.99 -5.36 38.55
N ARG D 16 65.87 -23.30 -18.53
CA ARG D 16 65.06 -23.77 -17.42
C ARG D 16 63.60 -23.33 -17.57
N LEU D 17 63.40 -22.21 -18.27
CA LEU D 17 62.06 -21.74 -18.55
C LEU D 17 61.36 -22.68 -19.53
N GLY D 18 60.05 -22.76 -19.44
CA GLY D 18 59.30 -23.64 -20.32
C GLY D 18 57.82 -23.32 -20.28
N ASP D 19 57.04 -24.23 -20.86
CA ASP D 19 55.59 -24.11 -20.90
C ASP D 19 54.98 -25.49 -20.78
N ILE D 20 53.72 -25.53 -20.31
CA ILE D 20 53.01 -26.78 -20.11
C ILE D 20 51.70 -26.71 -20.89
N ASP D 21 51.41 -27.77 -21.64
CA ASP D 21 50.11 -27.97 -22.26
C ASP D 21 49.39 -29.05 -21.47
N PHE D 22 48.57 -28.63 -20.50
CA PHE D 22 47.92 -29.57 -19.61
C PHE D 22 46.86 -30.35 -20.37
N THR D 23 47.00 -31.68 -20.40
CA THR D 23 46.03 -32.55 -21.04
C THR D 23 45.16 -33.21 -19.98
N GLY D 24 43.85 -33.17 -20.20
CA GLY D 24 42.92 -33.72 -19.24
C GLY D 24 41.53 -33.14 -19.34
N VAL D 25 40.98 -32.67 -18.22
CA VAL D 25 39.63 -32.11 -18.22
C VAL D 25 39.56 -30.88 -19.11
N SER D 26 40.52 -29.97 -18.97
CA SER D 26 40.54 -28.77 -19.79
C SER D 26 41.97 -28.52 -20.27
N ARG D 27 42.08 -28.05 -21.51
CA ARG D 27 43.37 -27.74 -22.09
C ARG D 27 43.82 -26.37 -21.61
N THR D 28 44.83 -26.34 -20.74
CA THR D 28 45.33 -25.11 -20.16
C THR D 28 46.82 -24.97 -20.46
N ARG D 29 47.25 -23.75 -20.75
CA ARG D 29 48.65 -23.45 -21.02
C ARG D 29 49.27 -22.80 -19.79
N GLY D 30 50.28 -23.46 -19.23
CA GLY D 30 50.96 -22.93 -18.07
C GLY D 30 52.46 -22.90 -18.30
N LYS D 31 53.14 -22.04 -17.56
CA LYS D 31 54.59 -21.90 -17.62
C LYS D 31 55.20 -22.34 -16.31
N PHE D 32 56.53 -22.46 -16.30
CA PHE D 32 57.23 -22.88 -15.10
C PHE D 32 58.67 -22.37 -15.17
N VAL D 33 59.34 -22.43 -14.02
CA VAL D 33 60.79 -22.19 -13.95
C VAL D 33 61.37 -23.18 -12.95
N ARG D 34 62.50 -23.79 -13.29
CA ARG D 34 63.24 -24.64 -12.38
C ARG D 34 64.29 -23.79 -11.67
N VAL D 35 64.22 -23.77 -10.34
CA VAL D 35 65.12 -22.98 -9.53
C VAL D 35 65.68 -23.85 -8.40
N THR D 36 66.79 -23.39 -7.83
CA THR D 36 67.46 -24.06 -6.74
C THR D 36 67.56 -23.10 -5.55
N SER D 37 67.82 -23.65 -4.37
CA SER D 37 67.91 -22.81 -3.17
C SER D 37 69.02 -21.78 -3.27
N SER D 38 69.97 -21.97 -4.19
CA SER D 38 71.10 -21.04 -4.35
C SER D 38 70.74 -19.79 -5.14
N THR D 39 69.64 -19.79 -5.90
CA THR D 39 69.33 -18.63 -6.72
C THR D 39 68.76 -17.50 -5.87
N ASP D 40 69.01 -16.27 -6.31
CA ASP D 40 68.49 -15.11 -5.60
C ASP D 40 67.01 -14.94 -5.90
N PRO D 41 66.19 -14.55 -4.92
CA PRO D 41 64.77 -14.31 -5.20
C PRO D 41 64.52 -13.17 -6.16
N ALA D 42 65.43 -12.18 -6.20
CA ALA D 42 65.25 -11.04 -7.08
C ALA D 42 65.23 -11.45 -8.54
N GLU D 43 66.04 -12.45 -8.91
CA GLU D 43 66.03 -12.94 -10.29
C GLU D 43 64.68 -13.55 -10.64
N ILE D 44 64.11 -14.34 -9.73
CA ILE D 44 62.80 -14.95 -9.99
C ILE D 44 61.72 -13.87 -10.07
N TYR D 45 61.80 -12.85 -9.21
CA TYR D 45 60.84 -11.75 -9.30
C TYR D 45 60.96 -11.01 -10.63
N GLN D 46 62.19 -10.76 -11.08
CA GLN D 46 62.38 -10.11 -12.36
C GLN D 46 61.83 -10.95 -13.50
N ILE D 47 62.02 -12.27 -13.44
CA ILE D 47 61.45 -13.15 -14.44
C ILE D 47 59.93 -13.07 -14.44
N LEU D 48 59.33 -13.12 -13.24
CA LEU D 48 57.88 -13.04 -13.13
C LEU D 48 57.36 -11.72 -13.70
N THR D 49 58.06 -10.62 -13.42
CA THR D 49 57.58 -9.31 -13.86
C THR D 49 57.73 -9.12 -15.36
N LYS D 50 58.90 -9.49 -15.91
CA LYS D 50 59.22 -9.17 -17.30
C LYS D 50 58.97 -10.34 -18.25
N GLN D 51 59.59 -11.49 -17.98
CA GLN D 51 59.57 -12.59 -18.94
C GLN D 51 58.19 -13.20 -19.10
N TRP D 52 57.30 -13.01 -18.13
CA TRP D 52 55.96 -13.59 -18.19
C TRP D 52 54.85 -12.55 -18.22
N GLY D 53 55.17 -11.27 -18.18
CA GLY D 53 54.17 -10.22 -18.32
C GLY D 53 53.25 -10.02 -17.15
N LEU D 54 53.65 -10.43 -15.94
CA LEU D 54 52.82 -10.28 -14.76
C LEU D 54 53.12 -8.94 -14.10
N ALA D 55 52.13 -8.05 -14.11
CA ALA D 55 52.29 -6.72 -13.54
C ALA D 55 52.50 -6.82 -12.03
N PRO D 56 53.19 -5.84 -11.43
CA PRO D 56 53.36 -5.87 -9.97
C PRO D 56 52.03 -5.70 -9.27
N PRO D 57 51.72 -6.56 -8.32
CA PRO D 57 50.36 -6.60 -7.76
C PRO D 57 50.14 -5.55 -6.69
N HIS D 58 48.86 -5.30 -6.41
CA HIS D 58 48.46 -4.47 -5.29
C HIS D 58 48.22 -5.28 -4.01
N LEU D 59 48.33 -6.60 -4.08
CA LEU D 59 48.14 -7.45 -2.92
C LEU D 59 48.80 -8.79 -3.18
N VAL D 60 49.47 -9.33 -2.16
CA VAL D 60 50.07 -10.66 -2.23
C VAL D 60 49.54 -11.47 -1.06
N VAL D 61 48.92 -12.62 -1.36
CA VAL D 61 48.36 -13.51 -0.36
C VAL D 61 49.09 -14.83 -0.44
N ALA D 62 49.82 -15.18 0.61
CA ALA D 62 50.57 -16.43 0.67
C ALA D 62 49.76 -17.47 1.43
N LEU D 63 49.73 -18.68 0.91
CA LEU D 63 48.95 -19.77 1.50
C LEU D 63 49.89 -20.75 2.19
N MET D 64 49.64 -20.99 3.48
CA MET D 64 50.47 -21.89 4.26
C MET D 64 49.59 -22.95 4.91
N GLY D 65 50.05 -24.20 4.88
CA GLY D 65 49.25 -25.30 5.37
C GLY D 65 48.27 -25.79 4.31
N GLY D 66 47.29 -26.57 4.76
CA GLY D 66 46.30 -27.11 3.87
C GLY D 66 46.72 -28.33 3.07
N ASP D 67 47.94 -28.83 3.28
CA ASP D 67 48.43 -30.01 2.59
C ASP D 67 48.38 -31.26 3.46
N GLU D 68 47.72 -31.18 4.62
CA GLU D 68 47.68 -32.30 5.53
C GLU D 68 46.64 -33.33 5.08
N VAL D 69 46.59 -34.44 5.81
CA VAL D 69 45.66 -35.52 5.47
C VAL D 69 44.22 -35.04 5.59
N ALA D 70 43.92 -34.32 6.67
CA ALA D 70 42.57 -33.83 6.92
C ALA D 70 42.35 -32.54 6.14
N GLN D 71 41.36 -32.55 5.24
CA GLN D 71 41.02 -31.37 4.47
C GLN D 71 39.85 -30.64 5.11
N LEU D 72 39.65 -29.38 4.69
CA LEU D 72 38.63 -28.54 5.27
C LEU D 72 37.24 -29.06 4.94
N LYS D 73 36.26 -28.61 5.72
CA LYS D 73 34.87 -28.88 5.40
C LYS D 73 34.50 -28.19 4.09
N PRO D 74 33.61 -28.78 3.30
CA PRO D 74 33.27 -28.17 2.01
C PRO D 74 32.76 -26.74 2.13
N TRP D 75 31.93 -26.45 3.13
CA TRP D 75 31.44 -25.08 3.29
C TRP D 75 32.56 -24.12 3.66
N LEU D 76 33.47 -24.55 4.54
CA LEU D 76 34.56 -23.68 4.97
C LEU D 76 35.50 -23.37 3.82
N ARG D 77 35.87 -24.38 3.02
CA ARG D 77 36.78 -24.13 1.92
C ARG D 77 36.08 -23.35 0.81
N ASP D 78 34.78 -23.57 0.60
CA ASP D 78 34.05 -22.80 -0.39
C ASP D 78 34.00 -21.33 0.00
N THR D 79 33.62 -21.02 1.25
CA THR D 79 33.56 -19.63 1.66
C THR D 79 34.95 -19.00 1.64
N LEU D 80 35.98 -19.77 2.00
CA LEU D 80 37.35 -19.26 1.96
C LEU D 80 37.76 -18.89 0.54
N ARG D 81 37.55 -19.80 -0.42
CA ARG D 81 37.96 -19.53 -1.79
C ARG D 81 37.15 -18.38 -2.39
N LYS D 82 35.85 -18.33 -2.13
CA LYS D 82 35.04 -17.25 -2.68
C LYS D 82 35.47 -15.90 -2.10
N GLY D 83 35.70 -15.84 -0.78
CA GLY D 83 36.14 -14.58 -0.19
C GLY D 83 37.50 -14.15 -0.69
N LEU D 84 38.43 -15.11 -0.82
CA LEU D 84 39.77 -14.78 -1.31
C LEU D 84 39.71 -14.26 -2.74
N VAL D 85 38.93 -14.91 -3.61
CA VAL D 85 38.85 -14.48 -5.00
C VAL D 85 38.16 -13.13 -5.12
N LYS D 86 37.10 -12.92 -4.33
CA LYS D 86 36.39 -11.64 -4.39
C LYS D 86 37.25 -10.50 -3.83
N ALA D 87 38.07 -10.78 -2.82
CA ALA D 87 38.96 -9.75 -2.31
C ALA D 87 40.13 -9.48 -3.26
N ALA D 88 40.56 -10.50 -4.01
CA ALA D 88 41.65 -10.32 -4.95
C ALA D 88 41.21 -9.71 -6.28
N GLN D 89 39.93 -9.81 -6.63
CA GLN D 89 39.48 -9.31 -7.93
C GLN D 89 39.38 -7.79 -7.98
N SER D 90 39.18 -7.13 -6.83
CA SER D 90 39.09 -5.67 -6.83
C SER D 90 40.41 -5.02 -7.23
N THR D 91 41.52 -5.69 -6.94
CA THR D 91 42.86 -5.25 -7.31
C THR D 91 43.49 -6.31 -8.20
N GLY D 92 44.78 -6.16 -8.48
CA GLY D 92 45.54 -7.22 -9.08
C GLY D 92 46.40 -7.90 -8.02
N ALA D 93 46.17 -9.19 -7.79
CA ALA D 93 46.82 -9.90 -6.70
C ALA D 93 47.40 -11.22 -7.16
N TRP D 94 48.50 -11.63 -6.54
CA TRP D 94 49.05 -12.97 -6.66
C TRP D 94 48.62 -13.79 -5.45
N ILE D 95 48.14 -15.00 -5.70
CA ILE D 95 47.82 -15.95 -4.64
C ILE D 95 48.88 -17.04 -4.70
N LEU D 96 49.88 -16.93 -3.83
CA LEU D 96 50.99 -17.88 -3.81
C LEU D 96 50.54 -19.17 -3.14
N THR D 97 50.61 -20.28 -3.86
CA THR D 97 50.20 -21.58 -3.36
C THR D 97 51.34 -22.57 -3.53
N SER D 98 51.11 -23.79 -3.05
CA SER D 98 51.97 -24.92 -3.35
C SER D 98 51.35 -25.64 -4.54
N GLY D 99 51.87 -25.37 -5.74
CA GLY D 99 51.15 -25.71 -6.96
C GLY D 99 51.06 -27.20 -7.24
N LEU D 100 50.50 -27.94 -6.29
CA LEU D 100 50.23 -29.36 -6.45
C LEU D 100 48.72 -29.58 -6.37
N ARG D 101 48.19 -30.39 -7.29
CA ARG D 101 46.75 -30.62 -7.37
C ARG D 101 46.32 -31.54 -6.23
N PHE D 102 46.09 -30.93 -5.06
CA PHE D 102 45.58 -31.67 -3.92
C PHE D 102 45.05 -30.69 -2.89
N GLY D 103 43.79 -30.89 -2.49
CA GLY D 103 43.23 -30.16 -1.37
C GLY D 103 42.96 -28.69 -1.66
N ILE D 104 43.28 -27.86 -0.65
CA ILE D 104 42.91 -26.45 -0.69
C ILE D 104 43.60 -25.73 -1.84
N THR D 105 44.82 -26.15 -2.20
CA THR D 105 45.47 -25.56 -3.37
C THR D 105 44.66 -25.83 -4.63
N LYS D 106 44.18 -27.07 -4.80
CA LYS D 106 43.36 -27.40 -5.96
C LYS D 106 42.06 -26.60 -5.97
N ASN D 107 41.41 -26.47 -4.80
CA ASN D 107 40.16 -25.73 -4.75
C ASN D 107 40.36 -24.25 -5.07
N LEU D 108 41.43 -23.66 -4.52
CA LEU D 108 41.71 -22.25 -4.79
C LEU D 108 42.09 -22.03 -6.26
N GLY D 109 42.83 -22.96 -6.85
CA GLY D 109 43.11 -22.86 -8.27
C GLY D 109 41.86 -22.95 -9.11
N GLN D 110 40.95 -23.86 -8.75
CA GLN D 110 39.69 -23.97 -9.46
C GLN D 110 38.87 -22.69 -9.35
N ALA D 111 38.84 -22.08 -8.16
CA ALA D 111 38.12 -20.83 -7.99
C ALA D 111 38.74 -19.71 -8.82
N VAL D 112 40.07 -19.64 -8.85
CA VAL D 112 40.74 -18.61 -9.65
C VAL D 112 40.45 -18.81 -11.13
N ARG D 113 40.47 -20.06 -11.59
CA ARG D 113 40.15 -20.34 -12.99
C ARG D 113 38.71 -19.98 -13.32
N ASP D 114 37.78 -20.27 -12.41
CA ASP D 114 36.39 -19.90 -12.62
C ASP D 114 36.23 -18.39 -12.72
N HIS D 115 36.92 -17.65 -11.84
CA HIS D 115 36.84 -16.19 -11.90
C HIS D 115 37.44 -15.66 -13.20
N SER D 116 38.55 -16.26 -13.65
CA SER D 116 39.15 -15.82 -14.90
C SER D 116 38.22 -16.08 -16.08
N LEU D 117 37.58 -17.25 -16.12
CA LEU D 117 36.65 -17.55 -17.20
C LEU D 117 35.45 -16.64 -17.17
N ALA D 118 34.91 -16.36 -15.98
CA ALA D 118 33.70 -15.55 -15.87
C ALA D 118 33.96 -14.06 -15.90
N SER D 119 35.22 -13.63 -15.96
CA SER D 119 35.53 -12.21 -15.93
C SER D 119 35.33 -11.58 -17.30
N THR D 120 34.62 -10.46 -17.33
CA THR D 120 34.43 -9.68 -18.54
C THR D 120 35.48 -8.59 -18.69
N SER D 121 36.28 -8.34 -17.65
CA SER D 121 37.33 -7.34 -17.68
C SER D 121 38.69 -8.02 -17.55
N PRO D 122 39.48 -8.07 -18.61
CA PRO D 122 40.77 -8.77 -18.54
C PRO D 122 41.89 -7.92 -17.97
N LYS D 123 41.62 -6.62 -17.78
CA LYS D 123 42.65 -5.73 -17.25
C LYS D 123 43.07 -6.14 -15.84
N VAL D 124 42.10 -6.45 -14.99
CA VAL D 124 42.38 -6.96 -13.65
C VAL D 124 42.54 -8.47 -13.74
N ARG D 125 43.52 -9.01 -13.03
CA ARG D 125 43.84 -10.42 -13.12
C ARG D 125 44.23 -10.95 -11.75
N VAL D 126 43.66 -12.08 -11.37
CA VAL D 126 44.03 -12.80 -10.16
C VAL D 126 44.88 -13.99 -10.57
N VAL D 127 46.16 -13.96 -10.21
CA VAL D 127 47.13 -14.95 -10.67
C VAL D 127 47.40 -15.91 -9.53
N ALA D 128 47.29 -17.20 -9.81
CA ALA D 128 47.61 -18.25 -8.86
C ALA D 128 48.99 -18.81 -9.23
N ILE D 129 50.00 -18.44 -8.46
CA ILE D 129 51.37 -18.88 -8.68
C ILE D 129 51.66 -20.02 -7.71
N GLY D 130 52.18 -21.13 -8.24
CA GLY D 130 52.48 -22.30 -7.44
C GLY D 130 53.97 -22.41 -7.18
N ILE D 131 54.31 -22.63 -5.91
CA ILE D 131 55.69 -22.84 -5.48
C ILE D 131 55.76 -24.27 -4.97
N ALA D 132 56.25 -25.18 -5.80
CA ALA D 132 56.21 -26.59 -5.49
C ALA D 132 57.60 -27.22 -5.58
N PRO D 133 57.89 -28.22 -4.75
CA PRO D 133 59.19 -28.89 -4.85
C PRO D 133 59.30 -29.70 -6.13
N TRP D 134 60.55 -29.84 -6.60
CA TRP D 134 60.82 -30.67 -7.76
C TRP D 134 60.63 -32.16 -7.47
N ASN D 135 60.81 -32.57 -6.22
CA ASN D 135 60.78 -33.98 -5.85
C ASN D 135 59.41 -34.46 -5.40
N MET D 136 58.37 -33.65 -5.58
CA MET D 136 57.01 -34.05 -5.24
C MET D 136 56.04 -33.97 -6.42
N ILE D 137 56.54 -33.91 -7.64
CA ILE D 137 55.68 -33.73 -8.81
C ILE D 137 55.62 -35.03 -9.61
N GLN D 138 54.41 -35.44 -9.98
CA GLN D 138 54.24 -36.54 -10.92
C GLN D 138 54.82 -36.17 -12.28
N ASN D 139 55.51 -37.14 -12.89
CA ASN D 139 55.93 -37.07 -14.29
C ASN D 139 56.74 -35.80 -14.59
N ARG D 140 57.67 -35.46 -13.69
CA ARG D 140 58.55 -34.34 -13.95
C ARG D 140 59.43 -34.58 -15.17
N ASP D 141 59.77 -35.85 -15.43
CA ASP D 141 60.53 -36.18 -16.64
C ASP D 141 59.79 -35.82 -17.91
N LEU D 142 58.45 -35.82 -17.88
CA LEU D 142 57.68 -35.42 -19.06
C LEU D 142 57.93 -33.97 -19.42
N LEU D 143 57.98 -33.09 -18.43
CA LEU D 143 58.22 -31.67 -18.65
C LEU D 143 59.69 -31.29 -18.56
N LEU D 144 60.58 -32.27 -18.34
CA LEU D 144 62.00 -31.97 -18.25
C LEU D 144 62.54 -31.39 -19.56
N SER D 145 61.93 -31.73 -20.70
CA SER D 145 62.43 -31.25 -21.98
C SER D 145 62.09 -29.77 -22.18
N ALA D 146 60.79 -29.45 -22.21
CA ALA D 146 60.31 -28.07 -22.31
C ALA D 146 60.88 -27.35 -23.52
N LYS D 147 60.55 -27.86 -24.70
CA LYS D 147 61.01 -27.25 -25.94
C LYS D 147 60.31 -25.90 -26.13
N PRO D 148 61.06 -24.82 -26.35
CA PRO D 148 60.41 -23.51 -26.52
C PRO D 148 59.45 -23.45 -27.70
N ASP D 149 59.76 -24.14 -28.80
CA ASP D 149 58.87 -24.11 -29.96
C ASP D 149 57.62 -24.94 -29.73
N HIS D 150 57.76 -26.11 -29.12
CA HIS D 150 56.63 -27.01 -28.84
C HIS D 150 56.52 -27.24 -27.34
N PRO D 151 55.51 -26.69 -26.67
CA PRO D 151 55.43 -26.84 -25.22
C PRO D 151 55.20 -28.29 -24.81
N ALA D 152 55.72 -28.63 -23.63
CA ALA D 152 55.57 -29.97 -23.10
C ALA D 152 54.12 -30.26 -22.75
N THR D 153 53.73 -31.53 -22.88
CA THR D 153 52.38 -31.97 -22.55
C THR D 153 52.39 -32.70 -21.21
N TYR D 154 51.45 -32.35 -20.34
CA TYR D 154 51.37 -32.92 -19.01
C TYR D 154 49.99 -33.53 -18.78
N PRO D 155 49.88 -34.81 -18.46
CA PRO D 155 48.58 -35.37 -18.06
C PRO D 155 48.28 -35.08 -16.59
N THR D 156 47.07 -34.61 -16.30
CA THR D 156 46.67 -34.26 -14.95
C THR D 156 45.97 -35.45 -14.31
N GLU D 157 46.55 -35.95 -13.21
CA GLU D 157 46.03 -37.12 -12.52
C GLU D 157 45.60 -36.72 -11.10
N ASP D 158 44.41 -37.16 -10.72
CA ASP D 158 43.94 -36.96 -9.36
C ASP D 158 44.47 -38.08 -8.47
N LEU D 159 44.99 -37.70 -7.29
CA LEU D 159 45.65 -38.65 -6.42
C LEU D 159 45.19 -38.46 -4.97
N PRO D 160 45.30 -39.50 -4.14
CA PRO D 160 45.01 -39.34 -2.71
C PRO D 160 46.12 -38.57 -2.00
N TYR D 161 46.06 -38.51 -0.68
CA TYR D 161 47.06 -37.77 0.09
C TYR D 161 48.47 -38.19 -0.30
N GLY D 162 48.74 -39.49 -0.30
CA GLY D 162 49.98 -40.04 -0.82
C GLY D 162 51.24 -39.32 -0.40
N ALA D 163 52.23 -39.29 -1.30
CA ALA D 163 53.46 -38.54 -1.04
C ALA D 163 53.93 -37.70 -2.22
N VAL D 164 53.46 -37.94 -3.45
CA VAL D 164 53.88 -37.17 -4.62
C VAL D 164 52.63 -36.83 -5.42
N TYR D 165 52.49 -35.55 -5.79
CA TYR D 165 51.28 -35.05 -6.42
C TYR D 165 51.58 -34.64 -7.86
N SER D 166 50.52 -34.20 -8.54
CA SER D 166 50.61 -33.68 -9.90
C SER D 166 50.35 -32.19 -9.90
N LEU D 167 50.96 -31.49 -10.85
CA LEU D 167 50.81 -30.05 -10.96
C LEU D 167 49.35 -29.68 -11.22
N ASP D 168 48.87 -28.64 -10.53
CA ASP D 168 47.51 -28.19 -10.74
C ASP D 168 47.37 -27.50 -12.08
N CYS D 169 46.36 -27.90 -12.85
CA CYS D 169 46.16 -27.34 -14.18
C CYS D 169 45.75 -25.87 -14.11
N ASN D 170 44.87 -25.53 -13.17
CA ASN D 170 44.33 -24.18 -13.08
C ASN D 170 45.35 -23.15 -12.60
N HIS D 171 46.52 -23.57 -12.14
CA HIS D 171 47.59 -22.66 -11.77
C HIS D 171 48.30 -22.19 -13.02
N SER D 172 48.28 -20.88 -13.27
CA SER D 172 48.84 -20.34 -14.50
C SER D 172 50.37 -20.43 -14.56
N HIS D 173 51.06 -20.17 -13.46
CA HIS D 173 52.52 -20.15 -13.47
C HIS D 173 53.05 -20.89 -12.25
N PHE D 174 54.27 -21.40 -12.37
CA PHE D 174 54.88 -22.20 -11.33
C PHE D 174 56.31 -21.76 -11.09
N ILE D 175 56.81 -22.02 -9.89
CA ILE D 175 58.20 -21.81 -9.51
C ILE D 175 58.66 -23.10 -8.87
N LEU D 176 59.38 -23.93 -9.62
CA LEU D 176 59.79 -25.25 -9.17
C LEU D 176 61.14 -25.16 -8.48
N VAL D 177 61.15 -25.45 -7.18
CA VAL D 177 62.34 -25.36 -6.35
C VAL D 177 63.02 -26.73 -6.30
N ASP D 178 64.33 -26.72 -6.47
CA ASP D 178 65.11 -27.96 -6.44
C ASP D 178 65.54 -28.28 -5.02
N GLU D 179 65.50 -29.56 -4.68
CA GLU D 179 65.85 -30.00 -3.34
C GLU D 179 67.31 -29.71 -3.04
N ASP D 180 67.56 -29.17 -1.84
CA ASP D 180 68.92 -28.88 -1.40
C ASP D 180 69.50 -30.09 -0.69
N PRO D 181 70.65 -30.60 -1.11
CA PRO D 181 71.23 -31.77 -0.43
C PRO D 181 71.52 -31.56 1.04
N LYS D 182 71.90 -30.34 1.44
CA LYS D 182 72.21 -30.07 2.84
C LYS D 182 70.96 -30.23 3.72
N ARG D 183 69.85 -29.64 3.31
CA ARG D 183 68.62 -29.70 4.07
C ARG D 183 67.44 -29.87 3.12
N PRO D 184 66.57 -30.85 3.37
CA PRO D 184 65.40 -31.06 2.50
C PRO D 184 64.22 -30.16 2.88
N GLY D 185 64.51 -28.88 3.06
CA GLY D 185 63.48 -27.91 3.41
C GLY D 185 63.63 -26.60 2.67
N ALA D 186 64.19 -26.65 1.46
CA ALA D 186 64.43 -25.44 0.69
C ALA D 186 63.15 -24.81 0.17
N THR D 187 62.06 -25.57 0.11
CA THR D 187 60.79 -25.03 -0.37
C THR D 187 60.28 -23.92 0.54
N GLY D 188 60.18 -24.21 1.84
CA GLY D 188 59.73 -23.20 2.77
C GLY D 188 60.70 -22.04 2.89
N GLU D 189 62.00 -22.34 2.83
CA GLU D 189 63.00 -21.27 2.89
C GLU D 189 62.84 -20.31 1.72
N MET D 190 62.66 -20.84 0.51
CA MET D 190 62.48 -19.98 -0.64
C MET D 190 61.15 -19.24 -0.59
N ARG D 191 60.10 -19.87 -0.05
CA ARG D 191 58.84 -19.15 0.11
C ARG D 191 59.01 -17.97 1.04
N VAL D 192 59.71 -18.16 2.17
CA VAL D 192 59.95 -17.07 3.10
C VAL D 192 60.80 -15.97 2.44
N LYS D 193 61.84 -16.37 1.72
CA LYS D 193 62.71 -15.40 1.08
C LYS D 193 61.96 -14.57 0.05
N MET D 194 61.12 -15.22 -0.77
CA MET D 194 60.31 -14.47 -1.73
C MET D 194 59.30 -13.57 -1.01
N LEU D 195 58.67 -14.07 0.04
CA LEU D 195 57.71 -13.23 0.76
C LEU D 195 58.39 -11.97 1.26
N LYS D 196 59.59 -12.11 1.83
CA LYS D 196 60.34 -10.94 2.27
C LYS D 196 60.71 -10.04 1.09
N HIS D 197 61.14 -10.63 -0.02
CA HIS D 197 61.62 -9.81 -1.14
C HIS D 197 60.51 -8.97 -1.75
N ILE D 198 59.35 -9.58 -2.01
CA ILE D 198 58.19 -8.80 -2.48
C ILE D 198 57.70 -7.85 -1.39
N SER D 199 57.85 -8.21 -0.11
CA SER D 199 57.48 -7.28 0.94
C SER D 199 58.41 -6.07 0.97
N LEU D 200 59.59 -6.19 0.39
CA LEU D 200 60.56 -5.10 0.35
C LEU D 200 60.55 -4.35 -0.99
N GLN D 201 59.64 -4.68 -1.89
CA GLN D 201 59.52 -3.95 -3.13
C GLN D 201 58.76 -2.64 -2.91
N ARG D 202 59.00 -1.67 -3.81
CA ARG D 202 58.33 -0.37 -3.76
C ARG D 202 57.88 -0.02 -5.18
N THR D 203 56.67 -0.45 -5.53
CA THR D 203 56.14 -0.20 -6.87
C THR D 203 55.77 1.27 -7.03
N GLY D 204 55.90 1.78 -8.25
CA GLY D 204 55.52 3.16 -8.52
C GLY D 204 54.04 3.38 -8.27
N TYR D 205 53.75 4.45 -7.53
CA TYR D 205 52.38 4.81 -7.16
C TYR D 205 51.97 6.06 -7.91
N GLY D 206 50.99 5.91 -8.81
CA GLY D 206 50.54 7.05 -9.59
C GLY D 206 51.69 7.66 -10.37
N GLY D 207 52.04 8.90 -10.01
CA GLY D 207 53.16 9.58 -10.62
C GLY D 207 54.25 9.91 -9.62
N THR D 208 55.43 9.33 -9.81
CA THR D 208 56.60 9.60 -8.97
C THR D 208 56.31 9.31 -7.50
N GLY D 209 55.54 8.26 -7.25
CA GLY D 209 55.22 7.86 -5.89
C GLY D 209 55.68 6.44 -5.62
N SER D 210 56.16 6.22 -4.41
CA SER D 210 56.65 4.93 -3.98
C SER D 210 55.63 4.27 -3.06
N ILE D 211 55.11 3.12 -3.46
CA ILE D 211 54.12 2.39 -2.70
C ILE D 211 54.64 1.00 -2.41
N GLU D 212 54.55 0.59 -1.15
CA GLU D 212 54.91 -0.77 -0.77
C GLU D 212 53.89 -1.76 -1.32
N ILE D 213 54.29 -3.02 -1.45
CA ILE D 213 53.38 -4.10 -1.83
C ILE D 213 52.91 -4.78 -0.55
N PRO D 214 51.63 -4.72 -0.21
CA PRO D 214 51.16 -5.42 0.98
C PRO D 214 51.20 -6.93 0.76
N VAL D 215 51.81 -7.63 1.71
CA VAL D 215 52.00 -9.08 1.62
C VAL D 215 51.43 -9.70 2.88
N LEU D 216 50.51 -10.66 2.68
CA LEU D 216 49.81 -11.30 3.78
C LEU D 216 49.98 -12.81 3.68
N CYS D 217 49.99 -13.48 4.83
CA CYS D 217 50.07 -14.93 4.91
C CYS D 217 48.81 -15.45 5.57
N LEU D 218 48.16 -16.43 4.96
CA LEU D 218 46.96 -17.05 5.49
C LEU D 218 47.26 -18.51 5.81
N LEU D 219 46.95 -18.91 7.05
CA LEU D 219 47.26 -20.25 7.54
C LEU D 219 45.98 -21.06 7.63
N VAL D 220 46.00 -22.27 7.07
CA VAL D 220 44.89 -23.20 7.13
C VAL D 220 45.43 -24.56 7.59
N HIS D 221 44.94 -25.05 8.72
CA HIS D 221 45.27 -26.37 9.26
C HIS D 221 46.78 -26.60 9.25
N GLY D 222 47.49 -25.76 10.01
CA GLY D 222 48.92 -25.85 10.06
C GLY D 222 49.41 -27.09 10.79
N GLU D 223 50.64 -27.47 10.47
CA GLU D 223 51.35 -28.57 11.11
C GLU D 223 52.49 -28.04 11.97
N PRO D 224 52.89 -28.77 13.01
CA PRO D 224 54.02 -28.30 13.83
C PRO D 224 55.33 -28.21 13.07
N ARG D 225 55.45 -28.90 11.94
CA ARG D 225 56.68 -28.86 11.15
C ARG D 225 56.90 -27.49 10.49
N ILE D 226 55.85 -26.70 10.28
CA ILE D 226 55.96 -25.40 9.63
C ILE D 226 56.10 -24.27 10.62
N LEU D 227 56.29 -24.58 11.91
CA LEU D 227 56.36 -23.53 12.92
C LEU D 227 57.61 -22.66 12.72
N GLN D 228 58.73 -23.28 12.34
CA GLN D 228 59.94 -22.50 12.09
C GLN D 228 59.73 -21.53 10.94
N LYS D 229 59.11 -21.99 9.85
CA LYS D 229 58.85 -21.11 8.71
C LYS D 229 57.88 -20.00 9.09
N MET D 230 56.84 -20.32 9.86
CA MET D 230 55.90 -19.30 10.31
C MET D 230 56.60 -18.26 11.17
N TYR D 231 57.47 -18.69 12.08
CA TYR D 231 58.23 -17.76 12.89
C TYR D 231 59.15 -16.89 12.04
N LYS D 232 59.76 -17.47 11.01
CA LYS D 232 60.64 -16.68 10.16
C LYS D 232 59.85 -15.63 9.37
N ASN D 233 58.63 -15.98 8.95
CA ASN D 233 57.78 -14.97 8.32
C ASN D 233 57.35 -13.90 9.32
N ILE D 234 57.14 -14.28 10.58
CA ILE D 234 56.86 -13.30 11.62
C ILE D 234 58.03 -12.33 11.77
N GLN D 235 59.26 -12.86 11.77
CA GLN D 235 60.43 -12.00 11.86
C GLN D 235 60.50 -11.01 10.71
N ASN D 236 60.07 -11.41 9.52
CA ASN D 236 60.15 -10.57 8.34
C ASN D 236 58.98 -9.60 8.20
N SER D 237 58.27 -9.32 9.31
CA SER D 237 57.18 -8.35 9.34
C SER D 237 56.10 -8.68 8.31
N ILE D 238 55.74 -9.95 8.21
CA ILE D 238 54.68 -10.41 7.33
C ILE D 238 53.45 -10.67 8.20
N PRO D 239 52.40 -9.86 8.11
CA PRO D 239 51.18 -10.12 8.89
C PRO D 239 50.56 -11.46 8.51
N TRP D 240 50.01 -12.14 9.50
CA TRP D 240 49.45 -13.47 9.31
C TRP D 240 47.95 -13.45 9.62
N LEU D 241 47.21 -14.29 8.90
CA LEU D 241 45.77 -14.43 9.08
C LEU D 241 45.45 -15.89 9.37
N ILE D 242 44.58 -16.11 10.34
CA ILE D 242 44.32 -17.45 10.87
C ILE D 242 42.84 -17.76 10.69
N LEU D 243 42.54 -18.92 10.08
CA LEU D 243 41.18 -19.40 10.02
C LEU D 243 40.75 -19.99 11.36
N ALA D 244 39.46 -19.84 11.67
CA ALA D 244 38.96 -20.28 12.96
C ALA D 244 38.90 -21.81 13.04
N GLY D 245 38.12 -22.44 12.17
CA GLY D 245 37.92 -23.88 12.23
C GLY D 245 38.80 -24.68 11.30
N SER D 246 40.01 -24.18 11.04
CA SER D 246 40.91 -24.88 10.12
C SER D 246 41.29 -26.26 10.64
N GLY D 247 41.58 -26.38 11.94
CA GLY D 247 41.74 -27.69 12.54
C GLY D 247 43.01 -27.95 13.33
N GLY D 248 44.14 -27.44 12.88
CA GLY D 248 45.41 -27.79 13.49
C GLY D 248 46.04 -26.69 14.31
N VAL D 249 47.17 -26.15 13.82
CA VAL D 249 47.84 -25.05 14.50
C VAL D 249 46.94 -23.84 14.57
N ALA D 250 46.02 -23.69 13.61
CA ALA D 250 45.08 -22.58 13.64
C ALA D 250 44.19 -22.63 14.87
N ASP D 251 43.67 -23.82 15.20
CA ASP D 251 42.87 -23.96 16.42
C ASP D 251 43.68 -23.62 17.66
N ILE D 252 44.92 -24.09 17.73
CA ILE D 252 45.78 -23.80 18.87
C ILE D 252 45.96 -22.30 19.01
N LEU D 253 46.26 -21.62 17.91
CA LEU D 253 46.51 -20.19 17.94
C LEU D 253 45.26 -19.42 18.35
N VAL D 254 44.10 -19.78 17.80
CA VAL D 254 42.88 -19.03 18.14
C VAL D 254 42.49 -19.26 19.60
N THR D 255 42.67 -20.49 20.10
CA THR D 255 42.38 -20.76 21.51
C THR D 255 43.34 -19.99 22.42
N LEU D 256 44.62 -19.94 22.06
CA LEU D 256 45.59 -19.25 22.90
C LEU D 256 45.39 -17.74 22.84
N MET D 257 44.85 -17.23 21.73
CA MET D 257 44.51 -15.81 21.67
C MET D 257 43.27 -15.50 22.48
N ASP D 258 42.27 -16.38 22.43
CA ASP D 258 41.04 -16.15 23.20
C ASP D 258 41.30 -16.23 24.69
N ARG D 259 42.15 -17.18 25.11
CA ARG D 259 42.49 -17.28 26.53
C ARG D 259 43.20 -16.03 27.02
N GLY D 260 44.06 -15.45 26.20
CA GLY D 260 44.77 -14.23 26.52
C GLY D 260 46.16 -14.44 27.07
N CYS D 261 46.35 -15.45 27.92
CA CYS D 261 47.65 -15.76 28.51
C CYS D 261 48.06 -17.16 28.07
N TRP D 262 49.25 -17.26 27.49
CA TRP D 262 49.80 -18.54 27.04
C TRP D 262 51.05 -18.85 27.84
N ASP D 263 51.10 -20.06 28.39
CA ASP D 263 52.24 -20.53 29.17
C ASP D 263 52.73 -21.84 28.58
N ALA D 264 53.78 -22.39 29.19
CA ALA D 264 54.33 -23.66 28.70
C ALA D 264 53.31 -24.79 28.86
N ASP D 265 52.63 -24.83 30.00
CA ASP D 265 51.68 -25.92 30.26
C ASP D 265 50.53 -25.90 29.27
N ILE D 266 49.94 -24.73 29.04
CA ILE D 266 48.80 -24.64 28.14
C ILE D 266 49.20 -24.99 26.70
N VAL D 267 50.33 -24.44 26.25
CA VAL D 267 50.80 -24.72 24.89
C VAL D 267 51.10 -26.19 24.71
N GLN D 268 51.79 -26.79 25.68
CA GLN D 268 52.12 -28.21 25.60
C GLN D 268 50.86 -29.07 25.60
N GLU D 269 49.89 -28.75 26.46
CA GLU D 269 48.67 -29.54 26.53
C GLU D 269 47.87 -29.44 25.23
N LEU D 270 47.75 -28.23 24.67
CA LEU D 270 47.03 -28.08 23.41
C LEU D 270 47.75 -28.79 22.27
N LEU D 271 49.08 -28.70 22.23
CA LEU D 271 49.83 -29.39 21.19
C LEU D 271 49.67 -30.90 21.29
N ILE D 272 49.68 -31.43 22.52
CA ILE D 272 49.47 -32.86 22.71
C ILE D 272 48.06 -33.26 22.30
N ASN D 273 47.06 -32.47 22.68
CA ASN D 273 45.68 -32.81 22.37
C ASN D 273 45.42 -32.80 20.87
N THR D 274 45.95 -31.81 20.17
CA THR D 274 45.77 -31.74 18.72
C THR D 274 46.73 -32.63 17.94
N PHE D 275 47.92 -32.90 18.47
CA PHE D 275 48.94 -33.69 17.76
C PHE D 275 49.45 -34.80 18.66
N PRO D 276 48.73 -35.93 18.71
CA PRO D 276 49.24 -37.08 19.50
C PRO D 276 50.62 -37.56 19.06
N ASP D 277 50.95 -37.46 17.77
CA ASP D 277 52.14 -38.10 17.24
C ASP D 277 53.40 -37.56 17.90
N GLY D 278 53.49 -36.24 18.09
CA GLY D 278 54.68 -35.64 18.64
C GLY D 278 54.93 -36.00 20.10
N LEU D 279 55.95 -36.81 20.35
CA LEU D 279 56.35 -37.21 21.71
C LEU D 279 57.88 -37.21 21.77
N HIS D 280 58.44 -36.06 22.14
CA HIS D 280 59.88 -35.90 22.26
C HIS D 280 60.16 -34.61 23.01
N SER D 281 61.03 -34.68 24.02
CA SER D 281 61.27 -33.52 24.87
C SER D 281 61.80 -32.34 24.06
N THR D 282 62.82 -32.58 23.24
CA THR D 282 63.44 -31.48 22.49
C THR D 282 62.50 -30.91 21.45
N GLU D 283 61.85 -31.78 20.66
CA GLU D 283 60.97 -31.31 19.60
C GLU D 283 59.77 -30.54 20.16
N ILE D 284 59.12 -31.11 21.18
CA ILE D 284 57.98 -30.43 21.77
C ILE D 284 58.40 -29.14 22.46
N THR D 285 59.56 -29.13 23.11
CA THR D 285 60.04 -27.90 23.73
C THR D 285 60.28 -26.81 22.69
N SER D 286 60.91 -27.17 21.57
CA SER D 286 61.13 -26.21 20.50
C SER D 286 59.82 -25.69 19.93
N TRP D 287 58.84 -26.59 19.74
CA TRP D 287 57.55 -26.17 19.20
C TRP D 287 56.83 -25.23 20.17
N THR D 288 56.89 -25.53 21.47
CA THR D 288 56.27 -24.64 22.45
C THR D 288 56.97 -23.29 22.47
N LYS D 289 58.30 -23.26 22.36
CA LYS D 289 59.01 -21.99 22.30
C LYS D 289 58.58 -21.19 21.08
N LEU D 290 58.45 -21.86 19.93
CA LEU D 290 58.01 -21.16 18.72
C LEU D 290 56.60 -20.60 18.89
N ILE D 291 55.69 -21.40 19.45
CA ILE D 291 54.32 -20.93 19.66
C ILE D 291 54.31 -19.72 20.59
N GLN D 292 55.04 -19.81 21.71
CA GLN D 292 55.04 -18.73 22.67
C GLN D 292 55.60 -17.45 22.06
N ARG D 293 56.68 -17.55 21.30
CA ARG D 293 57.27 -16.35 20.70
C ARG D 293 56.38 -15.77 19.62
N ILE D 294 55.80 -16.61 18.76
CA ILE D 294 54.88 -16.14 17.73
C ILE D 294 53.71 -15.39 18.36
N LEU D 295 53.16 -15.93 19.46
CA LEU D 295 52.10 -15.22 20.15
C LEU D 295 52.62 -13.96 20.83
N ASP D 296 53.88 -13.97 21.26
CA ASP D 296 54.47 -12.78 21.88
C ASP D 296 54.61 -11.65 20.88
N HIS D 297 54.69 -11.98 19.59
CA HIS D 297 54.60 -10.95 18.57
C HIS D 297 53.19 -10.39 18.48
N GLY D 298 52.22 -11.25 18.15
CA GLY D 298 50.82 -10.90 18.33
C GLY D 298 50.24 -9.91 17.35
N HIS D 299 50.87 -8.74 17.22
CA HIS D 299 50.34 -7.68 16.37
C HIS D 299 50.39 -8.01 14.89
N LEU D 300 51.16 -9.03 14.50
CA LEU D 300 51.18 -9.51 13.13
C LEU D 300 50.27 -10.70 12.91
N LEU D 301 49.39 -10.99 13.87
CA LEU D 301 48.53 -12.18 13.83
C LEU D 301 47.08 -11.73 13.89
N THR D 302 46.25 -12.32 13.02
CA THR D 302 44.83 -12.00 12.95
C THR D 302 44.03 -13.29 12.77
N VAL D 303 42.80 -13.28 13.29
CA VAL D 303 41.93 -14.44 13.25
C VAL D 303 40.74 -14.13 12.35
N HIS D 304 40.51 -14.99 11.36
CA HIS D 304 39.37 -14.88 10.46
C HIS D 304 38.40 -16.02 10.77
N ASP D 305 37.23 -15.67 11.29
CA ASP D 305 36.19 -16.65 11.57
C ASP D 305 35.04 -16.46 10.60
N PRO D 306 34.92 -17.28 9.56
CA PRO D 306 33.84 -17.08 8.59
C PRO D 306 32.45 -17.23 9.17
N GLU D 307 32.31 -17.92 10.30
CA GLU D 307 31.01 -18.00 10.95
C GLU D 307 30.58 -16.66 11.52
N GLN D 308 31.53 -15.77 11.78
CA GLN D 308 31.26 -14.46 12.36
C GLN D 308 31.77 -13.30 11.51
N ASP D 309 32.89 -13.49 10.81
CA ASP D 309 33.46 -12.38 10.03
C ASP D 309 32.72 -12.19 8.71
N SER D 310 32.73 -13.23 7.87
CA SER D 310 32.02 -13.24 6.58
C SER D 310 32.56 -12.21 5.59
N GLU D 311 33.71 -11.60 5.90
CA GLU D 311 34.31 -10.61 5.01
C GLU D 311 35.82 -10.77 5.08
N LEU D 312 36.41 -11.35 4.05
CA LEU D 312 37.86 -11.57 4.05
C LEU D 312 38.62 -10.28 3.76
N ASP D 313 38.08 -9.43 2.88
CA ASP D 313 38.76 -8.17 2.57
C ASP D 313 38.83 -7.27 3.79
N THR D 314 37.78 -7.27 4.61
CA THR D 314 37.77 -6.46 5.83
C THR D 314 38.86 -6.91 6.80
N VAL D 315 38.98 -8.22 7.01
CA VAL D 315 39.99 -8.69 7.96
C VAL D 315 41.39 -8.53 7.40
N ILE D 316 41.56 -8.64 6.08
CA ILE D 316 42.86 -8.37 5.47
C ILE D 316 43.25 -6.91 5.69
N LEU D 317 42.31 -6.00 5.45
CA LEU D 317 42.57 -4.59 5.65
C LEU D 317 42.90 -4.30 7.10
N LYS D 318 42.15 -4.89 8.04
CA LYS D 318 42.42 -4.66 9.46
C LYS D 318 43.79 -5.19 9.85
N ALA D 319 44.16 -6.38 9.35
CA ALA D 319 45.48 -6.92 9.65
C ALA D 319 46.59 -6.03 9.14
N LEU D 320 46.46 -5.57 7.89
CA LEU D 320 47.49 -4.70 7.32
C LEU D 320 47.58 -3.38 8.08
N VAL D 321 46.44 -2.79 8.41
CA VAL D 321 46.43 -1.52 9.13
C VAL D 321 47.06 -1.68 10.51
N LYS D 322 46.72 -2.76 11.21
CA LYS D 322 47.31 -2.99 12.52
C LYS D 322 48.82 -3.20 12.42
N ALA D 323 49.27 -3.98 11.43
CA ALA D 323 50.69 -4.23 11.27
C ALA D 323 51.45 -2.94 11.00
N CYS D 324 50.96 -2.11 10.07
CA CYS D 324 51.68 -0.88 9.76
C CYS D 324 51.54 0.15 10.87
N LYS D 325 50.43 0.14 11.60
CA LYS D 325 50.27 1.04 12.74
C LYS D 325 51.27 0.72 13.84
N SER D 326 51.49 -0.57 14.09
CA SER D 326 52.54 -0.95 15.03
C SER D 326 53.93 -0.65 14.46
N GLN D 327 54.08 -0.74 13.13
CA GLN D 327 55.39 -0.50 12.53
C GLN D 327 55.84 0.95 12.69
N SER D 328 54.98 1.91 12.36
CA SER D 328 55.36 3.31 12.40
C SER D 328 54.11 4.18 12.47
N GLN D 329 54.32 5.46 12.80
CA GLN D 329 53.24 6.41 13.00
C GLN D 329 53.09 7.42 11.86
N GLU D 330 54.09 7.56 11.00
CA GLU D 330 54.05 8.55 9.94
C GLU D 330 52.93 8.24 8.95
N ALA D 331 52.41 9.28 8.30
CA ALA D 331 51.28 9.10 7.40
C ALA D 331 51.71 8.46 6.08
N GLN D 332 52.96 8.68 5.67
CA GLN D 332 53.38 8.26 4.33
C GLN D 332 53.47 6.75 4.21
N ASP D 333 53.42 6.02 5.32
CA ASP D 333 53.50 4.57 5.24
C ASP D 333 52.11 3.93 5.14
N PHE D 334 51.08 4.62 5.64
CA PHE D 334 49.72 4.15 5.50
C PHE D 334 49.18 4.38 4.10
N LEU D 335 50.03 4.88 3.20
CA LEU D 335 49.57 5.25 1.86
C LEU D 335 49.08 4.05 1.07
N ASP D 336 49.80 2.92 1.13
CA ASP D 336 49.38 1.75 0.36
C ASP D 336 48.23 1.02 1.04
N GLU D 337 48.17 1.01 2.37
CA GLU D 337 46.97 0.48 3.02
C GLU D 337 45.76 1.34 2.69
N LEU D 338 45.93 2.66 2.63
CA LEU D 338 44.84 3.53 2.24
C LEU D 338 44.41 3.29 0.80
N LYS D 339 45.38 3.06 -0.09
CA LYS D 339 45.03 2.74 -1.48
C LYS D 339 44.26 1.43 -1.57
N LEU D 340 44.68 0.42 -0.80
CA LEU D 340 43.96 -0.85 -0.80
C LEU D 340 42.56 -0.69 -0.23
N ALA D 341 42.40 0.14 0.80
CA ALA D 341 41.07 0.42 1.33
C ALA D 341 40.21 1.15 0.31
N VAL D 342 40.82 2.05 -0.47
CA VAL D 342 40.10 2.73 -1.54
C VAL D 342 39.61 1.71 -2.56
N ALA D 343 40.48 0.79 -2.95
CA ALA D 343 40.13 -0.21 -3.97
C ALA D 343 38.99 -1.11 -3.50
N TRP D 344 38.92 -1.40 -2.20
CA TRP D 344 37.86 -2.24 -1.66
C TRP D 344 36.63 -1.43 -1.23
N ASN D 345 36.66 -0.11 -1.39
CA ASN D 345 35.55 0.75 -0.98
C ASN D 345 35.22 0.55 0.50
N ARG D 346 36.25 0.46 1.33
CA ARG D 346 36.09 0.30 2.78
C ARG D 346 36.27 1.66 3.42
N VAL D 347 35.26 2.52 3.26
CA VAL D 347 35.33 3.87 3.81
C VAL D 347 35.21 3.83 5.33
N ASP D 348 34.40 2.93 5.87
CA ASP D 348 34.23 2.83 7.32
C ASP D 348 35.55 2.50 8.01
N ILE D 349 36.27 1.50 7.49
CA ILE D 349 37.55 1.13 8.08
C ILE D 349 38.56 2.25 7.89
N ALA D 350 38.51 2.95 6.75
CA ALA D 350 39.44 4.04 6.52
C ALA D 350 39.24 5.17 7.51
N LYS D 351 37.99 5.54 7.78
CA LYS D 351 37.73 6.62 8.73
C LYS D 351 37.85 6.16 10.18
N SER D 352 37.78 4.86 10.45
CA SER D 352 37.88 4.40 11.84
C SER D 352 39.32 4.14 12.25
N GLU D 353 40.13 3.58 11.35
CA GLU D 353 41.49 3.14 11.69
C GLU D 353 42.55 4.06 11.10
N ILE D 354 42.42 4.46 9.85
CA ILE D 354 43.43 5.30 9.23
C ILE D 354 43.22 6.77 9.60
N PHE D 355 42.01 7.28 9.40
CA PHE D 355 41.68 8.66 9.74
C PHE D 355 41.06 8.71 11.13
N SER D 356 41.84 8.25 12.11
CA SER D 356 41.39 8.17 13.49
C SER D 356 41.89 9.30 14.37
N GLY D 357 42.78 10.16 13.86
CA GLY D 357 43.32 11.28 14.60
C GLY D 357 44.71 11.03 15.16
N ASP D 358 45.12 9.77 15.28
CA ASP D 358 46.46 9.46 15.74
C ASP D 358 47.52 9.77 14.68
N VAL D 359 47.12 9.94 13.43
CA VAL D 359 48.03 10.19 12.32
C VAL D 359 47.68 11.54 11.71
N GLN D 360 48.71 12.36 11.46
CA GLN D 360 48.53 13.67 10.87
C GLN D 360 48.55 13.55 9.35
N TRP D 361 47.46 13.93 8.70
CA TRP D 361 47.34 13.88 7.25
C TRP D 361 47.41 15.30 6.69
N SER D 362 48.32 15.51 5.75
CA SER D 362 48.51 16.79 5.09
C SER D 362 47.74 16.79 3.76
N ALA D 363 47.97 17.84 2.98
CA ALA D 363 47.32 17.93 1.67
C ALA D 363 48.16 17.24 0.60
N GLN D 364 49.48 17.41 0.65
CA GLN D 364 50.34 16.76 -0.34
C GLN D 364 50.29 15.25 -0.21
N ASP D 365 50.22 14.74 1.02
CA ASP D 365 50.08 13.30 1.22
C ASP D 365 48.76 12.78 0.68
N LEU D 366 47.68 13.54 0.86
CA LEU D 366 46.37 13.11 0.41
C LEU D 366 46.13 13.36 -1.07
N GLU D 367 47.00 14.13 -1.75
CA GLU D 367 46.74 14.49 -3.14
C GLU D 367 46.75 13.26 -4.05
N GLU D 368 47.74 12.38 -3.89
CA GLU D 368 47.83 11.20 -4.73
C GLU D 368 46.63 10.28 -4.52
N VAL D 369 46.34 9.95 -3.26
CA VAL D 369 45.24 9.04 -2.99
C VAL D 369 43.92 9.69 -3.41
N MET D 370 43.84 11.02 -3.36
CA MET D 370 42.68 11.73 -3.92
C MET D 370 42.57 11.48 -5.41
N MET D 371 43.70 11.55 -6.12
CA MET D 371 43.67 11.34 -7.57
C MET D 371 43.20 9.92 -7.92
N GLU D 372 43.76 8.90 -7.24
CA GLU D 372 43.36 7.53 -7.57
C GLU D 372 41.93 7.23 -7.11
N ALA D 373 41.48 7.83 -6.00
CA ALA D 373 40.10 7.62 -5.58
C ALA D 373 39.12 8.30 -6.51
N LEU D 374 39.50 9.46 -7.06
CA LEU D 374 38.62 10.18 -7.97
C LEU D 374 38.56 9.50 -9.33
N VAL D 375 39.69 8.94 -9.79
CA VAL D 375 39.71 8.27 -11.08
C VAL D 375 38.92 6.97 -11.03
N ASN D 376 38.95 6.25 -9.91
CA ASN D 376 38.40 4.90 -9.82
C ASN D 376 36.97 4.86 -9.31
N ASP D 377 36.21 5.95 -9.45
CA ASP D 377 34.78 5.98 -9.13
C ASP D 377 34.52 5.58 -7.68
N LYS D 378 35.10 6.36 -6.76
CA LYS D 378 34.98 6.11 -5.32
C LYS D 378 34.51 7.40 -4.65
N PRO D 379 33.22 7.75 -4.78
CA PRO D 379 32.76 9.03 -4.23
C PRO D 379 32.89 9.16 -2.71
N ASP D 380 32.74 8.05 -1.98
CA ASP D 380 32.84 8.12 -0.52
C ASP D 380 34.23 8.56 -0.09
N PHE D 381 35.27 8.04 -0.74
CA PHE D 381 36.63 8.46 -0.41
C PHE D 381 36.91 9.87 -0.90
N VAL D 382 36.26 10.30 -1.98
CA VAL D 382 36.38 11.69 -2.42
C VAL D 382 35.86 12.62 -1.32
N ARG D 383 34.67 12.30 -0.79
CA ARG D 383 34.12 13.09 0.30
C ARG D 383 35.00 13.05 1.54
N LEU D 384 35.53 11.87 1.86
CA LEU D 384 36.38 11.75 3.05
C LEU D 384 37.65 12.57 2.91
N PHE D 385 38.28 12.55 1.74
CA PHE D 385 39.51 13.31 1.54
C PHE D 385 39.24 14.81 1.50
N VAL D 386 38.08 15.21 0.98
CA VAL D 386 37.73 16.63 1.03
C VAL D 386 37.50 17.05 2.48
N ASP D 387 36.88 16.19 3.28
CA ASP D 387 36.66 16.50 4.68
C ASP D 387 37.94 16.44 5.52
N ASN D 388 38.99 15.78 5.03
CA ASN D 388 40.21 15.59 5.80
C ASN D 388 41.38 16.44 5.30
N GLY D 389 41.11 17.53 4.59
CA GLY D 389 42.16 18.47 4.29
C GLY D 389 42.34 18.88 2.84
N VAL D 390 41.88 18.07 1.90
CA VAL D 390 42.07 18.37 0.49
C VAL D 390 41.24 19.60 0.12
N ASN D 391 41.88 20.55 -0.55
CA ASN D 391 41.26 21.80 -0.99
C ASN D 391 41.05 21.72 -2.49
N ILE D 392 39.82 21.42 -2.92
CA ILE D 392 39.55 21.21 -4.34
C ILE D 392 39.87 22.44 -5.17
N LYS D 393 39.62 23.63 -4.63
CA LYS D 393 39.96 24.85 -5.37
C LYS D 393 41.46 24.91 -5.66
N GLN D 394 42.29 24.55 -4.68
CA GLN D 394 43.73 24.51 -4.90
C GLN D 394 44.20 23.19 -5.48
N PHE D 395 43.47 22.10 -5.23
CA PHE D 395 43.86 20.81 -5.79
C PHE D 395 43.63 20.76 -7.29
N LEU D 396 42.46 21.20 -7.75
CA LEU D 396 42.05 21.02 -9.14
C LEU D 396 42.56 22.19 -9.97
N THR D 397 43.63 21.94 -10.72
CA THR D 397 44.08 22.82 -11.78
C THR D 397 43.56 22.31 -13.11
N TYR D 398 43.84 23.08 -14.18
CA TYR D 398 43.43 22.63 -15.50
C TYR D 398 44.21 21.39 -15.94
N GLY D 399 45.45 21.25 -15.45
CA GLY D 399 46.21 20.05 -15.76
C GLY D 399 45.60 18.80 -15.17
N ARG D 400 45.16 18.87 -13.91
CA ARG D 400 44.54 17.70 -13.28
C ARG D 400 43.20 17.40 -13.93
N LEU D 401 42.46 18.43 -14.34
CA LEU D 401 41.20 18.20 -15.05
C LEU D 401 41.45 17.50 -16.38
N GLN D 402 42.48 17.94 -17.11
CA GLN D 402 42.84 17.27 -18.36
C GLN D 402 43.25 15.82 -18.11
N GLU D 403 44.01 15.59 -17.04
CA GLU D 403 44.42 14.22 -16.71
C GLU D 403 43.21 13.35 -16.36
N LEU D 404 42.24 13.92 -15.64
CA LEU D 404 41.02 13.19 -15.33
C LEU D 404 40.24 12.86 -16.60
N TYR D 405 40.20 13.79 -17.54
CA TYR D 405 39.51 13.53 -18.81
C TYR D 405 40.26 12.50 -19.65
N CYS D 406 41.59 12.43 -19.50
CA CYS D 406 42.36 11.43 -20.23
C CYS D 406 42.20 10.04 -19.64
N SER D 407 42.00 9.95 -18.32
CA SER D 407 41.92 8.66 -17.64
C SER D 407 40.49 8.12 -17.61
N VAL D 408 39.88 8.04 -18.79
CA VAL D 408 38.56 7.43 -18.92
C VAL D 408 38.75 5.93 -19.15
N SER D 409 37.90 5.13 -18.52
CA SER D 409 38.10 3.69 -18.41
C SER D 409 38.02 2.96 -19.75
N GLU D 410 37.75 3.69 -20.84
CA GLU D 410 37.68 3.18 -22.20
C GLU D 410 36.58 2.15 -22.39
N LYS D 411 35.63 2.04 -21.45
CA LYS D 411 34.54 1.09 -21.56
C LYS D 411 33.17 1.78 -21.55
N ASN D 412 33.14 3.10 -21.43
CA ASN D 412 31.89 3.84 -21.38
C ASN D 412 31.78 4.78 -22.59
N LEU D 413 30.65 5.50 -22.62
CA LEU D 413 30.32 6.34 -23.78
C LEU D 413 31.33 7.47 -23.98
N LEU D 414 31.77 8.09 -22.88
CA LEU D 414 32.60 9.29 -22.99
C LEU D 414 33.89 9.00 -23.74
N HIS D 415 34.49 7.84 -23.51
CA HIS D 415 35.71 7.49 -24.23
C HIS D 415 35.46 7.36 -25.72
N THR D 416 34.34 6.75 -26.11
CA THR D 416 34.04 6.60 -27.53
C THR D 416 33.79 7.97 -28.18
N LEU D 417 33.06 8.84 -27.50
CA LEU D 417 32.81 10.18 -28.05
C LEU D 417 34.11 10.96 -28.19
N LEU D 418 34.98 10.90 -27.18
CA LEU D 418 36.26 11.58 -27.26
C LEU D 418 37.14 10.96 -28.34
N LEU D 419 37.04 9.65 -28.54
CA LEU D 419 37.79 8.99 -29.61
C LEU D 419 37.34 9.51 -30.97
N LYS D 420 36.04 9.62 -31.19
CA LYS D 420 35.55 10.15 -32.47
C LYS D 420 36.01 11.58 -32.68
N LYS D 421 35.90 12.41 -31.63
CA LYS D 421 36.32 13.81 -31.75
C LYS D 421 37.81 13.90 -32.03
N ASN D 422 38.62 13.07 -31.37
CA ASN D 422 40.07 13.12 -31.56
C ASN D 422 40.46 12.63 -32.95
N GLN D 423 39.78 11.59 -33.45
CA GLN D 423 40.04 11.15 -34.81
C GLN D 423 39.72 12.25 -35.81
N GLU D 424 38.58 12.94 -35.61
CA GLU D 424 38.23 14.05 -36.49
C GLU D 424 39.28 15.15 -36.43
N ARG D 425 39.73 15.51 -35.22
CA ARG D 425 40.72 16.56 -35.08
C ARG D 425 42.05 16.18 -35.73
N GLN D 426 42.48 14.94 -35.54
CA GLN D 426 43.73 14.48 -36.14
C GLN D 426 43.64 14.46 -37.66
N ALA D 427 42.51 14.01 -38.21
CA ALA D 427 42.33 14.02 -39.65
C ALA D 427 42.33 15.44 -40.20
N GLN D 428 41.69 16.38 -39.48
CA GLN D 428 41.61 17.75 -39.98
C GLN D 428 42.97 18.45 -39.95
N LEU D 429 43.94 17.86 -39.27
CA LEU D 429 45.28 18.45 -39.18
C LEU D 429 46.02 18.35 -40.51
N LYS D 446 51.57 13.59 -25.68
CA LYS D 446 51.40 14.21 -24.37
C LYS D 446 50.18 13.65 -23.66
N PHE D 447 49.01 14.22 -23.97
CA PHE D 447 47.75 13.79 -23.39
C PHE D 447 46.94 13.06 -24.46
N ARG D 448 46.26 11.98 -24.05
CA ARG D 448 45.50 11.19 -25.01
C ARG D 448 44.38 12.01 -25.62
N PHE D 449 43.68 12.79 -24.79
CA PHE D 449 42.68 13.75 -25.24
C PHE D 449 43.02 15.12 -24.65
N THR D 450 42.63 16.17 -25.35
CA THR D 450 42.81 17.54 -24.86
C THR D 450 41.44 18.20 -24.71
N PHE D 451 41.46 19.47 -24.28
CA PHE D 451 40.22 20.16 -23.95
C PHE D 451 39.37 20.48 -25.17
N HIS D 452 39.94 20.45 -26.37
CA HIS D 452 39.13 20.69 -27.56
C HIS D 452 38.11 19.56 -27.79
N GLU D 453 38.53 18.32 -27.57
CA GLU D 453 37.60 17.21 -27.74
C GLU D 453 36.46 17.26 -26.73
N VAL D 454 36.76 17.55 -25.47
CA VAL D 454 35.70 17.64 -24.47
C VAL D 454 34.83 18.86 -24.74
N SER D 455 35.41 19.94 -25.26
CA SER D 455 34.61 21.10 -25.65
C SER D 455 33.64 20.74 -26.77
N LYS D 456 34.10 19.95 -27.75
CA LYS D 456 33.22 19.53 -28.83
C LYS D 456 32.12 18.60 -28.32
N VAL D 457 32.46 17.71 -27.39
CA VAL D 457 31.45 16.83 -26.82
C VAL D 457 30.38 17.63 -26.06
N LEU D 458 30.83 18.59 -25.26
CA LEU D 458 29.89 19.46 -24.56
C LEU D 458 29.04 20.26 -25.54
N LYS D 459 29.65 20.73 -26.63
CA LYS D 459 28.88 21.42 -27.67
C LYS D 459 27.81 20.51 -28.25
N ASP D 460 28.14 19.24 -28.47
CA ASP D 460 27.16 18.29 -28.98
C ASP D 460 26.03 18.10 -27.97
N PHE D 461 26.35 18.08 -26.68
CA PHE D 461 25.31 17.96 -25.65
C PHE D 461 24.72 19.33 -25.30
N LEU D 462 25.57 20.27 -24.91
CA LEU D 462 25.16 21.64 -24.61
C LEU D 462 25.59 22.61 -25.70
N ASP D 463 24.72 22.94 -26.65
CA ASP D 463 25.04 23.71 -27.86
C ASP D 463 25.91 24.91 -27.51
N ASP D 464 25.43 25.86 -26.70
CA ASP D 464 26.23 27.04 -26.38
C ASP D 464 26.32 27.30 -24.88
N THR D 465 25.79 26.41 -24.04
CA THR D 465 25.91 26.60 -22.60
C THR D 465 27.36 26.51 -22.15
N CYS D 466 28.14 25.62 -22.77
CA CYS D 466 29.52 25.38 -22.39
C CYS D 466 30.51 26.23 -23.17
N LYS D 467 30.04 27.13 -24.02
CA LYS D 467 30.92 27.96 -24.83
C LYS D 467 31.85 28.80 -23.97
N GLY D 468 33.15 28.69 -24.23
CA GLY D 468 34.14 29.46 -23.51
C GLY D 468 34.60 28.85 -22.20
N PHE D 469 34.14 27.64 -21.86
CA PHE D 469 34.58 27.01 -20.62
C PHE D 469 36.07 26.71 -20.64
N TYR D 470 36.57 26.19 -21.77
CA TYR D 470 37.99 25.88 -21.92
C TYR D 470 38.62 26.47 -23.16
N GLN D 471 37.84 26.82 -24.20
CA GLN D 471 38.41 27.47 -25.37
C GLN D 471 39.02 28.82 -25.00
N LYS D 472 38.34 29.59 -24.17
CA LYS D 472 38.87 30.88 -23.72
C LYS D 472 40.10 30.66 -22.85
N LEU D 473 41.08 31.56 -23.00
CA LEU D 473 42.31 31.48 -22.24
C LEU D 473 42.73 32.85 -21.72
N ASN D 489 44.73 27.28 -27.84
CA ASN D 489 43.64 28.03 -27.22
C ASN D 489 43.34 27.50 -25.83
N LEU D 490 43.86 26.31 -25.53
CA LEU D 490 43.62 25.71 -24.23
C LEU D 490 44.23 26.58 -23.13
N PRO D 491 43.61 26.64 -21.96
CA PRO D 491 44.13 27.52 -20.90
C PRO D 491 45.42 26.99 -20.32
N ASP D 492 45.95 27.74 -19.35
CA ASP D 492 47.19 27.33 -18.70
C ASP D 492 46.96 26.09 -17.84
N MET D 493 47.82 25.09 -18.02
CA MET D 493 47.73 23.88 -17.20
C MET D 493 48.04 24.17 -15.73
N ASP D 494 48.71 25.27 -15.43
CA ASP D 494 49.15 25.58 -14.08
C ASP D 494 48.15 26.41 -13.28
N ARG D 495 47.06 26.87 -13.91
CA ARG D 495 46.11 27.72 -13.22
C ARG D 495 45.00 26.90 -12.57
N ARG D 496 44.54 27.38 -11.42
CA ARG D 496 43.40 26.77 -10.75
C ARG D 496 42.13 27.01 -11.56
N CYS D 497 41.28 26.00 -11.63
CA CYS D 497 40.02 26.13 -12.35
C CYS D 497 39.14 27.18 -11.68
N GLU D 498 38.56 28.08 -12.48
CA GLU D 498 37.70 29.12 -11.94
C GLU D 498 36.46 28.54 -11.28
N HIS D 499 35.90 27.48 -11.86
CA HIS D 499 34.71 26.80 -11.32
C HIS D 499 35.05 25.33 -11.17
N PRO D 500 35.80 24.96 -10.12
CA PRO D 500 36.25 23.57 -10.00
C PRO D 500 35.12 22.59 -9.79
N TRP D 501 34.12 22.95 -8.98
CA TRP D 501 33.00 22.06 -8.77
C TRP D 501 32.17 21.89 -10.04
N ARG D 502 32.02 22.95 -10.82
CA ARG D 502 31.36 22.86 -12.11
C ARG D 502 32.08 21.88 -13.03
N ASP D 503 33.40 21.99 -13.10
CA ASP D 503 34.18 21.11 -13.96
C ASP D 503 34.12 19.66 -13.51
N LEU D 504 34.23 19.43 -12.20
CA LEU D 504 34.13 18.06 -11.69
C LEU D 504 32.75 17.48 -11.91
N PHE D 505 31.70 18.30 -11.73
CA PHE D 505 30.34 17.84 -11.99
C PHE D 505 30.16 17.46 -13.45
N LEU D 506 30.67 18.29 -14.37
CA LEU D 506 30.57 17.95 -15.78
C LEU D 506 31.34 16.68 -16.10
N TRP D 507 32.54 16.52 -15.53
CA TRP D 507 33.36 15.35 -15.80
C TRP D 507 32.69 14.08 -15.28
N ALA D 508 32.06 14.16 -14.10
CA ALA D 508 31.38 12.98 -13.55
C ALA D 508 30.07 12.69 -14.27
N ILE D 509 29.35 13.73 -14.72
CA ILE D 509 28.12 13.52 -15.47
C ILE D 509 28.40 12.88 -16.82
N LEU D 510 29.46 13.33 -17.50
CA LEU D 510 29.73 12.87 -18.86
C LEU D 510 30.09 11.39 -18.93
N GLN D 511 30.35 10.74 -17.80
CA GLN D 511 30.68 9.33 -17.78
C GLN D 511 29.77 8.53 -16.85
N ASN D 512 28.55 9.01 -16.64
CA ASN D 512 27.49 8.28 -15.92
C ASN D 512 27.92 7.90 -14.51
N ARG D 513 28.71 8.75 -13.86
CA ARG D 513 29.09 8.54 -12.45
C ARG D 513 28.19 9.41 -11.59
N GLN D 514 27.01 8.87 -11.30
CA GLN D 514 25.95 9.67 -10.68
C GLN D 514 26.20 9.95 -9.21
N GLU D 515 26.92 9.10 -8.49
CA GLU D 515 27.20 9.37 -7.09
C GLU D 515 28.16 10.54 -6.93
N MET D 516 29.27 10.51 -7.67
CA MET D 516 30.17 11.67 -7.66
C MET D 516 29.49 12.90 -8.24
N ALA D 517 28.64 12.72 -9.25
CA ALA D 517 27.93 13.87 -9.79
C ALA D 517 27.01 14.49 -8.74
N ASN D 518 26.34 13.66 -7.95
CA ASN D 518 25.52 14.17 -6.84
C ASN D 518 26.38 14.89 -5.83
N TYR D 519 27.55 14.35 -5.50
CA TYR D 519 28.41 15.00 -4.53
C TYR D 519 28.89 16.36 -5.03
N PHE D 520 29.36 16.42 -6.28
CA PHE D 520 29.86 17.67 -6.85
C PHE D 520 28.72 18.68 -7.03
N TRP D 521 27.50 18.20 -7.26
CA TRP D 521 26.36 19.09 -7.32
C TRP D 521 26.04 19.66 -5.95
N ALA D 522 26.05 18.82 -4.91
CA ALA D 522 25.81 19.28 -3.56
C ALA D 522 26.93 20.19 -3.05
N MET D 523 28.09 20.17 -3.68
CA MET D 523 29.20 21.04 -3.30
C MET D 523 29.36 22.24 -4.23
N GLY D 524 28.39 22.51 -5.11
CA GLY D 524 28.54 23.54 -6.11
C GLY D 524 27.80 24.83 -5.76
N PRO D 525 28.17 25.93 -6.43
CA PRO D 525 27.56 27.23 -6.12
C PRO D 525 26.18 27.44 -6.72
N GLU D 526 25.94 26.92 -7.92
CA GLU D 526 24.68 27.12 -8.63
C GLU D 526 24.10 25.75 -8.95
N ALA D 527 23.21 25.27 -8.08
CA ALA D 527 22.81 23.87 -8.11
C ALA D 527 21.57 23.61 -8.97
N VAL D 528 20.65 24.56 -9.08
CA VAL D 528 19.47 24.34 -9.92
C VAL D 528 19.86 24.24 -11.39
N ALA D 529 20.68 25.20 -11.85
CA ALA D 529 21.16 25.17 -13.22
C ALA D 529 22.03 23.94 -13.47
N ALA D 530 22.86 23.57 -12.49
CA ALA D 530 23.68 22.38 -12.65
C ALA D 530 22.83 21.12 -12.76
N ALA D 531 21.77 21.03 -11.97
CA ALA D 531 20.89 19.86 -12.04
C ALA D 531 20.16 19.80 -13.38
N LEU D 532 19.74 20.96 -13.90
CA LEU D 532 19.11 20.97 -15.21
C LEU D 532 20.09 20.57 -16.31
N VAL D 533 21.35 21.02 -16.21
CA VAL D 533 22.39 20.61 -17.15
C VAL D 533 22.61 19.10 -17.06
N GLY D 534 22.65 18.55 -15.85
CA GLY D 534 22.81 17.12 -15.70
C GLY D 534 21.66 16.34 -16.30
N CYS D 535 20.43 16.84 -16.11
CA CYS D 535 19.26 16.22 -16.73
C CYS D 535 19.39 16.20 -18.24
N LYS D 536 19.78 17.34 -18.82
CA LYS D 536 19.95 17.43 -20.27
C LYS D 536 21.00 16.44 -20.76
N ILE D 537 22.16 16.41 -20.11
CA ILE D 537 23.25 15.56 -20.58
C ILE D 537 22.87 14.09 -20.43
N MET D 538 22.18 13.75 -19.34
CA MET D 538 21.77 12.36 -19.13
C MET D 538 20.77 11.91 -20.19
N LYS D 539 19.77 12.75 -20.49
CA LYS D 539 18.83 12.34 -21.52
C LYS D 539 19.44 12.38 -22.92
N GLU D 540 20.50 13.15 -23.12
CA GLU D 540 21.20 13.11 -24.40
C GLU D 540 22.03 11.83 -24.53
N MET D 541 22.70 11.41 -23.46
CA MET D 541 23.50 10.19 -23.50
C MET D 541 22.66 8.93 -23.47
N ALA D 542 21.42 8.98 -22.96
CA ALA D 542 20.59 7.78 -22.94
C ALA D 542 20.33 7.26 -24.35
N HIS D 543 20.33 8.14 -25.35
CA HIS D 543 20.16 7.71 -26.73
C HIS D 543 21.42 7.07 -27.30
N LEU D 544 22.59 7.50 -26.83
CA LEU D 544 23.86 6.99 -27.35
C LEU D 544 24.35 5.75 -26.63
N ALA D 545 23.71 5.35 -25.53
CA ALA D 545 24.20 4.23 -24.74
C ALA D 545 23.95 2.91 -25.49
N THR D 546 24.99 2.09 -25.57
CA THR D 546 24.89 0.80 -26.25
C THR D 546 24.31 -0.28 -25.36
N GLU D 547 24.74 -0.35 -24.10
CA GLU D 547 24.22 -1.35 -23.18
C GLU D 547 22.88 -0.90 -22.61
N ALA D 548 22.03 -1.87 -22.30
CA ALA D 548 20.70 -1.56 -21.79
C ALA D 548 20.74 -1.11 -20.34
N GLU D 549 21.65 -1.66 -19.53
CA GLU D 549 21.74 -1.26 -18.14
C GLU D 549 22.17 0.19 -17.99
N SER D 550 23.20 0.60 -18.73
CA SER D 550 23.66 1.98 -18.67
C SER D 550 22.59 2.93 -19.19
N ALA D 551 21.90 2.55 -20.27
CA ALA D 551 20.82 3.39 -20.79
C ALA D 551 19.70 3.53 -19.78
N ARG D 552 19.36 2.45 -19.07
CA ARG D 552 18.35 2.52 -18.03
C ARG D 552 18.77 3.45 -16.90
N SER D 553 20.03 3.33 -16.47
CA SER D 553 20.54 4.20 -15.41
C SER D 553 20.50 5.67 -15.84
N MET D 554 20.84 5.94 -17.10
CA MET D 554 20.76 7.32 -17.60
C MET D 554 19.32 7.79 -17.67
N LYS D 555 18.39 6.90 -18.03
CA LYS D 555 16.99 7.26 -18.08
C LYS D 555 16.35 7.43 -16.71
N ASN D 556 17.02 6.97 -15.65
CA ASN D 556 16.57 7.17 -14.28
C ASN D 556 17.53 8.06 -13.50
N ALA D 557 17.95 9.17 -14.12
CA ALA D 557 19.00 10.01 -13.55
C ALA D 557 18.51 10.87 -12.38
N LYS D 558 17.24 11.25 -12.38
CA LYS D 558 16.60 12.02 -11.30
C LYS D 558 17.40 13.26 -10.88
N TYR D 559 17.96 13.96 -11.87
CA TYR D 559 18.55 15.27 -11.61
C TYR D 559 17.51 16.38 -11.69
N GLU D 560 16.54 16.22 -12.59
CA GLU D 560 15.43 17.16 -12.65
C GLU D 560 14.65 17.16 -11.34
N GLN D 561 14.57 16.00 -10.69
CA GLN D 561 13.95 15.95 -9.36
C GLN D 561 14.75 16.74 -8.34
N PHE D 562 16.09 16.69 -8.44
CA PHE D 562 16.91 17.51 -7.55
C PHE D 562 16.65 18.99 -7.76
N ALA D 563 16.59 19.41 -9.04
CA ALA D 563 16.30 20.81 -9.33
C ALA D 563 14.93 21.21 -8.80
N MET D 564 13.92 20.34 -8.99
CA MET D 564 12.57 20.64 -8.53
C MET D 564 12.51 20.76 -7.02
N ASP D 565 13.18 19.86 -6.30
CA ASP D 565 13.12 19.88 -4.84
C ASP D 565 13.88 21.07 -4.27
N LEU D 566 15.05 21.39 -4.84
CA LEU D 566 15.78 22.56 -4.38
C LEU D 566 14.98 23.83 -4.65
N PHE D 567 14.34 23.92 -5.82
CA PHE D 567 13.51 25.09 -6.07
C PHE D 567 12.28 25.11 -5.19
N SER D 568 11.75 23.95 -4.80
CA SER D 568 10.65 23.94 -3.84
C SER D 568 11.08 24.52 -2.51
N GLU D 569 12.27 24.14 -2.04
CA GLU D 569 12.79 24.71 -0.81
C GLU D 569 12.99 26.22 -0.94
N CYS D 570 13.59 26.65 -2.06
CA CYS D 570 13.83 28.08 -2.27
C CYS D 570 12.53 28.87 -2.35
N TYR D 571 11.53 28.32 -3.04
CA TYR D 571 10.26 29.01 -3.22
C TYR D 571 9.47 29.06 -1.92
N SER D 572 9.59 28.02 -1.10
CA SER D 572 8.97 28.05 0.22
C SER D 572 9.64 29.09 1.11
N ASN D 573 10.96 29.23 0.99
CA ASN D 573 11.68 30.16 1.86
C ASN D 573 11.31 31.61 1.57
N SER D 574 11.37 32.03 0.30
CA SER D 574 11.21 33.43 -0.06
C SER D 574 10.04 33.69 -0.98
N GLU D 575 9.95 32.96 -2.10
CA GLU D 575 8.89 33.08 -3.10
C GLU D 575 9.06 34.37 -3.91
N ASP D 576 9.99 35.22 -3.50
CA ASP D 576 10.38 36.40 -4.26
C ASP D 576 11.81 36.34 -4.73
N ARG D 577 12.72 35.87 -3.89
CA ARG D 577 14.06 35.54 -4.34
C ARG D 577 14.05 34.34 -5.28
N ALA D 578 13.01 33.51 -5.19
CA ALA D 578 12.89 32.37 -6.09
C ALA D 578 12.69 32.81 -7.54
N TYR D 579 11.87 33.83 -7.76
CA TYR D 579 11.68 34.36 -9.11
C TYR D 579 12.97 34.96 -9.65
N SER D 580 13.68 35.71 -8.81
CA SER D 580 14.97 36.27 -9.22
C SER D 580 15.94 35.16 -9.58
N LEU D 581 15.95 34.08 -8.80
CA LEU D 581 16.78 32.92 -9.13
C LEU D 581 16.37 32.32 -10.47
N LEU D 582 15.07 32.27 -10.73
CA LEU D 582 14.57 31.72 -11.99
C LEU D 582 15.01 32.58 -13.18
N VAL D 583 15.11 33.90 -12.98
CA VAL D 583 15.34 34.81 -14.10
C VAL D 583 16.77 35.35 -14.17
N ARG D 584 17.58 35.16 -13.13
CA ARG D 584 18.92 35.71 -13.15
C ARG D 584 19.82 34.91 -14.10
N LYS D 585 20.80 35.60 -14.68
CA LYS D 585 21.73 34.99 -15.61
C LYS D 585 22.89 34.38 -14.83
N THR D 586 23.02 33.06 -14.89
CA THR D 586 23.99 32.35 -14.07
C THR D 586 25.42 32.67 -14.51
N CYS D 587 26.32 32.76 -13.53
CA CYS D 587 27.73 33.03 -13.82
C CYS D 587 28.46 31.80 -14.35
N CYS D 588 28.08 30.61 -13.88
CA CYS D 588 28.82 29.39 -14.20
C CYS D 588 28.38 28.75 -15.51
N TRP D 589 27.33 29.25 -16.16
CA TRP D 589 26.80 28.61 -17.36
C TRP D 589 26.64 29.62 -18.49
N SER D 590 27.61 30.50 -18.65
CA SER D 590 27.68 31.43 -19.79
C SER D 590 26.44 32.33 -19.87
N LYS D 591 26.12 32.96 -18.74
CA LYS D 591 25.03 33.94 -18.65
C LYS D 591 23.70 33.35 -19.13
N ALA D 592 23.48 32.07 -18.82
CA ALA D 592 22.26 31.39 -19.22
C ALA D 592 21.28 31.41 -18.06
N THR D 593 20.05 31.83 -18.35
CA THR D 593 18.99 31.85 -17.36
C THR D 593 18.62 30.42 -16.97
N VAL D 594 18.18 30.24 -15.71
CA VAL D 594 17.75 28.93 -15.26
C VAL D 594 16.58 28.43 -16.09
N LEU D 595 15.69 29.33 -16.50
CA LEU D 595 14.61 28.95 -17.40
C LEU D 595 15.14 28.61 -18.78
N ASN D 596 16.18 29.31 -19.25
CA ASN D 596 16.81 28.94 -20.51
C ASN D 596 17.41 27.55 -20.45
N ILE D 597 18.08 27.23 -19.35
CA ILE D 597 18.69 25.91 -19.19
C ILE D 597 17.60 24.84 -19.08
N ALA D 598 16.49 25.16 -18.42
CA ALA D 598 15.37 24.22 -18.35
C ALA D 598 14.77 23.98 -19.72
N THR D 599 14.63 25.04 -20.52
CA THR D 599 14.11 24.88 -21.88
C THR D 599 15.04 24.03 -22.73
N LEU D 600 16.35 24.27 -22.65
CA LEU D 600 17.30 23.46 -23.39
C LEU D 600 17.26 22.01 -22.91
N ALA D 601 17.23 21.79 -21.61
CA ALA D 601 17.10 20.46 -21.03
C ALA D 601 15.74 19.83 -21.28
N GLU D 602 14.77 20.62 -21.73
CA GLU D 602 13.44 20.11 -22.07
C GLU D 602 12.79 19.49 -20.83
N ALA D 603 12.97 20.15 -19.69
CA ALA D 603 12.54 19.65 -18.39
C ALA D 603 11.07 19.95 -18.20
N LYS D 604 10.22 18.97 -18.55
CA LYS D 604 8.79 19.14 -18.44
C LYS D 604 8.35 19.33 -16.99
N CYS D 605 8.86 18.50 -16.08
CA CYS D 605 8.37 18.52 -14.70
C CYS D 605 8.88 19.73 -13.93
N PHE D 606 10.03 20.29 -14.33
CA PHE D 606 10.51 21.50 -13.68
C PHE D 606 9.62 22.69 -14.04
N PHE D 607 9.20 22.79 -15.30
CA PHE D 607 8.29 23.85 -15.70
C PHE D 607 6.89 23.66 -15.11
N ALA D 608 6.57 22.44 -14.67
CA ALA D 608 5.29 22.16 -14.03
C ALA D 608 5.27 22.53 -12.56
N HIS D 609 6.39 22.98 -12.01
CA HIS D 609 6.43 23.38 -10.60
C HIS D 609 5.55 24.60 -10.37
N ASP D 610 5.00 24.69 -9.15
CA ASP D 610 4.06 25.76 -8.84
C ASP D 610 4.72 27.14 -8.87
N GLY D 611 5.99 27.22 -8.49
CA GLY D 611 6.67 28.50 -8.54
C GLY D 611 6.86 29.02 -9.96
N VAL D 612 7.27 28.14 -10.88
CA VAL D 612 7.43 28.53 -12.27
C VAL D 612 6.09 28.93 -12.88
N GLN D 613 5.05 28.16 -12.56
CA GLN D 613 3.72 28.48 -13.08
C GLN D 613 3.21 29.80 -12.51
N ALA D 614 3.51 30.09 -11.24
CA ALA D 614 3.11 31.36 -10.65
C ALA D 614 3.85 32.53 -11.29
N LEU D 615 5.13 32.35 -11.57
CA LEU D 615 5.87 33.38 -12.29
C LEU D 615 5.30 33.59 -13.68
N LEU D 616 4.92 32.50 -14.35
CA LEU D 616 4.30 32.62 -15.66
C LEU D 616 2.97 33.35 -15.59
N THR D 617 2.18 33.09 -14.55
CA THR D 617 0.93 33.81 -14.36
C THR D 617 1.17 35.29 -14.12
N LYS D 618 2.18 35.62 -13.32
CA LYS D 618 2.53 37.02 -13.08
C LYS D 618 2.92 37.72 -14.38
N VAL D 619 3.71 37.04 -15.22
CA VAL D 619 4.06 37.60 -16.52
C VAL D 619 2.82 37.74 -17.39
N TRP D 620 1.94 36.75 -17.35
CA TRP D 620 0.74 36.73 -18.18
C TRP D 620 -0.18 37.90 -17.86
N TRP D 621 -0.38 38.18 -16.58
CA TRP D 621 -1.27 39.29 -16.21
C TRP D 621 -0.60 40.64 -16.29
N GLY D 622 0.71 40.69 -16.49
CA GLY D 622 1.39 41.97 -16.67
C GLY D 622 1.29 42.84 -15.43
N ALA D 623 1.02 44.13 -15.65
CA ALA D 623 0.95 45.09 -14.56
C ALA D 623 -0.29 44.95 -13.71
N MET D 624 -1.30 44.18 -14.15
CA MET D 624 -2.50 44.02 -13.37
C MET D 624 -2.33 42.93 -12.32
N ARG D 625 -3.18 43.00 -11.29
CA ARG D 625 -3.17 41.99 -10.25
C ARG D 625 -3.61 40.65 -10.82
N THR D 626 -2.97 39.57 -10.35
CA THR D 626 -3.25 38.24 -10.89
C THR D 626 -4.63 37.71 -10.51
N ASP D 627 -5.29 38.30 -9.51
CA ASP D 627 -6.63 37.90 -9.13
C ASP D 627 -7.71 38.71 -9.83
N THR D 628 -7.34 39.41 -10.91
CA THR D 628 -8.31 40.19 -11.66
C THR D 628 -9.36 39.28 -12.27
N SER D 629 -10.62 39.66 -12.10
CA SER D 629 -11.72 38.89 -12.68
C SER D 629 -11.72 39.01 -14.19
N ILE D 630 -12.09 37.92 -14.86
CA ILE D 630 -12.12 37.92 -16.32
C ILE D 630 -13.23 38.82 -16.84
N SER D 631 -14.37 38.85 -16.14
CA SER D 631 -15.50 39.66 -16.61
C SER D 631 -15.15 41.15 -16.62
N ARG D 632 -14.52 41.64 -15.56
CA ARG D 632 -14.13 43.04 -15.52
C ARG D 632 -13.07 43.35 -16.57
N LEU D 633 -12.16 42.40 -16.81
CA LEU D 633 -11.15 42.59 -17.85
C LEU D 633 -11.79 42.70 -19.23
N VAL D 634 -12.78 41.85 -19.52
CA VAL D 634 -13.47 41.90 -20.80
C VAL D 634 -14.26 43.20 -20.93
N LEU D 635 -14.93 43.61 -19.86
CA LEU D 635 -15.67 44.87 -19.89
C LEU D 635 -14.74 46.06 -20.10
N THR D 636 -13.54 46.01 -19.54
CA THR D 636 -12.57 47.07 -19.76
C THR D 636 -12.03 47.03 -21.18
N PHE D 637 -11.91 45.83 -21.75
CA PHE D 637 -11.43 45.71 -23.13
C PHE D 637 -12.44 46.29 -24.12
N PHE D 638 -13.71 45.90 -23.98
CA PHE D 638 -14.72 46.39 -24.92
C PHE D 638 -15.01 47.87 -24.75
N ILE D 639 -14.83 48.39 -23.53
CA ILE D 639 -15.08 49.79 -23.23
C ILE D 639 -13.77 50.39 -22.72
N PRO D 640 -12.97 50.99 -23.62
CA PRO D 640 -11.62 51.45 -23.23
C PRO D 640 -11.60 52.44 -22.08
N PRO D 641 -12.57 53.37 -21.95
CA PRO D 641 -12.45 54.36 -20.86
C PRO D 641 -12.40 53.76 -19.46
N LEU D 642 -12.85 52.52 -19.26
CA LEU D 642 -12.79 51.91 -17.94
C LEU D 642 -11.37 51.55 -17.51
N VAL D 643 -10.36 51.76 -18.35
CA VAL D 643 -8.99 51.48 -17.92
C VAL D 643 -8.60 52.41 -16.77
N TRP D 644 -9.07 53.65 -16.80
CA TRP D 644 -8.69 54.65 -15.81
C TRP D 644 -9.54 54.58 -14.56
N THR D 645 -10.66 53.86 -14.58
CA THR D 645 -11.46 53.63 -13.39
C THR D 645 -10.77 52.62 -12.48
N SER D 646 -11.21 52.59 -11.23
CA SER D 646 -10.69 51.63 -10.25
C SER D 646 -11.35 50.26 -10.36
N LEU D 647 -11.98 49.97 -11.51
CA LEU D 647 -12.57 48.66 -11.72
C LEU D 647 -11.49 47.58 -11.79
N ILE D 648 -10.31 47.94 -12.28
CA ILE D 648 -9.20 47.00 -12.46
C ILE D 648 -8.05 47.48 -11.58
N LYS D 649 -7.60 46.61 -10.67
CA LYS D 649 -6.49 46.95 -9.79
C LYS D 649 -5.17 46.57 -10.44
N PHE D 650 -4.15 47.39 -10.21
CA PHE D 650 -2.84 47.22 -10.83
C PHE D 650 -1.78 46.95 -9.76
N ASN D 651 -0.75 46.24 -10.17
CA ASN D 651 0.38 45.97 -9.28
C ASN D 651 1.22 47.23 -9.10
N PRO D 652 1.57 47.59 -7.85
CA PRO D 652 2.38 48.79 -7.64
C PRO D 652 3.70 48.71 -8.39
N GLU D 653 4.11 49.84 -8.96
CA GLU D 653 5.36 49.96 -9.70
C GLU D 653 5.46 48.93 -10.82
N SER D 698 -0.37 69.67 -16.64
CA SER D 698 -0.95 68.97 -17.77
C SER D 698 -0.02 67.85 -18.26
N ALA D 699 1.28 68.15 -18.30
CA ALA D 699 2.25 67.16 -18.74
C ALA D 699 2.27 65.95 -17.81
N THR D 700 2.22 66.20 -16.49
CA THR D 700 2.18 65.08 -15.54
C THR D 700 0.93 64.24 -15.72
N PHE D 701 -0.22 64.89 -15.91
CA PHE D 701 -1.47 64.16 -16.12
C PHE D 701 -1.41 63.34 -17.40
N ILE D 702 -0.86 63.91 -18.48
CA ILE D 702 -0.75 63.19 -19.74
C ILE D 702 0.17 61.98 -19.57
N ARG D 703 1.30 62.16 -18.87
CA ARG D 703 2.20 61.05 -18.63
C ARG D 703 1.52 59.96 -17.80
N VAL D 704 0.74 60.34 -16.80
CA VAL D 704 0.09 59.35 -15.94
C VAL D 704 -0.94 58.56 -16.73
N VAL D 705 -1.77 59.25 -17.52
CA VAL D 705 -2.82 58.55 -18.27
C VAL D 705 -2.19 57.67 -19.35
N LEU D 706 -1.12 58.14 -19.99
CA LEU D 706 -0.43 57.33 -20.98
C LEU D 706 0.18 56.09 -20.33
N ARG D 707 0.77 56.24 -19.14
CA ARG D 707 1.34 55.11 -18.44
C ARG D 707 0.27 54.08 -18.09
N ARG D 708 -0.88 54.54 -17.58
CA ARG D 708 -1.96 53.61 -17.25
C ARG D 708 -2.46 52.89 -18.50
N TRP D 709 -2.65 53.63 -19.59
CA TRP D 709 -3.12 53.02 -20.83
C TRP D 709 -2.15 51.97 -21.34
N ASN D 710 -0.85 52.30 -21.35
CA ASN D 710 0.15 51.36 -21.86
C ASN D 710 0.33 50.18 -20.90
N ARG D 711 0.07 50.38 -19.61
CA ARG D 711 0.16 49.28 -18.66
C ARG D 711 -0.97 48.29 -18.86
N PHE D 712 -2.19 48.79 -19.08
CA PHE D 712 -3.29 47.88 -19.32
C PHE D 712 -3.18 47.20 -20.68
N TRP D 713 -2.90 47.97 -21.72
CA TRP D 713 -3.06 47.47 -23.09
C TRP D 713 -1.85 46.72 -23.61
N SER D 714 -0.78 46.60 -22.84
CA SER D 714 0.40 45.86 -23.28
C SER D 714 0.58 44.55 -22.52
N ALA D 715 -0.32 44.21 -21.62
CA ALA D 715 -0.22 42.95 -20.91
C ALA D 715 -0.47 41.79 -21.88
N PRO D 716 0.18 40.64 -21.68
CA PRO D 716 -0.05 39.51 -22.58
C PRO D 716 -1.50 39.06 -22.65
N VAL D 717 -2.26 39.19 -21.57
CA VAL D 717 -3.63 38.70 -21.57
C VAL D 717 -4.52 39.58 -22.46
N THR D 718 -4.32 40.89 -22.43
CA THR D 718 -5.11 41.76 -23.30
C THR D 718 -4.69 41.61 -24.76
N VAL D 719 -3.40 41.38 -25.01
CA VAL D 719 -2.95 41.10 -26.37
C VAL D 719 -3.60 39.82 -26.89
N PHE D 720 -3.66 38.79 -26.03
CA PHE D 720 -4.32 37.55 -26.42
C PHE D 720 -5.80 37.76 -26.69
N MET D 721 -6.48 38.54 -25.84
CA MET D 721 -7.90 38.80 -26.06
C MET D 721 -8.13 39.55 -27.37
N GLY D 722 -7.29 40.55 -27.65
CA GLY D 722 -7.41 41.26 -28.91
C GLY D 722 -7.17 40.36 -30.10
N ASN D 723 -6.18 39.47 -30.00
CA ASN D 723 -5.92 38.53 -31.09
C ASN D 723 -7.09 37.58 -31.30
N VAL D 724 -7.71 37.11 -30.21
CA VAL D 724 -8.84 36.20 -30.34
C VAL D 724 -10.03 36.91 -30.97
N ILE D 725 -10.33 38.13 -30.52
CA ILE D 725 -11.44 38.89 -31.08
C ILE D 725 -11.21 39.17 -32.56
N MET D 726 -9.99 39.59 -32.91
CA MET D 726 -9.71 39.90 -34.30
C MET D 726 -9.67 38.66 -35.17
N TYR D 727 -9.34 37.49 -34.60
CA TYR D 727 -9.41 36.27 -35.40
C TYR D 727 -10.84 35.83 -35.62
N PHE D 728 -11.70 36.02 -34.62
CA PHE D 728 -13.13 35.80 -34.84
C PHE D 728 -13.65 36.72 -35.94
N ALA D 729 -13.24 37.99 -35.90
CA ALA D 729 -13.63 38.93 -36.96
C ALA D 729 -13.09 38.49 -38.32
N PHE D 730 -11.86 37.99 -38.35
CA PHE D 730 -11.28 37.49 -39.60
C PHE D 730 -12.06 36.31 -40.15
N LEU D 731 -12.44 35.37 -39.30
CA LEU D 731 -13.22 34.23 -39.76
C LEU D 731 -14.58 34.67 -40.27
N ILE D 732 -15.21 35.61 -39.57
CA ILE D 732 -16.51 36.13 -40.00
C ILE D 732 -16.39 36.80 -41.37
N LEU D 733 -15.35 37.63 -41.54
CA LEU D 733 -15.15 38.32 -42.82
C LEU D 733 -14.83 37.33 -43.93
N PHE D 734 -13.99 36.33 -43.65
CA PHE D 734 -13.64 35.34 -44.66
C PHE D 734 -14.87 34.61 -45.12
N SER D 735 -15.73 34.20 -44.17
CA SER D 735 -16.94 33.47 -44.51
C SER D 735 -17.94 34.37 -45.24
N TYR D 736 -18.02 35.66 -44.88
CA TYR D 736 -18.89 36.57 -45.61
C TYR D 736 -18.44 36.72 -47.05
N VAL D 737 -17.13 36.87 -47.28
CA VAL D 737 -16.61 36.98 -48.64
C VAL D 737 -16.86 35.70 -49.41
N LEU D 738 -16.63 34.55 -48.76
CA LEU D 738 -16.75 33.27 -49.45
C LEU D 738 -18.20 32.93 -49.78
N LEU D 739 -19.13 33.29 -48.89
CA LEU D 739 -20.51 32.82 -49.02
C LEU D 739 -21.42 33.83 -49.71
N LEU D 740 -21.20 35.13 -49.51
CA LEU D 740 -22.14 36.14 -49.96
C LEU D 740 -21.55 37.22 -50.85
N ASP D 741 -20.23 37.42 -50.85
CA ASP D 741 -19.62 38.52 -51.59
C ASP D 741 -18.43 38.02 -52.41
N PHE D 742 -18.63 36.91 -53.11
CA PHE D 742 -17.61 36.39 -54.02
C PHE D 742 -18.03 36.72 -55.45
N ARG D 743 -17.15 37.38 -56.18
CA ARG D 743 -17.51 37.97 -57.46
C ARG D 743 -16.73 37.37 -58.62
N PRO D 744 -17.16 37.58 -59.87
CA PRO D 744 -16.43 37.06 -61.02
C PRO D 744 -15.01 37.59 -61.09
N PRO D 745 -14.19 37.08 -62.02
CA PRO D 745 -12.78 37.48 -62.10
C PRO D 745 -12.59 38.97 -62.32
N PRO D 746 -11.34 39.43 -62.28
CA PRO D 746 -11.05 40.86 -62.37
C PRO D 746 -11.78 41.60 -63.47
N PRO D 747 -12.15 40.92 -64.60
CA PRO D 747 -13.06 41.58 -65.56
C PRO D 747 -14.21 42.31 -64.89
N TYR D 748 -14.87 41.64 -63.95
CA TYR D 748 -15.82 42.29 -63.06
C TYR D 748 -15.16 42.75 -61.76
N GLY D 749 -14.31 41.92 -61.18
CA GLY D 749 -13.44 42.36 -60.11
C GLY D 749 -13.76 41.73 -58.77
N PRO D 750 -12.74 41.45 -57.98
CA PRO D 750 -12.96 41.06 -56.59
C PRO D 750 -13.60 42.19 -55.81
N SER D 751 -14.47 41.83 -54.87
CA SER D 751 -15.15 42.84 -54.07
C SER D 751 -14.16 43.53 -53.14
N ALA D 752 -14.58 44.68 -52.60
CA ALA D 752 -13.74 45.41 -51.66
C ALA D 752 -13.47 44.59 -50.41
N ALA D 753 -14.47 43.83 -49.95
CA ALA D 753 -14.25 42.96 -48.80
C ALA D 753 -13.19 41.91 -49.09
N GLU D 754 -13.12 41.43 -50.33
CA GLU D 754 -12.07 40.48 -50.70
C GLU D 754 -10.70 41.13 -50.66
N ILE D 755 -10.60 42.39 -51.09
CA ILE D 755 -9.32 43.10 -51.02
C ILE D 755 -8.90 43.30 -49.57
N ILE D 756 -9.86 43.66 -48.71
CA ILE D 756 -9.57 43.79 -47.28
C ILE D 756 -9.12 42.45 -46.72
N LEU D 757 -9.72 41.36 -47.18
CA LEU D 757 -9.32 40.03 -46.74
C LEU D 757 -7.90 39.70 -47.17
N TYR D 758 -7.54 40.06 -48.41
CA TYR D 758 -6.18 39.87 -48.89
C TYR D 758 -5.19 40.62 -48.01
N PHE D 759 -5.51 41.89 -47.69
CA PHE D 759 -4.63 42.66 -46.81
C PHE D 759 -4.55 42.05 -45.42
N TRP D 760 -5.68 41.52 -44.93
CA TRP D 760 -5.70 40.90 -43.61
C TRP D 760 -4.73 39.73 -43.57
N VAL D 761 -4.82 38.86 -44.58
CA VAL D 761 -3.95 37.68 -44.66
C VAL D 761 -2.50 38.10 -44.85
N PHE D 762 -2.27 39.18 -45.58
CA PHE D 762 -0.91 39.72 -45.69
C PHE D 762 -0.35 40.11 -44.33
N THR D 763 -1.16 40.78 -43.52
CA THR D 763 -0.72 41.12 -42.16
C THR D 763 -0.49 39.87 -41.32
N LEU D 764 -1.34 38.86 -41.47
CA LEU D 764 -1.16 37.61 -40.72
C LEU D 764 0.16 36.93 -41.10
N VAL D 765 0.47 36.90 -42.40
CA VAL D 765 1.72 36.32 -42.86
C VAL D 765 2.91 37.12 -42.34
N LEU D 766 2.80 38.45 -42.32
CA LEU D 766 3.88 39.26 -41.77
C LEU D 766 4.11 38.94 -40.30
N GLU D 767 3.03 38.81 -39.53
CA GLU D 767 3.20 38.49 -38.11
C GLU D 767 3.82 37.11 -37.92
N GLU D 768 3.39 36.12 -38.71
CA GLU D 768 3.99 34.80 -38.62
C GLU D 768 5.48 34.84 -38.96
N ILE D 769 5.83 35.52 -40.04
CA ILE D 769 7.23 35.57 -40.48
C ILE D 769 8.08 36.30 -39.44
N ARG D 770 7.56 37.40 -38.89
CA ARG D 770 8.30 38.12 -37.86
C ARG D 770 8.52 37.24 -36.63
N GLN D 771 7.44 36.64 -36.11
CA GLN D 771 7.56 35.81 -34.92
C GLN D 771 8.51 34.64 -35.13
N SER D 772 8.58 34.12 -36.36
CA SER D 772 9.38 32.93 -36.61
C SER D 772 10.84 33.22 -36.95
N PHE D 773 11.13 34.31 -37.66
CA PHE D 773 12.47 34.53 -38.17
C PHE D 773 13.11 35.85 -37.76
N PHE D 774 12.34 36.83 -37.28
CA PHE D 774 12.87 38.15 -36.96
C PHE D 774 12.80 38.44 -35.46
N THR D 775 13.02 37.42 -34.64
CA THR D 775 12.98 37.58 -33.19
C THR D 775 14.29 37.22 -32.49
N ASP D 776 15.14 36.40 -33.11
CA ASP D 776 16.41 36.00 -32.53
C ASP D 776 17.54 36.64 -33.32
N GLU D 777 18.39 37.41 -32.63
CA GLU D 777 19.51 38.07 -33.31
C GLU D 777 20.53 37.05 -33.78
N ASP D 778 20.91 36.09 -32.93
CA ASP D 778 21.92 35.09 -33.25
C ASP D 778 21.24 33.72 -33.32
N MET D 779 20.93 33.27 -34.53
CA MET D 779 20.33 31.97 -34.75
C MET D 779 20.38 31.70 -36.25
N SER D 780 20.64 30.45 -36.62
CA SER D 780 20.83 30.12 -38.03
C SER D 780 19.50 30.16 -38.78
N ILE D 781 19.53 30.66 -40.02
CA ILE D 781 18.33 30.72 -40.85
C ILE D 781 17.84 29.31 -41.17
N LEU D 782 18.74 28.41 -41.53
CA LEU D 782 18.35 27.03 -41.79
C LEU D 782 17.81 26.37 -40.52
N LYS D 783 18.46 26.63 -39.38
CA LYS D 783 17.97 26.11 -38.11
C LYS D 783 16.62 26.70 -37.75
N LYS D 784 16.43 28.00 -38.02
CA LYS D 784 15.12 28.62 -37.78
C LYS D 784 14.04 27.97 -38.65
N MET D 785 14.35 27.70 -39.91
CA MET D 785 13.37 27.06 -40.78
C MET D 785 13.08 25.63 -40.33
N LYS D 786 14.10 24.91 -39.85
CA LYS D 786 13.87 23.58 -39.31
C LYS D 786 12.98 23.63 -38.07
N LEU D 787 13.22 24.60 -37.18
CA LEU D 787 12.37 24.76 -36.01
C LEU D 787 10.95 25.08 -36.42
N TYR D 788 10.77 25.95 -37.42
CA TYR D 788 9.43 26.27 -37.89
C TYR D 788 8.72 25.05 -38.44
N VAL D 789 9.37 24.31 -39.35
CA VAL D 789 8.72 23.14 -39.95
C VAL D 789 8.61 21.96 -39.00
N GLU D 790 9.26 22.02 -37.83
CA GLU D 790 9.12 20.95 -36.86
C GLU D 790 7.77 20.98 -36.15
N ASP D 791 7.06 22.11 -36.21
CA ASP D 791 5.77 22.25 -35.54
C ASP D 791 4.65 21.92 -36.51
N ASN D 792 3.75 21.02 -36.11
CA ASN D 792 2.65 20.61 -36.98
C ASN D 792 1.67 21.75 -37.21
N TRP D 793 1.45 22.60 -36.20
CA TRP D 793 0.60 23.76 -36.41
C TRP D 793 1.21 24.72 -37.42
N ASN D 794 2.54 24.81 -37.44
CA ASN D 794 3.20 25.59 -38.49
C ASN D 794 3.01 24.95 -39.86
N LYS D 795 2.98 23.61 -39.93
CA LYS D 795 2.65 22.95 -41.18
C LYS D 795 1.24 23.31 -41.62
N CYS D 796 0.30 23.36 -40.67
CA CYS D 796 -1.05 23.80 -41.00
C CYS D 796 -1.07 25.23 -41.50
N ASP D 797 -0.26 26.11 -40.89
CA ASP D 797 -0.20 27.50 -41.34
C ASP D 797 0.37 27.61 -42.75
N MET D 798 1.41 26.83 -43.06
CA MET D 798 1.95 26.83 -44.42
C MET D 798 0.93 26.30 -45.42
N VAL D 799 0.19 25.25 -45.04
CA VAL D 799 -0.86 24.74 -45.91
C VAL D 799 -1.91 25.83 -46.16
N ALA D 800 -2.27 26.56 -45.11
CA ALA D 800 -3.26 27.63 -45.26
C ALA D 800 -2.77 28.73 -46.20
N ILE D 801 -1.52 29.17 -46.04
CA ILE D 801 -1.05 30.26 -46.89
C ILE D 801 -0.88 29.78 -48.33
N SER D 802 -0.44 28.54 -48.53
CA SER D 802 -0.33 28.00 -49.88
C SER D 802 -1.69 27.92 -50.55
N LEU D 803 -2.70 27.45 -49.81
CA LEU D 803 -4.05 27.38 -50.36
C LEU D 803 -4.58 28.77 -50.67
N PHE D 804 -4.31 29.74 -49.80
CA PHE D 804 -4.79 31.10 -50.08
C PHE D 804 -4.15 31.66 -51.34
N VAL D 805 -2.85 31.49 -51.50
CA VAL D 805 -2.17 32.02 -52.69
C VAL D 805 -2.68 31.34 -53.95
N VAL D 806 -2.78 30.01 -53.92
CA VAL D 806 -3.22 29.27 -55.10
C VAL D 806 -4.66 29.63 -55.45
N GLY D 807 -5.52 29.74 -54.43
CA GLY D 807 -6.90 30.11 -54.68
C GLY D 807 -7.05 31.50 -55.26
N LEU D 808 -6.28 32.46 -54.72
CA LEU D 808 -6.31 33.82 -55.27
C LEU D 808 -5.86 33.83 -56.72
N SER D 809 -4.75 33.13 -57.01
CA SER D 809 -4.23 33.11 -58.37
C SER D 809 -5.24 32.49 -59.34
N CYS D 810 -5.84 31.36 -58.95
CA CYS D 810 -6.84 30.74 -59.80
C CYS D 810 -8.09 31.61 -59.94
N ARG D 811 -8.46 32.31 -58.86
CA ARG D 811 -9.64 33.17 -58.88
C ARG D 811 -9.45 34.37 -59.79
N MET D 812 -8.20 34.81 -59.98
CA MET D 812 -7.95 35.94 -60.87
C MET D 812 -8.18 35.60 -62.34
N ALA D 813 -8.36 34.32 -62.68
CA ALA D 813 -8.53 33.87 -64.05
C ALA D 813 -9.91 33.25 -64.23
N MET D 814 -10.49 33.45 -65.42
CA MET D 814 -11.82 32.90 -65.70
C MET D 814 -11.78 31.37 -65.81
N SER D 815 -10.74 30.82 -66.42
CA SER D 815 -10.70 29.38 -66.67
C SER D 815 -10.46 28.60 -65.39
N THR D 816 -9.95 29.25 -64.34
CA THR D 816 -9.66 28.60 -63.06
C THR D 816 -10.44 29.23 -61.91
N TYR D 817 -11.56 29.88 -62.22
CA TYR D 817 -12.32 30.61 -61.20
C TYR D 817 -12.96 29.66 -60.19
N GLU D 818 -13.62 28.61 -60.68
CA GLU D 818 -14.27 27.66 -59.79
C GLU D 818 -13.26 26.91 -58.92
N ALA D 819 -12.11 26.55 -59.51
CA ALA D 819 -11.06 25.93 -58.73
C ALA D 819 -10.56 26.86 -57.63
N GLY D 820 -10.45 28.16 -57.95
CA GLY D 820 -10.06 29.12 -56.93
C GLY D 820 -11.07 29.21 -55.80
N ARG D 821 -12.36 29.20 -56.13
CA ARG D 821 -13.38 29.20 -55.10
C ARG D 821 -13.29 27.95 -54.22
N THR D 822 -13.07 26.79 -54.84
CA THR D 822 -12.93 25.55 -54.08
C THR D 822 -11.73 25.61 -53.13
N VAL D 823 -10.59 26.09 -53.63
CA VAL D 823 -9.40 26.15 -52.81
C VAL D 823 -9.57 27.16 -51.67
N LEU D 824 -10.29 28.25 -51.92
CA LEU D 824 -10.54 29.22 -50.86
C LEU D 824 -11.49 28.66 -49.79
N ALA D 825 -12.45 27.83 -50.19
CA ALA D 825 -13.29 27.16 -49.19
C ALA D 825 -12.44 26.24 -48.31
N LEU D 826 -11.57 25.45 -48.94
CA LEU D 826 -10.64 24.62 -48.16
C LEU D 826 -9.79 25.48 -47.23
N ASP D 827 -9.41 26.68 -47.71
CA ASP D 827 -8.61 27.58 -46.89
C ASP D 827 -9.37 28.06 -45.66
N PHE D 828 -10.66 28.37 -45.84
CA PHE D 828 -11.46 28.71 -44.67
C PHE D 828 -11.47 27.57 -43.67
N MET D 829 -11.62 26.35 -44.16
CA MET D 829 -11.57 25.18 -43.28
C MET D 829 -10.26 25.17 -42.48
N VAL D 830 -9.14 25.39 -43.17
CA VAL D 830 -7.83 25.32 -42.51
C VAL D 830 -7.69 26.41 -41.45
N PHE D 831 -8.11 27.64 -41.77
CA PHE D 831 -8.01 28.72 -40.79
C PHE D 831 -8.90 28.47 -39.57
N THR D 832 -10.13 28.00 -39.80
CA THR D 832 -10.99 27.66 -38.69
C THR D 832 -10.39 26.56 -37.83
N LEU D 833 -9.62 25.66 -38.45
CA LEU D 833 -8.90 24.67 -37.65
C LEU D 833 -7.75 25.30 -36.85
N ARG D 834 -7.08 26.30 -37.41
CA ARG D 834 -6.06 27.03 -36.66
C ARG D 834 -6.64 27.67 -35.42
N LEU D 835 -7.93 28.01 -35.48
CA LEU D 835 -8.60 28.59 -34.31
C LEU D 835 -8.46 27.70 -33.08
N ILE D 836 -8.37 26.38 -33.25
CA ILE D 836 -8.14 25.50 -32.12
C ILE D 836 -6.80 25.81 -31.47
N HIS D 837 -5.75 25.92 -32.27
CA HIS D 837 -4.43 26.21 -31.73
C HIS D 837 -4.37 27.57 -31.08
N ILE D 838 -5.19 28.52 -31.51
CA ILE D 838 -5.17 29.85 -30.88
C ILE D 838 -5.50 29.76 -29.40
N PHE D 839 -6.35 28.81 -29.01
CA PHE D 839 -6.77 28.66 -27.62
C PHE D 839 -5.91 27.67 -26.83
N ALA D 840 -4.70 27.38 -27.29
CA ALA D 840 -3.84 26.41 -26.62
C ALA D 840 -3.38 26.87 -25.25
N ILE D 841 -3.49 28.17 -24.94
CA ILE D 841 -2.99 28.70 -23.67
C ILE D 841 -4.06 28.67 -22.58
N HIS D 842 -5.28 28.27 -22.91
CA HIS D 842 -6.33 28.15 -21.91
C HIS D 842 -5.98 27.09 -20.88
N LYS D 843 -6.38 27.34 -19.64
CA LYS D 843 -6.02 26.46 -18.53
C LYS D 843 -6.57 25.06 -18.73
N GLN D 844 -7.79 24.95 -19.26
CA GLN D 844 -8.47 23.67 -19.37
C GLN D 844 -8.58 23.14 -20.80
N LEU D 845 -8.32 23.98 -21.81
CA LEU D 845 -8.52 23.55 -23.19
C LEU D 845 -7.28 22.91 -23.78
N GLY D 846 -6.08 23.39 -23.41
CA GLY D 846 -4.84 22.89 -23.96
C GLY D 846 -4.55 21.43 -23.66
N PRO D 847 -4.67 21.03 -22.38
CA PRO D 847 -4.49 19.61 -22.06
C PRO D 847 -5.44 18.69 -22.80
N LYS D 848 -6.65 19.16 -23.10
CA LYS D 848 -7.58 18.35 -23.88
C LYS D 848 -7.09 18.16 -25.31
N ILE D 849 -6.48 19.20 -25.88
CA ILE D 849 -5.90 19.09 -27.21
C ILE D 849 -4.76 18.07 -27.20
N ILE D 850 -3.91 18.12 -26.18
CA ILE D 850 -2.84 17.14 -26.06
C ILE D 850 -3.40 15.74 -25.91
N ILE D 851 -4.50 15.60 -25.15
CA ILE D 851 -5.12 14.29 -24.95
C ILE D 851 -5.65 13.74 -26.26
N VAL D 852 -6.27 14.60 -27.08
CA VAL D 852 -6.74 14.17 -28.40
C VAL D 852 -5.57 13.69 -29.25
N GLU D 853 -4.46 14.45 -29.22
CA GLU D 853 -3.27 14.01 -29.92
C GLU D 853 -2.81 12.64 -29.44
N ARG D 854 -2.99 12.35 -28.16
CA ARG D 854 -2.58 11.06 -27.63
C ARG D 854 -3.54 9.93 -28.03
N MET D 855 -4.82 10.25 -28.25
CA MET D 855 -5.81 9.24 -28.62
C MET D 855 -5.87 8.98 -30.12
N ILE D 856 -5.20 9.80 -30.93
CA ILE D 856 -5.12 9.53 -32.37
C ILE D 856 -4.64 8.11 -32.66
N LYS D 857 -3.80 7.55 -31.79
CA LYS D 857 -3.27 6.21 -32.04
C LYS D 857 -4.35 5.13 -31.88
N ASP D 858 -5.21 5.26 -30.88
CA ASP D 858 -6.35 4.35 -30.76
C ASP D 858 -7.28 4.52 -31.95
N VAL D 859 -7.45 5.76 -32.41
CA VAL D 859 -8.22 5.99 -33.63
C VAL D 859 -7.62 5.20 -34.78
N PHE D 860 -6.29 5.18 -34.87
CA PHE D 860 -5.62 4.50 -35.98
C PHE D 860 -5.77 2.98 -35.88
N PHE D 861 -5.73 2.43 -34.66
CA PHE D 861 -5.96 1.00 -34.50
C PHE D 861 -7.37 0.62 -34.96
N PHE D 862 -8.37 1.38 -34.50
CA PHE D 862 -9.73 1.17 -34.96
C PHE D 862 -9.82 1.27 -36.47
N LEU D 863 -9.11 2.24 -37.06
CA LEU D 863 -9.15 2.43 -38.50
C LEU D 863 -8.51 1.27 -39.25
N PHE D 864 -7.45 0.68 -38.72
CA PHE D 864 -6.86 -0.51 -39.35
C PHE D 864 -7.87 -1.66 -39.39
N PHE D 865 -8.44 -1.99 -38.23
CA PHE D 865 -9.38 -3.12 -38.20
C PHE D 865 -10.59 -2.84 -39.10
N LEU D 866 -11.14 -1.62 -38.99
CA LEU D 866 -12.29 -1.24 -39.80
C LEU D 866 -11.96 -1.26 -41.28
N SER D 867 -10.77 -0.81 -41.67
CA SER D 867 -10.40 -0.80 -43.07
C SER D 867 -10.34 -2.21 -43.63
N VAL D 868 -9.73 -3.14 -42.89
CA VAL D 868 -9.65 -4.51 -43.38
C VAL D 868 -11.05 -5.10 -43.57
N TRP D 869 -11.88 -5.01 -42.52
CA TRP D 869 -13.21 -5.61 -42.61
C TRP D 869 -14.06 -4.91 -43.67
N LEU D 870 -13.92 -3.59 -43.78
CA LEU D 870 -14.70 -2.81 -44.74
C LEU D 870 -14.34 -3.15 -46.17
N ILE D 871 -13.04 -3.28 -46.46
CA ILE D 871 -12.64 -3.65 -47.81
C ILE D 871 -13.16 -5.05 -48.15
N ALA D 872 -13.02 -5.99 -47.22
CA ALA D 872 -13.51 -7.34 -47.48
C ALA D 872 -15.00 -7.34 -47.78
N TYR D 873 -15.80 -6.75 -46.88
CA TYR D 873 -17.24 -6.77 -47.04
C TYR D 873 -17.68 -6.01 -48.29
N GLY D 874 -17.10 -4.82 -48.53
CA GLY D 874 -17.52 -4.02 -49.65
C GLY D 874 -17.23 -4.68 -50.98
N VAL D 875 -16.02 -5.22 -51.15
CA VAL D 875 -15.70 -5.85 -52.43
C VAL D 875 -16.52 -7.12 -52.61
N THR D 876 -16.72 -7.89 -51.54
CA THR D 876 -17.54 -9.09 -51.66
C THR D 876 -18.97 -8.75 -52.06
N THR D 877 -19.55 -7.70 -51.45
CA THR D 877 -20.92 -7.32 -51.78
C THR D 877 -21.02 -6.75 -53.18
N GLN D 878 -20.02 -5.98 -53.61
CA GLN D 878 -19.99 -5.49 -54.99
C GLN D 878 -19.95 -6.65 -55.98
N ALA D 879 -19.13 -7.67 -55.70
CA ALA D 879 -19.07 -8.82 -56.59
C ALA D 879 -20.38 -9.60 -56.60
N LEU D 880 -20.98 -9.79 -55.43
CA LEU D 880 -22.21 -10.58 -55.32
C LEU D 880 -23.43 -9.86 -55.89
N LEU D 881 -23.43 -8.53 -55.90
CA LEU D 881 -24.64 -7.76 -56.13
C LEU D 881 -24.67 -7.05 -57.47
N HIS D 882 -23.53 -6.54 -57.95
CA HIS D 882 -23.45 -5.90 -59.26
C HIS D 882 -22.25 -6.45 -60.02
N PRO D 883 -22.33 -7.72 -60.45
CA PRO D 883 -21.20 -8.30 -61.20
C PRO D 883 -21.00 -7.68 -62.57
N ASN D 884 -22.00 -7.03 -63.14
CA ASN D 884 -21.97 -6.54 -64.50
C ASN D 884 -21.76 -5.03 -64.62
N ASP D 885 -21.51 -4.33 -63.51
CA ASP D 885 -21.31 -2.89 -63.55
C ASP D 885 -19.84 -2.60 -63.84
N PRO D 886 -19.53 -1.95 -64.96
CA PRO D 886 -18.12 -1.68 -65.29
C PRO D 886 -17.59 -0.35 -64.81
N ARG D 887 -18.43 0.52 -64.27
CA ARG D 887 -18.01 1.88 -63.92
C ARG D 887 -17.12 1.84 -62.68
N ILE D 888 -15.90 2.36 -62.80
CA ILE D 888 -14.95 2.31 -61.72
C ILE D 888 -15.41 3.17 -60.55
N ASP D 889 -15.99 4.34 -60.84
CA ASP D 889 -16.43 5.23 -59.78
C ASP D 889 -17.51 4.57 -58.92
N TRP D 890 -18.45 3.88 -59.56
CA TRP D 890 -19.51 3.21 -58.79
C TRP D 890 -18.99 1.95 -58.10
N VAL D 891 -18.00 1.28 -58.69
CA VAL D 891 -17.35 0.17 -57.99
C VAL D 891 -16.75 0.66 -56.68
N PHE D 892 -15.98 1.74 -56.73
CA PHE D 892 -15.39 2.29 -55.51
C PHE D 892 -16.46 2.83 -54.57
N ARG D 893 -17.53 3.43 -55.10
CA ARG D 893 -18.64 3.85 -54.27
C ARG D 893 -19.17 2.69 -53.44
N ARG D 894 -19.71 1.66 -54.12
CA ARG D 894 -20.33 0.54 -53.41
C ARG D 894 -19.33 -0.28 -52.61
N ALA D 895 -18.02 -0.17 -52.90
CA ALA D 895 -17.05 -0.97 -52.17
C ALA D 895 -16.49 -0.26 -50.95
N LEU D 896 -16.47 1.06 -50.92
CA LEU D 896 -15.88 1.72 -49.76
C LEU D 896 -16.79 2.77 -49.14
N TYR D 897 -17.53 3.54 -49.94
CA TYR D 897 -18.30 4.65 -49.41
C TYR D 897 -19.51 4.17 -48.63
N ARG D 898 -20.20 3.15 -49.15
CA ARG D 898 -21.37 2.61 -48.45
C ARG D 898 -21.01 1.88 -47.17
N PRO D 899 -20.08 0.90 -47.18
CA PRO D 899 -19.73 0.23 -45.91
C PRO D 899 -19.18 1.20 -44.88
N TYR D 900 -18.50 2.25 -45.31
CA TYR D 900 -18.03 3.26 -44.37
C TYR D 900 -19.19 3.98 -43.72
N LEU D 901 -20.22 4.31 -44.49
CA LEU D 901 -21.39 4.97 -43.93
C LEU D 901 -22.21 4.03 -43.06
N HIS D 902 -22.05 2.72 -43.22
CA HIS D 902 -22.70 1.78 -42.31
C HIS D 902 -22.29 2.02 -40.87
N ILE D 903 -21.09 2.58 -40.66
CA ILE D 903 -20.60 2.83 -39.30
C ILE D 903 -21.44 3.87 -38.59
N PHE D 904 -21.93 4.86 -39.34
CA PHE D 904 -22.71 5.96 -38.77
C PHE D 904 -24.22 5.74 -38.90
N GLY D 905 -24.65 4.49 -38.96
CA GLY D 905 -26.07 4.18 -39.01
C GLY D 905 -26.73 4.37 -40.35
N GLN D 906 -25.96 4.59 -41.41
CA GLN D 906 -26.52 4.74 -42.75
C GLN D 906 -26.50 3.39 -43.44
N ILE D 907 -27.59 2.64 -43.27
CA ILE D 907 -27.72 1.32 -43.87
C ILE D 907 -28.82 1.35 -44.92
N PRO D 908 -28.50 1.55 -46.19
CA PRO D 908 -29.50 1.59 -47.27
C PRO D 908 -29.90 0.19 -47.77
N LEU D 909 -30.85 -0.42 -47.07
CA LEU D 909 -31.33 -1.74 -47.45
C LEU D 909 -32.06 -1.74 -48.78
N GLU D 910 -32.41 -0.57 -49.32
CA GLU D 910 -33.12 -0.51 -50.59
C GLU D 910 -32.27 -0.98 -51.76
N GLU D 911 -30.96 -1.10 -51.59
CA GLU D 911 -30.09 -1.63 -52.64
C GLU D 911 -29.23 -2.79 -52.15
N ILE D 912 -29.58 -3.39 -51.01
CA ILE D 912 -28.84 -4.54 -50.49
C ILE D 912 -29.78 -5.73 -50.36
N ASP D 913 -31.06 -5.44 -50.11
CA ASP D 913 -32.06 -6.47 -49.84
C ASP D 913 -33.07 -6.47 -50.99
N ALA D 914 -33.26 -7.64 -51.60
CA ALA D 914 -34.13 -7.74 -52.77
C ALA D 914 -35.58 -7.42 -52.43
N ALA D 915 -36.05 -7.87 -51.27
CA ALA D 915 -37.43 -7.61 -50.89
C ALA D 915 -37.71 -6.13 -50.70
N LYS D 916 -36.67 -5.33 -50.52
CA LYS D 916 -36.80 -3.89 -50.32
C LYS D 916 -36.36 -3.08 -51.54
N MET D 917 -35.93 -3.74 -52.61
CA MET D 917 -35.39 -3.03 -53.77
C MET D 917 -36.53 -2.43 -54.59
N PRO D 918 -36.53 -1.13 -54.85
CA PRO D 918 -37.61 -0.54 -55.63
C PRO D 918 -37.63 -1.06 -57.06
N ASP D 919 -38.84 -1.23 -57.59
CA ASP D 919 -39.02 -1.80 -58.93
C ASP D 919 -39.14 -0.70 -59.99
N ASP D 920 -38.17 0.20 -59.99
CA ASP D 920 -38.01 1.13 -61.10
C ASP D 920 -37.32 0.41 -62.25
N ASN D 921 -37.73 0.70 -63.49
CA ASN D 921 -37.23 -0.10 -64.60
C ASN D 921 -35.76 0.22 -64.86
N CYS D 922 -34.96 -0.82 -64.92
CA CYS D 922 -33.50 -0.74 -64.94
C CYS D 922 -32.95 -1.74 -65.94
N THR D 923 -31.76 -1.47 -66.44
CA THR D 923 -31.21 -2.19 -67.58
C THR D 923 -30.13 -3.18 -67.15
N THR D 924 -30.00 -4.24 -67.92
CA THR D 924 -28.91 -5.21 -67.78
C THR D 924 -27.92 -5.10 -68.93
N ASP D 925 -28.07 -4.13 -69.81
CA ASP D 925 -27.17 -3.93 -70.95
C ASP D 925 -25.98 -3.10 -70.51
N VAL D 926 -24.78 -3.57 -70.86
CA VAL D 926 -23.56 -2.91 -70.42
C VAL D 926 -23.47 -1.49 -70.98
N GLN D 927 -23.79 -1.32 -72.26
CA GLN D 927 -23.72 0.01 -72.87
C GLN D 927 -24.69 0.97 -72.22
N GLU D 928 -25.91 0.51 -71.92
CA GLU D 928 -26.89 1.38 -71.28
C GLU D 928 -26.49 1.70 -69.85
N ILE D 929 -25.81 0.77 -69.17
CA ILE D 929 -25.32 1.05 -67.83
C ILE D 929 -24.22 2.11 -67.88
N ILE D 930 -23.30 1.98 -68.84
CA ILE D 930 -22.20 2.93 -68.95
C ILE D 930 -22.72 4.32 -69.31
N LEU D 931 -23.67 4.39 -70.25
CA LEU D 931 -24.23 5.68 -70.65
C LEU D 931 -25.02 6.34 -69.54
N GLY D 932 -25.46 5.57 -68.53
CA GLY D 932 -26.22 6.13 -67.44
C GLY D 932 -27.68 6.39 -67.74
N THR D 933 -28.20 5.86 -68.85
CA THR D 933 -29.61 6.07 -69.17
C THR D 933 -30.52 5.39 -68.14
N LEU D 934 -30.11 4.22 -67.65
CA LEU D 934 -30.85 3.51 -66.62
C LEU D 934 -29.87 2.93 -65.61
N PRO D 935 -30.28 2.82 -64.34
CA PRO D 935 -29.42 2.18 -63.36
C PRO D 935 -29.25 0.71 -63.65
N PRO D 936 -28.14 0.10 -63.25
CA PRO D 936 -27.96 -1.34 -63.48
C PRO D 936 -28.90 -2.16 -62.61
N CYS D 937 -29.22 -3.35 -63.09
CA CYS D 937 -30.07 -4.26 -62.33
C CYS D 937 -29.24 -5.01 -61.30
N PRO D 938 -29.51 -4.86 -60.01
CA PRO D 938 -28.72 -5.59 -59.00
C PRO D 938 -29.03 -7.08 -59.05
N ASN D 939 -27.98 -7.88 -59.12
CA ASN D 939 -28.13 -9.33 -59.15
C ASN D 939 -28.67 -9.83 -57.82
N ILE D 940 -29.67 -10.69 -57.87
CA ILE D 940 -30.30 -11.23 -56.66
C ILE D 940 -30.18 -12.74 -56.64
N TYR D 941 -29.11 -13.26 -57.25
CA TYR D 941 -28.94 -14.71 -57.34
C TYR D 941 -28.93 -15.35 -55.97
N ALA D 942 -27.93 -15.01 -55.15
CA ALA D 942 -27.87 -15.49 -53.76
C ALA D 942 -27.89 -14.25 -52.87
N ASN D 943 -29.10 -13.78 -52.56
CA ASN D 943 -29.26 -12.61 -51.73
C ASN D 943 -29.24 -12.92 -50.24
N TRP D 944 -29.57 -14.16 -49.86
CA TRP D 944 -29.43 -14.57 -48.47
C TRP D 944 -27.99 -14.40 -48.01
N LEU D 945 -27.03 -14.68 -48.89
CA LEU D 945 -25.63 -14.47 -48.54
C LEU D 945 -25.32 -13.00 -48.35
N VAL D 946 -25.88 -12.14 -49.20
CA VAL D 946 -25.65 -10.70 -49.05
C VAL D 946 -26.20 -10.21 -47.72
N ILE D 947 -27.42 -10.64 -47.36
CA ILE D 947 -28.02 -10.21 -46.10
C ILE D 947 -27.23 -10.76 -44.91
N LEU D 948 -26.79 -12.02 -44.99
CA LEU D 948 -26.01 -12.61 -43.91
C LEU D 948 -24.68 -11.88 -43.75
N LEU D 949 -24.03 -11.53 -44.86
CA LEU D 949 -22.77 -10.80 -44.78
C LEU D 949 -22.99 -9.41 -44.19
N LEU D 950 -24.09 -8.75 -44.57
CA LEU D 950 -24.41 -7.46 -43.98
C LEU D 950 -24.62 -7.60 -42.47
N VAL D 951 -25.33 -8.64 -42.05
CA VAL D 951 -25.58 -8.86 -40.63
C VAL D 951 -24.26 -9.05 -39.88
N ILE D 952 -23.39 -9.90 -40.41
CA ILE D 952 -22.11 -10.17 -39.73
C ILE D 952 -21.24 -8.93 -39.70
N TYR D 953 -21.16 -8.20 -40.81
CA TYR D 953 -20.34 -7.00 -40.87
C TYR D 953 -20.86 -5.94 -39.91
N LEU D 954 -22.18 -5.76 -39.86
CA LEU D 954 -22.75 -4.81 -38.92
C LEU D 954 -22.43 -5.20 -37.50
N LEU D 955 -22.64 -6.47 -37.14
CA LEU D 955 -22.25 -6.94 -35.82
C LEU D 955 -20.82 -6.55 -35.50
N VAL D 956 -19.87 -7.05 -36.31
CA VAL D 956 -18.46 -6.82 -36.04
C VAL D 956 -18.17 -5.33 -35.88
N THR D 957 -18.38 -4.56 -36.95
CA THR D 957 -17.93 -3.18 -36.96
C THR D 957 -18.69 -2.33 -35.96
N ASN D 958 -20.02 -2.36 -35.98
CA ASN D 958 -20.81 -1.45 -35.18
C ASN D 958 -20.89 -1.86 -33.71
N VAL D 959 -20.50 -3.08 -33.35
CA VAL D 959 -20.55 -3.45 -31.95
C VAL D 959 -19.13 -3.61 -31.43
N LEU D 960 -18.41 -4.62 -31.94
CA LEU D 960 -17.14 -4.99 -31.34
C LEU D 960 -16.11 -3.89 -31.52
N LEU D 961 -15.92 -3.43 -32.76
CA LEU D 961 -14.87 -2.44 -33.02
C LEU D 961 -15.19 -1.10 -32.37
N LEU D 962 -16.44 -0.66 -32.46
CA LEU D 962 -16.80 0.65 -31.93
C LEU D 962 -16.69 0.67 -30.40
N ASN D 963 -17.22 -0.35 -29.72
CA ASN D 963 -17.15 -0.34 -28.28
C ASN D 963 -15.74 -0.65 -27.78
N LEU D 964 -14.96 -1.40 -28.55
CA LEU D 964 -13.55 -1.57 -28.23
C LEU D 964 -12.81 -0.25 -28.32
N LEU D 965 -13.13 0.57 -29.33
CA LEU D 965 -12.54 1.89 -29.44
C LEU D 965 -12.93 2.77 -28.26
N ILE D 966 -14.18 2.66 -27.82
CA ILE D 966 -14.62 3.41 -26.63
C ILE D 966 -13.80 2.99 -25.41
N ALA D 967 -13.60 1.69 -25.23
CA ALA D 967 -12.81 1.19 -24.11
C ALA D 967 -11.37 1.67 -24.20
N MET D 968 -10.79 1.66 -25.40
CA MET D 968 -9.41 2.13 -25.56
C MET D 968 -9.29 3.61 -25.24
N PHE D 969 -10.24 4.43 -25.68
CA PHE D 969 -10.22 5.84 -25.28
C PHE D 969 -10.33 6.00 -23.77
N SER D 970 -11.20 5.23 -23.12
CA SER D 970 -11.32 5.34 -21.66
C SER D 970 -9.98 5.07 -20.98
N TYR D 971 -9.35 3.94 -21.34
CA TYR D 971 -8.08 3.58 -20.71
C TYR D 971 -7.00 4.62 -21.03
N THR D 972 -6.93 5.07 -22.29
CA THR D 972 -5.91 6.03 -22.68
C THR D 972 -6.08 7.35 -21.95
N PHE D 973 -7.32 7.83 -21.81
CA PHE D 973 -7.57 9.05 -21.06
C PHE D 973 -7.06 8.90 -19.63
N GLN D 974 -7.45 7.80 -18.98
CA GLN D 974 -7.09 7.63 -17.57
C GLN D 974 -5.57 7.53 -17.39
N VAL D 975 -4.86 6.94 -18.35
CA VAL D 975 -3.42 6.79 -18.22
C VAL D 975 -2.62 7.94 -18.82
N VAL D 976 -3.27 8.88 -19.50
CA VAL D 976 -2.55 9.95 -20.18
C VAL D 976 -2.74 11.32 -19.53
N GLN D 977 -3.87 11.56 -18.83
CA GLN D 977 -4.23 12.90 -18.40
C GLN D 977 -3.09 13.64 -17.70
N GLU D 978 -2.37 12.96 -16.80
CA GLU D 978 -1.36 13.64 -15.99
C GLU D 978 -0.17 14.11 -16.83
N ASN D 979 0.35 13.22 -17.67
CA ASN D 979 1.46 13.59 -18.54
C ASN D 979 1.02 14.67 -19.53
N ALA D 980 -0.23 14.60 -19.97
CA ALA D 980 -0.77 15.65 -20.85
C ALA D 980 -0.77 16.99 -20.14
N ASP D 981 -1.13 17.01 -18.85
CA ASP D 981 -1.11 18.27 -18.09
C ASP D 981 0.30 18.81 -17.92
N ILE D 982 1.27 17.93 -17.64
CA ILE D 982 2.66 18.38 -17.51
C ILE D 982 3.15 18.97 -18.83
N PHE D 983 2.84 18.29 -19.94
CA PHE D 983 3.20 18.79 -21.26
C PHE D 983 2.53 20.14 -21.52
N TRP D 984 1.28 20.31 -21.10
CA TRP D 984 0.62 21.59 -21.29
C TRP D 984 1.31 22.70 -20.52
N LYS D 985 1.74 22.41 -19.28
CA LYS D 985 2.45 23.45 -18.53
C LYS D 985 3.75 23.85 -19.23
N PHE D 986 4.49 22.85 -19.73
CA PHE D 986 5.71 23.17 -20.48
C PHE D 986 5.41 24.01 -21.71
N GLN D 987 4.35 23.66 -22.45
CA GLN D 987 3.96 24.42 -23.63
C GLN D 987 3.47 25.82 -23.27
N ARG D 988 2.78 25.95 -22.14
CA ARG D 988 2.32 27.25 -21.67
C ARG D 988 3.47 28.19 -21.39
N TYR D 989 4.58 27.65 -20.88
CA TYR D 989 5.77 28.49 -20.73
C TYR D 989 6.14 29.16 -22.05
N ASN D 990 6.28 28.38 -23.12
CA ASN D 990 6.68 28.93 -24.40
C ASN D 990 5.62 29.88 -24.96
N LEU D 991 4.35 29.53 -24.79
CA LEU D 991 3.28 30.40 -25.27
C LEU D 991 3.32 31.75 -24.58
N ILE D 992 3.56 31.77 -23.27
CA ILE D 992 3.64 33.03 -22.54
C ILE D 992 4.90 33.80 -22.93
N VAL D 993 6.01 33.11 -23.15
CA VAL D 993 7.24 33.79 -23.56
C VAL D 993 7.06 34.44 -24.94
N GLU D 994 6.25 33.82 -25.80
CA GLU D 994 6.05 34.37 -27.14
C GLU D 994 5.48 35.79 -27.14
N TYR D 995 4.83 36.20 -26.05
CA TYR D 995 4.21 37.52 -26.01
C TYR D 995 5.18 38.65 -25.66
N HIS D 996 6.43 38.32 -25.31
CA HIS D 996 7.37 39.39 -24.96
C HIS D 996 7.70 40.26 -26.16
N SER D 997 7.91 39.66 -27.33
CA SER D 997 8.18 40.42 -28.54
C SER D 997 6.94 40.63 -29.40
N ARG D 998 5.80 40.11 -28.99
CA ARG D 998 4.58 40.23 -29.79
C ARG D 998 4.00 41.63 -29.61
N PRO D 999 3.74 42.36 -30.70
CA PRO D 999 3.15 43.69 -30.57
C PRO D 999 1.73 43.64 -30.00
N ALA D 1000 1.35 44.73 -29.34
CA ALA D 1000 0.06 44.80 -28.67
C ALA D 1000 -1.11 45.02 -29.62
N LEU D 1001 -0.85 45.27 -30.91
CA LEU D 1001 -1.91 45.48 -31.89
C LEU D 1001 -2.17 44.20 -32.65
N ALA D 1002 -3.43 43.78 -32.68
CA ALA D 1002 -3.83 42.61 -33.44
C ALA D 1002 -3.97 42.95 -34.92
N PRO D 1003 -3.89 41.95 -35.80
CA PRO D 1003 -4.10 42.21 -37.21
C PRO D 1003 -5.52 42.69 -37.46
N PRO D 1004 -5.74 43.53 -38.49
CA PRO D 1004 -4.74 43.95 -39.47
C PRO D 1004 -3.94 45.16 -39.00
N PHE D 1005 -4.29 45.66 -37.81
CA PHE D 1005 -3.60 46.83 -37.25
C PHE D 1005 -2.15 46.54 -36.91
N ILE D 1006 -1.75 45.26 -36.91
CA ILE D 1006 -0.37 44.90 -36.62
C ILE D 1006 0.58 45.39 -37.69
N ILE D 1007 0.06 45.80 -38.84
CA ILE D 1007 0.90 46.40 -39.87
C ILE D 1007 1.51 47.70 -39.37
N ILE D 1008 0.77 48.44 -38.54
CA ILE D 1008 1.31 49.67 -37.96
C ILE D 1008 2.52 49.35 -37.09
N SER D 1009 2.40 48.31 -36.25
CA SER D 1009 3.50 47.93 -35.39
C SER D 1009 4.70 47.44 -36.21
N HIS D 1010 4.43 46.66 -37.26
CA HIS D 1010 5.52 46.16 -38.10
C HIS D 1010 6.28 47.31 -38.76
N ILE D 1011 5.53 48.27 -39.33
CA ILE D 1011 6.17 49.42 -39.98
C ILE D 1011 6.94 50.24 -38.95
N THR D 1012 6.35 50.45 -37.77
CA THR D 1012 7.02 51.25 -36.74
C THR D 1012 8.32 50.60 -36.32
N GLN D 1013 8.30 49.28 -36.09
CA GLN D 1013 9.53 48.59 -35.69
C GLN D 1013 10.57 48.61 -36.79
N ALA D 1014 10.15 48.40 -38.04
CA ALA D 1014 11.11 48.43 -39.15
C ALA D 1014 11.74 49.81 -39.29
N LEU D 1015 10.93 50.86 -39.19
CA LEU D 1015 11.46 52.22 -39.28
C LEU D 1015 12.40 52.54 -38.13
N LEU D 1016 12.04 52.13 -36.91
CA LEU D 1016 12.90 52.39 -35.76
C LEU D 1016 14.22 51.64 -35.88
N SER D 1017 14.19 50.40 -36.37
CA SER D 1017 15.42 49.64 -36.55
C SER D 1017 16.30 50.25 -37.62
N PHE D 1018 15.71 50.62 -38.77
CA PHE D 1018 16.50 51.18 -39.86
C PHE D 1018 17.09 52.54 -39.47
N ILE D 1019 16.30 53.39 -38.82
CA ILE D 1019 16.79 54.71 -38.44
C ILE D 1019 17.81 54.60 -37.32
N LYS D 1020 17.53 53.79 -36.31
CA LYS D 1020 18.44 53.63 -35.18
C LYS D 1020 19.23 52.33 -35.28
N ASP D 1027 12.89 42.81 -20.45
CA ASP D 1027 11.99 41.68 -20.25
C ASP D 1027 11.91 41.29 -18.78
N LEU D 1028 10.74 40.81 -18.35
CA LEU D 1028 10.60 40.31 -17.00
C LEU D 1028 11.53 39.12 -16.76
N LEU D 1029 11.64 38.25 -17.76
CA LEU D 1029 12.52 37.10 -17.69
C LEU D 1029 13.91 37.48 -18.17
N GLU D 1030 14.91 36.67 -17.77
CA GLU D 1030 16.28 36.79 -18.25
C GLU D 1030 16.84 38.19 -18.02
N ARG D 1031 17.03 38.52 -16.75
CA ARG D 1031 17.54 39.83 -16.35
C ARG D 1031 18.93 39.68 -15.73
N GLU D 1032 19.77 40.69 -15.97
CA GLU D 1032 21.11 40.73 -15.39
C GLU D 1032 21.10 41.63 -14.16
N LEU D 1033 21.58 41.10 -13.04
CA LEU D 1033 21.55 41.78 -11.76
C LEU D 1033 22.90 42.38 -11.42
N PRO D 1034 22.93 43.39 -10.55
CA PRO D 1034 24.22 43.92 -10.07
C PRO D 1034 24.98 42.86 -9.28
N SER D 1035 26.27 43.12 -9.09
CA SER D 1035 27.15 42.11 -8.51
C SER D 1035 26.74 41.77 -7.07
N GLY D 1036 26.40 42.78 -6.27
CA GLY D 1036 26.05 42.51 -4.88
C GLY D 1036 24.80 41.66 -4.74
N LEU D 1037 23.75 42.02 -5.48
CA LEU D 1037 22.50 41.25 -5.42
C LEU D 1037 22.71 39.84 -5.97
N ASP D 1038 23.50 39.71 -7.03
CA ASP D 1038 23.75 38.39 -7.60
C ASP D 1038 24.51 37.49 -6.63
N GLN D 1039 25.50 38.06 -5.93
CA GLN D 1039 26.21 37.29 -4.90
C GLN D 1039 25.29 36.92 -3.75
N LYS D 1040 24.44 37.86 -3.33
CA LYS D 1040 23.49 37.57 -2.26
C LYS D 1040 22.56 36.43 -2.65
N LEU D 1041 22.11 36.43 -3.91
CA LEU D 1041 21.19 35.40 -4.37
C LEU D 1041 21.87 34.05 -4.47
N MET D 1042 23.12 34.00 -4.95
CA MET D 1042 23.82 32.71 -4.99
C MET D 1042 24.11 32.19 -3.58
N THR D 1043 24.46 33.08 -2.65
CA THR D 1043 24.66 32.67 -1.26
C THR D 1043 23.36 32.14 -0.66
N TRP D 1044 22.24 32.80 -0.94
CA TRP D 1044 20.95 32.32 -0.47
C TRP D 1044 20.61 30.97 -1.08
N GLU D 1045 20.92 30.77 -2.36
CA GLU D 1045 20.69 29.48 -3.00
C GLU D 1045 21.52 28.39 -2.33
N THR D 1046 22.78 28.69 -2.03
CA THR D 1046 23.63 27.70 -1.37
C THR D 1046 23.11 27.37 0.02
N VAL D 1047 22.64 28.37 0.76
CA VAL D 1047 22.09 28.12 2.09
C VAL D 1047 20.83 27.27 1.99
N GLN D 1048 19.97 27.56 1.02
CA GLN D 1048 18.76 26.75 0.83
C GLN D 1048 19.12 25.31 0.45
N LYS D 1049 20.15 25.14 -0.38
CA LYS D 1049 20.59 23.80 -0.74
C LYS D 1049 21.13 23.05 0.47
N GLU D 1050 21.90 23.74 1.31
CA GLU D 1050 22.38 23.11 2.54
C GLU D 1050 21.23 22.70 3.44
N ASN D 1051 20.22 23.55 3.57
CA ASN D 1051 19.04 23.20 4.35
C ASN D 1051 18.33 21.99 3.76
N TYR D 1052 18.17 21.96 2.43
CA TYR D 1052 17.53 20.83 1.77
C TYR D 1052 18.29 19.53 2.02
N LEU D 1053 19.62 19.56 1.87
CA LEU D 1053 20.42 18.36 2.08
C LEU D 1053 20.38 17.92 3.54
N ALA D 1054 20.42 18.87 4.47
CA ALA D 1054 20.34 18.54 5.88
C ALA D 1054 19.01 17.91 6.22
N LYS D 1055 17.91 18.44 5.67
CA LYS D 1055 16.60 17.86 5.91
C LYS D 1055 16.49 16.46 5.31
N LEU D 1056 17.07 16.25 4.13
CA LEU D 1056 17.07 14.92 3.53
C LEU D 1056 17.82 13.93 4.42
N GLU D 1057 19.03 14.32 4.86
CA GLU D 1057 19.83 13.42 5.69
C GLU D 1057 19.14 13.17 7.03
N HIS D 1058 18.44 14.17 7.55
CA HIS D 1058 17.71 13.99 8.81
C HIS D 1058 16.56 13.00 8.62
N GLU D 1059 15.69 13.24 7.63
CA GLU D 1059 14.54 12.36 7.45
C GLU D 1059 14.99 10.95 7.07
N HIS D 1060 16.20 10.81 6.51
CA HIS D 1060 16.77 9.49 6.32
C HIS D 1060 17.23 8.89 7.65
N ARG D 1061 17.82 9.72 8.52
CA ARG D 1061 18.44 9.20 9.73
C ARG D 1061 17.40 8.69 10.73
N GLU D 1062 16.25 9.34 10.84
CA GLU D 1062 15.15 8.85 11.66
C GLU D 1062 14.10 8.11 10.85
N SER D 1063 14.52 7.35 9.84
CA SER D 1063 13.63 6.43 9.16
C SER D 1063 13.58 5.10 9.91
N SER D 1064 12.54 4.32 9.64
CA SER D 1064 12.35 3.05 10.35
C SER D 1064 13.47 2.07 10.03
N GLY D 1065 13.90 2.01 8.77
CA GLY D 1065 14.96 1.09 8.40
C GLY D 1065 16.28 1.43 9.05
N GLU D 1066 16.64 2.71 9.08
CA GLU D 1066 17.88 3.11 9.73
C GLU D 1066 17.82 2.88 11.23
N ARG D 1067 16.65 3.10 11.84
CA ARG D 1067 16.51 2.79 13.27
C ARG D 1067 16.69 1.30 13.52
N LEU D 1068 16.11 0.45 12.68
CA LEU D 1068 16.29 -0.99 12.86
C LEU D 1068 17.74 -1.40 12.67
N ARG D 1069 18.42 -0.83 11.67
CA ARG D 1069 19.83 -1.13 11.46
C ARG D 1069 20.67 -0.71 12.66
N TYR D 1070 20.44 0.50 13.17
CA TYR D 1070 21.16 0.99 14.33
C TYR D 1070 20.92 0.10 15.54
N THR D 1071 19.65 -0.26 15.78
CA THR D 1071 19.33 -1.10 16.93
C THR D 1071 19.98 -2.46 16.82
N SER D 1072 19.95 -3.07 15.63
CA SER D 1072 20.57 -4.39 15.46
C SER D 1072 22.08 -4.33 15.69
N SER D 1073 22.76 -3.35 15.08
CA SER D 1073 24.20 -3.26 15.24
C SER D 1073 24.59 -3.00 16.70
N LYS D 1074 23.90 -2.06 17.35
CA LYS D 1074 24.23 -1.74 18.73
C LYS D 1074 23.87 -2.87 19.67
N VAL D 1075 22.80 -3.62 19.39
CA VAL D 1075 22.47 -4.77 20.22
C VAL D 1075 23.53 -5.86 20.08
N GLN D 1076 24.02 -6.08 18.85
CA GLN D 1076 25.11 -7.05 18.67
C GLN D 1076 26.36 -6.65 19.45
N THR D 1077 26.77 -5.39 19.31
CA THR D 1077 27.95 -4.93 20.02
C THR D 1077 27.76 -5.00 21.53
N LEU D 1078 26.58 -4.60 22.00
CA LEU D 1078 26.27 -4.64 23.43
C LEU D 1078 26.27 -6.08 23.95
N LEU D 1079 25.76 -7.01 23.15
CA LEU D 1079 25.77 -8.40 23.56
C LEU D 1079 27.19 -8.92 23.67
N ARG D 1080 28.06 -8.57 22.73
CA ARG D 1080 29.45 -9.00 22.83
C ARG D 1080 30.14 -8.42 24.06
N MET D 1081 29.93 -7.12 24.31
CA MET D 1081 30.56 -6.50 25.48
C MET D 1081 30.02 -7.07 26.78
N VAL D 1082 28.71 -7.31 26.86
CA VAL D 1082 28.13 -7.88 28.07
C VAL D 1082 28.57 -9.33 28.24
N GLY D 1083 28.81 -10.05 27.15
CA GLY D 1083 29.37 -11.38 27.28
C GLY D 1083 30.78 -11.36 27.82
N GLY D 1084 31.59 -10.39 27.38
CA GLY D 1084 32.90 -10.21 27.98
C GLY D 1084 32.82 -9.87 29.46
N PHE D 1085 31.87 -9.01 29.82
CA PHE D 1085 31.69 -8.66 31.23
C PHE D 1085 31.24 -9.88 32.05
N LYS D 1086 30.36 -10.70 31.47
CA LYS D 1086 29.93 -11.93 32.15
C LYS D 1086 31.07 -12.92 32.31
N ASP D 1087 31.95 -13.01 31.30
CA ASP D 1087 33.14 -13.85 31.45
C ASP D 1087 34.04 -13.33 32.58
N GLN D 1088 34.21 -12.01 32.65
CA GLN D 1088 35.00 -11.44 33.75
C GLN D 1088 34.37 -11.73 35.09
N GLU D 1089 33.04 -11.63 35.18
CA GLU D 1089 32.34 -11.92 36.44
C GLU D 1089 32.50 -13.38 36.82
N LYS D 1090 32.40 -14.29 35.84
CA LYS D 1090 32.61 -15.70 36.12
C LYS D 1090 34.03 -15.96 36.61
N ARG D 1091 35.02 -15.28 36.01
CA ARG D 1091 36.38 -15.37 36.53
C ARG D 1091 36.49 -14.78 37.92
N MET D 1092 35.84 -13.65 38.16
CA MET D 1092 35.87 -13.00 39.48
C MET D 1092 34.86 -13.63 40.43
C1 NAG E . -55.95 0.22 -55.17
C2 NAG E . -54.53 0.08 -55.72
C3 NAG E . -54.61 0.23 -57.23
C4 NAG E . -55.64 -0.74 -57.83
C5 NAG E . -56.95 -0.74 -57.07
C6 NAG E . -57.86 -1.86 -57.57
C7 NAG E . -53.15 2.12 -55.71
C8 NAG E . -53.89 3.40 -55.46
N2 NAG E . -53.64 1.05 -55.09
O3 NAG E . -53.33 -0.03 -57.82
O4 NAG E . -55.89 -0.37 -59.19
O5 NAG E . -56.75 -0.86 -55.66
O6 NAG E . -59.23 -1.45 -57.49
O7 NAG E . -52.16 2.06 -56.42
CA CA F . -0.67 -20.35 -41.89
CA CA G . 23.47 -42.48 21.03
O1 YUS H . -11.19 -8.39 -36.71
O2 YUS H . -11.08 -10.63 -38.01
C1 YUS H . -8.45 -12.72 -34.43
C2 YUS H . -9.11 -11.56 -35.04
N1 YUS H . -8.44 -13.86 -35.01
C7 YUS H . -10.42 -10.61 -36.82
C6 YUS H . -11.35 -7.18 -36.00
C5 YUS H . -10.45 -9.38 -36.13
C4 YUS H . -9.78 -9.25 -34.92
C3 YUS H . -9.12 -10.34 -34.39
C8 YUS H . -11.07 -11.85 -38.73
C9 YUS H . -9.76 -11.69 -36.27
C10 YUS H . -8.41 -16.29 -36.23
C11 YUS H . -9.93 -16.28 -36.28
C12 YUS H . -10.62 -15.91 -37.47
C13 YUS H . -9.97 -15.53 -38.66
C14 YUS H . -10.67 -15.18 -39.78
N YUS H . -7.98 -14.92 -34.27
C YUS H . -7.94 -16.16 -34.79
O YUS H . -7.55 -17.13 -34.16
C15 YUS H . -12.05 -15.18 -39.77
C16 YUS H . -12.74 -15.53 -38.64
C17 YUS H . -12.05 -15.90 -37.47
C18 YUS H . -12.74 -16.28 -36.28
C19 YUS H . -12.03 -16.63 -35.16
C20 YUS H . -10.65 -16.64 -35.17
C1 YUV I . -29.89 -19.07 -36.89
C2 YUV I . -29.37 -19.89 -38.06
O1 YUV I . -39.02 -20.56 -48.60
C YUV I . -28.93 -17.93 -36.52
O YUV I . -31.72 -19.50 -39.86
O2 YUV I . -32.17 -19.58 -37.58
C3 YUV I . -30.39 -20.93 -38.50
C4 YUV I . -31.77 -20.34 -38.72
C5 YUV I . -32.88 -21.35 -39.01
C6 YUV I . -33.82 -20.58 -39.97
C7 YUV I . -33.08 -19.25 -40.25
C8 YUV I . -33.21 -18.95 -41.74
C9 YUV I . -34.40 -19.84 -42.15
C10 YUV I . -34.15 -21.15 -41.37
C11 YUV I . -35.44 -21.97 -41.46
C12 YUV I . -35.87 -22.20 -42.92
C13 YUV I . -36.01 -20.92 -43.73
C14 YUV I . -34.76 -20.02 -43.62
C15 YUV I . -35.03 -18.68 -44.28
C16 YUV I . -35.76 -18.79 -45.58
C17 YUV I . -36.39 -19.89 -46.00
C18 YUV I . -36.44 -21.18 -45.20
C19 YUV I . -37.88 -21.72 -45.21
C20 YUV I . -38.47 -21.82 -46.61
C21 YUV I . -38.48 -20.46 -47.29
C22 YUV I . -37.06 -19.91 -47.36
C23 YUV I . -35.51 -22.21 -45.89
C24 YUV I . -32.97 -21.94 -41.96
C25 YUV I . -33.57 -21.92 -37.78
C26 YUV I . -31.25 -18.54 -37.23
C8 YUY J . -47.58 6.22 -25.16
C5 YUY J . -43.46 7.48 -21.03
C6 YUY J . -45.95 6.80 -23.53
O6 YUY J . -55.58 6.56 -38.72
C2 YUY J . -41.75 7.59 -22.81
C4 YUY J . -43.82 6.16 -23.00
C YUY J . -41.50 8.99 -20.73
O YUY J . -43.95 6.25 -21.59
C1 YUY J . -41.99 7.67 -21.31
O1 YUY J . -44.58 7.18 -23.63
O2 YUY J . -53.91 5.11 -29.81
C3 YUY J . -42.37 6.32 -23.40
O3 YUY J . -55.84 5.15 -33.46
O4 YUY J . -55.47 4.57 -35.66
O5 YUY J . -55.66 2.47 -37.46
C7 YUY J . -46.80 7.41 -24.64
O7 YUY J . -55.03 6.04 -40.90
O8 YUY J . -51.89 5.27 -42.57
C9 YUY J . -48.39 6.32 -26.45
O9 YUY J . -54.90 8.11 -42.99
C10 YUY J . -49.41 7.46 -26.33
O10 YUY J . -52.08 8.05 -40.67
C11 YUY J . -50.53 7.37 -27.32
O11 YUY J . -55.66 8.76 -40.38
C12 YUY J . -50.80 6.30 -28.06
O12 YUY J . -55.02 8.54 -36.72
C13 YUY J . -51.96 6.32 -29.04
O13 YUY J . -56.10 7.83 -34.16
C14 YUY J . -52.84 5.10 -28.86
O14 YUY J . -58.74 4.36 -30.45
C15 YUY J . -52.04 3.84 -29.02
C16 YUY J . -50.94 3.80 -27.96
C17 YUY J . -49.99 5.02 -27.99
C18 YUY J . -49.11 4.94 -29.26
C19 YUY J . -49.13 5.00 -26.70
C20 YUY J . -48.17 3.80 -26.63
C21 YUY J . -47.34 3.77 -25.36
C22 YUY J . -46.55 5.07 -25.15
C23 YUY J . -45.49 5.25 -26.25
C24 YUY J . -45.94 5.27 -23.73
C25 YUY J . -44.49 4.85 -23.44
C26 YUY J . -44.35 3.69 -22.46
C27 YUY J . -54.98 4.22 -29.51
C28 YUY J . -55.83 4.03 -30.75
C29 YUY J . -56.60 5.27 -31.18
C30 YUY J . -57.00 5.19 -32.63
C31 YUY J . -56.07 5.50 -34.79
C32 YUY J . -55.48 6.89 -35.01
C33 YUY J . -55.68 7.29 -36.47
C34 YUY J . -55.15 6.22 -37.41
C35 YUY J . -55.72 4.85 -37.05
C36 YUY J . -55.11 3.72 -37.83
C37 YUY J . -54.60 6.70 -39.72
C38 YUY J . -54.41 8.19 -40.01
C39 YUY J . -53.39 8.37 -41.13
C40 YUY J . -53.77 7.53 -42.35
C41 YUY J . -54.09 6.09 -41.98
C42 YUY J . -52.89 5.28 -41.56
C43 YUY J . -57.85 5.46 -30.32
C1 NAG K . -55.08 19.50 -52.53
C2 NAG K . -54.97 18.00 -52.27
C3 NAG K . -55.83 17.29 -53.32
C4 NAG K . -57.26 17.84 -53.32
C5 NAG K . -57.30 19.37 -53.33
C6 NAG K . -58.73 19.87 -53.12
C7 NAG K . -53.04 16.87 -53.25
C8 NAG K . -52.28 17.65 -54.30
N2 NAG K . -53.58 17.58 -52.29
O3 NAG K . -55.88 15.89 -53.03
O4 NAG K . -57.94 17.37 -54.49
O5 NAG K . -56.44 19.92 -52.32
O6 NAG K . -58.92 21.10 -53.85
O7 NAG K . -53.12 15.65 -53.30
CA CA L . -39.99 -21.38 -10.64
CA CA M . -7.49 -10.03 51.38
O1 YUS N . -32.59 -9.49 -19.80
O2 YUS N . -34.89 -10.29 -18.92
C1 YUS N . -33.13 -10.72 -14.35
C2 YUS N . -32.95 -10.46 -15.78
N1 YUS N . -34.27 -11.06 -13.88
C7 YUS N . -33.89 -10.24 -17.99
C6 YUS N . -31.38 -8.96 -20.30
C5 YUS N . -32.63 -9.84 -18.47
C4 YUS N . -31.54 -9.78 -17.61
C3 YUS N . -31.71 -10.09 -16.28
C8 YUS N . -36.18 -10.69 -18.47
C9 YUS N . -34.04 -10.54 -16.65
C10 YUS N . -36.69 -11.76 -12.85
C11 YUS N . -37.29 -10.49 -13.40
C12 YUS N . -38.03 -10.49 -14.63
C13 YUS N . -38.25 -11.67 -15.38
C14 YUS N . -38.96 -11.64 -16.55
N YUS N . -34.37 -11.09 -12.51
C YUS N . -35.54 -11.42 -11.92
O YUS N . -35.65 -11.45 -10.70
C15 YUS N . -39.48 -10.44 -17.02
C16 YUS N . -39.30 -9.29 -16.33
C17 YUS N . -38.57 -9.27 -15.11
C18 YUS N . -38.37 -8.09 -14.37
C19 YUS N . -37.66 -8.11 -13.21
C20 YUS N . -37.13 -9.30 -12.73
C1 YUV O . -47.23 6.25 -18.64
C2 YUV O . -48.32 5.19 -18.59
O1 YUV O . -58.95 8.02 -27.74
C YUV O . -45.86 5.64 -18.91
O YUV O . -50.07 6.28 -20.75
O2 YUV O . -48.89 7.84 -19.47
C3 YUV O . -49.71 5.81 -18.44
C4 YUV O . -49.95 6.89 -19.47
C5 YUV O . -51.25 7.68 -19.31
C6 YUV O . -51.67 8.01 -20.76
C7 YUV O . -50.65 7.25 -21.63
C8 YUV O . -51.41 6.60 -22.79
C9 YUV O . -52.72 7.39 -22.80
C10 YUV O . -53.05 7.55 -21.31
C11 YUV O . -54.17 8.60 -21.21
C12 YUV O . -55.39 8.22 -22.05
C13 YUV O . -55.05 7.93 -23.52
C14 YUV O . -53.89 6.94 -23.67
C15 YUV O . -53.46 6.85 -25.13
C16 YUV O . -54.63 6.82 -26.08
C17 YUV O . -55.88 7.11 -25.76
C18 YUV O . -56.30 7.54 -24.36
C19 YUV O . -57.23 8.76 -24.48
C20 YUV O . -58.38 8.54 -25.45
C21 YUV O . -57.86 8.22 -26.83
C22 YUV O . -56.98 7.00 -26.79
C23 YUV O . -57.07 6.38 -23.71
C24 YUV O . -53.51 6.23 -20.68
C25 YUV O . -51.16 8.89 -18.39
C26 YUV O . -47.59 7.25 -19.70
C8 YUY P . -29.36 27.91 -35.98
C5 YUY P . -24.38 26.53 -33.01
C6 YUY P . -27.33 27.37 -34.87
O6 YUY P . -40.50 27.78 -47.13
C2 YUY P . -24.74 24.16 -33.56
C4 YUY P . -26.62 25.80 -33.36
C YUY P . -22.39 25.04 -33.24
O YUY P . -25.76 26.65 -32.62
C1 YUY P . -23.85 25.14 -32.81
O1 YUY P . -26.60 26.15 -34.73
O2 YUY P . -35.40 30.92 -40.17
C3 YUY P . -26.21 24.35 -33.22
O3 YUY P . -38.34 30.68 -43.04
O4 YUY P . -39.95 29.23 -43.81
O5 YUY P . -42.58 28.43 -43.43
C7 YUY P . -27.90 27.53 -36.27
O7 YUY P . -41.99 26.19 -47.87
O8 YUY P . -42.34 22.62 -47.22
C9 YUY P . -30.38 27.95 -37.12
O9 YUY P . -41.78 25.03 -50.57
C10 YUY P . -29.92 28.90 -38.22
O10 YUY P . -39.33 23.81 -48.16
C11 YUY P . -31.02 29.35 -39.14
O11 YUY P . -40.03 27.03 -49.74
C12 YUY P . -32.31 29.18 -38.90
O12 YUY P . -37.69 28.37 -47.15
C13 YUY P . -33.34 29.66 -39.91
O13 YUY P . -37.01 30.60 -45.50
C14 YUY P . -34.42 30.48 -39.22
O14 YUY P . -38.16 34.70 -41.68
C15 YUY P . -35.08 29.69 -38.12
C16 YUY P . -34.03 29.29 -37.08
C17 YUY P . -32.85 28.48 -37.65
C18 YUY P . -33.34 27.09 -38.05
C19 YUY P . -31.73 28.41 -36.57
C20 YUY P . -32.15 27.62 -35.33
C21 YUY P . -31.07 27.55 -34.25
C22 YUY P . -29.74 27.01 -34.80
C23 YUY P . -29.89 25.55 -35.23
C24 YUY P . -28.51 27.22 -33.89
C25 YUY P . -28.06 26.12 -32.90
C26 YUY P . -28.20 26.49 -31.43
C27 YUY P . -36.24 31.98 -39.72
C28 YUY P . -37.45 32.06 -40.61
C29 YUY P . -37.15 32.53 -42.03
C30 YUY P . -38.25 32.11 -42.98
C31 YUY P . -39.00 30.21 -44.17
C32 YUY P . -37.96 29.61 -45.11
C33 YUY P . -38.64 29.03 -46.34
C34 YUY P . -39.75 28.08 -45.94
C35 YUY P . -40.70 28.73 -44.93
C36 YUY P . -41.73 27.78 -44.37
C37 YUY P . -40.65 26.43 -47.49
C38 YUY P . -39.71 26.15 -48.66
C39 YUY P . -39.88 24.70 -49.11
C40 YUY P . -41.36 24.38 -49.38
C41 YUY P . -42.25 24.82 -48.23
C42 YUY P . -42.09 23.99 -46.97
C43 YUY P . -36.98 34.03 -42.08
C1 NAG Q . -39.82 20.46 -64.58
C2 NAG Q . -40.66 20.48 -63.30
C3 NAG Q . -42.13 20.67 -63.71
C4 NAG Q . -42.29 21.89 -64.60
C5 NAG Q . -41.25 21.96 -65.72
C6 NAG Q . -41.33 23.29 -66.45
C7 NAG Q . -41.31 18.29 -62.40
C8 NAG Q . -41.11 17.13 -63.32
N2 NAG Q . -40.42 19.28 -62.52
O3 NAG Q . -42.94 20.83 -62.54
O4 NAG Q . -43.59 21.86 -65.20
O5 NAG Q . -39.93 21.75 -65.21
O6 NAG Q . -41.00 23.11 -67.83
O7 NAG Q . -42.21 18.33 -61.58
CA CA R . -36.62 28.40 -4.73
CA CA S . 21.69 32.72 35.44
O1 YUS T . -31.18 17.55 -16.25
O2 YUS T . -32.08 19.95 -15.95
C1 YUS T . -28.91 20.80 -12.29
C2 YUS T . -29.54 19.92 -13.27
N1 YUS T . -29.29 22.01 -12.15
C7 YUS T . -31.09 19.57 -15.07
C6 YUS T . -30.66 16.25 -16.52
C5 YUS T . -30.63 18.25 -15.23
C4 YUS T . -29.64 17.77 -14.38
C3 YUS T . -29.11 18.60 -13.41
C8 YUS T . -32.57 21.28 -15.83
C9 YUS T . -30.53 20.39 -14.11
C10 YUS T . -30.06 24.61 -11.86
C11 YUS T . -29.75 24.85 -13.33
C12 YUS T . -30.79 24.85 -14.31
C13 YUS T . -32.15 24.64 -13.99
C14 YUS T . -33.11 24.64 -14.96
N YUS T . -28.51 22.80 -11.35
C YUS T . -28.82 24.10 -11.16
O YUS T . -28.14 24.83 -10.45
C15 YUS T . -32.78 24.87 -16.28
C16 YUS T . -31.49 25.09 -16.64
C17 YUS T . -30.46 25.08 -15.67
C18 YUS T . -29.10 25.32 -16.02
C19 YUS T . -28.14 25.32 -15.05
C20 YUS T . -28.47 25.08 -13.72
C1 YUV U . -25.21 30.97 -31.99
C2 YUV U . -26.32 31.92 -31.56
O1 YUV U . -34.04 36.35 -42.76
C YUV U . -25.27 29.65 -31.24
O YUV U . -27.56 32.32 -34.25
O2 YUV U . -25.26 31.99 -34.20
C3 YUV U . -26.32 33.19 -32.41
C4 YUV U . -26.31 32.89 -33.89
C5 YUV U . -26.17 34.10 -34.82
C6 YUV U . -26.99 33.72 -36.06
C7 YUV U . -27.65 32.37 -35.67
C8 YUV U . -29.10 32.42 -36.16
C9 YUV U . -29.06 33.55 -37.20
C10 YUV U . -28.17 34.61 -36.54
C11 YUV U . -27.81 35.63 -37.63
C12 YUV U . -29.06 36.23 -38.27
C13 YUV U . -30.03 35.18 -38.83
C14 YUV U . -30.36 34.09 -37.80
C15 YUV U . -31.15 32.98 -38.47
C16 YUV U . -32.20 33.48 -39.40
C17 YUV U . -32.28 34.73 -39.86
C18 YUV U . -31.30 35.81 -39.48
C19 YUV U . -30.87 36.58 -40.75
C20 YUV U . -32.07 37.06 -41.56
C21 YUV U . -32.93 35.89 -42.00
C22 YUV U . -33.42 35.13 -40.77
C23 YUV U . -32.00 36.80 -38.51
C24 YUV U . -28.87 35.30 -35.36
C25 YUV U . -24.73 34.52 -35.11
C26 YUV U . -25.30 30.76 -33.48
C8 YUY V . -13.99 7.10 -51.86
C5 YUY V . -11.21 4.34 -47.36
C6 YUY V . -12.90 5.92 -50.09
O6 YUY V . -25.18 10.90 -62.28
C2 YUY V . -13.33 4.32 -46.09
C4 YUY V . -12.80 6.07 -47.81
C YUY V . -11.63 2.49 -45.73
O YUY V . -11.43 5.73 -47.69
C1 YUY V . -11.85 3.96 -46.04
O1 YUY V . -13.39 5.35 -48.87
O2 YUY V . -16.79 10.17 -58.61
C3 YUY V . -13.55 5.76 -46.54
O3 YUY V . -19.84 11.21 -61.18
O4 YUY V . -21.93 12.16 -61.16
O5 YUY V . -23.27 14.59 -61.26
C7 YUY V . -13.88 5.70 -51.25
O7 YUY V . -27.30 11.76 -62.09
O8 YUY V . -29.51 12.34 -59.24
C9 YUY V . -15.06 7.39 -52.92
O9 YUY V . -29.68 10.17 -62.80
C10 YUY V . -14.90 6.44 -54.10
O10 YUY V . -28.10 9.29 -59.62
C11 YUY V . -15.56 6.92 -55.35
O11 YUY V . -27.12 9.13 -63.13
C12 YUY V . -16.03 8.15 -55.53
O12 YUY V . -23.71 8.49 -61.75
C13 YUY V . -16.71 8.52 -56.83
O13 YUY V . -20.90 8.81 -62.14
C14 YUY V . -16.14 9.80 -57.40
O14 YUY V . -16.15 11.83 -63.20
C15 YUY V . -16.26 10.93 -56.39
C16 YUY V . -15.50 10.56 -55.12
C17 YUY V . -15.95 9.24 -54.47
C18 YUY V . -17.36 9.42 -53.86
C19 YUY V . -14.92 8.84 -53.39
C20 YUY V . -14.86 9.83 -52.21
C21 YUY V . -13.84 9.46 -51.15
C22 YUY V . -14.03 8.02 -50.63
C23 YUY V . -15.37 7.91 -49.88
C24 YUY V . -12.85 7.43 -49.80
C25 YUY V . -12.85 7.54 -48.26
C26 YUY V . -11.74 8.43 -47.70
C27 YUY V . -16.10 11.14 -59.40
C28 YUY V . -17.06 11.72 -60.42
C29 YUY V . -17.49 10.74 -61.50
C30 YUY V . -18.78 11.19 -62.15
C31 YUY V . -21.11 11.18 -61.75
C32 YUY V . -21.71 9.79 -61.51
C33 YUY V . -23.12 9.74 -62.07
C34 YUY V . -23.96 10.88 -61.53
C35 YUY V . -23.25 12.22 -61.72
C36 YUY V . -23.96 13.38 -61.06
C37 YUY V . -26.39 10.81 -61.57
C38 YUY V . -26.94 9.41 -61.75
C39 YUY V . -28.28 9.30 -61.03
C40 YUY V . -29.23 10.41 -61.46
C41 YUY V . -28.57 11.78 -61.41
C42 YUY V . -28.31 12.27 -59.99
C43 YUY V . -16.42 10.59 -62.56
C8 YUY W . -32.24 -14.61 -41.02
C5 YUY W . -30.32 -14.72 -35.38
C6 YUY W . -31.55 -14.65 -38.74
O6 YUY W . -40.29 -10.33 -53.87
C2 YUY W . -30.36 -12.25 -35.33
C4 YUY W . -30.00 -13.56 -37.44
C YUY W . -30.76 -13.56 -33.21
O YUY W . -29.64 -14.68 -36.65
C1 YUY W . -30.01 -13.50 -34.53
O1 YUY W . -31.39 -13.61 -37.75
O2 YUY W . -35.33 -15.64 -48.26
C3 YUY W . -29.73 -12.27 -36.72
O3 YUY W . -37.35 -14.33 -51.60
O4 YUY W . -37.48 -12.50 -52.99
O5 YUY W . -36.37 -11.37 -55.27
C7 YUY W . -32.79 -14.42 -39.61
O7 YUY W . -40.38 -8.39 -55.11
O8 YUY W . -39.08 -5.02 -54.59
C9 YUY W . -33.09 -14.24 -42.24
O9 YUY W . -42.83 -6.75 -55.21
C10 YUY W . -34.41 -15.00 -42.20
O10 YUY W . -40.88 -6.49 -52.12
C11 YUY W . -35.09 -15.06 -43.53
O11 YUY W . -42.77 -9.14 -53.77
C12 YUY W . -34.54 -14.73 -44.69
O12 YUY W . -41.07 -11.35 -51.30
C13 YUY W . -35.34 -14.82 -45.96
O13 YUY W . -40.00 -13.96 -50.80
C14 YUY W . -34.58 -15.58 -47.04
O14 YUY W . -36.75 -18.52 -51.98
C15 YUY W . -33.24 -14.93 -47.29
C16 YUY W . -32.42 -14.94 -45.99
C17 YUY W . -33.11 -14.23 -44.82
C18 YUY W . -33.15 -12.72 -45.08
C19 YUY W . -32.32 -14.58 -43.52
C20 YUY W . -30.90 -13.99 -43.51
C21 YUY W . -30.11 -14.33 -42.25
C22 YUY W . -30.86 -13.92 -40.97
C23 YUY W . -30.99 -12.39 -40.90
C24 YUY W . -30.31 -14.52 -39.65
C25 YUY W . -29.28 -13.73 -38.80
C26 YUY W . -27.91 -14.37 -38.72
C27 YUY W . -34.87 -16.62 -49.19
C28 YUY W . -35.46 -16.31 -50.55
C29 YUY W . -36.97 -16.51 -50.64
C30 YUY W . -37.55 -15.74 -51.80
C31 YUY W . -38.20 -13.53 -52.35
C32 YUY W . -39.24 -12.93 -51.42
C33 YUY W . -40.17 -12.02 -52.20
C34 YUY W . -39.37 -10.99 -52.99
C35 YUY W . -38.29 -11.67 -53.82
C36 YUY W . -37.35 -10.70 -54.51
C37 YUY W . -40.37 -8.92 -53.80
C38 YUY W . -41.66 -8.57 -53.09
C39 YUY W . -41.81 -7.05 -53.04
C40 YUY W . -41.68 -6.44 -54.44
C41 YUY W . -40.43 -6.95 -55.16
C42 YUY W . -39.13 -6.44 -54.58
C43 YUY W . -37.31 -17.98 -50.79
C1 NAG X . -40.67 1.19 -67.22
C2 NAG X . -40.20 2.57 -66.75
C3 NAG X . -40.87 3.61 -67.63
C4 NAG X . -40.64 3.32 -69.11
C5 NAG X . -40.89 1.86 -69.47
C6 NAG X . -40.44 1.57 -70.90
C7 NAG X . -41.40 3.55 -64.85
C8 NAG X . -42.70 2.89 -64.50
N2 NAG X . -40.46 2.74 -65.33
O3 NAG X . -40.36 4.91 -67.34
O4 NAG X . -41.53 4.13 -69.90
O5 NAG X . -40.21 0.98 -68.56
O6 NAG X . -41.29 0.57 -71.48
O7 NAG X . -41.22 4.75 -64.70
CA CA Y . 2.71 29.44 -35.99
CA CA Z . 52.64 0.27 5.09
O1 YUS AA . -9.77 18.65 -33.18
O2 YUS AA . -8.25 19.62 -35.03
C1 YUS AA . -4.22 18.80 -32.36
C2 YUS AA . -5.67 18.82 -32.53
N1 YUS AA . -3.44 19.22 -33.29
C7 YUS AA . -7.60 19.21 -33.90
C6 YUS AA . -10.62 18.03 -32.22
C5 YUS AA . -8.44 18.72 -32.88
C4 YUS AA . -7.88 18.30 -31.68
C3 YUS AA . -6.51 18.35 -31.52
C8 YUS AA . -7.46 20.12 -36.10
C9 YUS AA . -6.23 19.26 -33.72
C10 YUS AA . -1.77 20.07 -35.25
C11 YUS AA . -2.38 19.06 -36.21
C12 YUS AA . -3.37 19.45 -37.15
C13 YUS AA . -3.86 20.77 -37.27
C14 YUS AA . -4.80 21.10 -38.19
N YUS AA . -2.10 18.98 -33.11
C YUS AA . -1.21 19.36 -34.04
O YUS AA . 0.00 19.16 -33.91
C15 YUS AA . -5.33 20.13 -39.03
C16 YUS AA . -4.91 18.84 -38.96
C17 YUS AA . -3.92 18.46 -38.02
C18 YUS AA . -3.45 17.12 -37.92
C19 YUS AA . -2.49 16.80 -37.02
C20 YUS AA . -1.96 17.76 -36.17
C1 YUV BA . -7.84 5.66 -50.24
C2 YUV BA . -7.35 6.85 -51.05
O1 YUV BA . -14.11 7.78 -63.62
C YUV BA . -8.33 6.07 -48.85
O YUV BA . -9.20 6.53 -53.37
O2 YUV BA . -8.52 4.58 -52.32
C3 YUV BA . -6.99 6.44 -52.48
C4 YUV BA . -8.11 5.65 -53.14
C5 YUV BA . -7.77 5.09 -54.52
C6 YUV BA . -9.12 5.14 -55.28
C7 YUV BA . -10.07 5.88 -54.30
C8 YUV BA . -10.89 6.87 -55.13
C9 YUV BA . -10.73 6.32 -56.55
C10 YUV BA . -9.24 5.91 -56.61
C11 YUV BA . -9.07 5.06 -57.88
C12 YUV BA . -9.53 5.82 -59.13
C13 YUV BA . -10.97 6.34 -59.04
C14 YUV BA . -11.22 7.14 -57.75
C15 YUV BA . -12.70 7.45 -57.62
C16 YUV BA . -13.33 7.87 -58.91
C17 YUV BA . -12.78 7.73 -60.11
C18 YUV BA . -11.41 7.10 -60.33
C19 YUV BA . -11.50 6.10 -61.49
C20 YUV BA . -12.13 6.71 -62.74
C21 YUV BA . -13.53 7.21 -62.45
C22 YUV BA . -13.49 8.24 -61.34
C23 YUV BA . -10.42 8.22 -60.70
C24 YUV BA . -8.32 7.13 -56.65
C25 YUV BA . -7.12 3.70 -54.50
C26 YUV BA . -8.94 4.96 -51.01
#